data_4U4G
#
_entry.id   4U4G
#
_cell.length_a   91.999
_cell.length_b   310.360
_cell.length_c   109.502
_cell.angle_alpha   90.00
_cell.angle_beta   94.82
_cell.angle_gamma   90.00
#
_symmetry.space_group_name_H-M   'P 1 21 1'
#
loop_
_entity.id
_entity.type
_entity.pdbx_description
1 polymer 'Glutamate receptor 2'
2 branched beta-D-mannopyranose-(1-3)-beta-D-mannopyranose-(1-4)-2-acetamido-2-deoxy-beta-D-glucopyranose-(1-4)-2-acetamido-2-deoxy-beta-D-glucopyranose
3 non-polymer '{[7-morpholin-4-yl-2,3-dioxo-6-(trifluoromethyl)-3,4-dihydroquinoxalin-1(2H)-yl]methyl}phosphonic acid'
#
_entity_poly.entity_id   1
_entity_poly.type   'polypeptide(L)'
_entity_poly.pdbx_seq_one_letter_code
;NSIQIGGLFPRGADQEYSAFRVGMVQFSTSEFRLTPHIDNLEVANSFAVTNAFCSQFSRGVYAIFGFYDKKSVNTITSFC
GTLHVSFITPSFPTDGTHPFVIQMRPDLKGALLSLIEYYQWDKFAYLYDSDRGLSTLQAVLDSAAEKKWQVTAINVGNIN
NDKKDETYRSLFQDLELKKERRVILDCERDKVNDIVDQVITIGKHVKGYHYIIANLGFTDGDLLKIQFGGAEVSGFQIVD
YDDSLVSKFIERWSTLEEKEYPGAHTATIKYTSALTYDAVQVMTEAFRNLRKQRIEISRRGNAGDCLANPAVPWGQGVEI
ERALKQVQVEGLSGNIKFDQNGKRINYTINIMELKTNGPRKIGYWSEVDKMVLTEDDTSGLEQKTVVVTTILESPYVMMK
KNHEMLEGNERYEGYCVDLAAEIAKHCGFKYKLTIVGDGKYGARDADTKIWNGMVGELVYGKADIAIAPLTITLVREEVI
DFSKPFMSLGISIMIKKPQKSKPGVFSFLDPLAYEIWMCIVFAYIGVSVVLFLVSRFSPYEWHTEEFEDGRETQSSESTN
EFGIFNSLWFSLGAFMQQGCDISPRSLSGRIVGGVWWFFTLIIISSYTANLAAFLTVERMVSPIESAEDLSKQTEIAYGT
LDSGSTKEFFRRSKIAVFDKMWTYMRSAEPSVFVRTTAEGVARVRKSKGKYAYLLESTMNEYIEQRKPCDTMKVGGNLDS
KGYGIATPKGSSLGTPVNLAVLKLSEQGVLDKLKNKWWYDKGECGAKDSGSKEKTSALSLSNVAGVFYILVGGLGLAMLV
ALIEFCYKSRAEAKRMKGLVPR
;
_entity_poly.pdbx_strand_id   A,B,C,D
#
# COMPACT_ATOMS: atom_id res chain seq x y z
N ASN A 1 -56.02 -59.10 35.52
CA ASN A 1 -56.05 -57.76 34.96
C ASN A 1 -55.07 -57.59 33.80
N SER A 2 -55.24 -58.42 32.78
CA SER A 2 -54.35 -58.41 31.63
C SER A 2 -54.49 -57.15 30.78
N ILE A 3 -53.43 -56.35 30.75
CA ILE A 3 -53.40 -55.16 29.91
C ILE A 3 -52.49 -55.40 28.71
N GLN A 4 -53.09 -55.76 27.58
CA GLN A 4 -52.34 -56.19 26.40
C GLN A 4 -51.60 -55.06 25.70
N ILE A 5 -50.37 -55.34 25.28
CA ILE A 5 -49.53 -54.37 24.59
C ILE A 5 -48.99 -54.93 23.28
N GLY A 6 -48.67 -54.05 22.34
CA GLY A 6 -48.10 -54.45 21.07
C GLY A 6 -46.58 -54.36 21.07
N GLY A 7 -45.94 -55.41 20.56
CA GLY A 7 -44.48 -55.45 20.57
C GLY A 7 -43.88 -55.79 19.22
N LEU A 8 -43.00 -54.91 18.74
CA LEU A 8 -42.34 -55.11 17.46
C LEU A 8 -40.82 -55.19 17.63
N PHE A 9 -40.26 -56.36 17.31
CA PHE A 9 -38.83 -56.59 17.46
C PHE A 9 -38.22 -57.00 16.11
N PRO A 10 -36.97 -56.60 15.86
CA PRO A 10 -36.25 -56.98 14.63
C PRO A 10 -35.68 -58.40 14.67
N ARG A 11 -35.26 -58.90 13.51
CA ARG A 11 -34.68 -60.23 13.39
C ARG A 11 -33.22 -60.28 13.81
N GLY A 12 -32.75 -59.20 14.43
CA GLY A 12 -31.38 -59.15 14.94
C GLY A 12 -31.40 -58.91 16.43
N ALA A 13 -32.59 -58.61 16.96
CA ALA A 13 -32.75 -58.29 18.36
C ALA A 13 -32.92 -59.56 19.21
N ASP A 14 -31.83 -60.01 19.81
CA ASP A 14 -31.88 -61.14 20.73
C ASP A 14 -31.77 -60.65 22.17
N GLN A 15 -30.75 -59.84 22.44
CA GLN A 15 -30.52 -59.30 23.78
C GLN A 15 -31.60 -58.28 24.15
N GLU A 16 -32.14 -57.61 23.14
CA GLU A 16 -33.23 -56.66 23.35
C GLU A 16 -34.47 -57.37 23.90
N TYR A 17 -34.81 -58.50 23.30
CA TYR A 17 -35.99 -59.26 23.71
C TYR A 17 -35.73 -60.04 25.00
N SER A 18 -34.48 -60.38 25.24
CA SER A 18 -34.09 -61.07 26.47
C SER A 18 -34.38 -60.17 27.67
N ALA A 19 -34.09 -58.89 27.51
CA ALA A 19 -34.28 -57.93 28.59
C ALA A 19 -35.76 -57.70 28.86
N PHE A 20 -36.55 -57.61 27.80
CA PHE A 20 -37.99 -57.33 27.90
C PHE A 20 -38.71 -58.32 28.81
N ARG A 21 -38.37 -59.60 28.66
CA ARG A 21 -38.99 -60.64 29.46
C ARG A 21 -38.53 -60.62 30.92
N VAL A 22 -37.28 -60.20 31.13
CA VAL A 22 -36.75 -60.05 32.48
C VAL A 22 -37.42 -58.86 33.17
N GLY A 23 -37.54 -57.76 32.45
CA GLY A 23 -38.19 -56.57 32.98
C GLY A 23 -39.68 -56.79 33.18
N MET A 24 -40.25 -57.69 32.39
CA MET A 24 -41.66 -58.02 32.52
C MET A 24 -41.95 -58.69 33.85
N VAL A 25 -41.01 -59.50 34.34
CA VAL A 25 -41.19 -60.22 35.60
C VAL A 25 -41.02 -59.29 36.80
N GLN A 26 -40.00 -58.45 36.75
CA GLN A 26 -39.67 -57.57 37.86
C GLN A 26 -40.78 -56.55 38.17
N PHE A 27 -41.36 -55.97 37.14
CA PHE A 27 -42.33 -54.89 37.32
C PHE A 27 -43.79 -55.32 37.24
N SER A 28 -44.04 -56.57 36.85
CA SER A 28 -45.40 -57.10 36.89
C SER A 28 -45.85 -57.18 38.34
N THR A 29 -47.15 -56.99 38.58
CA THR A 29 -47.65 -56.91 39.94
C THR A 29 -48.97 -57.66 40.11
N SER A 30 -49.45 -57.70 41.35
CA SER A 30 -50.73 -58.32 41.66
C SER A 30 -51.87 -57.40 41.19
N GLU A 31 -51.54 -56.14 40.98
CA GLU A 31 -52.50 -55.17 40.47
C GLU A 31 -52.90 -55.55 39.04
N PHE A 32 -51.90 -55.72 38.18
CA PHE A 32 -52.15 -56.08 36.79
C PHE A 32 -50.94 -56.71 36.11
N ARG A 33 -51.18 -57.33 34.96
CA ARG A 33 -50.12 -57.92 34.14
C ARG A 33 -50.13 -57.25 32.78
N LEU A 34 -49.02 -57.34 32.06
CA LEU A 34 -48.92 -56.74 30.74
C LEU A 34 -48.65 -57.79 29.66
N THR A 35 -49.71 -58.47 29.23
CA THR A 35 -49.60 -59.51 28.21
C THR A 35 -49.09 -58.94 26.89
N PRO A 36 -47.87 -59.35 26.50
CA PRO A 36 -47.21 -58.81 25.30
C PRO A 36 -47.42 -59.67 24.06
N HIS A 37 -47.73 -59.04 22.94
CA HIS A 37 -47.73 -59.72 21.65
C HIS A 37 -46.40 -59.41 20.97
N ILE A 38 -45.73 -60.44 20.46
CA ILE A 38 -44.39 -60.26 19.92
C ILE A 38 -44.32 -60.50 18.42
N ASP A 39 -43.98 -59.45 17.67
CA ASP A 39 -43.88 -59.55 16.21
C ASP A 39 -42.46 -59.30 15.72
N ASN A 40 -41.83 -60.36 15.20
CA ASN A 40 -40.51 -60.23 14.61
C ASN A 40 -40.59 -59.84 13.13
N LEU A 41 -40.38 -58.56 12.87
CA LEU A 41 -40.57 -58.01 11.54
C LEU A 41 -39.27 -57.53 10.92
N GLU A 42 -39.30 -57.26 9.62
CA GLU A 42 -38.17 -56.65 8.94
C GLU A 42 -38.23 -55.15 9.13
N VAL A 43 -37.56 -54.67 10.18
CA VAL A 43 -37.61 -53.27 10.60
C VAL A 43 -37.28 -52.29 9.47
N ALA A 44 -36.26 -52.62 8.67
CA ALA A 44 -35.82 -51.74 7.60
C ALA A 44 -36.71 -51.82 6.36
N ASN A 45 -38.02 -51.87 6.59
CA ASN A 45 -38.98 -51.92 5.49
C ASN A 45 -40.35 -51.47 5.95
N SER A 46 -40.84 -50.37 5.37
CA SER A 46 -42.06 -49.72 5.84
C SER A 46 -43.33 -50.53 5.60
N PHE A 47 -43.34 -51.33 4.54
CA PHE A 47 -44.48 -52.19 4.27
C PHE A 47 -44.63 -53.20 5.41
N ALA A 48 -43.52 -53.82 5.76
CA ALA A 48 -43.49 -54.80 6.85
C ALA A 48 -43.97 -54.17 8.15
N VAL A 49 -43.52 -52.95 8.39
CA VAL A 49 -43.92 -52.21 9.59
C VAL A 49 -45.41 -51.86 9.55
N THR A 50 -45.86 -51.38 8.40
CA THR A 50 -47.26 -50.99 8.23
C THR A 50 -48.18 -52.17 8.50
N ASN A 51 -47.80 -53.34 7.99
CA ASN A 51 -48.55 -54.56 8.26
C ASN A 51 -48.44 -54.93 9.74
N ALA A 52 -47.22 -54.90 10.26
CA ALA A 52 -46.97 -55.24 11.65
C ALA A 52 -47.63 -54.25 12.61
N PHE A 53 -47.85 -53.03 12.14
CA PHE A 53 -48.52 -52.02 12.95
C PHE A 53 -50.03 -52.28 13.00
N CYS A 54 -50.64 -52.35 11.82
CA CYS A 54 -52.08 -52.58 11.71
C CYS A 54 -52.47 -53.92 12.29
N SER A 55 -51.53 -54.85 12.30
CA SER A 55 -51.73 -56.14 12.95
C SER A 55 -51.95 -55.95 14.44
N GLN A 56 -51.10 -55.14 15.06
CA GLN A 56 -51.20 -54.85 16.48
C GLN A 56 -52.34 -53.89 16.77
N PHE A 57 -52.64 -53.01 15.82
CA PHE A 57 -53.70 -52.02 16.00
C PHE A 57 -55.09 -52.67 15.94
N SER A 58 -55.27 -53.58 14.99
CA SER A 58 -56.52 -54.31 14.86
C SER A 58 -56.74 -55.21 16.08
N ARG A 59 -55.64 -55.63 16.69
CA ARG A 59 -55.69 -56.41 17.92
C ARG A 59 -56.07 -55.54 19.11
N GLY A 60 -56.11 -54.23 18.89
CA GLY A 60 -56.56 -53.30 19.91
C GLY A 60 -55.68 -53.22 21.13
N VAL A 61 -54.37 -53.28 20.94
CA VAL A 61 -53.44 -53.08 22.04
C VAL A 61 -53.48 -51.62 22.47
N TYR A 62 -53.04 -51.35 23.69
CA TYR A 62 -53.20 -50.02 24.27
C TYR A 62 -51.96 -49.14 24.09
N ALA A 63 -50.80 -49.79 23.91
CA ALA A 63 -49.55 -49.08 23.68
C ALA A 63 -48.53 -50.01 23.04
N ILE A 64 -47.86 -49.53 21.99
CA ILE A 64 -46.88 -50.33 21.28
C ILE A 64 -45.46 -50.00 21.71
N PHE A 65 -44.66 -51.03 21.94
CA PHE A 65 -43.22 -50.86 22.13
C PHE A 65 -42.46 -51.52 20.99
N GLY A 66 -41.50 -50.79 20.42
CA GLY A 66 -40.72 -51.31 19.31
C GLY A 66 -39.55 -50.44 18.92
N PHE A 67 -39.07 -50.64 17.69
CA PHE A 67 -37.94 -49.89 17.16
C PHE A 67 -38.32 -49.29 15.82
N TYR A 68 -37.32 -48.81 15.07
CA TYR A 68 -37.49 -48.40 13.68
C TYR A 68 -36.15 -48.07 13.02
N ASP A 69 -36.21 -47.81 11.73
CA ASP A 69 -35.04 -47.38 10.96
C ASP A 69 -35.28 -45.95 10.51
N LYS A 70 -34.29 -45.36 9.86
CA LYS A 70 -34.43 -44.01 9.30
C LYS A 70 -35.51 -44.00 8.23
N LYS A 71 -35.75 -45.17 7.64
CA LYS A 71 -36.71 -45.29 6.55
C LYS A 71 -38.13 -45.55 7.07
N SER A 72 -38.22 -46.34 8.13
CA SER A 72 -39.51 -46.77 8.63
C SER A 72 -40.15 -45.79 9.61
N VAL A 73 -39.32 -44.96 10.25
CA VAL A 73 -39.79 -44.06 11.30
C VAL A 73 -40.87 -43.08 10.82
N ASN A 74 -40.83 -42.74 9.53
CA ASN A 74 -41.84 -41.85 8.96
C ASN A 74 -43.19 -42.53 8.80
N THR A 75 -43.21 -43.86 8.94
CA THR A 75 -44.44 -44.62 8.89
C THR A 75 -45.02 -44.77 10.29
N ILE A 76 -44.17 -45.12 11.24
CA ILE A 76 -44.56 -45.25 12.65
C ILE A 76 -45.20 -43.97 13.16
N THR A 77 -44.49 -42.85 13.00
CA THR A 77 -44.94 -41.56 13.53
C THR A 77 -46.24 -41.09 12.90
N SER A 78 -46.45 -41.39 11.63
CA SER A 78 -47.63 -40.92 10.91
C SER A 78 -48.90 -41.60 11.42
N PHE A 79 -48.81 -42.90 11.65
CA PHE A 79 -49.95 -43.68 12.11
C PHE A 79 -50.27 -43.45 13.59
N CYS A 80 -49.33 -42.85 14.31
CA CYS A 80 -49.53 -42.60 15.74
C CYS A 80 -50.12 -41.21 15.97
N GLY A 81 -49.73 -40.25 15.14
CA GLY A 81 -50.26 -38.90 15.22
C GLY A 81 -51.62 -38.80 14.58
N THR A 82 -52.09 -39.93 14.04
CA THR A 82 -53.40 -39.99 13.40
C THR A 82 -54.37 -40.85 14.20
N LEU A 83 -53.97 -42.10 14.46
CA LEU A 83 -54.82 -43.04 15.18
C LEU A 83 -54.72 -42.88 16.68
N HIS A 84 -53.93 -41.89 17.13
CA HIS A 84 -53.68 -41.64 18.54
C HIS A 84 -53.05 -42.83 19.26
N VAL A 85 -52.39 -43.70 18.49
CA VAL A 85 -51.69 -44.85 19.06
C VAL A 85 -50.44 -44.39 19.82
N SER A 86 -50.24 -44.96 21.00
CA SER A 86 -49.10 -44.60 21.84
C SER A 86 -47.90 -45.51 21.59
N PHE A 87 -46.74 -44.91 21.33
CA PHE A 87 -45.55 -45.67 20.96
C PHE A 87 -44.37 -45.38 21.89
N ILE A 88 -43.64 -46.43 22.28
CA ILE A 88 -42.44 -46.29 23.08
C ILE A 88 -41.29 -46.98 22.36
N THR A 89 -40.10 -46.36 22.37
CA THR A 89 -38.96 -46.88 21.62
C THR A 89 -37.61 -46.52 22.23
N PRO A 90 -36.61 -47.41 22.07
CA PRO A 90 -35.23 -47.11 22.46
C PRO A 90 -34.37 -46.68 21.26
N SER A 91 -34.92 -46.72 20.05
CA SER A 91 -34.18 -46.28 18.87
C SER A 91 -33.99 -44.75 18.89
N PHE A 92 -33.16 -44.26 17.97
CA PHE A 92 -32.77 -42.85 17.96
C PHE A 92 -33.96 -41.89 17.93
N PRO A 93 -33.84 -40.76 18.66
CA PRO A 93 -34.90 -39.77 18.81
C PRO A 93 -35.43 -39.24 17.48
N THR A 94 -36.68 -38.81 17.46
CA THR A 94 -37.33 -38.34 16.24
C THR A 94 -36.70 -37.06 15.70
N ASP A 95 -36.98 -36.77 14.43
CA ASP A 95 -36.45 -35.57 13.79
C ASP A 95 -37.43 -34.40 13.94
N GLY A 96 -37.84 -34.13 15.18
CA GLY A 96 -38.76 -33.05 15.46
C GLY A 96 -39.71 -33.35 16.59
N THR A 97 -40.89 -32.74 16.54
CA THR A 97 -41.89 -32.90 17.60
C THR A 97 -43.08 -33.72 17.12
N HIS A 98 -42.92 -35.04 17.11
CA HIS A 98 -44.00 -35.93 16.74
C HIS A 98 -44.77 -36.38 17.97
N PRO A 99 -46.10 -36.36 17.91
CA PRO A 99 -46.95 -36.70 19.05
C PRO A 99 -47.02 -38.20 19.30
N PHE A 100 -47.38 -38.58 20.52
CA PHE A 100 -47.58 -39.98 20.89
C PHE A 100 -46.32 -40.83 20.71
N VAL A 101 -45.18 -40.27 21.10
CA VAL A 101 -43.91 -40.98 20.99
C VAL A 101 -43.09 -40.80 22.28
N ILE A 102 -42.60 -41.92 22.83
CA ILE A 102 -41.81 -41.88 24.05
C ILE A 102 -40.40 -42.41 23.81
N GLN A 103 -39.50 -41.51 23.43
CA GLN A 103 -38.12 -41.90 23.14
C GLN A 103 -37.30 -42.07 24.42
N MET A 104 -36.96 -43.31 24.75
CA MET A 104 -36.17 -43.60 25.94
C MET A 104 -34.72 -43.16 25.76
N ARG A 105 -34.26 -43.11 24.52
CA ARG A 105 -32.90 -42.68 24.22
C ARG A 105 -32.76 -41.18 24.41
N PRO A 106 -31.90 -40.76 25.35
CA PRO A 106 -31.68 -39.34 25.60
C PRO A 106 -30.99 -38.65 24.44
N ASP A 107 -31.27 -37.36 24.26
CA ASP A 107 -30.66 -36.57 23.20
C ASP A 107 -29.14 -36.55 23.36
N LEU A 108 -28.45 -37.09 22.36
CA LEU A 108 -27.00 -37.26 22.43
C LEU A 108 -26.23 -36.05 21.92
N LYS A 109 -26.86 -35.29 21.02
CA LYS A 109 -26.20 -34.18 20.32
C LYS A 109 -25.40 -33.22 21.19
N GLY A 110 -26.09 -32.52 22.10
CA GLY A 110 -25.48 -31.52 22.96
C GLY A 110 -24.26 -32.01 23.73
N ALA A 111 -24.30 -33.27 24.14
CA ALA A 111 -23.19 -33.86 24.88
C ALA A 111 -21.94 -33.96 24.00
N LEU A 112 -22.15 -34.39 22.76
CA LEU A 112 -21.06 -34.53 21.79
C LEU A 112 -20.49 -33.16 21.40
N LEU A 113 -21.39 -32.21 21.14
CA LEU A 113 -21.00 -30.86 20.73
C LEU A 113 -20.09 -30.20 21.76
N SER A 114 -20.43 -30.38 23.03
CA SER A 114 -19.65 -29.77 24.11
C SER A 114 -18.31 -30.45 24.29
N LEU A 115 -18.23 -31.74 23.99
CA LEU A 115 -16.99 -32.49 24.15
C LEU A 115 -15.93 -32.03 23.16
N ILE A 116 -16.36 -31.65 21.96
CA ILE A 116 -15.45 -31.06 20.98
C ILE A 116 -15.04 -29.69 21.48
N GLU A 117 -16.05 -28.94 21.97
CA GLU A 117 -15.83 -27.62 22.56
C GLU A 117 -14.92 -27.74 23.77
N TYR A 118 -15.06 -28.84 24.49
CA TYR A 118 -14.21 -29.14 25.64
C TYR A 118 -12.76 -29.34 25.20
N TYR A 119 -12.53 -30.35 24.37
CA TYR A 119 -11.18 -30.72 23.94
C TYR A 119 -10.47 -29.63 23.13
N GLN A 120 -11.16 -28.51 22.91
CA GLN A 120 -10.63 -27.40 22.13
C GLN A 120 -10.21 -27.82 20.72
N TRP A 121 -11.00 -28.69 20.11
CA TRP A 121 -10.74 -29.06 18.72
C TRP A 121 -11.15 -27.93 17.79
N ASP A 122 -10.69 -28.02 16.55
CA ASP A 122 -10.91 -26.95 15.58
C ASP A 122 -10.80 -27.55 14.18
N LYS A 123 -10.18 -28.70 14.10
CA LYS A 123 -10.03 -29.44 12.85
C LYS A 123 -10.09 -30.93 13.13
N PHE A 124 -11.23 -31.54 12.84
CA PHE A 124 -11.42 -32.97 13.11
C PHE A 124 -12.15 -33.70 11.98
N ALA A 125 -12.05 -35.02 11.98
CA ALA A 125 -12.71 -35.85 10.99
C ALA A 125 -13.91 -36.58 11.60
N TYR A 126 -14.98 -36.71 10.81
CA TYR A 126 -16.23 -37.26 11.33
C TYR A 126 -16.79 -38.34 10.41
N LEU A 127 -16.38 -39.58 10.64
CA LEU A 127 -16.98 -40.71 9.94
C LEU A 127 -18.43 -40.83 10.41
N TYR A 128 -19.32 -41.23 9.53
CA TYR A 128 -20.73 -41.33 9.92
C TYR A 128 -21.46 -42.48 9.24
N ASP A 129 -22.49 -42.99 9.92
CA ASP A 129 -23.30 -44.08 9.40
C ASP A 129 -24.68 -43.56 8.99
N SER A 130 -25.34 -44.32 8.14
CA SER A 130 -26.65 -43.92 7.62
C SER A 130 -27.75 -44.22 8.63
N ASP A 131 -27.47 -45.14 9.55
CA ASP A 131 -28.47 -45.68 10.48
C ASP A 131 -29.32 -44.66 11.23
N ARG A 132 -28.83 -44.21 12.38
CA ARG A 132 -29.60 -43.34 13.26
C ARG A 132 -29.78 -41.93 12.71
N GLY A 133 -30.10 -41.83 11.42
CA GLY A 133 -30.26 -40.55 10.76
C GLY A 133 -28.97 -39.76 10.69
N LEU A 134 -29.01 -38.65 9.97
CA LEU A 134 -27.86 -37.75 9.92
C LEU A 134 -28.06 -36.60 10.87
N SER A 135 -28.66 -36.89 12.03
CA SER A 135 -28.98 -35.89 13.02
C SER A 135 -27.73 -35.38 13.75
N THR A 136 -26.95 -36.32 14.28
CA THR A 136 -25.75 -35.96 15.05
C THR A 136 -24.57 -35.64 14.14
N LEU A 137 -24.84 -35.44 12.86
CA LEU A 137 -23.83 -35.00 11.91
C LEU A 137 -24.14 -33.58 11.46
N GLN A 138 -25.40 -33.34 11.08
CA GLN A 138 -25.84 -32.02 10.65
C GLN A 138 -25.70 -31.01 11.78
N ALA A 139 -25.80 -31.49 13.02
CA ALA A 139 -25.61 -30.64 14.19
C ALA A 139 -24.20 -30.06 14.22
N VAL A 140 -23.20 -30.94 14.14
CA VAL A 140 -21.81 -30.50 14.19
C VAL A 140 -21.39 -29.80 12.89
N LEU A 141 -22.19 -29.95 11.85
CA LEU A 141 -21.90 -29.32 10.56
C LEU A 141 -22.56 -27.96 10.41
N ASP A 142 -23.51 -27.66 11.30
CA ASP A 142 -24.11 -26.33 11.35
C ASP A 142 -23.37 -25.47 12.36
N SER A 143 -22.80 -26.12 13.38
CA SER A 143 -22.03 -25.43 14.41
C SER A 143 -20.60 -25.20 13.94
N ALA A 144 -20.30 -25.67 12.74
CA ALA A 144 -18.96 -25.56 12.17
C ALA A 144 -18.54 -24.11 12.05
N ALA A 145 -19.48 -23.25 11.67
CA ALA A 145 -19.19 -21.84 11.47
C ALA A 145 -19.15 -21.09 12.80
N GLU A 146 -19.98 -21.53 13.76
CA GLU A 146 -20.09 -20.85 15.04
C GLU A 146 -18.77 -20.80 15.80
N LYS A 147 -18.35 -21.94 16.34
CA LYS A 147 -17.13 -22.00 17.14
C LYS A 147 -15.90 -22.30 16.31
N LYS A 148 -15.95 -21.91 15.03
CA LYS A 148 -14.79 -22.06 14.14
C LYS A 148 -14.21 -23.47 14.07
N TRP A 149 -14.79 -24.30 13.23
CA TRP A 149 -14.33 -25.67 13.08
C TRP A 149 -13.95 -25.96 11.63
N GLN A 150 -13.25 -27.06 11.41
CA GLN A 150 -12.90 -27.51 10.06
C GLN A 150 -13.24 -28.98 9.94
N VAL A 151 -14.49 -29.26 9.58
CA VAL A 151 -15.02 -30.62 9.62
C VAL A 151 -14.84 -31.41 8.33
N THR A 152 -14.19 -32.57 8.45
CA THR A 152 -14.06 -33.51 7.35
C THR A 152 -15.00 -34.70 7.57
N ALA A 153 -16.12 -34.70 6.85
CA ALA A 153 -17.14 -35.73 7.01
C ALA A 153 -17.08 -36.78 5.90
N ILE A 154 -16.95 -38.05 6.31
CA ILE A 154 -16.86 -39.15 5.34
C ILE A 154 -17.88 -40.24 5.64
N ASN A 155 -18.70 -40.57 4.64
CA ASN A 155 -19.69 -41.63 4.77
C ASN A 155 -19.05 -43.00 4.76
N VAL A 156 -19.49 -43.87 5.66
CA VAL A 156 -18.89 -45.19 5.80
C VAL A 156 -19.96 -46.29 5.85
N GLY A 157 -21.21 -45.87 6.00
CA GLY A 157 -22.32 -46.80 6.15
C GLY A 157 -22.75 -47.54 4.89
N ASN A 158 -21.92 -47.51 3.86
CA ASN A 158 -22.22 -48.18 2.61
C ASN A 158 -21.04 -48.96 2.03
N ILE A 159 -20.24 -49.55 2.91
CA ILE A 159 -19.12 -50.39 2.46
C ILE A 159 -19.56 -51.84 2.26
N ASN A 160 -19.07 -52.46 1.20
CA ASN A 160 -19.38 -53.86 0.94
C ASN A 160 -18.51 -54.77 1.80
N ASN A 161 -19.09 -55.85 2.32
CA ASN A 161 -18.36 -56.76 3.18
C ASN A 161 -17.34 -57.63 2.44
N ASP A 162 -17.31 -57.52 1.13
CA ASP A 162 -16.35 -58.27 0.32
C ASP A 162 -14.98 -57.58 0.32
N LYS A 163 -15.01 -56.25 0.28
CA LYS A 163 -13.78 -55.46 0.30
C LYS A 163 -13.76 -54.56 1.53
N LYS A 164 -14.40 -55.03 2.60
CA LYS A 164 -14.52 -54.26 3.84
C LYS A 164 -13.17 -53.85 4.41
N ASP A 165 -12.23 -54.79 4.40
CA ASP A 165 -10.91 -54.54 4.95
C ASP A 165 -10.05 -53.64 4.05
N GLU A 166 -10.42 -53.57 2.77
CA GLU A 166 -9.68 -52.73 1.83
C GLU A 166 -10.14 -51.28 1.87
N THR A 167 -11.46 -51.08 1.86
CA THR A 167 -12.04 -49.74 1.88
C THR A 167 -11.73 -49.01 3.19
N TYR A 168 -11.67 -49.77 4.29
CA TYR A 168 -11.31 -49.21 5.58
C TYR A 168 -9.83 -48.83 5.65
N ARG A 169 -9.02 -49.45 4.79
CA ARG A 169 -7.61 -49.09 4.69
C ARG A 169 -7.39 -48.11 3.54
N SER A 170 -8.45 -47.87 2.77
CA SER A 170 -8.41 -46.89 1.70
C SER A 170 -8.71 -45.51 2.25
N LEU A 171 -9.58 -45.47 3.26
CA LEU A 171 -10.00 -44.22 3.89
C LEU A 171 -8.85 -43.60 4.68
N PHE A 172 -8.29 -44.36 5.60
CA PHE A 172 -7.28 -43.84 6.52
C PHE A 172 -5.95 -43.49 5.87
N GLN A 173 -5.58 -44.22 4.82
CA GLN A 173 -4.37 -43.91 4.07
C GLN A 173 -4.62 -42.70 3.16
N ASP A 174 -5.84 -42.17 3.22
CA ASP A 174 -6.20 -40.94 2.55
C ASP A 174 -6.36 -39.84 3.60
N LEU A 175 -6.45 -40.23 4.86
CA LEU A 175 -6.57 -39.26 5.95
C LEU A 175 -5.21 -38.84 6.49
N GLU A 176 -4.15 -39.47 5.98
CA GLU A 176 -2.79 -39.01 6.30
C GLU A 176 -2.38 -37.98 5.26
N LEU A 177 -3.29 -37.73 4.32
CA LEU A 177 -3.09 -36.66 3.35
C LEU A 177 -3.20 -35.33 4.08
N LYS A 178 -4.34 -35.14 4.75
CA LYS A 178 -4.57 -33.94 5.57
C LYS A 178 -3.99 -34.14 6.97
N LYS A 179 -3.48 -35.33 7.24
CA LYS A 179 -2.87 -35.68 8.52
C LYS A 179 -3.77 -35.38 9.72
N GLU A 180 -5.07 -35.54 9.52
CA GLU A 180 -6.04 -35.30 10.58
C GLU A 180 -6.00 -36.42 11.61
N ARG A 181 -5.53 -36.10 12.81
CA ARG A 181 -5.36 -37.11 13.86
C ARG A 181 -6.51 -37.07 14.87
N ARG A 182 -7.59 -36.39 14.50
CA ARG A 182 -8.74 -36.24 15.39
C ARG A 182 -10.01 -36.72 14.72
N VAL A 183 -10.55 -37.85 15.20
CA VAL A 183 -11.69 -38.50 14.54
C VAL A 183 -12.84 -38.84 15.48
N ILE A 184 -14.05 -38.42 15.10
CA ILE A 184 -15.26 -38.86 15.78
C ILE A 184 -15.94 -39.93 14.93
N LEU A 185 -16.51 -40.95 15.57
CA LEU A 185 -17.00 -42.12 14.84
C LEU A 185 -18.49 -42.19 14.58
N ASP A 186 -19.31 -42.02 15.62
CA ASP A 186 -20.78 -42.06 15.48
C ASP A 186 -21.29 -43.26 14.68
N CYS A 187 -21.31 -44.43 15.29
CA CYS A 187 -21.72 -45.64 14.58
C CYS A 187 -22.43 -46.66 15.46
N GLU A 188 -23.15 -47.56 14.80
CA GLU A 188 -23.65 -48.76 15.45
C GLU A 188 -22.45 -49.49 16.01
N ARG A 189 -22.56 -49.94 17.26
CA ARG A 189 -21.42 -50.53 17.98
C ARG A 189 -20.70 -51.65 17.22
N ASP A 190 -21.44 -52.31 16.32
CA ASP A 190 -20.86 -53.35 15.48
C ASP A 190 -19.90 -52.77 14.45
N LYS A 191 -20.32 -51.67 13.82
CA LYS A 191 -19.50 -51.04 12.79
C LYS A 191 -18.28 -50.36 13.41
N VAL A 192 -18.36 -50.06 14.69
CA VAL A 192 -17.26 -49.46 15.41
C VAL A 192 -16.05 -50.39 15.44
N ASN A 193 -16.24 -51.59 15.99
CA ASN A 193 -15.15 -52.56 16.09
C ASN A 193 -14.64 -53.04 14.74
N ASP A 194 -15.42 -52.83 13.69
CA ASP A 194 -14.95 -53.09 12.33
C ASP A 194 -13.90 -52.06 11.95
N ILE A 195 -14.10 -50.83 12.41
CA ILE A 195 -13.15 -49.76 12.17
C ILE A 195 -12.00 -49.85 13.17
N VAL A 196 -12.32 -50.17 14.42
CA VAL A 196 -11.33 -50.31 15.47
C VAL A 196 -10.31 -51.40 15.12
N ASP A 197 -10.81 -52.56 14.71
CA ASP A 197 -9.94 -53.65 14.26
C ASP A 197 -9.08 -53.19 13.09
N GLN A 198 -9.69 -52.42 12.19
CA GLN A 198 -8.98 -51.90 11.03
C GLN A 198 -8.03 -50.77 11.40
N VAL A 199 -8.30 -50.10 12.52
CA VAL A 199 -7.39 -49.08 13.03
C VAL A 199 -6.11 -49.75 13.54
N ILE A 200 -6.27 -50.84 14.29
CA ILE A 200 -5.15 -51.61 14.79
C ILE A 200 -4.32 -52.18 13.63
N THR A 201 -5.01 -52.51 12.54
CA THR A 201 -4.34 -53.02 11.35
C THR A 201 -3.44 -51.98 10.70
N ILE A 202 -4.01 -50.81 10.40
CA ILE A 202 -3.25 -49.73 9.79
C ILE A 202 -2.26 -49.15 10.80
N GLY A 203 -2.52 -49.37 12.08
CA GLY A 203 -1.59 -49.02 13.13
C GLY A 203 -1.69 -47.60 13.63
N LYS A 204 -2.86 -46.98 13.46
CA LYS A 204 -3.07 -45.62 13.93
C LYS A 204 -3.75 -45.60 15.30
N HIS A 205 -3.49 -46.63 16.10
CA HIS A 205 -3.95 -46.67 17.48
C HIS A 205 -2.84 -46.24 18.43
N VAL A 206 -1.74 -45.78 17.84
CA VAL A 206 -0.57 -45.35 18.59
C VAL A 206 -0.75 -43.94 19.16
N LYS A 207 0.26 -43.47 19.89
CA LYS A 207 0.23 -42.15 20.51
C LYS A 207 0.17 -41.05 19.45
N GLY A 208 -0.63 -40.02 19.72
CA GLY A 208 -0.78 -38.90 18.81
C GLY A 208 -2.10 -38.94 18.07
N TYR A 209 -3.02 -39.78 18.54
CA TYR A 209 -4.32 -39.94 17.90
C TYR A 209 -5.45 -39.83 18.91
N HIS A 210 -6.51 -39.12 18.54
CA HIS A 210 -7.64 -38.91 19.41
C HIS A 210 -8.92 -39.42 18.75
N TYR A 211 -9.63 -40.30 19.44
CA TYR A 211 -10.88 -40.86 18.90
C TYR A 211 -12.07 -40.61 19.82
N ILE A 212 -13.20 -40.23 19.22
CA ILE A 212 -14.43 -40.03 19.97
C ILE A 212 -15.53 -40.94 19.45
N ILE A 213 -15.98 -41.86 20.29
CA ILE A 213 -17.07 -42.76 19.92
C ILE A 213 -18.42 -42.11 20.24
N ALA A 214 -19.09 -41.64 19.20
CA ALA A 214 -20.33 -40.88 19.39
C ALA A 214 -21.56 -41.79 19.50
N ASN A 215 -21.67 -42.46 20.64
CA ASN A 215 -22.86 -43.22 20.97
C ASN A 215 -23.11 -43.14 22.47
N LEU A 216 -24.18 -43.80 22.94
CA LEU A 216 -24.50 -43.76 24.36
C LEU A 216 -23.91 -44.93 25.12
N GLY A 217 -23.25 -45.83 24.39
CA GLY A 217 -22.62 -46.98 25.00
C GLY A 217 -21.14 -47.07 24.65
N PHE A 218 -20.31 -46.40 25.42
CA PHE A 218 -18.87 -46.42 25.19
C PHE A 218 -18.28 -47.78 25.54
N THR A 219 -18.70 -48.32 26.68
CA THR A 219 -18.19 -49.59 27.16
C THR A 219 -18.90 -50.79 26.53
N ASP A 220 -19.72 -50.52 25.51
CA ASP A 220 -20.49 -51.57 24.86
C ASP A 220 -19.63 -52.47 23.97
N GLY A 221 -18.58 -51.90 23.39
CA GLY A 221 -17.71 -52.64 22.51
C GLY A 221 -16.47 -53.16 23.20
N ASP A 222 -15.58 -53.79 22.44
CA ASP A 222 -14.32 -54.29 22.99
C ASP A 222 -13.24 -53.23 22.94
N LEU A 223 -12.91 -52.68 24.11
CA LEU A 223 -11.95 -51.59 24.20
C LEU A 223 -10.54 -52.12 24.51
N LEU A 224 -10.49 -53.27 25.17
CA LEU A 224 -9.24 -53.80 25.71
C LEU A 224 -8.21 -54.15 24.63
N LYS A 225 -8.65 -54.26 23.39
CA LYS A 225 -7.74 -54.58 22.29
C LYS A 225 -7.04 -53.33 21.75
N ILE A 226 -7.57 -52.16 22.09
CA ILE A 226 -6.98 -50.90 21.66
C ILE A 226 -6.48 -50.11 22.86
N GLN A 227 -6.78 -50.63 24.06
CA GLN A 227 -6.48 -49.96 25.32
C GLN A 227 -4.98 -49.65 25.50
N PHE A 228 -4.13 -50.51 24.96
CA PHE A 228 -2.70 -50.36 25.13
C PHE A 228 -2.03 -49.88 23.84
N GLY A 229 -2.68 -48.94 23.16
CA GLY A 229 -2.14 -48.40 21.91
C GLY A 229 -1.37 -47.13 22.13
N GLY A 230 -1.87 -46.27 23.02
CA GLY A 230 -1.25 -44.99 23.30
C GLY A 230 -2.18 -43.84 22.99
N ALA A 231 -3.00 -44.02 21.96
CA ALA A 231 -3.99 -43.03 21.55
C ALA A 231 -5.02 -42.81 22.65
N GLU A 232 -5.65 -41.64 22.65
CA GLU A 232 -6.70 -41.36 23.62
C GLU A 232 -8.08 -41.50 22.99
N VAL A 233 -8.90 -42.36 23.59
CA VAL A 233 -10.25 -42.60 23.10
C VAL A 233 -11.28 -42.26 24.17
N SER A 234 -12.24 -41.41 23.81
CA SER A 234 -13.26 -40.97 24.76
C SER A 234 -14.65 -41.16 24.17
N GLY A 235 -15.64 -41.36 25.04
CA GLY A 235 -17.01 -41.55 24.60
C GLY A 235 -18.03 -41.17 25.66
N PHE A 236 -19.19 -41.82 25.62
CA PHE A 236 -20.27 -41.50 26.55
C PHE A 236 -20.88 -42.77 27.14
N GLN A 237 -21.29 -42.68 28.40
CA GLN A 237 -21.94 -43.82 29.05
C GLN A 237 -23.26 -43.39 29.69
N ILE A 238 -24.33 -44.14 29.39
CA ILE A 238 -25.66 -43.85 29.92
C ILE A 238 -26.05 -44.83 31.03
N VAL A 239 -25.40 -45.99 31.03
CA VAL A 239 -25.64 -46.99 32.07
C VAL A 239 -24.55 -46.91 33.13
N ASP A 240 -24.86 -46.24 34.25
CA ASP A 240 -23.88 -46.05 35.31
C ASP A 240 -23.68 -47.33 36.12
N TYR A 241 -22.51 -47.94 35.97
CA TYR A 241 -22.20 -49.19 36.66
C TYR A 241 -21.75 -48.96 38.11
N ASP A 242 -21.86 -47.72 38.57
CA ASP A 242 -21.54 -47.38 39.94
C ASP A 242 -22.80 -47.21 40.77
N ASP A 243 -23.93 -47.01 40.09
CA ASP A 243 -25.21 -46.93 40.76
C ASP A 243 -25.53 -48.26 41.44
N SER A 244 -26.03 -48.17 42.67
CA SER A 244 -26.41 -49.37 43.41
C SER A 244 -27.58 -50.07 42.73
N LEU A 245 -28.46 -49.27 42.12
CA LEU A 245 -29.61 -49.78 41.41
C LEU A 245 -29.17 -50.63 40.23
N VAL A 246 -28.28 -50.08 39.41
CA VAL A 246 -27.76 -50.78 38.24
C VAL A 246 -26.92 -51.99 38.64
N SER A 247 -26.11 -51.82 39.67
CA SER A 247 -25.20 -52.88 40.12
C SER A 247 -25.96 -54.12 40.58
N LYS A 248 -27.16 -53.91 41.11
CA LYS A 248 -28.00 -55.02 41.57
C LYS A 248 -28.55 -55.80 40.37
N PHE A 249 -28.83 -55.08 39.30
CA PHE A 249 -29.33 -55.66 38.06
C PHE A 249 -28.31 -56.65 37.50
N ILE A 250 -27.04 -56.27 37.53
CA ILE A 250 -25.95 -57.08 36.99
C ILE A 250 -25.83 -58.43 37.68
N GLU A 251 -26.11 -58.46 38.98
CA GLU A 251 -26.01 -59.69 39.77
C GLU A 251 -26.95 -60.78 39.26
N ARG A 252 -28.19 -60.40 38.99
CA ARG A 252 -29.21 -61.36 38.52
C ARG A 252 -29.10 -61.59 37.01
N TRP A 253 -28.58 -60.60 36.29
CA TRP A 253 -28.40 -60.71 34.85
C TRP A 253 -27.22 -61.64 34.52
N SER A 254 -26.31 -61.79 35.47
CA SER A 254 -25.19 -62.72 35.32
C SER A 254 -25.60 -64.13 35.72
N THR A 255 -26.82 -64.26 36.24
CA THR A 255 -27.29 -65.52 36.82
C THR A 255 -28.06 -66.38 35.82
N LEU A 256 -28.95 -65.74 35.06
CA LEU A 256 -29.88 -66.45 34.18
C LEU A 256 -29.21 -67.36 33.16
N GLU A 257 -29.92 -68.42 32.76
CA GLU A 257 -29.44 -69.34 31.75
C GLU A 257 -29.34 -68.65 30.39
N GLU A 258 -28.32 -69.00 29.63
CA GLU A 258 -28.10 -68.39 28.33
C GLU A 258 -29.03 -68.99 27.27
N LYS A 259 -29.81 -69.98 27.68
CA LYS A 259 -30.75 -70.65 26.77
C LYS A 259 -32.07 -69.89 26.71
N GLU A 260 -32.66 -69.65 27.87
CA GLU A 260 -33.94 -68.95 27.96
C GLU A 260 -33.80 -67.50 27.52
N TYR A 261 -32.64 -66.92 27.81
CA TYR A 261 -32.36 -65.53 27.46
C TYR A 261 -31.03 -65.42 26.73
N PRO A 262 -31.05 -65.42 25.39
CA PRO A 262 -29.84 -65.32 24.58
C PRO A 262 -29.05 -64.04 24.84
N GLY A 263 -27.76 -64.19 25.12
CA GLY A 263 -26.89 -63.05 25.32
C GLY A 263 -27.03 -62.40 26.68
N ALA A 264 -27.55 -63.14 27.65
CA ALA A 264 -27.78 -62.60 28.98
C ALA A 264 -26.98 -63.33 30.06
N HIS A 265 -25.68 -63.49 29.82
CA HIS A 265 -24.81 -64.12 30.81
C HIS A 265 -23.48 -63.39 30.90
N THR A 266 -23.52 -62.07 30.84
CA THR A 266 -22.32 -61.24 30.91
C THR A 266 -22.35 -60.32 32.11
N ALA A 267 -21.55 -59.26 32.07
CA ALA A 267 -21.50 -58.28 33.15
C ALA A 267 -21.76 -56.88 32.60
N THR A 268 -21.93 -56.77 31.29
CA THR A 268 -22.21 -55.50 30.64
C THR A 268 -23.46 -55.59 29.78
N ILE A 269 -24.17 -54.48 29.64
CA ILE A 269 -25.43 -54.46 28.90
C ILE A 269 -25.50 -53.31 27.89
N LYS A 270 -25.93 -53.61 26.67
CA LYS A 270 -26.06 -52.59 25.62
C LYS A 270 -27.05 -51.50 26.04
N TYR A 271 -26.82 -50.29 25.56
CA TYR A 271 -27.63 -49.15 25.99
C TYR A 271 -29.07 -49.23 25.50
N THR A 272 -29.26 -49.76 24.30
CA THR A 272 -30.62 -49.98 23.78
C THR A 272 -31.32 -51.03 24.65
N SER A 273 -30.58 -52.06 25.02
CA SER A 273 -31.08 -53.12 25.87
C SER A 273 -31.41 -52.60 27.26
N ALA A 274 -30.53 -51.73 27.78
CA ALA A 274 -30.73 -51.15 29.10
C ALA A 274 -31.99 -50.30 29.14
N LEU A 275 -32.24 -49.56 28.07
CA LEU A 275 -33.40 -48.70 27.97
C LEU A 275 -34.69 -49.52 27.96
N THR A 276 -34.61 -50.73 27.41
CA THR A 276 -35.77 -51.61 27.30
C THR A 276 -36.31 -52.01 28.66
N TYR A 277 -35.41 -52.37 29.58
CA TYR A 277 -35.79 -52.74 30.93
C TYR A 277 -36.48 -51.57 31.63
N ASP A 278 -36.03 -50.36 31.31
CA ASP A 278 -36.61 -49.14 31.88
C ASP A 278 -37.92 -48.78 31.20
N ALA A 279 -38.08 -49.20 29.95
CA ALA A 279 -39.27 -48.88 29.18
C ALA A 279 -40.52 -49.50 29.78
N VAL A 280 -40.43 -50.78 30.17
CA VAL A 280 -41.55 -51.48 30.76
C VAL A 280 -41.96 -50.86 32.08
N GLN A 281 -40.98 -50.49 32.90
CA GLN A 281 -41.24 -49.83 34.17
C GLN A 281 -42.03 -48.54 33.96
N VAL A 282 -41.73 -47.83 32.87
CA VAL A 282 -42.45 -46.62 32.52
C VAL A 282 -43.86 -46.98 32.01
N MET A 283 -43.95 -48.04 31.21
CA MET A 283 -45.25 -48.52 30.73
C MET A 283 -46.10 -49.05 31.88
N THR A 284 -45.47 -49.79 32.79
CA THR A 284 -46.16 -50.33 33.95
C THR A 284 -46.65 -49.21 34.87
N GLU A 285 -45.74 -48.30 35.22
CA GLU A 285 -46.10 -47.16 36.07
C GLU A 285 -47.10 -46.23 35.41
N ALA A 286 -47.19 -46.30 34.07
CA ALA A 286 -48.17 -45.51 33.34
C ALA A 286 -49.56 -46.08 33.56
N PHE A 287 -49.72 -47.37 33.29
CA PHE A 287 -51.02 -48.04 33.47
C PHE A 287 -51.36 -48.21 34.95
N ARG A 288 -50.34 -48.20 35.80
CA ARG A 288 -50.56 -48.27 37.24
C ARG A 288 -51.15 -46.95 37.75
N ASN A 289 -50.62 -45.84 37.25
CA ASN A 289 -51.11 -44.51 37.62
C ASN A 289 -52.38 -44.13 36.88
N LEU A 290 -52.89 -45.05 36.07
CA LEU A 290 -54.15 -44.82 35.36
C LEU A 290 -55.33 -45.45 36.09
N ARG A 291 -55.04 -46.35 37.01
CA ARG A 291 -56.06 -46.96 37.85
C ARG A 291 -56.22 -46.19 39.15
N LYS A 292 -55.08 -45.71 39.67
CA LYS A 292 -55.07 -44.93 40.91
C LYS A 292 -55.78 -43.59 40.73
N GLN A 293 -55.81 -43.10 39.50
CA GLN A 293 -56.46 -41.84 39.21
C GLN A 293 -57.88 -42.05 38.69
N ARG A 294 -58.34 -43.31 38.79
CA ARG A 294 -59.71 -43.68 38.44
C ARG A 294 -60.13 -43.31 37.01
N ILE A 295 -59.18 -43.31 36.09
CA ILE A 295 -59.48 -43.00 34.69
C ILE A 295 -59.65 -44.28 33.88
N GLU A 296 -60.82 -44.42 33.25
CA GLU A 296 -61.10 -45.60 32.43
C GLU A 296 -60.57 -45.43 31.02
N ILE A 297 -59.67 -46.33 30.62
CA ILE A 297 -59.12 -46.31 29.27
C ILE A 297 -59.51 -47.59 28.54
N SER A 298 -60.35 -48.40 29.18
CA SER A 298 -60.77 -49.68 28.65
C SER A 298 -61.54 -49.53 27.34
N ARG A 299 -61.06 -50.19 26.28
CA ARG A 299 -61.69 -50.13 24.97
C ARG A 299 -62.99 -50.93 24.96
N ARG A 300 -64.06 -50.32 24.48
CA ARG A 300 -65.38 -50.98 24.46
C ARG A 300 -65.62 -51.78 23.18
N GLY A 301 -65.33 -51.17 22.03
CA GLY A 301 -65.51 -51.83 20.76
C GLY A 301 -64.20 -52.13 20.06
N ASN A 302 -64.27 -52.87 18.96
CA ASN A 302 -63.06 -53.21 18.20
C ASN A 302 -62.44 -51.99 17.54
N ALA A 303 -61.12 -52.03 17.36
CA ALA A 303 -60.41 -50.94 16.71
C ALA A 303 -60.67 -50.96 15.21
N GLY A 304 -61.12 -52.11 14.72
CA GLY A 304 -61.43 -52.28 13.31
C GLY A 304 -60.19 -52.33 12.45
N ASP A 305 -60.14 -51.46 11.45
CA ASP A 305 -59.01 -51.41 10.53
C ASP A 305 -58.24 -50.12 10.72
N CYS A 306 -56.93 -50.18 10.52
CA CYS A 306 -56.11 -48.98 10.50
C CYS A 306 -56.46 -48.16 9.26
N LEU A 307 -56.96 -48.86 8.25
CA LEU A 307 -57.37 -48.28 6.98
C LEU A 307 -58.63 -47.44 7.14
N ALA A 308 -59.21 -47.49 8.34
CA ALA A 308 -60.46 -46.81 8.69
C ALA A 308 -60.66 -45.47 7.98
N ASN A 309 -61.60 -45.46 7.04
CA ASN A 309 -61.91 -44.24 6.29
C ASN A 309 -63.40 -43.91 6.42
N PRO A 310 -63.71 -42.77 7.05
CA PRO A 310 -62.72 -41.84 7.61
C PRO A 310 -62.19 -42.31 8.96
N ALA A 311 -60.95 -41.98 9.25
CA ALA A 311 -60.33 -42.37 10.52
C ALA A 311 -60.89 -41.55 11.66
N VAL A 312 -61.36 -42.24 12.69
CA VAL A 312 -61.77 -41.59 13.93
C VAL A 312 -60.95 -42.13 15.10
N PRO A 313 -60.08 -41.28 15.65
CA PRO A 313 -59.20 -41.72 16.74
C PRO A 313 -60.00 -42.06 17.99
N TRP A 314 -59.62 -43.14 18.67
CA TRP A 314 -60.29 -43.51 19.92
C TRP A 314 -60.02 -42.44 20.98
N GLY A 315 -60.90 -42.37 21.97
CA GLY A 315 -60.84 -41.30 22.96
C GLY A 315 -59.63 -41.30 23.85
N GLN A 316 -59.49 -42.35 24.65
CA GLN A 316 -58.47 -42.41 25.72
C GLN A 316 -57.02 -42.43 25.24
N GLY A 317 -56.81 -42.38 23.93
CA GLY A 317 -55.47 -42.26 23.38
C GLY A 317 -54.82 -40.99 23.87
N VAL A 318 -55.65 -39.96 24.06
CA VAL A 318 -55.22 -38.70 24.62
C VAL A 318 -54.73 -38.88 26.06
N GLU A 319 -55.49 -39.64 26.85
CA GLU A 319 -55.17 -39.86 28.25
C GLU A 319 -53.94 -40.76 28.42
N ILE A 320 -53.76 -41.70 27.50
CA ILE A 320 -52.63 -42.62 27.57
C ILE A 320 -51.31 -41.91 27.24
N GLU A 321 -51.35 -41.03 26.24
CA GLU A 321 -50.19 -40.21 25.89
C GLU A 321 -49.73 -39.41 27.10
N ARG A 322 -50.66 -38.68 27.69
CA ARG A 322 -50.40 -37.87 28.88
C ARG A 322 -49.90 -38.75 30.02
N ALA A 323 -50.46 -39.95 30.13
CA ALA A 323 -50.08 -40.88 31.18
C ALA A 323 -48.61 -41.27 31.09
N LEU A 324 -48.24 -41.89 29.96
CA LEU A 324 -46.87 -42.34 29.73
C LEU A 324 -45.85 -41.21 29.87
N LYS A 325 -46.26 -40.00 29.54
CA LYS A 325 -45.36 -38.84 29.59
C LYS A 325 -45.19 -38.29 31.01
N GLN A 326 -46.25 -38.38 31.81
CA GLN A 326 -46.21 -37.87 33.19
C GLN A 326 -45.46 -38.81 34.13
N VAL A 327 -45.01 -39.94 33.61
CA VAL A 327 -44.25 -40.91 34.40
C VAL A 327 -42.87 -40.36 34.74
N GLN A 328 -42.40 -40.65 35.94
CA GLN A 328 -41.04 -40.30 36.34
C GLN A 328 -40.50 -41.27 37.39
N VAL A 329 -39.56 -42.11 36.98
CA VAL A 329 -38.95 -43.07 37.89
C VAL A 329 -37.43 -43.10 37.73
N GLU A 330 -36.77 -43.92 38.54
CA GLU A 330 -35.32 -44.07 38.47
C GLU A 330 -34.97 -45.43 37.87
N GLY A 331 -34.09 -45.43 36.88
CA GLY A 331 -33.74 -46.66 36.19
C GLY A 331 -32.26 -46.85 35.93
N LEU A 332 -31.95 -47.48 34.80
CA LEU A 332 -30.58 -47.79 34.43
C LEU A 332 -29.96 -46.68 33.59
N SER A 333 -30.80 -45.87 32.96
CA SER A 333 -30.35 -44.73 32.19
C SER A 333 -30.43 -43.46 33.04
N GLY A 334 -30.08 -43.60 34.31
CA GLY A 334 -30.19 -42.51 35.25
C GLY A 334 -31.64 -42.13 35.49
N ASN A 335 -31.88 -40.87 35.84
CA ASN A 335 -33.24 -40.38 36.01
C ASN A 335 -34.02 -40.40 34.71
N ILE A 336 -35.31 -40.70 34.80
CA ILE A 336 -36.14 -40.75 33.60
C ILE A 336 -37.38 -39.87 33.72
N LYS A 337 -37.47 -38.88 32.83
CA LYS A 337 -38.66 -38.05 32.74
C LYS A 337 -38.76 -37.45 31.35
N PHE A 338 -39.98 -37.28 30.86
CA PHE A 338 -40.21 -36.76 29.51
C PHE A 338 -40.93 -35.43 29.56
N ASP A 339 -40.85 -34.68 28.48
CA ASP A 339 -41.53 -33.39 28.40
C ASP A 339 -42.87 -33.53 27.68
N GLN A 340 -43.34 -32.43 27.12
CA GLN A 340 -44.61 -32.41 26.41
C GLN A 340 -44.53 -33.19 25.10
N ASN A 341 -43.33 -33.35 24.58
CA ASN A 341 -43.15 -34.01 23.30
C ASN A 341 -42.82 -35.49 23.41
N GLY A 342 -41.91 -35.84 24.32
CA GLY A 342 -41.54 -37.23 24.54
C GLY A 342 -40.05 -37.46 24.61
N LYS A 343 -39.28 -36.39 24.51
CA LYS A 343 -37.83 -36.48 24.61
C LYS A 343 -37.43 -36.70 26.05
N ARG A 344 -36.24 -37.27 26.26
CA ARG A 344 -35.69 -37.38 27.60
C ARG A 344 -35.27 -36.00 28.11
N ILE A 345 -35.70 -35.68 29.32
CA ILE A 345 -35.33 -34.43 29.96
C ILE A 345 -34.82 -34.73 31.36
N ASN A 346 -33.89 -33.90 31.86
CA ASN A 346 -33.31 -34.05 33.19
C ASN A 346 -32.43 -35.29 33.26
N TYR A 347 -31.97 -35.74 32.10
CA TYR A 347 -31.19 -36.98 32.02
C TYR A 347 -29.72 -36.80 32.34
N THR A 348 -28.95 -37.88 32.23
CA THR A 348 -27.55 -37.89 32.67
C THR A 348 -26.66 -38.74 31.77
N ILE A 349 -25.91 -38.08 30.89
CA ILE A 349 -24.92 -38.76 30.07
C ILE A 349 -23.53 -38.66 30.70
N ASN A 350 -22.93 -39.80 30.99
CA ASN A 350 -21.60 -39.82 31.59
C ASN A 350 -20.49 -39.93 30.55
N ILE A 351 -19.48 -39.08 30.67
CA ILE A 351 -18.36 -39.06 29.74
C ILE A 351 -17.16 -39.83 30.29
N MET A 352 -16.67 -40.80 29.53
CA MET A 352 -15.58 -41.65 29.98
C MET A 352 -14.39 -41.66 29.01
N GLU A 353 -13.22 -41.32 29.52
CA GLU A 353 -11.98 -41.51 28.77
C GLU A 353 -11.48 -42.93 28.98
N LEU A 354 -10.65 -43.42 28.05
CA LEU A 354 -10.07 -44.74 28.19
C LEU A 354 -8.62 -44.67 28.66
N LYS A 355 -8.33 -45.35 29.75
CA LYS A 355 -6.98 -45.38 30.31
C LYS A 355 -6.43 -46.80 30.31
N THR A 356 -5.19 -46.96 30.78
CA THR A 356 -4.54 -48.27 30.81
C THR A 356 -5.19 -49.21 31.81
N ASN A 357 -5.60 -48.66 32.96
CA ASN A 357 -6.31 -49.46 33.96
C ASN A 357 -7.74 -49.79 33.52
N GLY A 358 -8.28 -48.99 32.61
CA GLY A 358 -9.62 -49.20 32.11
C GLY A 358 -10.34 -47.88 31.87
N PRO A 359 -11.62 -47.96 31.49
CA PRO A 359 -12.44 -46.77 31.29
C PRO A 359 -12.87 -46.15 32.61
N ARG A 360 -12.73 -44.83 32.73
CA ARG A 360 -13.05 -44.15 33.98
C ARG A 360 -14.05 -43.01 33.78
N LYS A 361 -15.02 -42.92 34.69
CA LYS A 361 -15.95 -41.81 34.71
C LYS A 361 -15.20 -40.51 34.98
N ILE A 362 -15.10 -39.67 33.95
CA ILE A 362 -14.34 -38.44 34.07
C ILE A 362 -15.26 -37.21 34.15
N GLY A 363 -16.55 -37.43 33.89
CA GLY A 363 -17.51 -36.34 33.97
C GLY A 363 -18.87 -36.70 33.41
N TYR A 364 -19.78 -35.73 33.44
CA TYR A 364 -21.12 -35.93 32.91
C TYR A 364 -21.61 -34.65 32.24
N TRP A 365 -22.41 -34.80 31.18
CA TRP A 365 -23.01 -33.65 30.51
C TRP A 365 -24.48 -33.55 30.90
N SER A 366 -24.90 -32.36 31.32
CA SER A 366 -26.28 -32.14 31.71
C SER A 366 -27.01 -31.38 30.61
N GLU A 367 -28.32 -31.57 30.54
CA GLU A 367 -29.15 -30.90 29.55
C GLU A 367 -29.32 -29.43 29.91
N VAL A 368 -28.94 -29.08 31.15
CA VAL A 368 -29.09 -27.72 31.64
C VAL A 368 -27.77 -27.07 32.04
N ASP A 369 -26.83 -27.88 32.53
CA ASP A 369 -25.57 -27.37 33.06
C ASP A 369 -24.40 -27.54 32.09
N LYS A 370 -24.70 -28.09 30.91
CA LYS A 370 -23.68 -28.41 29.91
C LYS A 370 -22.62 -29.34 30.50
N MET A 371 -21.42 -29.31 29.93
CA MET A 371 -20.36 -30.20 30.40
C MET A 371 -19.80 -29.77 31.75
N VAL A 372 -19.86 -30.67 32.72
CA VAL A 372 -19.36 -30.43 34.08
C VAL A 372 -18.36 -31.50 34.48
N LEU A 373 -17.12 -31.09 34.70
CA LEU A 373 -16.04 -32.00 35.07
C LEU A 373 -16.31 -32.70 36.41
N THR A 374 -15.64 -33.83 36.62
CA THR A 374 -15.75 -34.58 37.86
C THR A 374 -14.39 -35.08 38.31
N GLU A 375 -13.69 -34.26 39.09
CA GLU A 375 -12.34 -34.58 39.54
C GLU A 375 -12.30 -35.87 40.35
N ASP A 376 -11.79 -36.92 39.74
CA ASP A 376 -11.62 -38.21 40.40
C ASP A 376 -10.35 -38.89 39.94
N ASP A 377 -9.26 -38.12 39.88
CA ASP A 377 -7.96 -38.66 39.49
C ASP A 377 -7.44 -39.61 40.56
N THR A 378 -8.07 -39.60 41.72
CA THR A 378 -7.78 -40.54 42.78
C THR A 378 -8.31 -41.94 42.43
N SER A 379 -7.93 -42.41 41.25
CA SER A 379 -8.33 -43.73 40.77
C SER A 379 -7.18 -44.34 39.97
N GLY A 380 -5.96 -44.12 40.46
CA GLY A 380 -4.78 -44.63 39.80
C GLY A 380 -3.72 -43.56 39.58
N LEU A 381 -3.05 -43.16 40.66
CA LEU A 381 -2.00 -42.15 40.59
C LEU A 381 -0.76 -42.71 39.91
N GLU A 382 -0.63 -42.46 38.61
CA GLU A 382 0.48 -43.00 37.83
C GLU A 382 1.03 -41.94 36.87
N GLN A 383 2.34 -41.68 36.98
CA GLN A 383 3.00 -40.65 36.17
C GLN A 383 3.28 -41.15 34.75
N LYS A 384 3.46 -40.21 33.83
CA LYS A 384 3.68 -40.49 32.43
C LYS A 384 5.16 -40.52 32.06
N THR A 385 5.46 -41.07 30.88
CA THR A 385 6.80 -40.99 30.31
C THR A 385 6.79 -39.93 29.21
N VAL A 386 7.83 -39.12 29.14
CA VAL A 386 7.86 -37.97 28.23
C VAL A 386 8.71 -38.19 26.99
N VAL A 387 8.15 -37.84 25.83
CA VAL A 387 8.86 -37.97 24.56
C VAL A 387 9.57 -36.67 24.20
N VAL A 388 10.83 -36.78 23.78
CA VAL A 388 11.60 -35.61 23.37
C VAL A 388 12.11 -35.79 21.96
N THR A 389 11.69 -34.92 21.04
CA THR A 389 12.18 -34.95 19.67
C THR A 389 13.39 -34.06 19.50
N THR A 390 14.46 -34.62 18.92
CA THR A 390 15.68 -33.87 18.69
C THR A 390 16.43 -34.40 17.48
N ILE A 391 17.15 -33.52 16.80
CA ILE A 391 17.88 -33.88 15.60
C ILE A 391 19.36 -34.14 15.94
N LEU A 392 20.01 -34.95 15.13
CA LEU A 392 21.44 -35.20 15.29
C LEU A 392 22.25 -34.03 14.73
N GLU A 393 22.82 -33.22 15.64
CA GLU A 393 23.62 -32.08 15.24
C GLU A 393 24.67 -31.76 16.30
N SER A 394 25.91 -31.63 15.87
CA SER A 394 27.03 -31.43 16.78
C SER A 394 27.22 -29.96 17.14
N PRO A 395 27.63 -29.67 18.38
CA PRO A 395 27.84 -30.66 19.45
C PRO A 395 26.63 -30.77 20.38
N TYR A 396 25.47 -30.32 19.90
CA TYR A 396 24.24 -30.37 20.70
C TYR A 396 23.82 -31.81 20.96
N VAL A 397 23.66 -32.58 19.89
CA VAL A 397 23.26 -33.97 19.99
C VAL A 397 24.15 -34.86 19.13
N MET A 398 24.91 -35.73 19.78
CA MET A 398 25.83 -36.63 19.07
C MET A 398 25.67 -38.07 19.58
N MET A 399 26.31 -39.00 18.89
CA MET A 399 26.40 -40.38 19.34
C MET A 399 27.75 -40.57 20.05
N LYS A 400 27.71 -40.84 21.35
CA LYS A 400 28.93 -40.96 22.13
C LYS A 400 29.70 -42.25 21.80
N LYS A 401 30.73 -42.51 22.59
CA LYS A 401 31.67 -43.62 22.41
C LYS A 401 31.11 -44.93 21.84
N ASN A 402 30.74 -45.83 22.74
CA ASN A 402 30.28 -47.18 22.38
C ASN A 402 28.76 -47.27 22.23
N HIS A 403 28.25 -46.69 21.15
CA HIS A 403 26.81 -46.60 20.94
C HIS A 403 26.17 -47.96 20.70
N GLU A 404 26.88 -48.84 20.00
CA GLU A 404 26.36 -50.18 19.71
C GLU A 404 26.25 -50.98 20.99
N MET A 405 27.15 -50.71 21.93
CA MET A 405 27.18 -51.43 23.20
C MET A 405 26.26 -50.79 24.24
N LEU A 406 25.37 -49.91 23.79
CA LEU A 406 24.49 -49.20 24.71
C LEU A 406 23.02 -49.22 24.30
N GLU A 407 22.17 -48.73 25.20
CA GLU A 407 20.73 -48.79 25.03
C GLU A 407 20.08 -47.49 25.51
N GLY A 408 18.83 -47.28 25.12
CA GLY A 408 18.04 -46.16 25.60
C GLY A 408 18.63 -44.79 25.36
N ASN A 409 18.61 -43.95 26.40
CA ASN A 409 19.10 -42.59 26.31
C ASN A 409 20.62 -42.50 26.27
N GLU A 410 21.29 -43.46 26.91
CA GLU A 410 22.74 -43.44 27.07
C GLU A 410 23.53 -43.34 25.76
N ARG A 411 22.87 -43.62 24.64
CA ARG A 411 23.50 -43.60 23.34
C ARG A 411 23.86 -42.20 22.86
N TYR A 412 23.34 -41.18 23.53
CA TYR A 412 23.53 -39.79 23.11
C TYR A 412 24.11 -38.92 24.22
N GLU A 413 25.08 -38.08 23.86
CA GLU A 413 25.58 -37.03 24.77
C GLU A 413 25.86 -35.73 24.02
N GLY A 414 25.74 -34.61 24.74
CA GLY A 414 25.94 -33.30 24.15
C GLY A 414 25.30 -32.18 24.95
N TYR A 415 25.28 -30.97 24.38
CA TYR A 415 24.68 -29.82 25.05
C TYR A 415 23.19 -30.05 25.31
N CYS A 416 22.45 -30.36 24.26
CA CYS A 416 21.02 -30.56 24.37
C CYS A 416 20.67 -31.79 25.19
N VAL A 417 21.51 -32.82 25.08
CA VAL A 417 21.34 -34.03 25.89
C VAL A 417 21.47 -33.68 27.36
N ASP A 418 22.45 -32.84 27.68
CA ASP A 418 22.66 -32.39 29.05
C ASP A 418 21.57 -31.42 29.45
N LEU A 419 21.18 -30.56 28.52
CA LEU A 419 20.08 -29.63 28.77
C LEU A 419 18.78 -30.39 29.01
N ALA A 420 18.62 -31.51 28.29
CA ALA A 420 17.43 -32.35 28.43
C ALA A 420 17.24 -32.82 29.87
N ALA A 421 18.34 -33.21 30.50
CA ALA A 421 18.30 -33.61 31.90
C ALA A 421 17.93 -32.43 32.79
N GLU A 422 18.69 -31.33 32.64
CA GLU A 422 18.50 -30.14 33.44
C GLU A 422 17.07 -29.61 33.40
N ILE A 423 16.49 -29.57 32.20
CA ILE A 423 15.10 -29.18 32.05
C ILE A 423 14.20 -30.16 32.80
N ALA A 424 14.45 -31.45 32.58
CA ALA A 424 13.68 -32.51 33.21
C ALA A 424 13.95 -32.57 34.71
N LYS A 425 15.10 -32.05 35.13
CA LYS A 425 15.43 -31.98 36.54
C LYS A 425 14.50 -31.02 37.26
N HIS A 426 14.34 -29.83 36.69
CA HIS A 426 13.54 -28.77 37.33
C HIS A 426 12.06 -28.89 37.01
N CYS A 427 11.70 -29.83 36.15
CA CYS A 427 10.29 -30.05 35.81
C CYS A 427 9.71 -31.29 36.49
N GLY A 428 10.55 -32.31 36.66
CA GLY A 428 10.15 -33.52 37.37
C GLY A 428 9.50 -34.56 36.48
N PHE A 429 10.17 -34.92 35.39
CA PHE A 429 9.68 -35.98 34.51
C PHE A 429 10.80 -36.84 33.94
N LYS A 430 10.52 -38.12 33.75
CA LYS A 430 11.42 -39.02 33.05
C LYS A 430 11.22 -38.83 31.55
N TYR A 431 12.28 -38.99 30.77
CA TYR A 431 12.18 -38.76 29.34
C TYR A 431 13.00 -39.75 28.51
N LYS A 432 12.59 -39.93 27.26
CA LYS A 432 13.30 -40.80 26.33
C LYS A 432 13.71 -40.02 25.08
N LEU A 433 15.00 -39.76 24.95
CA LEU A 433 15.53 -39.05 23.79
C LEU A 433 15.32 -39.85 22.52
N THR A 434 14.75 -39.21 21.50
CA THR A 434 14.50 -39.86 20.22
C THR A 434 14.94 -38.98 19.05
N ILE A 435 15.38 -39.61 17.97
CA ILE A 435 15.82 -38.90 16.78
C ILE A 435 14.64 -38.62 15.85
N VAL A 436 14.63 -37.43 15.25
CA VAL A 436 13.61 -37.08 14.27
C VAL A 436 13.88 -37.82 12.95
N GLY A 437 12.80 -38.26 12.30
CA GLY A 437 12.90 -39.06 11.09
C GLY A 437 13.66 -38.43 9.94
N ASP A 438 13.00 -37.54 9.20
CA ASP A 438 13.56 -36.96 7.98
C ASP A 438 14.88 -36.21 8.20
N GLY A 439 15.13 -35.78 9.43
CA GLY A 439 16.41 -35.18 9.77
C GLY A 439 16.58 -33.75 9.31
N LYS A 440 15.46 -33.08 9.05
CA LYS A 440 15.48 -31.64 8.84
C LYS A 440 14.81 -30.96 10.03
N TYR A 441 14.91 -29.64 10.12
CA TYR A 441 14.43 -28.95 11.31
C TYR A 441 12.92 -28.81 11.40
N GLY A 442 12.35 -27.93 10.58
CA GLY A 442 10.91 -27.70 10.60
C GLY A 442 10.45 -26.69 9.59
N ALA A 443 10.26 -27.14 8.35
CA ALA A 443 9.76 -26.27 7.28
C ALA A 443 8.29 -26.52 7.04
N ARG A 444 7.65 -25.64 6.28
CA ARG A 444 6.26 -25.84 5.90
C ARG A 444 6.17 -25.86 4.38
N ASP A 445 6.01 -27.06 3.83
CA ASP A 445 5.93 -27.27 2.39
C ASP A 445 4.84 -26.39 1.79
N ALA A 446 5.18 -25.69 0.72
CA ALA A 446 4.26 -24.76 0.07
C ALA A 446 3.02 -25.47 -0.47
N ASP A 447 3.23 -26.56 -1.19
CA ASP A 447 2.13 -27.29 -1.81
C ASP A 447 1.28 -28.06 -0.80
N THR A 448 1.89 -29.06 -0.17
CA THR A 448 1.15 -30.01 0.66
C THR A 448 0.72 -29.47 2.03
N LYS A 449 1.17 -28.26 2.37
CA LYS A 449 0.88 -27.64 3.66
C LYS A 449 1.33 -28.52 4.83
N ILE A 450 2.38 -29.30 4.60
CA ILE A 450 2.88 -30.25 5.58
C ILE A 450 4.08 -29.69 6.34
N TRP A 451 4.00 -29.70 7.66
CA TRP A 451 5.16 -29.43 8.49
C TRP A 451 6.03 -30.69 8.53
N ASN A 452 7.33 -30.53 8.29
CA ASN A 452 8.26 -31.64 8.41
C ASN A 452 9.24 -31.40 9.55
N GLY A 453 10.11 -32.37 9.80
CA GLY A 453 11.10 -32.24 10.85
C GLY A 453 10.51 -32.27 12.25
N MET A 454 11.27 -31.77 13.22
CA MET A 454 10.86 -31.78 14.61
C MET A 454 9.59 -30.97 14.86
N VAL A 455 9.48 -29.83 14.18
CA VAL A 455 8.28 -29.01 14.26
C VAL A 455 7.07 -29.81 13.77
N GLY A 456 7.31 -30.64 12.76
CA GLY A 456 6.27 -31.50 12.23
C GLY A 456 5.81 -32.52 13.25
N GLU A 457 6.76 -33.17 13.91
CA GLU A 457 6.45 -34.20 14.90
C GLU A 457 5.89 -33.61 16.20
N LEU A 458 5.78 -32.29 16.24
CA LEU A 458 5.17 -31.61 17.38
C LEU A 458 3.67 -31.43 17.15
N VAL A 459 3.34 -30.70 16.08
CA VAL A 459 1.97 -30.35 15.76
C VAL A 459 1.11 -31.60 15.56
N TYR A 460 1.65 -32.56 14.82
CA TYR A 460 0.91 -33.76 14.46
C TYR A 460 0.82 -34.79 15.59
N GLY A 461 1.51 -34.50 16.69
CA GLY A 461 1.34 -35.25 17.93
C GLY A 461 2.30 -36.41 18.18
N LYS A 462 3.36 -36.50 17.40
CA LYS A 462 4.33 -37.59 17.56
C LYS A 462 5.24 -37.34 18.76
N ALA A 463 5.40 -36.08 19.14
CA ALA A 463 6.28 -35.72 20.25
C ALA A 463 5.56 -34.86 21.29
N ASP A 464 6.22 -34.67 22.43
CA ASP A 464 5.64 -33.89 23.52
C ASP A 464 6.45 -32.61 23.76
N ILE A 465 7.74 -32.69 23.49
CA ILE A 465 8.64 -31.55 23.68
C ILE A 465 9.83 -31.64 22.72
N ALA A 466 10.31 -30.50 22.25
CA ALA A 466 11.42 -30.46 21.31
C ALA A 466 12.61 -29.72 21.90
N ILE A 467 13.65 -30.46 22.25
CA ILE A 467 14.88 -29.85 22.77
C ILE A 467 16.02 -30.03 21.77
N ALA A 468 16.28 -28.97 21.01
CA ALA A 468 17.23 -29.01 19.91
C ALA A 468 17.53 -27.57 19.48
N PRO A 469 18.55 -27.38 18.62
CA PRO A 469 18.81 -26.01 18.14
C PRO A 469 17.72 -25.52 17.19
N LEU A 470 16.50 -25.40 17.68
CA LEU A 470 15.38 -24.97 16.85
C LEU A 470 15.24 -23.44 16.83
N THR A 471 15.30 -22.86 15.64
CA THR A 471 15.23 -21.41 15.48
C THR A 471 13.82 -20.92 15.78
N ILE A 472 13.72 -19.79 16.47
CA ILE A 472 12.41 -19.19 16.72
C ILE A 472 12.01 -18.24 15.60
N THR A 473 11.26 -18.77 14.64
CA THR A 473 10.75 -18.00 13.52
C THR A 473 9.24 -17.80 13.66
N LEU A 474 8.77 -16.62 13.24
CA LEU A 474 7.37 -16.24 13.41
C LEU A 474 6.39 -17.30 12.90
N VAL A 475 6.75 -17.93 11.78
CA VAL A 475 5.89 -18.92 11.14
C VAL A 475 5.61 -20.13 12.03
N ARG A 476 6.53 -20.40 12.96
CA ARG A 476 6.37 -21.54 13.86
C ARG A 476 5.62 -21.16 15.13
N GLU A 477 5.81 -19.91 15.56
CA GLU A 477 5.19 -19.41 16.79
C GLU A 477 3.66 -19.49 16.74
N GLU A 478 3.12 -19.52 15.53
CA GLU A 478 1.68 -19.61 15.33
C GLU A 478 1.15 -21.03 15.60
N VAL A 479 1.97 -22.04 15.28
CA VAL A 479 1.54 -23.43 15.40
C VAL A 479 2.09 -24.15 16.64
N ILE A 480 3.25 -23.73 17.11
CA ILE A 480 3.86 -24.30 18.32
C ILE A 480 4.28 -23.21 19.30
N ASP A 481 4.50 -23.60 20.55
CA ASP A 481 4.93 -22.64 21.57
C ASP A 481 6.40 -22.78 21.93
N PHE A 482 7.15 -21.70 21.76
CA PHE A 482 8.55 -21.67 22.13
C PHE A 482 8.76 -21.10 23.52
N SER A 483 9.72 -21.67 24.24
CA SER A 483 10.17 -21.07 25.49
C SER A 483 11.09 -19.92 25.13
N LYS A 484 11.50 -19.15 26.14
CA LYS A 484 12.46 -18.08 25.91
C LYS A 484 13.77 -18.67 25.40
N PRO A 485 14.50 -17.90 24.58
CA PRO A 485 15.76 -18.38 23.99
C PRO A 485 16.78 -18.85 25.01
N PHE A 486 17.45 -19.95 24.73
CA PHE A 486 18.47 -20.48 25.63
C PHE A 486 19.87 -20.27 25.05
N MET A 487 19.92 -19.63 23.88
CA MET A 487 21.19 -19.33 23.21
C MET A 487 20.98 -18.34 22.06
N SER A 488 21.39 -17.10 22.26
CA SER A 488 21.24 -16.06 21.23
C SER A 488 22.37 -16.14 20.21
N LEU A 489 22.06 -15.87 18.95
CA LEU A 489 23.05 -15.95 17.88
C LEU A 489 22.60 -15.21 16.62
N GLY A 490 23.41 -15.33 15.57
CA GLY A 490 23.11 -14.73 14.29
C GLY A 490 24.09 -15.18 13.22
N ILE A 491 24.26 -14.35 12.19
CA ILE A 491 25.17 -14.68 11.09
C ILE A 491 26.53 -14.02 11.30
N SER A 492 27.60 -14.77 11.05
CA SER A 492 28.96 -14.24 11.24
C SER A 492 29.84 -14.49 10.02
N ILE A 493 31.11 -14.10 10.12
CA ILE A 493 32.04 -14.23 9.01
C ILE A 493 33.22 -15.15 9.36
N MET A 494 33.39 -16.21 8.58
CA MET A 494 34.53 -17.10 8.75
C MET A 494 35.57 -16.89 7.65
N ILE A 495 36.70 -16.29 8.01
CA ILE A 495 37.81 -16.15 7.09
C ILE A 495 38.93 -17.11 7.46
N LYS A 496 39.80 -17.40 6.50
CA LYS A 496 40.96 -18.22 6.75
C LYS A 496 41.89 -17.49 7.71
N LYS A 497 42.50 -18.23 8.62
CA LYS A 497 43.48 -17.66 9.54
C LYS A 497 44.58 -17.01 8.72
N PRO A 498 44.92 -15.74 9.03
CA PRO A 498 45.90 -14.98 8.24
C PRO A 498 47.28 -15.64 8.25
N GLN A 499 47.83 -15.86 7.05
CA GLN A 499 49.17 -16.43 6.91
C GLN A 499 50.19 -15.59 7.65
N LYS A 500 50.97 -16.23 8.51
CA LYS A 500 51.94 -15.53 9.33
C LYS A 500 53.09 -14.95 8.51
N SER A 501 53.52 -13.75 8.88
CA SER A 501 54.63 -13.08 8.23
C SER A 501 55.94 -13.79 8.55
N LYS A 502 56.87 -13.87 7.60
CA LYS A 502 56.74 -13.37 6.22
C LYS A 502 57.68 -14.25 5.40
N PRO A 503 57.90 -13.95 4.10
CA PRO A 503 58.96 -14.67 3.37
C PRO A 503 60.32 -14.73 4.06
N GLY A 504 61.19 -13.75 3.81
CA GLY A 504 62.51 -13.75 4.43
C GLY A 504 63.44 -12.67 3.93
N VAL A 505 64.65 -13.07 3.54
CA VAL A 505 65.67 -12.14 3.07
C VAL A 505 65.34 -11.64 1.66
N PHE A 506 64.33 -12.24 1.05
CA PHE A 506 63.87 -11.85 -0.28
C PHE A 506 63.10 -10.54 -0.30
N SER A 507 63.09 -9.82 0.83
CA SER A 507 62.42 -8.53 0.90
C SER A 507 63.43 -7.39 0.98
N PHE A 508 64.71 -7.75 1.02
CA PHE A 508 65.79 -6.79 1.03
C PHE A 508 66.27 -6.52 -0.39
N LEU A 509 66.19 -7.55 -1.23
CA LEU A 509 66.67 -7.47 -2.60
C LEU A 509 65.56 -7.02 -3.56
N ASP A 510 64.41 -6.66 -3.00
CA ASP A 510 63.24 -6.28 -3.80
C ASP A 510 63.09 -4.79 -4.13
N PRO A 511 63.33 -3.89 -3.15
CA PRO A 511 63.23 -2.47 -3.51
C PRO A 511 64.24 -2.09 -4.58
N LEU A 512 65.51 -2.03 -4.18
CA LEU A 512 66.60 -1.84 -5.12
C LEU A 512 66.70 -3.10 -5.97
N ALA A 513 66.27 -3.00 -7.22
CA ALA A 513 66.20 -4.15 -8.12
C ALA A 513 67.54 -4.85 -8.29
N TYR A 514 67.49 -6.14 -8.65
CA TYR A 514 68.68 -6.94 -8.87
C TYR A 514 69.57 -6.33 -9.95
N GLU A 515 68.94 -5.66 -10.92
CA GLU A 515 69.65 -5.03 -12.01
C GLU A 515 70.49 -3.84 -11.56
N ILE A 516 70.03 -3.18 -10.49
CA ILE A 516 70.67 -1.94 -10.04
C ILE A 516 71.76 -2.20 -8.99
N TRP A 517 71.71 -3.36 -8.34
CA TRP A 517 72.78 -3.76 -7.44
C TRP A 517 74.04 -4.05 -8.26
N MET A 518 73.83 -4.48 -9.50
CA MET A 518 74.94 -4.77 -10.42
C MET A 518 75.59 -3.47 -10.88
N CYS A 519 74.76 -2.54 -11.35
CA CYS A 519 75.22 -1.26 -11.89
C CYS A 519 75.97 -0.43 -10.85
N ILE A 520 75.58 -0.57 -9.59
CA ILE A 520 76.24 0.16 -8.51
C ILE A 520 77.55 -0.52 -8.12
N VAL A 521 77.82 -1.68 -8.71
CA VAL A 521 79.10 -2.36 -8.53
C VAL A 521 79.99 -2.14 -9.75
N PHE A 522 79.38 -2.09 -10.93
CA PHE A 522 80.11 -1.78 -12.15
C PHE A 522 80.62 -0.34 -12.12
N ALA A 523 79.78 0.59 -11.69
CA ALA A 523 80.16 1.99 -11.58
C ALA A 523 80.79 2.28 -10.22
N TYR A 524 81.10 1.23 -9.48
CA TYR A 524 81.83 1.33 -8.22
C TYR A 524 83.30 1.07 -8.53
N ILE A 525 83.56 -0.02 -9.23
CA ILE A 525 84.90 -0.37 -9.66
C ILE A 525 85.33 0.51 -10.83
N GLY A 526 84.35 1.15 -11.47
CA GLY A 526 84.63 2.05 -12.57
C GLY A 526 85.09 3.41 -12.08
N VAL A 527 84.85 3.69 -10.81
CA VAL A 527 85.31 4.91 -10.18
C VAL A 527 86.68 4.67 -9.56
N SER A 528 86.81 3.54 -8.88
CA SER A 528 88.06 3.17 -8.23
C SER A 528 89.16 2.84 -9.24
N VAL A 529 88.77 2.71 -10.50
CA VAL A 529 89.74 2.51 -11.57
C VAL A 529 89.99 3.82 -12.31
N VAL A 530 89.00 4.72 -12.30
CA VAL A 530 89.18 6.05 -12.88
C VAL A 530 90.03 6.91 -11.96
N LEU A 531 89.79 6.78 -10.66
CA LEU A 531 90.63 7.45 -9.65
C LEU A 531 92.02 6.83 -9.64
N PHE A 532 92.10 5.55 -10.01
CA PHE A 532 93.37 4.84 -10.05
C PHE A 532 94.27 5.36 -11.18
N LEU A 533 93.64 5.84 -12.25
CA LEU A 533 94.38 6.40 -13.38
C LEU A 533 94.70 7.87 -13.16
N VAL A 534 94.29 8.40 -12.01
CA VAL A 534 94.56 9.79 -11.65
C VAL A 534 95.87 9.90 -10.86
N SER A 535 96.01 9.06 -9.84
CA SER A 535 97.20 9.07 -8.99
C SER A 535 98.45 8.68 -9.78
N THR A 559 106.95 -0.62 -9.51
CA THR A 559 105.86 0.22 -10.01
C THR A 559 104.57 -0.57 -10.16
N ASN A 560 104.68 -1.89 -10.13
CA ASN A 560 103.52 -2.76 -10.22
C ASN A 560 102.85 -2.97 -8.86
N GLU A 561 103.62 -2.75 -7.79
CA GLU A 561 103.09 -2.82 -6.44
C GLU A 561 102.70 -1.42 -5.97
N PHE A 562 103.22 -0.40 -6.65
CA PHE A 562 102.86 0.98 -6.37
C PHE A 562 101.49 1.29 -6.96
N GLY A 563 101.00 0.37 -7.78
CA GLY A 563 99.66 0.48 -8.34
C GLY A 563 98.70 -0.43 -7.59
N ILE A 564 99.26 -1.44 -6.92
CA ILE A 564 98.44 -2.35 -6.12
C ILE A 564 98.06 -1.70 -4.80
N PHE A 565 98.97 -0.89 -4.25
CA PHE A 565 98.72 -0.16 -3.02
C PHE A 565 97.90 1.10 -3.32
N ASN A 566 97.87 1.49 -4.60
CA ASN A 566 97.09 2.64 -5.04
C ASN A 566 95.71 2.23 -5.51
N SER A 567 95.55 0.94 -5.81
CA SER A 567 94.24 0.39 -6.16
C SER A 567 93.54 -0.13 -4.93
N LEU A 568 94.33 -0.39 -3.88
CA LEU A 568 93.79 -0.75 -2.58
C LEU A 568 93.56 0.52 -1.76
N TRP A 569 93.85 1.65 -2.37
CA TRP A 569 93.59 2.95 -1.76
C TRP A 569 92.51 3.68 -2.54
N PHE A 570 92.33 3.29 -3.80
CA PHE A 570 91.28 3.84 -4.65
C PHE A 570 89.98 3.07 -4.42
N SER A 571 90.11 1.80 -4.07
CA SER A 571 88.95 0.98 -3.71
C SER A 571 88.61 1.19 -2.24
N LEU A 572 89.55 1.76 -1.50
CA LEU A 572 89.33 2.12 -0.10
C LEU A 572 88.64 3.49 -0.05
N GLY A 573 88.89 4.30 -1.06
CA GLY A 573 88.19 5.56 -1.23
C GLY A 573 86.93 5.34 -2.03
N ALA A 574 86.58 4.08 -2.22
CA ALA A 574 85.37 3.69 -2.94
C ALA A 574 84.34 3.11 -1.96
N PHE A 575 84.83 2.35 -0.98
CA PHE A 575 83.99 1.94 0.15
C PHE A 575 83.55 3.22 0.86
N MET A 576 82.50 3.85 0.32
CA MET A 576 82.18 5.24 0.62
C MET A 576 81.87 5.54 2.09
N GLN A 577 81.70 6.83 2.37
CA GLN A 577 81.35 7.32 3.69
C GLN A 577 80.66 8.67 3.59
N PRO A 584 94.43 16.03 -2.85
CA PRO A 584 93.91 17.33 -2.41
C PRO A 584 92.97 17.95 -3.42
N ARG A 585 93.16 19.24 -3.72
CA ARG A 585 92.26 19.99 -4.60
C ARG A 585 92.46 19.67 -6.08
N SER A 586 92.87 18.43 -6.36
CA SER A 586 93.04 17.99 -7.74
C SER A 586 91.68 18.04 -8.46
N LEU A 587 91.46 19.13 -9.19
CA LEU A 587 90.18 19.39 -9.85
C LEU A 587 89.75 18.27 -10.80
N SER A 588 90.66 17.35 -11.07
CA SER A 588 90.33 16.12 -11.77
C SER A 588 89.37 15.28 -10.94
N GLY A 589 89.93 14.37 -10.15
CA GLY A 589 89.15 13.45 -9.35
C GLY A 589 88.26 14.09 -8.29
N ARG A 590 88.42 15.40 -8.11
CA ARG A 590 87.57 16.14 -7.17
C ARG A 590 86.13 16.16 -7.68
N ILE A 591 85.97 16.14 -8.99
CA ILE A 591 84.64 16.09 -9.59
C ILE A 591 84.20 14.64 -9.78
N VAL A 592 85.10 13.69 -9.56
CA VAL A 592 84.73 12.29 -9.56
C VAL A 592 83.98 11.95 -8.28
N GLY A 593 84.53 12.37 -7.14
CA GLY A 593 83.91 12.11 -5.86
C GLY A 593 82.69 12.98 -5.62
N GLY A 594 82.74 14.21 -6.11
CA GLY A 594 81.63 15.14 -6.00
C GLY A 594 80.41 14.66 -6.77
N VAL A 595 80.66 14.02 -7.91
CA VAL A 595 79.58 13.46 -8.71
C VAL A 595 79.31 12.00 -8.28
N TRP A 596 80.26 11.41 -7.56
CA TRP A 596 80.02 10.11 -6.94
C TRP A 596 79.13 10.23 -5.72
N TRP A 597 79.38 11.25 -4.90
CA TRP A 597 78.55 11.51 -3.74
C TRP A 597 77.13 11.87 -4.17
N PHE A 598 77.05 12.75 -5.15
CA PHE A 598 75.76 13.13 -5.73
C PHE A 598 75.07 11.91 -6.31
N PHE A 599 75.87 10.98 -6.82
CA PHE A 599 75.35 9.72 -7.35
C PHE A 599 74.83 8.83 -6.23
N THR A 600 75.60 8.72 -5.16
CA THR A 600 75.25 7.82 -4.07
C THR A 600 74.27 8.45 -3.08
N LEU A 601 74.13 9.77 -3.14
CA LEU A 601 73.12 10.46 -2.33
C LEU A 601 71.72 10.10 -2.82
N ILE A 602 71.55 10.12 -4.14
CA ILE A 602 70.26 9.82 -4.75
C ILE A 602 69.86 8.37 -4.52
N ILE A 603 70.83 7.46 -4.60
CA ILE A 603 70.59 6.04 -4.43
C ILE A 603 70.01 5.70 -3.05
N ILE A 604 70.64 6.21 -2.00
CA ILE A 604 70.21 5.90 -0.64
C ILE A 604 68.89 6.59 -0.28
N SER A 605 68.61 7.71 -0.94
CA SER A 605 67.32 8.38 -0.76
C SER A 605 66.21 7.58 -1.42
N SER A 606 66.55 6.93 -2.53
CA SER A 606 65.59 6.11 -3.27
C SER A 606 65.23 4.84 -2.52
N TYR A 607 66.23 4.19 -1.94
CA TYR A 607 65.99 2.97 -1.17
C TYR A 607 65.23 3.25 0.12
N THR A 608 65.49 4.42 0.72
CA THR A 608 64.78 4.83 1.91
C THR A 608 63.31 5.08 1.60
N ALA A 609 63.06 5.68 0.44
CA ALA A 609 61.70 6.02 0.02
C ALA A 609 60.90 4.78 -0.36
N ASN A 610 61.45 3.99 -1.28
CA ASN A 610 60.77 2.82 -1.81
C ASN A 610 60.38 1.80 -0.73
N LEU A 611 61.24 1.64 0.27
CA LEU A 611 60.97 0.70 1.35
C LEU A 611 59.80 1.17 2.22
N ALA A 612 59.66 2.49 2.35
CA ALA A 612 58.55 3.08 3.09
C ALA A 612 57.21 2.79 2.41
N ALA A 613 57.27 2.55 1.11
CA ALA A 613 56.07 2.25 0.34
C ALA A 613 55.82 0.75 0.23
N PHE A 614 56.74 -0.05 0.77
CA PHE A 614 56.56 -1.49 0.83
C PHE A 614 56.06 -1.86 2.22
N LEU A 615 56.14 -0.89 3.13
CA LEU A 615 55.59 -1.04 4.46
C LEU A 615 54.19 -0.43 4.46
N THR A 616 54.08 0.78 3.94
CA THR A 616 52.81 1.50 3.87
C THR A 616 51.75 0.73 3.07
N VAL A 617 52.14 0.20 1.92
CA VAL A 617 51.23 -0.61 1.12
C VAL A 617 50.92 -1.92 1.84
N GLU A 618 51.87 -2.38 2.66
CA GLU A 618 51.64 -3.53 3.52
C GLU A 618 50.78 -3.17 4.73
N ARG A 619 50.43 -1.89 4.86
CA ARG A 619 49.52 -1.42 5.90
C ARG A 619 48.14 -1.17 5.29
N MET A 620 48.12 -0.91 3.99
CA MET A 620 46.89 -0.52 3.30
C MET A 620 45.85 -1.64 3.28
N VAL A 621 46.30 -2.89 3.30
CA VAL A 621 45.38 -4.03 3.33
C VAL A 621 44.90 -4.28 4.75
N SER A 622 43.69 -3.79 5.06
CA SER A 622 43.10 -3.98 6.38
C SER A 622 42.34 -5.29 6.45
N PRO A 623 42.58 -6.07 7.51
CA PRO A 623 41.94 -7.38 7.72
C PRO A 623 40.42 -7.24 7.80
N ILE A 624 39.71 -8.32 7.53
CA ILE A 624 38.25 -8.30 7.61
C ILE A 624 37.79 -8.14 9.05
N GLU A 625 37.42 -6.91 9.41
CA GLU A 625 36.98 -6.60 10.77
C GLU A 625 35.52 -6.96 10.94
N SER A 626 34.65 -6.33 10.15
CA SER A 626 33.22 -6.54 10.26
C SER A 626 32.60 -6.88 8.90
N ALA A 627 31.28 -6.79 8.82
CA ALA A 627 30.55 -7.11 7.60
C ALA A 627 30.79 -6.06 6.53
N GLU A 628 30.94 -4.81 6.96
CA GLU A 628 31.14 -3.70 6.04
C GLU A 628 32.46 -3.83 5.28
N ASP A 629 33.41 -4.52 5.89
CA ASP A 629 34.73 -4.68 5.29
C ASP A 629 34.72 -5.62 4.08
N LEU A 630 33.80 -6.58 4.08
CA LEU A 630 33.68 -7.50 2.95
C LEU A 630 33.08 -6.80 1.74
N SER A 631 32.18 -5.85 2.00
CA SER A 631 31.56 -5.08 0.93
C SER A 631 32.46 -3.93 0.49
N LYS A 632 33.41 -3.55 1.35
CA LYS A 632 34.31 -2.44 1.08
C LYS A 632 35.44 -2.81 0.12
N GLN A 633 35.84 -4.07 0.15
CA GLN A 633 36.88 -4.56 -0.76
C GLN A 633 36.37 -5.70 -1.63
N THR A 634 37.20 -6.15 -2.56
CA THR A 634 36.82 -7.23 -3.48
C THR A 634 37.96 -8.20 -3.74
N GLU A 635 39.11 -7.92 -3.13
CA GLU A 635 40.26 -8.80 -3.27
C GLU A 635 39.99 -10.13 -2.58
N ILE A 636 39.08 -10.11 -1.60
CA ILE A 636 38.68 -11.31 -0.89
C ILE A 636 37.22 -11.64 -1.19
N ALA A 637 36.99 -12.75 -1.88
CA ALA A 637 35.64 -13.18 -2.23
C ALA A 637 34.96 -13.85 -1.05
N TYR A 638 33.63 -13.76 -1.00
CA TYR A 638 32.87 -14.29 0.14
C TYR A 638 31.46 -14.69 -0.26
N GLY A 639 30.89 -15.65 0.47
CA GLY A 639 29.55 -16.13 0.19
C GLY A 639 28.91 -16.91 1.32
N THR A 640 27.67 -17.34 1.09
CA THR A 640 26.91 -18.08 2.10
C THR A 640 26.40 -19.42 1.55
N LEU A 641 25.52 -20.05 2.32
CA LEU A 641 24.90 -21.31 1.90
C LEU A 641 23.88 -21.04 0.81
N ASP A 642 23.84 -21.88 -0.20
CA ASP A 642 22.94 -21.67 -1.35
C ASP A 642 21.47 -21.74 -0.95
N SER A 643 21.16 -22.63 -0.02
CA SER A 643 19.79 -22.81 0.45
C SER A 643 19.73 -22.76 1.98
N GLY A 644 18.80 -21.98 2.50
CA GLY A 644 18.65 -21.82 3.93
C GLY A 644 18.26 -20.41 4.32
N SER A 645 18.09 -20.19 5.62
CA SER A 645 17.69 -18.88 6.12
C SER A 645 18.78 -17.85 5.84
N THR A 646 20.02 -18.34 5.73
CA THR A 646 21.18 -17.49 5.53
C THR A 646 21.07 -16.70 4.22
N LYS A 647 20.93 -17.43 3.11
CA LYS A 647 20.86 -16.81 1.78
C LYS A 647 19.65 -15.90 1.63
N GLU A 648 18.50 -16.38 2.09
CA GLU A 648 17.25 -15.65 1.97
C GLU A 648 17.25 -14.35 2.76
N PHE A 649 18.08 -14.28 3.78
CA PHE A 649 18.21 -13.06 4.58
C PHE A 649 18.80 -11.94 3.74
N PHE A 650 19.99 -12.17 3.19
CA PHE A 650 20.66 -11.18 2.36
C PHE A 650 19.79 -10.79 1.16
N ARG A 651 19.04 -11.75 0.65
CA ARG A 651 18.13 -11.49 -0.46
C ARG A 651 17.01 -10.55 -0.05
N ARG A 652 16.31 -10.90 1.01
CA ARG A 652 15.15 -10.14 1.48
C ARG A 652 15.55 -8.76 1.99
N SER A 653 16.68 -8.70 2.68
CA SER A 653 17.08 -7.51 3.43
C SER A 653 17.20 -6.25 2.57
N LYS A 654 16.78 -5.12 3.15
CA LYS A 654 16.88 -3.83 2.49
C LYS A 654 17.86 -2.92 3.24
N ILE A 655 18.58 -3.51 4.19
CA ILE A 655 19.62 -2.79 4.92
C ILE A 655 20.78 -2.53 3.97
N ALA A 656 21.25 -1.28 3.93
CA ALA A 656 22.24 -0.81 2.95
C ALA A 656 23.42 -1.74 2.71
N VAL A 657 24.17 -2.05 3.77
CA VAL A 657 25.35 -2.89 3.65
C VAL A 657 25.00 -4.29 3.14
N PHE A 658 23.98 -4.87 3.73
CA PHE A 658 23.51 -6.20 3.33
C PHE A 658 23.00 -6.21 1.89
N ASP A 659 22.26 -5.16 1.53
CA ASP A 659 21.73 -5.01 0.18
C ASP A 659 22.87 -5.07 -0.83
N LYS A 660 23.95 -4.37 -0.52
CA LYS A 660 25.13 -4.38 -1.38
C LYS A 660 25.76 -5.76 -1.41
N MET A 661 25.90 -6.36 -0.23
CA MET A 661 26.50 -7.70 -0.11
C MET A 661 25.74 -8.73 -0.93
N TRP A 662 24.42 -8.60 -0.97
CA TRP A 662 23.60 -9.50 -1.76
C TRP A 662 23.84 -9.29 -3.25
N THR A 663 23.85 -8.03 -3.67
CA THR A 663 24.03 -7.67 -5.07
C THR A 663 25.33 -8.25 -5.64
N TYR A 664 26.37 -8.27 -4.82
CA TYR A 664 27.64 -8.87 -5.20
C TYR A 664 27.49 -10.38 -5.37
N MET A 665 26.90 -11.03 -4.36
CA MET A 665 26.74 -12.47 -4.36
C MET A 665 25.68 -12.95 -5.35
N ARG A 666 24.78 -12.06 -5.73
CA ARG A 666 23.67 -12.43 -6.60
C ARG A 666 24.07 -12.58 -8.07
N SER A 667 25.33 -12.29 -8.38
CA SER A 667 25.78 -12.34 -9.77
C SER A 667 27.27 -12.65 -9.91
N ALA A 668 27.89 -13.08 -8.82
CA ALA A 668 29.30 -13.43 -8.84
C ALA A 668 29.56 -14.69 -9.65
N GLU A 669 30.72 -14.75 -10.30
CA GLU A 669 31.12 -15.90 -11.10
C GLU A 669 32.62 -16.13 -10.97
N PRO A 670 33.03 -17.29 -10.44
CA PRO A 670 32.23 -18.45 -10.04
C PRO A 670 31.38 -18.21 -8.79
N SER A 671 30.44 -19.12 -8.53
CA SER A 671 29.51 -18.96 -7.42
C SER A 671 30.21 -18.95 -6.06
N VAL A 672 29.72 -18.10 -5.18
CA VAL A 672 30.27 -17.99 -3.84
C VAL A 672 29.49 -18.88 -2.87
N PHE A 673 28.51 -19.60 -3.42
CA PHE A 673 27.64 -20.44 -2.60
C PHE A 673 28.02 -21.92 -2.69
N VAL A 674 28.15 -22.57 -1.53
CA VAL A 674 28.39 -24.00 -1.48
C VAL A 674 27.09 -24.75 -1.20
N ARG A 675 27.08 -26.05 -1.46
CA ARG A 675 25.87 -26.85 -1.24
C ARG A 675 25.72 -27.29 0.22
N THR A 676 26.84 -27.62 0.85
CA THR A 676 26.83 -28.04 2.25
C THR A 676 27.82 -27.23 3.10
N THR A 677 27.65 -27.32 4.42
CA THR A 677 28.45 -26.56 5.36
C THR A 677 29.95 -26.87 5.26
N ALA A 678 30.27 -28.14 5.05
CA ALA A 678 31.66 -28.59 4.97
C ALA A 678 32.41 -27.98 3.80
N GLU A 679 31.71 -27.81 2.68
CA GLU A 679 32.32 -27.27 1.46
C GLU A 679 32.74 -25.82 1.65
N GLY A 680 31.98 -25.08 2.46
CA GLY A 680 32.28 -23.69 2.74
C GLY A 680 33.58 -23.53 3.51
N VAL A 681 33.70 -24.28 4.60
CA VAL A 681 34.89 -24.26 5.42
C VAL A 681 36.10 -24.76 4.63
N ALA A 682 35.86 -25.75 3.78
CA ALA A 682 36.91 -26.31 2.92
C ALA A 682 37.38 -25.26 1.92
N ARG A 683 36.43 -24.51 1.35
CA ARG A 683 36.76 -23.45 0.40
C ARG A 683 37.53 -22.33 1.08
N VAL A 684 37.19 -22.07 2.34
CA VAL A 684 37.91 -21.09 3.14
C VAL A 684 39.31 -21.61 3.45
N ARG A 685 39.38 -22.89 3.82
CA ARG A 685 40.65 -23.54 4.14
C ARG A 685 41.54 -23.69 2.90
N LYS A 686 40.91 -23.82 1.74
CA LYS A 686 41.65 -23.99 0.49
C LYS A 686 41.63 -22.73 -0.36
N SER A 687 41.99 -21.60 0.23
CA SER A 687 42.04 -20.32 -0.50
C SER A 687 43.07 -19.35 0.08
N LYS A 688 43.66 -19.73 1.21
CA LYS A 688 44.73 -18.96 1.83
C LYS A 688 44.35 -17.52 2.19
N GLY A 689 43.10 -17.34 2.63
CA GLY A 689 42.66 -16.04 3.07
C GLY A 689 42.01 -15.21 1.96
N LYS A 690 41.75 -15.86 0.83
CA LYS A 690 41.13 -15.18 -0.30
C LYS A 690 39.63 -15.42 -0.30
N TYR A 691 39.14 -16.27 0.60
CA TYR A 691 37.73 -16.60 0.66
C TYR A 691 37.15 -16.57 2.08
N ALA A 692 35.92 -16.09 2.20
CA ALA A 692 35.22 -16.05 3.48
C ALA A 692 33.84 -16.68 3.35
N TYR A 693 33.34 -17.25 4.45
CA TYR A 693 32.03 -17.89 4.44
C TYR A 693 31.14 -17.38 5.56
N LEU A 694 29.91 -17.02 5.22
CA LEU A 694 28.95 -16.51 6.19
C LEU A 694 28.00 -17.60 6.64
N LEU A 695 27.81 -17.72 7.95
CA LEU A 695 26.96 -18.76 8.51
C LEU A 695 26.48 -18.42 9.91
N GLU A 696 25.70 -19.32 10.49
CA GLU A 696 25.26 -19.19 11.88
C GLU A 696 26.47 -19.10 12.79
N SER A 697 26.48 -18.09 13.66
CA SER A 697 27.61 -17.85 14.56
C SER A 697 27.86 -19.03 15.49
N THR A 698 26.84 -19.85 15.70
CA THR A 698 26.96 -21.04 16.54
C THR A 698 28.00 -22.02 16.00
N MET A 699 27.79 -22.46 14.75
CA MET A 699 28.66 -23.44 14.13
C MET A 699 30.07 -22.88 13.91
N ASN A 700 30.13 -21.61 13.53
CA ASN A 700 31.42 -20.95 13.26
C ASN A 700 32.33 -20.96 14.47
N GLU A 701 31.77 -20.69 15.64
CA GLU A 701 32.52 -20.72 16.89
C GLU A 701 33.07 -22.11 17.17
N TYR A 702 32.24 -23.13 16.91
CA TYR A 702 32.62 -24.51 17.20
C TYR A 702 33.65 -25.06 16.22
N ILE A 703 33.66 -24.53 15.00
CA ILE A 703 34.61 -24.97 13.99
C ILE A 703 36.02 -24.47 14.29
N GLU A 704 36.10 -23.26 14.84
CA GLU A 704 37.38 -22.64 15.19
C GLU A 704 38.17 -23.48 16.20
N GLN A 705 37.46 -24.34 16.94
CA GLN A 705 38.09 -25.13 17.98
C GLN A 705 38.33 -26.58 17.58
N ARG A 706 38.41 -26.84 16.28
CA ARG A 706 38.69 -28.19 15.79
C ARG A 706 39.96 -28.20 14.94
N LYS A 707 40.69 -29.30 14.99
CA LYS A 707 41.91 -29.46 14.20
C LYS A 707 41.61 -29.30 12.70
N PRO A 708 42.54 -28.71 11.94
CA PRO A 708 43.85 -28.23 12.37
C PRO A 708 43.86 -26.79 12.86
N CYS A 709 42.69 -26.26 13.20
CA CYS A 709 42.56 -24.91 13.77
C CYS A 709 43.13 -23.82 12.88
N ASP A 710 42.45 -23.56 11.76
CA ASP A 710 42.91 -22.56 10.80
C ASP A 710 41.78 -21.65 10.34
N THR A 711 40.67 -21.67 11.08
CA THR A 711 39.53 -20.81 10.78
C THR A 711 39.27 -19.88 11.95
N MET A 712 38.54 -18.79 11.68
CA MET A 712 38.20 -17.83 12.73
C MET A 712 37.00 -16.97 12.36
N LYS A 713 36.11 -16.76 13.33
CA LYS A 713 34.98 -15.87 13.14
C LYS A 713 35.40 -14.44 13.44
N VAL A 714 35.21 -13.55 12.47
CA VAL A 714 35.65 -12.17 12.63
C VAL A 714 34.50 -11.20 12.90
N GLY A 715 34.73 -10.28 13.83
CA GLY A 715 33.75 -9.25 14.15
C GLY A 715 32.51 -9.76 14.85
N GLY A 716 31.41 -9.05 14.66
CA GLY A 716 30.17 -9.38 15.31
C GLY A 716 29.14 -10.01 14.39
N ASN A 717 27.99 -10.35 14.96
CA ASN A 717 26.91 -10.98 14.21
C ASN A 717 26.22 -10.02 13.25
N LEU A 718 25.25 -10.54 12.50
CA LEU A 718 24.52 -9.72 11.54
C LEU A 718 23.08 -9.46 11.98
N ASP A 719 22.37 -10.52 12.34
CA ASP A 719 20.99 -10.37 12.82
C ASP A 719 20.82 -10.98 14.21
N SER A 720 19.66 -10.75 14.82
CA SER A 720 19.40 -11.23 16.17
C SER A 720 18.34 -12.32 16.21
N LYS A 721 18.79 -13.57 16.21
CA LYS A 721 17.88 -14.72 16.32
C LYS A 721 18.20 -15.54 17.56
N GLY A 722 17.40 -16.57 17.81
CA GLY A 722 17.58 -17.39 19.00
C GLY A 722 17.05 -18.81 18.91
N TYR A 723 17.69 -19.72 19.65
CA TYR A 723 17.24 -21.09 19.76
C TYR A 723 16.41 -21.25 21.03
N GLY A 724 15.39 -22.09 21.00
CA GLY A 724 14.56 -22.32 22.16
C GLY A 724 13.95 -23.72 22.22
N ILE A 725 13.48 -24.10 23.41
CA ILE A 725 12.75 -25.35 23.55
C ILE A 725 11.37 -25.18 22.93
N ALA A 726 10.92 -26.20 22.21
CA ALA A 726 9.63 -26.11 21.53
C ALA A 726 8.60 -27.07 22.11
N THR A 727 7.43 -26.53 22.45
CA THR A 727 6.33 -27.33 22.96
C THR A 727 5.05 -27.00 22.18
N PRO A 728 4.21 -28.03 21.93
CA PRO A 728 2.95 -27.83 21.20
C PRO A 728 2.06 -26.79 21.85
N LYS A 729 1.26 -26.10 21.05
CA LYS A 729 0.37 -25.05 21.55
C LYS A 729 -0.62 -25.60 22.56
N GLY A 730 -0.84 -24.85 23.64
CA GLY A 730 -1.76 -25.24 24.69
C GLY A 730 -1.35 -26.55 25.34
N SER A 731 -0.09 -26.63 25.77
CA SER A 731 0.43 -27.84 26.40
C SER A 731 0.62 -27.68 27.90
N SER A 732 0.93 -28.79 28.56
CA SER A 732 1.15 -28.78 30.01
C SER A 732 2.53 -28.25 30.35
N LEU A 733 3.56 -28.80 29.72
CA LEU A 733 4.94 -28.43 30.00
C LEU A 733 5.32 -27.04 29.47
N GLY A 734 4.40 -26.42 28.74
CA GLY A 734 4.64 -25.12 28.12
C GLY A 734 5.26 -24.09 29.04
N THR A 735 4.44 -23.56 29.96
CA THR A 735 4.94 -22.61 30.95
C THR A 735 6.05 -23.15 31.87
N PRO A 736 5.92 -24.40 32.36
CA PRO A 736 7.01 -24.94 33.19
C PRO A 736 8.38 -24.95 32.53
N VAL A 737 8.50 -25.55 31.35
CA VAL A 737 9.77 -25.63 30.65
C VAL A 737 10.30 -24.23 30.31
N ASN A 738 9.38 -23.32 29.98
CA ASN A 738 9.75 -21.93 29.72
C ASN A 738 10.45 -21.28 30.90
N LEU A 739 9.85 -21.38 32.07
CA LEU A 739 10.45 -20.87 33.30
C LEU A 739 11.74 -21.62 33.60
N ALA A 740 11.74 -22.92 33.33
CA ALA A 740 12.88 -23.77 33.60
C ALA A 740 14.11 -23.31 32.83
N VAL A 741 13.91 -22.90 31.59
CA VAL A 741 15.00 -22.40 30.74
C VAL A 741 15.62 -21.14 31.35
N LEU A 742 14.78 -20.24 31.83
CA LEU A 742 15.24 -18.99 32.42
C LEU A 742 16.05 -19.22 33.70
N LYS A 743 15.62 -20.19 34.50
CA LYS A 743 16.31 -20.52 35.74
C LYS A 743 17.73 -20.99 35.43
N LEU A 744 17.87 -21.77 34.37
CA LEU A 744 19.17 -22.31 33.97
C LEU A 744 20.05 -21.24 33.33
N SER A 745 19.43 -20.18 32.81
CA SER A 745 20.19 -19.09 32.23
C SER A 745 20.75 -18.20 33.34
N GLU A 746 19.96 -18.03 34.40
CA GLU A 746 20.35 -17.18 35.51
C GLU A 746 21.18 -17.93 36.55
N GLN A 747 21.20 -19.25 36.45
CA GLN A 747 22.11 -20.04 37.26
C GLN A 747 23.46 -20.11 36.58
N GLY A 748 23.51 -19.62 35.34
CA GLY A 748 24.72 -19.61 34.56
C GLY A 748 24.99 -20.94 33.88
N VAL A 749 24.37 -22.00 34.39
CA VAL A 749 24.64 -23.35 33.92
C VAL A 749 24.40 -23.53 32.42
N LEU A 750 23.65 -22.64 31.81
CA LEU A 750 23.49 -22.62 30.37
C LEU A 750 24.78 -22.14 29.68
N ASP A 751 25.37 -21.09 30.23
CA ASP A 751 26.69 -20.64 29.79
C ASP A 751 27.70 -21.74 30.07
N LYS A 752 27.57 -22.34 31.25
CA LYS A 752 28.46 -23.43 31.68
C LYS A 752 28.39 -24.61 30.73
N LEU A 753 27.17 -24.99 30.35
CA LEU A 753 26.96 -26.09 29.41
C LEU A 753 27.54 -25.75 28.04
N LYS A 754 27.50 -24.46 27.67
CA LYS A 754 28.09 -24.02 26.42
C LYS A 754 29.61 -24.12 26.49
N ASN A 755 30.17 -23.65 27.59
CA ASN A 755 31.61 -23.72 27.82
C ASN A 755 32.11 -25.16 27.78
N LYS A 756 31.29 -26.08 28.26
CA LYS A 756 31.66 -27.48 28.34
C LYS A 756 31.82 -28.15 26.97
N TRP A 757 30.96 -27.80 26.02
CA TRP A 757 30.94 -28.47 24.73
C TRP A 757 31.51 -27.64 23.58
N TRP A 758 31.90 -26.41 23.86
CA TRP A 758 32.48 -25.54 22.84
C TRP A 758 33.97 -25.29 23.11
N TYR A 759 34.29 -24.80 24.31
CA TYR A 759 35.67 -24.49 24.66
C TYR A 759 36.34 -25.62 25.42
N ASP A 760 35.69 -26.11 26.46
CA ASP A 760 36.28 -27.10 27.35
C ASP A 760 36.48 -28.48 26.72
N LYS A 761 35.66 -28.80 25.72
CA LYS A 761 35.77 -30.09 25.03
C LYS A 761 36.47 -29.92 23.69
N GLY A 762 36.87 -28.67 23.40
CA GLY A 762 37.50 -28.36 22.13
C GLY A 762 38.94 -28.85 22.03
N GLU A 763 39.51 -28.72 20.83
CA GLU A 763 40.86 -29.19 20.57
C GLU A 763 41.84 -28.03 20.35
N CYS A 764 41.52 -26.87 20.92
CA CYS A 764 42.39 -25.69 20.78
C CYS A 764 42.42 -24.88 22.07
N SER A 776 53.38 -6.51 15.23
CA SER A 776 53.70 -6.20 13.84
C SER A 776 54.60 -4.96 13.74
N ALA A 777 55.60 -4.89 14.61
CA ALA A 777 56.54 -3.78 14.62
C ALA A 777 57.47 -3.83 13.41
N LEU A 778 58.69 -4.30 13.62
CA LEU A 778 59.62 -4.50 12.51
C LEU A 778 59.90 -5.99 12.33
N SER A 779 60.85 -6.31 11.46
CA SER A 779 61.22 -7.70 11.23
C SER A 779 62.73 -7.86 11.34
N LEU A 780 63.18 -9.11 11.20
CA LEU A 780 64.61 -9.41 11.26
C LEU A 780 65.03 -10.00 9.92
N SER A 781 64.05 -10.49 9.17
CA SER A 781 64.28 -11.16 7.89
C SER A 781 65.03 -10.28 6.90
N ASN A 782 64.79 -8.98 6.94
CA ASN A 782 65.46 -8.05 6.06
C ASN A 782 66.88 -7.73 6.55
N VAL A 783 67.01 -7.54 7.86
CA VAL A 783 68.28 -7.14 8.46
C VAL A 783 69.33 -8.25 8.39
N ALA A 784 68.89 -9.50 8.41
CA ALA A 784 69.79 -10.65 8.41
C ALA A 784 70.73 -10.65 7.19
N GLY A 785 70.16 -10.46 6.01
CA GLY A 785 70.92 -10.47 4.77
C GLY A 785 72.08 -9.48 4.74
N VAL A 786 72.04 -8.50 5.64
CA VAL A 786 73.11 -7.53 5.75
C VAL A 786 74.11 -7.97 6.84
N PHE A 787 73.66 -8.80 7.76
CA PHE A 787 74.53 -9.38 8.77
C PHE A 787 75.51 -10.37 8.13
N TYR A 788 75.03 -11.09 7.12
CA TYR A 788 75.83 -12.10 6.44
C TYR A 788 76.97 -11.49 5.64
N ILE A 789 76.68 -10.39 4.95
CA ILE A 789 77.69 -9.70 4.16
C ILE A 789 78.71 -9.04 5.09
N LEU A 790 78.33 -8.86 6.35
CA LEU A 790 79.22 -8.33 7.37
C LEU A 790 80.24 -9.37 7.81
N VAL A 791 79.75 -10.54 8.21
CA VAL A 791 80.60 -11.63 8.64
C VAL A 791 81.40 -12.20 7.46
N GLY A 792 80.90 -11.95 6.25
CA GLY A 792 81.60 -12.35 5.05
C GLY A 792 82.79 -11.44 4.78
N GLY A 793 82.62 -10.15 5.07
CA GLY A 793 83.68 -9.19 4.92
C GLY A 793 84.78 -9.43 5.94
N LEU A 794 84.38 -9.82 7.14
CA LEU A 794 85.32 -10.20 8.19
C LEU A 794 86.06 -11.46 7.77
N GLY A 795 85.32 -12.40 7.18
CA GLY A 795 85.88 -13.67 6.73
C GLY A 795 86.83 -13.51 5.56
N LEU A 796 86.54 -12.56 4.69
CA LEU A 796 87.43 -12.25 3.56
C LEU A 796 88.65 -11.51 4.09
N ALA A 797 88.49 -10.82 5.22
CA ALA A 797 89.59 -10.11 5.86
C ALA A 797 90.53 -11.08 6.55
N MET A 798 89.99 -12.21 7.00
CA MET A 798 90.80 -13.25 7.65
C MET A 798 91.66 -13.97 6.61
N LEU A 799 91.25 -13.89 5.35
CA LEU A 799 91.96 -14.54 4.27
C LEU A 799 93.12 -13.70 3.76
N VAL A 800 92.89 -12.40 3.62
CA VAL A 800 93.90 -11.48 3.12
C VAL A 800 94.93 -11.15 4.22
N ALA A 801 94.51 -11.28 5.47
CA ALA A 801 95.41 -11.04 6.60
C ALA A 801 96.48 -12.12 6.65
N LEU A 802 96.06 -13.38 6.55
CA LEU A 802 96.97 -14.52 6.65
C LEU A 802 98.01 -14.54 5.53
N ILE A 803 97.60 -14.20 4.32
CA ILE A 803 98.50 -14.27 3.17
C ILE A 803 99.63 -13.24 3.23
N GLU A 804 99.32 -12.05 3.75
CA GLU A 804 100.30 -10.97 3.83
C GLU A 804 101.42 -11.30 4.82
N PHE A 805 101.07 -12.01 5.89
CA PHE A 805 102.07 -12.46 6.86
C PHE A 805 103.01 -13.47 6.24
N CYS A 806 102.47 -14.30 5.35
CA CYS A 806 103.25 -15.35 4.69
C CYS A 806 104.33 -14.79 3.77
N TYR A 807 103.98 -13.75 3.01
CA TYR A 807 104.92 -13.13 2.08
C TYR A 807 106.09 -12.48 2.82
N LYS A 808 105.80 -11.96 4.01
CA LYS A 808 106.83 -11.31 4.83
C LYS A 808 107.68 -12.34 5.55
N ASN B 1 -60.87 -50.01 -25.11
CA ASN B 1 -59.78 -50.17 -24.14
C ASN B 1 -59.77 -49.05 -23.10
N SER B 2 -60.28 -49.36 -21.92
CA SER B 2 -60.34 -48.38 -20.84
C SER B 2 -59.32 -48.73 -19.74
N ILE B 3 -58.28 -47.91 -19.63
CA ILE B 3 -57.20 -48.16 -18.68
C ILE B 3 -57.30 -47.28 -17.45
N GLN B 4 -57.33 -47.90 -16.28
CA GLN B 4 -57.44 -47.16 -15.02
C GLN B 4 -56.08 -46.90 -14.37
N ILE B 5 -55.77 -45.61 -14.20
CA ILE B 5 -54.51 -45.20 -13.57
C ILE B 5 -54.78 -44.33 -12.34
N GLY B 6 -53.92 -44.45 -11.34
CA GLY B 6 -54.09 -43.71 -10.10
C GLY B 6 -53.23 -42.46 -10.04
N GLY B 7 -53.82 -41.36 -9.58
CA GLY B 7 -53.12 -40.10 -9.50
C GLY B 7 -52.89 -39.63 -8.07
N LEU B 8 -51.64 -39.30 -7.75
CA LEU B 8 -51.30 -38.78 -6.43
C LEU B 8 -50.73 -37.37 -6.53
N PHE B 9 -51.60 -36.38 -6.45
CA PHE B 9 -51.20 -34.98 -6.56
C PHE B 9 -51.29 -34.27 -5.21
N PRO B 10 -50.19 -33.65 -4.77
CA PRO B 10 -50.19 -32.87 -3.52
C PRO B 10 -51.12 -31.67 -3.61
N ARG B 11 -51.46 -31.11 -2.46
CA ARG B 11 -52.38 -29.99 -2.37
C ARG B 11 -51.92 -28.79 -3.19
N GLY B 12 -52.72 -28.42 -4.18
CA GLY B 12 -52.51 -27.20 -4.94
C GLY B 12 -51.28 -27.18 -5.84
N ALA B 13 -50.99 -28.29 -6.50
CA ALA B 13 -49.98 -28.32 -7.54
C ALA B 13 -50.64 -27.99 -8.86
N ASP B 14 -51.33 -26.85 -8.89
CA ASP B 14 -52.27 -26.51 -9.96
C ASP B 14 -51.70 -26.53 -11.38
N GLN B 15 -50.45 -26.08 -11.55
CA GLN B 15 -49.86 -26.06 -12.88
C GLN B 15 -49.51 -27.47 -13.36
N GLU B 16 -49.05 -28.31 -12.43
CA GLU B 16 -48.73 -29.70 -12.75
C GLU B 16 -49.98 -30.46 -13.18
N TYR B 17 -51.04 -30.37 -12.37
CA TYR B 17 -52.28 -31.06 -12.66
C TYR B 17 -52.95 -30.51 -13.91
N SER B 18 -52.72 -29.24 -14.20
CA SER B 18 -53.23 -28.63 -15.42
C SER B 18 -52.52 -29.23 -16.62
N ALA B 19 -51.20 -29.28 -16.54
CA ALA B 19 -50.38 -29.88 -17.58
C ALA B 19 -50.67 -31.37 -17.71
N PHE B 20 -51.12 -31.97 -16.61
CA PHE B 20 -51.49 -33.37 -16.59
C PHE B 20 -52.64 -33.64 -17.55
N ARG B 21 -53.55 -32.68 -17.67
CA ARG B 21 -54.73 -32.85 -18.51
C ARG B 21 -54.47 -32.49 -19.98
N VAL B 22 -53.62 -31.50 -20.21
CA VAL B 22 -53.30 -31.09 -21.58
C VAL B 22 -52.39 -32.13 -22.23
N GLY B 23 -51.84 -33.02 -21.42
CA GLY B 23 -51.11 -34.17 -21.94
C GLY B 23 -52.06 -35.30 -22.27
N MET B 24 -53.15 -35.38 -21.51
CA MET B 24 -54.17 -36.40 -21.73
C MET B 24 -54.76 -36.27 -23.11
N VAL B 25 -54.95 -35.04 -23.56
CA VAL B 25 -55.58 -34.77 -24.85
C VAL B 25 -54.54 -34.70 -25.97
N GLN B 26 -53.30 -34.38 -25.61
CA GLN B 26 -52.22 -34.36 -26.59
C GLN B 26 -51.86 -35.78 -27.04
N PHE B 27 -51.82 -36.70 -26.09
CA PHE B 27 -51.45 -38.08 -26.40
C PHE B 27 -52.65 -39.01 -26.35
N SER B 28 -53.85 -38.41 -26.42
CA SER B 28 -55.09 -39.17 -26.53
C SER B 28 -55.09 -39.97 -27.82
N THR B 29 -55.67 -41.17 -27.76
CA THR B 29 -55.70 -42.05 -28.93
C THR B 29 -57.07 -42.71 -29.11
N SER B 30 -57.25 -43.38 -30.24
CA SER B 30 -58.47 -44.12 -30.53
C SER B 30 -58.28 -45.60 -30.27
N GLU B 31 -57.02 -46.00 -30.12
CA GLU B 31 -56.69 -47.36 -29.68
C GLU B 31 -57.25 -47.54 -28.28
N PHE B 32 -56.71 -46.76 -27.35
CA PHE B 32 -57.16 -46.79 -25.96
C PHE B 32 -57.33 -45.38 -25.42
N ARG B 33 -57.63 -45.29 -24.13
CA ARG B 33 -57.83 -44.01 -23.46
C ARG B 33 -57.60 -44.15 -21.97
N LEU B 34 -56.68 -43.35 -21.44
CA LEU B 34 -56.33 -43.41 -20.02
C LEU B 34 -57.45 -42.85 -19.15
N THR B 35 -57.96 -43.68 -18.25
CA THR B 35 -58.99 -43.25 -17.31
C THR B 35 -58.38 -43.07 -15.93
N PRO B 36 -58.08 -41.81 -15.57
CA PRO B 36 -57.35 -41.48 -14.35
C PRO B 36 -58.26 -41.26 -13.13
N HIS B 37 -58.08 -42.08 -12.10
CA HIS B 37 -58.74 -41.83 -10.82
C HIS B 37 -57.78 -41.05 -9.93
N ILE B 38 -58.11 -39.79 -9.70
CA ILE B 38 -57.20 -38.86 -9.04
C ILE B 38 -57.48 -38.71 -7.54
N ASP B 39 -56.41 -38.75 -6.75
CA ASP B 39 -56.52 -38.51 -5.30
C ASP B 39 -55.74 -37.26 -4.88
N ASN B 40 -56.46 -36.28 -4.36
CA ASN B 40 -55.82 -35.10 -3.76
C ASN B 40 -55.48 -35.34 -2.30
N LEU B 41 -54.19 -35.31 -1.98
CA LEU B 41 -53.73 -35.64 -0.64
C LEU B 41 -52.55 -34.77 -0.21
N GLU B 42 -52.38 -34.59 1.09
CA GLU B 42 -51.18 -33.96 1.61
C GLU B 42 -50.05 -34.97 1.52
N VAL B 43 -49.07 -34.68 0.66
CA VAL B 43 -48.00 -35.62 0.36
C VAL B 43 -47.17 -35.98 1.60
N ALA B 44 -47.00 -35.02 2.50
CA ALA B 44 -46.18 -35.20 3.70
C ALA B 44 -46.66 -36.34 4.58
N ASN B 45 -47.97 -36.41 4.81
CA ASN B 45 -48.55 -37.43 5.69
C ASN B 45 -48.45 -38.83 5.10
N SER B 46 -47.69 -39.70 5.76
CA SER B 46 -47.49 -41.06 5.27
C SER B 46 -48.77 -41.90 5.40
N PHE B 47 -49.62 -41.55 6.36
CA PHE B 47 -50.90 -42.23 6.55
C PHE B 47 -51.81 -41.93 5.37
N ALA B 48 -51.86 -40.66 4.98
CA ALA B 48 -52.73 -40.21 3.90
C ALA B 48 -52.42 -40.92 2.59
N VAL B 49 -51.15 -41.02 2.27
CA VAL B 49 -50.70 -41.68 1.05
C VAL B 49 -51.03 -43.17 1.11
N THR B 50 -50.81 -43.77 2.27
CA THR B 50 -51.04 -45.20 2.46
C THR B 50 -52.49 -45.59 2.17
N ASN B 51 -53.42 -44.79 2.69
CA ASN B 51 -54.85 -45.06 2.48
C ASN B 51 -55.29 -44.72 1.06
N ALA B 52 -54.60 -43.77 0.44
CA ALA B 52 -54.88 -43.42 -0.95
C ALA B 52 -54.33 -44.50 -1.87
N PHE B 53 -53.23 -45.12 -1.45
CA PHE B 53 -52.66 -46.24 -2.17
C PHE B 53 -53.61 -47.43 -2.10
N CYS B 54 -54.14 -47.67 -0.91
CA CYS B 54 -55.10 -48.75 -0.68
C CYS B 54 -56.44 -48.48 -1.35
N SER B 55 -56.74 -47.20 -1.55
CA SER B 55 -57.94 -46.84 -2.31
C SER B 55 -57.73 -47.20 -3.77
N GLN B 56 -56.62 -46.69 -4.33
CA GLN B 56 -56.28 -46.95 -5.72
C GLN B 56 -56.11 -48.44 -6.02
N PHE B 57 -55.38 -49.13 -5.14
CA PHE B 57 -55.04 -50.53 -5.35
C PHE B 57 -56.25 -51.47 -5.40
N SER B 58 -57.11 -51.37 -4.39
CA SER B 58 -58.31 -52.22 -4.31
C SER B 58 -59.30 -51.90 -5.42
N ARG B 59 -59.17 -50.70 -5.99
CA ARG B 59 -60.00 -50.30 -7.12
C ARG B 59 -59.51 -50.95 -8.41
N GLY B 60 -58.31 -51.52 -8.35
CA GLY B 60 -57.69 -52.10 -9.52
C GLY B 60 -57.03 -51.04 -10.37
N VAL B 61 -55.71 -50.95 -10.29
CA VAL B 61 -54.96 -49.95 -11.03
C VAL B 61 -53.77 -50.56 -11.76
N TYR B 62 -53.51 -50.08 -12.96
CA TYR B 62 -52.39 -50.58 -13.77
C TYR B 62 -51.10 -49.80 -13.50
N ALA B 63 -51.23 -48.51 -13.19
CA ALA B 63 -50.08 -47.68 -12.90
C ALA B 63 -50.46 -46.43 -12.09
N ILE B 64 -49.50 -45.91 -11.34
CA ILE B 64 -49.72 -44.71 -10.54
C ILE B 64 -48.70 -43.60 -10.82
N PHE B 65 -49.20 -42.42 -11.14
CA PHE B 65 -48.35 -41.23 -11.27
C PHE B 65 -48.57 -40.34 -10.06
N GLY B 66 -47.49 -40.01 -9.35
CA GLY B 66 -47.61 -39.21 -8.16
C GLY B 66 -46.40 -38.37 -7.77
N PHE B 67 -46.53 -37.67 -6.65
CA PHE B 67 -45.44 -36.89 -6.10
C PHE B 67 -45.21 -37.36 -4.67
N TYR B 68 -43.95 -37.51 -4.28
CA TYR B 68 -43.63 -37.85 -2.90
C TYR B 68 -42.74 -36.81 -2.23
N ASP B 69 -42.56 -36.96 -0.92
CA ASP B 69 -41.70 -36.09 -0.14
C ASP B 69 -40.68 -36.96 0.58
N LYS B 70 -39.63 -36.36 1.13
CA LYS B 70 -38.62 -37.11 1.86
C LYS B 70 -39.20 -37.78 3.10
N LYS B 71 -40.39 -37.37 3.50
CA LYS B 71 -41.11 -38.01 4.60
C LYS B 71 -41.95 -39.18 4.10
N SER B 72 -42.47 -39.06 2.88
CA SER B 72 -43.38 -40.06 2.34
C SER B 72 -42.71 -41.09 1.43
N VAL B 73 -41.58 -40.71 0.83
CA VAL B 73 -40.91 -41.53 -0.18
C VAL B 73 -40.62 -42.96 0.29
N ASN B 74 -40.37 -43.12 1.59
CA ASN B 74 -40.11 -44.45 2.13
C ASN B 74 -41.39 -45.17 2.55
N THR B 75 -42.53 -44.64 2.10
CA THR B 75 -43.80 -45.35 2.21
C THR B 75 -44.21 -45.80 0.82
N ILE B 76 -43.94 -44.95 -0.17
CA ILE B 76 -44.22 -45.27 -1.57
C ILE B 76 -43.28 -46.36 -2.09
N THR B 77 -41.99 -46.19 -1.83
CA THR B 77 -40.99 -47.14 -2.34
C THR B 77 -41.07 -48.49 -1.64
N SER B 78 -41.73 -48.51 -0.49
CA SER B 78 -41.88 -49.76 0.27
C SER B 78 -43.10 -50.55 -0.21
N PHE B 79 -44.13 -49.83 -0.64
CA PHE B 79 -45.36 -50.45 -1.14
C PHE B 79 -45.30 -50.73 -2.64
N CYS B 80 -44.23 -50.27 -3.28
CA CYS B 80 -44.03 -50.49 -4.71
C CYS B 80 -42.95 -51.53 -4.97
N GLY B 81 -42.34 -52.03 -3.90
CA GLY B 81 -41.41 -53.12 -3.99
C GLY B 81 -42.11 -54.40 -3.60
N THR B 82 -43.33 -54.26 -3.09
CA THR B 82 -44.14 -55.39 -2.67
C THR B 82 -45.22 -55.70 -3.70
N LEU B 83 -46.19 -54.79 -3.81
CA LEU B 83 -47.35 -55.00 -4.68
C LEU B 83 -47.07 -54.67 -6.15
N HIS B 84 -45.79 -54.63 -6.49
CA HIS B 84 -45.31 -54.48 -7.88
C HIS B 84 -46.05 -53.44 -8.74
N VAL B 85 -46.55 -52.38 -8.11
CA VAL B 85 -47.23 -51.31 -8.82
C VAL B 85 -46.23 -50.26 -9.30
N SER B 86 -46.29 -49.95 -10.59
CA SER B 86 -45.37 -48.97 -11.19
C SER B 86 -45.67 -47.54 -10.74
N PHE B 87 -44.62 -46.80 -10.40
CA PHE B 87 -44.78 -45.42 -9.93
C PHE B 87 -44.02 -44.43 -10.82
N ILE B 88 -44.74 -43.44 -11.34
CA ILE B 88 -44.12 -42.39 -12.14
C ILE B 88 -44.16 -41.09 -11.35
N THR B 89 -43.01 -40.43 -11.24
CA THR B 89 -42.92 -39.20 -10.46
C THR B 89 -41.99 -38.16 -11.07
N PRO B 90 -42.36 -36.88 -10.94
CA PRO B 90 -41.49 -35.76 -11.29
C PRO B 90 -40.79 -35.22 -10.05
N SER B 91 -40.84 -35.98 -8.96
CA SER B 91 -40.17 -35.59 -7.71
C SER B 91 -38.69 -35.92 -7.77
N PHE B 92 -37.98 -35.65 -6.69
CA PHE B 92 -36.53 -35.89 -6.63
C PHE B 92 -36.20 -37.36 -6.80
N PRO B 93 -35.06 -37.66 -7.45
CA PRO B 93 -34.61 -39.04 -7.66
C PRO B 93 -34.41 -39.75 -6.32
N THR B 94 -34.67 -41.05 -6.29
CA THR B 94 -34.65 -41.82 -5.05
C THR B 94 -33.24 -42.01 -4.50
N ASP B 95 -33.12 -42.04 -3.17
CA ASP B 95 -31.84 -42.28 -2.53
C ASP B 95 -31.46 -43.74 -2.63
N GLY B 96 -30.90 -44.13 -3.77
CA GLY B 96 -30.48 -45.50 -3.97
C GLY B 96 -30.96 -46.09 -5.30
N THR B 97 -31.47 -47.32 -5.24
CA THR B 97 -31.91 -48.02 -6.43
C THR B 97 -33.23 -48.74 -6.20
N HIS B 98 -34.31 -47.98 -6.11
CA HIS B 98 -35.63 -48.55 -5.87
C HIS B 98 -36.31 -49.00 -7.17
N PRO B 99 -36.97 -50.17 -7.12
CA PRO B 99 -37.64 -50.75 -8.30
C PRO B 99 -39.04 -50.19 -8.50
N PHE B 100 -39.59 -50.37 -9.70
CA PHE B 100 -40.93 -49.93 -10.04
C PHE B 100 -41.12 -48.42 -9.80
N VAL B 101 -40.06 -47.67 -10.05
CA VAL B 101 -40.14 -46.22 -9.96
C VAL B 101 -39.65 -45.60 -11.26
N ILE B 102 -40.37 -44.59 -11.74
CA ILE B 102 -39.98 -43.87 -12.93
C ILE B 102 -39.77 -42.41 -12.58
N GLN B 103 -38.55 -42.08 -12.16
CA GLN B 103 -38.21 -40.71 -11.80
C GLN B 103 -38.02 -39.87 -13.05
N MET B 104 -39.01 -39.07 -13.37
CA MET B 104 -38.96 -38.20 -14.55
C MET B 104 -37.89 -37.13 -14.38
N ARG B 105 -37.50 -36.87 -13.14
CA ARG B 105 -36.50 -35.86 -12.85
C ARG B 105 -35.08 -36.40 -13.00
N PRO B 106 -34.29 -35.77 -13.87
CA PRO B 106 -32.88 -36.12 -14.06
C PRO B 106 -32.08 -35.83 -12.81
N ASP B 107 -31.18 -36.73 -12.43
CA ASP B 107 -30.32 -36.50 -11.28
C ASP B 107 -29.49 -35.24 -11.50
N LEU B 108 -29.57 -34.31 -10.55
CA LEU B 108 -28.90 -33.02 -10.69
C LEU B 108 -27.52 -33.04 -10.03
N LYS B 109 -27.28 -34.06 -9.22
CA LYS B 109 -26.00 -34.26 -8.54
C LYS B 109 -24.82 -34.18 -9.50
N GLY B 110 -24.96 -34.81 -10.67
CA GLY B 110 -23.90 -34.84 -11.64
C GLY B 110 -23.55 -33.49 -12.23
N ALA B 111 -24.58 -32.67 -12.47
CA ALA B 111 -24.39 -31.38 -13.13
C ALA B 111 -23.75 -30.32 -12.24
N LEU B 112 -24.28 -30.18 -11.02
CA LEU B 112 -23.80 -29.17 -10.08
C LEU B 112 -22.32 -29.32 -9.75
N LEU B 113 -21.89 -30.55 -9.52
CA LEU B 113 -20.51 -30.81 -9.13
C LEU B 113 -19.53 -30.48 -10.24
N SER B 114 -19.97 -30.63 -11.49
CA SER B 114 -19.12 -30.33 -12.63
C SER B 114 -19.15 -28.83 -12.96
N LEU B 115 -20.11 -28.13 -12.36
CA LEU B 115 -20.22 -26.69 -12.57
C LEU B 115 -19.23 -25.92 -11.70
N ILE B 116 -19.09 -26.36 -10.45
CA ILE B 116 -18.20 -25.72 -9.50
C ILE B 116 -16.76 -25.72 -10.02
N GLU B 117 -16.35 -26.81 -10.66
CA GLU B 117 -15.00 -26.91 -11.21
C GLU B 117 -14.78 -25.93 -12.35
N TYR B 118 -15.86 -25.54 -13.03
CA TYR B 118 -15.75 -24.59 -14.14
C TYR B 118 -15.41 -23.18 -13.66
N TYR B 119 -16.16 -22.68 -12.69
CA TYR B 119 -15.89 -21.37 -12.11
C TYR B 119 -14.59 -21.41 -11.31
N GLN B 120 -14.04 -22.61 -11.15
CA GLN B 120 -12.81 -22.85 -10.39
C GLN B 120 -12.94 -22.40 -8.94
N TRP B 121 -14.12 -22.58 -8.37
CA TRP B 121 -14.35 -22.30 -6.96
C TRP B 121 -13.53 -23.25 -6.10
N ASP B 122 -13.29 -22.86 -4.86
CA ASP B 122 -12.54 -23.69 -3.92
C ASP B 122 -13.11 -23.56 -2.52
N LYS B 123 -13.70 -22.41 -2.24
CA LYS B 123 -14.30 -22.14 -0.94
C LYS B 123 -15.68 -21.52 -1.14
N PHE B 124 -16.72 -22.21 -0.69
CA PHE B 124 -18.08 -21.71 -0.80
C PHE B 124 -18.97 -22.17 0.36
N ALA B 125 -20.22 -21.72 0.33
CA ALA B 125 -21.20 -22.15 1.34
C ALA B 125 -22.37 -22.84 0.67
N TYR B 126 -23.00 -23.75 1.40
CA TYR B 126 -24.08 -24.57 0.85
C TYR B 126 -25.36 -24.35 1.64
N LEU B 127 -26.41 -23.90 0.95
CA LEU B 127 -27.72 -23.73 1.58
C LEU B 127 -28.70 -24.75 1.01
N TYR B 128 -29.41 -25.45 1.90
CA TYR B 128 -30.25 -26.56 1.50
C TYR B 128 -31.35 -26.85 2.50
N ASP B 129 -32.44 -27.44 2.00
CA ASP B 129 -33.41 -28.11 2.86
C ASP B 129 -33.54 -29.58 2.42
N SER B 130 -33.85 -30.44 3.37
CA SER B 130 -33.86 -31.88 3.12
C SER B 130 -35.02 -32.36 2.24
N ASP B 131 -35.90 -31.43 1.87
CA ASP B 131 -37.13 -31.76 1.14
C ASP B 131 -36.88 -32.53 -0.17
N ARG B 132 -35.75 -32.29 -0.81
CA ARG B 132 -35.38 -33.06 -2.00
C ARG B 132 -34.18 -33.97 -1.72
N GLY B 133 -34.18 -34.57 -0.52
CA GLY B 133 -33.17 -35.54 -0.16
C GLY B 133 -31.85 -34.93 0.29
N LEU B 134 -31.17 -35.62 1.20
CA LEU B 134 -29.85 -35.20 1.62
C LEU B 134 -28.78 -35.79 0.70
N SER B 135 -29.23 -36.32 -0.43
CA SER B 135 -28.33 -36.92 -1.41
C SER B 135 -27.39 -35.90 -2.04
N THR B 136 -27.95 -34.77 -2.45
CA THR B 136 -27.18 -33.76 -3.17
C THR B 136 -26.13 -33.10 -2.26
N LEU B 137 -26.38 -33.12 -0.95
CA LEU B 137 -25.45 -32.54 0.01
C LEU B 137 -24.26 -33.46 0.28
N GLN B 138 -24.53 -34.75 0.42
CA GLN B 138 -23.48 -35.73 0.65
C GLN B 138 -22.60 -35.86 -0.59
N ALA B 139 -23.08 -35.33 -1.70
CA ALA B 139 -22.34 -35.30 -2.96
C ALA B 139 -21.23 -34.26 -2.91
N VAL B 140 -21.60 -33.03 -2.57
CA VAL B 140 -20.63 -31.95 -2.46
C VAL B 140 -19.74 -32.14 -1.24
N LEU B 141 -20.19 -32.97 -0.30
CA LEU B 141 -19.42 -33.29 0.89
C LEU B 141 -18.30 -34.27 0.57
N ASP B 142 -18.65 -35.34 -0.14
CA ASP B 142 -17.69 -36.36 -0.53
C ASP B 142 -16.66 -35.78 -1.51
N SER B 143 -17.13 -34.97 -2.45
CA SER B 143 -16.26 -34.37 -3.43
C SER B 143 -15.38 -33.27 -2.83
N ALA B 144 -15.81 -32.74 -1.69
CA ALA B 144 -15.05 -31.70 -1.01
C ALA B 144 -13.70 -32.24 -0.54
N ALA B 145 -13.71 -33.48 -0.05
CA ALA B 145 -12.51 -34.09 0.51
C ALA B 145 -11.52 -34.49 -0.57
N GLU B 146 -12.03 -34.90 -1.73
CA GLU B 146 -11.18 -35.47 -2.77
C GLU B 146 -10.19 -34.48 -3.36
N LYS B 147 -10.67 -33.28 -3.68
CA LYS B 147 -9.77 -32.23 -4.21
C LYS B 147 -9.72 -31.02 -3.28
N LYS B 148 -9.79 -31.30 -1.99
CA LYS B 148 -9.76 -30.30 -0.91
C LYS B 148 -10.43 -28.95 -1.19
N TRP B 149 -11.71 -28.87 -0.87
CA TRP B 149 -12.44 -27.60 -0.86
C TRP B 149 -12.72 -27.19 0.58
N GLN B 150 -13.36 -26.04 0.76
CA GLN B 150 -13.86 -25.64 2.08
C GLN B 150 -15.31 -25.20 1.97
N VAL B 151 -16.21 -26.01 2.53
CA VAL B 151 -17.64 -25.76 2.39
C VAL B 151 -18.32 -25.56 3.74
N THR B 152 -19.00 -24.42 3.87
CA THR B 152 -19.85 -24.17 5.03
C THR B 152 -21.26 -24.67 4.74
N ALA B 153 -21.56 -25.86 5.24
CA ALA B 153 -22.86 -26.48 5.00
C ALA B 153 -23.88 -26.09 6.07
N ILE B 154 -24.89 -25.33 5.66
CA ILE B 154 -25.89 -24.84 6.59
C ILE B 154 -27.29 -25.33 6.23
N ASN B 155 -27.94 -25.99 7.18
CA ASN B 155 -29.32 -26.42 7.02
C ASN B 155 -30.26 -25.22 7.14
N VAL B 156 -31.09 -25.01 6.12
CA VAL B 156 -31.93 -23.81 6.08
C VAL B 156 -33.42 -24.11 6.23
N GLY B 157 -33.77 -25.39 6.22
CA GLY B 157 -35.16 -25.80 6.21
C GLY B 157 -35.95 -25.56 7.47
N ASN B 158 -35.36 -25.92 8.62
CA ASN B 158 -36.12 -25.95 9.87
C ASN B 158 -36.42 -24.60 10.53
N ILE B 159 -36.74 -23.58 9.72
CA ILE B 159 -37.12 -22.28 10.28
C ILE B 159 -38.62 -22.04 10.10
N ASN B 160 -39.32 -21.84 11.21
CA ASN B 160 -40.74 -21.55 11.19
C ASN B 160 -41.03 -20.18 10.61
N ASN B 161 -42.26 -19.95 10.18
CA ASN B 161 -42.64 -18.68 9.56
C ASN B 161 -43.30 -17.70 10.54
N ASP B 162 -42.92 -17.79 11.81
CA ASP B 162 -43.42 -16.87 12.83
C ASP B 162 -42.29 -15.97 13.32
N LYS B 163 -41.08 -16.52 13.36
CA LYS B 163 -39.89 -15.78 13.75
C LYS B 163 -38.74 -16.12 12.82
N LYS B 164 -38.56 -15.32 11.77
CA LYS B 164 -37.56 -15.63 10.76
C LYS B 164 -36.71 -14.43 10.36
N ASP B 165 -37.01 -13.27 10.94
CA ASP B 165 -36.27 -12.05 10.63
C ASP B 165 -34.89 -12.08 11.28
N GLU B 166 -34.80 -12.68 12.45
CA GLU B 166 -33.56 -12.71 13.21
C GLU B 166 -32.81 -14.04 13.06
N THR B 167 -33.35 -14.93 12.23
CA THR B 167 -32.68 -16.20 11.94
C THR B 167 -31.99 -16.12 10.59
N TYR B 168 -32.12 -14.98 9.92
CA TYR B 168 -31.43 -14.74 8.66
C TYR B 168 -30.28 -13.76 8.83
N ARG B 169 -30.47 -12.76 9.67
CA ARG B 169 -29.37 -11.88 10.03
C ARG B 169 -28.35 -12.68 10.83
N SER B 170 -28.84 -13.55 11.69
CA SER B 170 -27.98 -14.47 12.45
C SER B 170 -27.26 -15.41 11.49
N LEU B 171 -27.98 -15.84 10.45
CA LEU B 171 -27.39 -16.70 9.43
C LEU B 171 -26.21 -16.02 8.76
N PHE B 172 -26.43 -14.80 8.27
CA PHE B 172 -25.40 -14.08 7.54
C PHE B 172 -24.45 -13.29 8.45
N GLN B 173 -24.39 -13.69 9.72
CA GLN B 173 -23.33 -13.23 10.60
C GLN B 173 -22.29 -14.34 10.68
N ASP B 174 -22.75 -15.57 10.44
CA ASP B 174 -21.86 -16.72 10.35
C ASP B 174 -21.25 -16.81 8.95
N LEU B 175 -21.85 -16.08 8.00
CA LEU B 175 -21.39 -16.11 6.62
C LEU B 175 -20.52 -14.89 6.28
N GLU B 176 -20.34 -14.01 7.25
CA GLU B 176 -19.37 -12.95 7.11
C GLU B 176 -18.15 -13.35 7.92
N LEU B 177 -18.30 -14.43 8.67
CA LEU B 177 -17.24 -14.94 9.54
C LEU B 177 -15.99 -15.39 8.77
N LYS B 178 -16.17 -15.72 7.50
CA LYS B 178 -15.04 -16.10 6.64
C LYS B 178 -15.09 -15.42 5.29
N LYS B 179 -15.76 -14.26 5.25
CA LYS B 179 -15.90 -13.47 4.02
C LYS B 179 -16.53 -14.30 2.90
N GLU B 180 -17.63 -14.99 3.22
CA GLU B 180 -18.28 -15.86 2.26
C GLU B 180 -18.92 -15.06 1.12
N ARG B 181 -18.44 -15.26 -0.10
CA ARG B 181 -18.94 -14.53 -1.24
C ARG B 181 -19.43 -15.47 -2.35
N ARG B 182 -19.46 -16.77 -2.04
CA ARG B 182 -19.91 -17.78 -2.99
C ARG B 182 -20.88 -18.75 -2.33
N VAL B 183 -22.16 -18.64 -2.68
CA VAL B 183 -23.22 -19.40 -2.01
C VAL B 183 -24.04 -20.26 -2.97
N ILE B 184 -24.26 -21.51 -2.59
CA ILE B 184 -25.10 -22.43 -3.36
C ILE B 184 -26.51 -22.50 -2.78
N LEU B 185 -27.51 -22.36 -3.64
CA LEU B 185 -28.90 -22.43 -3.22
C LEU B 185 -29.61 -23.69 -3.75
N ASP B 186 -29.51 -24.77 -2.98
CA ASP B 186 -30.12 -26.04 -3.33
C ASP B 186 -31.44 -26.18 -2.57
N CYS B 187 -32.49 -25.52 -3.06
CA CYS B 187 -33.73 -25.45 -2.31
C CYS B 187 -35.00 -25.51 -3.14
N GLU B 188 -36.12 -25.61 -2.44
CA GLU B 188 -37.44 -25.45 -3.01
C GLU B 188 -37.54 -24.05 -3.59
N ARG B 189 -38.22 -23.92 -4.74
CA ARG B 189 -38.36 -22.63 -5.41
C ARG B 189 -38.90 -21.53 -4.52
N ASP B 190 -39.75 -21.89 -3.57
CA ASP B 190 -40.31 -20.93 -2.62
C ASP B 190 -39.24 -20.44 -1.66
N LYS B 191 -38.48 -21.39 -1.11
CA LYS B 191 -37.41 -21.07 -0.17
C LYS B 191 -36.30 -20.30 -0.88
N VAL B 192 -36.19 -20.49 -2.18
CA VAL B 192 -35.23 -19.74 -3.00
C VAL B 192 -35.57 -18.25 -2.97
N ASN B 193 -36.84 -17.93 -3.19
CA ASN B 193 -37.29 -16.54 -3.19
C ASN B 193 -37.33 -15.91 -1.79
N ASP B 194 -37.66 -16.70 -0.78
CA ASP B 194 -37.61 -16.23 0.60
C ASP B 194 -36.18 -15.85 0.97
N ILE B 195 -35.23 -16.67 0.54
CA ILE B 195 -33.82 -16.40 0.76
C ILE B 195 -33.39 -15.16 -0.03
N VAL B 196 -33.71 -15.14 -1.32
CA VAL B 196 -33.36 -14.02 -2.19
C VAL B 196 -33.88 -12.67 -1.67
N ASP B 197 -35.18 -12.60 -1.40
CA ASP B 197 -35.81 -11.39 -0.88
C ASP B 197 -35.11 -10.89 0.38
N GLN B 198 -34.65 -11.82 1.21
CA GLN B 198 -33.93 -11.47 2.41
C GLN B 198 -32.51 -11.01 2.06
N VAL B 199 -31.88 -11.71 1.13
CA VAL B 199 -30.55 -11.35 0.63
C VAL B 199 -30.55 -9.98 -0.04
N ILE B 200 -31.65 -9.67 -0.74
CA ILE B 200 -31.82 -8.37 -1.35
C ILE B 200 -31.75 -7.25 -0.31
N THR B 201 -32.37 -7.49 0.84
CA THR B 201 -32.53 -6.44 1.85
C THR B 201 -31.30 -6.26 2.75
N ILE B 202 -30.46 -7.28 2.86
CA ILE B 202 -29.18 -7.11 3.53
C ILE B 202 -28.10 -6.83 2.50
N GLY B 203 -28.54 -6.66 1.26
CA GLY B 203 -27.69 -6.16 0.18
C GLY B 203 -26.52 -7.02 -0.23
N LYS B 204 -26.64 -8.33 -0.06
CA LYS B 204 -25.58 -9.23 -0.49
C LYS B 204 -25.78 -9.69 -1.93
N HIS B 205 -26.16 -8.75 -2.80
CA HIS B 205 -26.36 -9.06 -4.21
C HIS B 205 -25.74 -8.01 -5.15
N VAL B 206 -24.51 -7.60 -4.85
CA VAL B 206 -23.76 -6.71 -5.72
C VAL B 206 -22.50 -7.40 -6.24
N LYS B 207 -21.79 -6.74 -7.15
CA LYS B 207 -20.60 -7.32 -7.76
C LYS B 207 -19.58 -7.73 -6.70
N GLY B 208 -19.22 -9.01 -6.71
CA GLY B 208 -18.37 -9.59 -5.68
C GLY B 208 -18.99 -10.87 -5.17
N TYR B 209 -20.32 -10.87 -5.08
CA TYR B 209 -21.07 -12.07 -4.69
C TYR B 209 -21.35 -12.96 -5.89
N HIS B 210 -21.54 -14.24 -5.64
CA HIS B 210 -21.77 -15.22 -6.69
C HIS B 210 -22.65 -16.36 -6.18
N TYR B 211 -23.81 -16.52 -6.82
CA TYR B 211 -24.77 -17.53 -6.38
C TYR B 211 -24.97 -18.66 -7.39
N ILE B 212 -25.27 -19.85 -6.89
CA ILE B 212 -25.61 -20.98 -7.74
C ILE B 212 -26.95 -21.57 -7.32
N ILE B 213 -27.95 -21.44 -8.18
CA ILE B 213 -29.28 -21.96 -7.91
C ILE B 213 -29.39 -23.42 -8.33
N ALA B 214 -29.24 -24.33 -7.36
CA ALA B 214 -29.16 -25.76 -7.66
C ALA B 214 -30.51 -26.45 -7.80
N ASN B 215 -31.31 -26.00 -8.77
CA ASN B 215 -32.49 -26.74 -9.18
C ASN B 215 -32.75 -26.65 -10.68
N LEU B 216 -33.50 -27.61 -11.21
CA LEU B 216 -33.73 -27.70 -12.64
C LEU B 216 -34.68 -26.63 -13.18
N GLY B 217 -35.15 -25.76 -12.29
CA GLY B 217 -36.05 -24.70 -12.69
C GLY B 217 -35.51 -23.32 -12.39
N PHE B 218 -34.61 -22.84 -13.25
CA PHE B 218 -33.99 -21.53 -13.06
C PHE B 218 -34.96 -20.39 -13.36
N THR B 219 -35.36 -20.27 -14.63
CA THR B 219 -36.26 -19.20 -15.04
C THR B 219 -37.69 -19.39 -14.53
N ASP B 220 -37.88 -20.37 -13.65
CA ASP B 220 -39.20 -20.65 -13.08
C ASP B 220 -39.62 -19.56 -12.10
N GLY B 221 -38.76 -19.26 -11.14
CA GLY B 221 -39.07 -18.28 -10.11
C GLY B 221 -38.94 -16.85 -10.60
N ASP B 222 -38.61 -15.95 -9.68
CA ASP B 222 -38.40 -14.56 -10.00
C ASP B 222 -36.91 -14.27 -10.04
N LEU B 223 -36.47 -13.53 -11.06
CA LEU B 223 -35.05 -13.21 -11.21
C LEU B 223 -34.83 -11.73 -11.46
N LEU B 224 -35.91 -11.01 -11.76
CA LEU B 224 -35.82 -9.58 -12.00
C LEU B 224 -35.32 -8.81 -10.79
N LYS B 225 -35.65 -9.30 -9.60
CA LYS B 225 -35.25 -8.63 -8.37
C LYS B 225 -33.78 -8.87 -8.02
N ILE B 226 -33.11 -9.70 -8.81
CA ILE B 226 -31.66 -9.83 -8.73
C ILE B 226 -31.02 -9.59 -10.09
N GLN B 227 -31.70 -8.83 -10.93
CA GLN B 227 -31.27 -8.62 -12.31
C GLN B 227 -30.33 -7.42 -12.42
N PHE B 228 -30.51 -6.43 -11.56
CA PHE B 228 -29.72 -5.20 -11.62
C PHE B 228 -28.79 -5.07 -10.42
N GLY B 229 -28.82 -6.05 -9.53
CA GLY B 229 -27.99 -6.05 -8.35
C GLY B 229 -26.50 -5.99 -8.67
N GLY B 230 -26.07 -6.90 -9.54
CA GLY B 230 -24.67 -6.95 -9.96
C GLY B 230 -24.02 -8.29 -9.71
N ALA B 231 -24.44 -8.96 -8.64
CA ALA B 231 -23.86 -10.25 -8.26
C ALA B 231 -24.11 -11.31 -9.32
N GLU B 232 -23.21 -12.28 -9.39
CA GLU B 232 -23.32 -13.35 -10.37
C GLU B 232 -24.28 -14.44 -9.90
N VAL B 233 -25.29 -14.72 -10.71
CA VAL B 233 -26.28 -15.74 -10.39
C VAL B 233 -26.31 -16.84 -11.44
N SER B 234 -26.03 -18.07 -11.02
CA SER B 234 -26.04 -19.22 -11.93
C SER B 234 -27.10 -20.23 -11.51
N GLY B 235 -27.66 -20.92 -12.49
CA GLY B 235 -28.66 -21.95 -12.23
C GLY B 235 -28.72 -22.99 -13.33
N PHE B 236 -29.72 -23.85 -13.27
CA PHE B 236 -29.87 -24.88 -14.27
C PHE B 236 -31.25 -24.83 -14.92
N GLN B 237 -31.29 -25.09 -16.22
CA GLN B 237 -32.56 -25.18 -16.93
C GLN B 237 -32.68 -26.56 -17.57
N ILE B 238 -33.90 -26.95 -17.88
CA ILE B 238 -34.16 -28.27 -18.44
C ILE B 238 -35.32 -28.19 -19.45
N VAL B 239 -36.14 -27.16 -19.29
CA VAL B 239 -37.27 -26.93 -20.18
C VAL B 239 -36.87 -25.92 -21.25
N ASP B 240 -36.19 -26.39 -22.29
CA ASP B 240 -35.68 -25.50 -23.33
C ASP B 240 -36.83 -24.84 -24.10
N TYR B 241 -36.95 -23.52 -23.96
CA TYR B 241 -38.00 -22.76 -24.62
C TYR B 241 -37.60 -22.36 -26.04
N ASP B 242 -36.41 -22.77 -26.46
CA ASP B 242 -35.94 -22.52 -27.82
C ASP B 242 -36.18 -23.73 -28.71
N ASP B 243 -36.23 -24.92 -28.10
CA ASP B 243 -36.55 -26.14 -28.83
C ASP B 243 -37.94 -26.05 -29.41
N SER B 244 -38.04 -26.20 -30.73
CA SER B 244 -39.30 -26.01 -31.46
C SER B 244 -40.42 -26.93 -30.99
N LEU B 245 -40.05 -28.07 -30.41
CA LEU B 245 -41.04 -29.03 -29.91
C LEU B 245 -41.84 -28.42 -28.75
N VAL B 246 -41.14 -27.78 -27.83
CA VAL B 246 -41.76 -27.12 -26.69
C VAL B 246 -42.31 -25.76 -27.12
N SER B 247 -41.78 -25.23 -28.21
CA SER B 247 -42.23 -23.94 -28.74
C SER B 247 -43.68 -24.02 -29.20
N LYS B 248 -44.03 -25.13 -29.86
CA LYS B 248 -45.40 -25.38 -30.27
C LYS B 248 -46.28 -25.49 -29.04
N PHE B 249 -45.77 -26.18 -28.03
CA PHE B 249 -46.45 -26.31 -26.74
C PHE B 249 -46.71 -24.92 -26.16
N ILE B 250 -45.68 -24.08 -26.16
CA ILE B 250 -45.77 -22.74 -25.61
C ILE B 250 -46.81 -21.87 -26.34
N GLU B 251 -46.98 -22.09 -27.63
CA GLU B 251 -47.99 -21.36 -28.41
C GLU B 251 -49.38 -21.68 -27.89
N ARG B 252 -49.66 -22.97 -27.76
CA ARG B 252 -50.98 -23.42 -27.33
C ARG B 252 -51.19 -23.20 -25.83
N TRP B 253 -50.23 -23.67 -25.04
CA TRP B 253 -50.31 -23.66 -23.58
C TRP B 253 -50.52 -22.27 -22.98
N SER B 254 -49.93 -21.25 -23.62
CA SER B 254 -50.03 -19.89 -23.09
C SER B 254 -51.36 -19.24 -23.42
N THR B 255 -52.17 -19.92 -24.22
CA THR B 255 -53.41 -19.32 -24.72
C THR B 255 -54.66 -20.07 -24.28
N LEU B 256 -54.52 -20.99 -23.33
CA LEU B 256 -55.66 -21.70 -22.76
C LEU B 256 -56.43 -20.79 -21.82
N GLU B 257 -57.73 -21.06 -21.66
CA GLU B 257 -58.54 -20.33 -20.68
C GLU B 257 -57.98 -20.59 -19.28
N GLU B 258 -57.67 -19.52 -18.55
CA GLU B 258 -56.99 -19.66 -17.27
C GLU B 258 -57.89 -20.25 -16.17
N LYS B 259 -59.20 -20.23 -16.39
CA LYS B 259 -60.12 -20.83 -15.43
C LYS B 259 -60.15 -22.34 -15.58
N GLU B 260 -59.96 -22.81 -16.81
CA GLU B 260 -60.00 -24.24 -17.12
C GLU B 260 -58.74 -24.95 -16.64
N TYR B 261 -57.59 -24.41 -17.03
CA TYR B 261 -56.30 -24.96 -16.64
C TYR B 261 -55.53 -23.92 -15.84
N PRO B 262 -55.70 -23.94 -14.51
CA PRO B 262 -55.19 -22.92 -13.58
C PRO B 262 -53.69 -22.68 -13.67
N GLY B 263 -53.30 -21.41 -13.52
CA GLY B 263 -51.90 -21.01 -13.51
C GLY B 263 -51.09 -21.52 -14.68
N ALA B 264 -51.71 -21.56 -15.85
CA ALA B 264 -51.07 -22.14 -17.03
C ALA B 264 -51.03 -21.16 -18.19
N HIS B 265 -51.44 -19.92 -17.95
CA HIS B 265 -51.62 -18.96 -19.02
C HIS B 265 -50.33 -18.28 -19.46
N THR B 266 -49.25 -18.49 -18.71
CA THR B 266 -47.98 -17.85 -19.02
C THR B 266 -47.31 -18.48 -20.25
N ALA B 267 -46.31 -17.78 -20.78
CA ALA B 267 -45.51 -18.30 -21.89
C ALA B 267 -44.34 -19.13 -21.34
N THR B 268 -44.42 -19.45 -20.05
CA THR B 268 -43.41 -20.26 -19.38
C THR B 268 -44.07 -21.39 -18.59
N ILE B 269 -43.27 -22.36 -18.15
CA ILE B 269 -43.81 -23.51 -17.42
C ILE B 269 -42.77 -24.09 -16.45
N LYS B 270 -43.21 -24.40 -15.23
CA LYS B 270 -42.33 -25.00 -14.24
C LYS B 270 -41.84 -26.37 -14.68
N TYR B 271 -40.68 -26.77 -14.17
CA TYR B 271 -40.06 -28.03 -14.59
C TYR B 271 -40.79 -29.24 -14.01
N THR B 272 -41.43 -29.06 -12.86
CA THR B 272 -42.20 -30.14 -12.25
C THR B 272 -43.42 -30.44 -13.11
N SER B 273 -44.00 -29.40 -13.69
CA SER B 273 -45.16 -29.53 -14.55
C SER B 273 -44.75 -30.00 -15.93
N ALA B 274 -43.58 -29.53 -16.38
CA ALA B 274 -43.05 -29.91 -17.68
C ALA B 274 -42.56 -31.36 -17.67
N LEU B 275 -42.50 -31.94 -16.48
CA LEU B 275 -42.20 -33.36 -16.34
C LEU B 275 -43.48 -34.18 -16.34
N THR B 276 -44.52 -33.63 -15.71
CA THR B 276 -45.82 -34.28 -15.68
C THR B 276 -46.38 -34.43 -17.09
N TYR B 277 -46.26 -33.36 -17.88
CA TYR B 277 -46.69 -33.37 -19.27
C TYR B 277 -45.86 -34.36 -20.09
N ASP B 278 -44.62 -34.57 -19.67
CA ASP B 278 -43.75 -35.54 -20.33
C ASP B 278 -43.91 -36.92 -19.72
N ALA B 279 -44.49 -36.97 -18.52
CA ALA B 279 -44.73 -38.24 -17.85
C ALA B 279 -45.91 -38.96 -18.49
N VAL B 280 -46.91 -38.19 -18.92
CA VAL B 280 -48.07 -38.74 -19.60
C VAL B 280 -47.66 -39.39 -20.91
N GLN B 281 -46.74 -38.77 -21.63
CA GLN B 281 -46.24 -39.30 -22.90
C GLN B 281 -45.59 -40.67 -22.72
N VAL B 282 -44.80 -40.82 -21.68
CA VAL B 282 -44.10 -42.08 -21.43
C VAL B 282 -45.08 -43.19 -21.03
N MET B 283 -46.09 -42.85 -20.25
CA MET B 283 -47.11 -43.82 -19.85
C MET B 283 -47.98 -44.23 -21.02
N THR B 284 -48.17 -43.31 -21.97
CA THR B 284 -48.93 -43.59 -23.18
C THR B 284 -48.15 -44.49 -24.14
N GLU B 285 -46.89 -44.14 -24.37
CA GLU B 285 -46.05 -44.91 -25.29
C GLU B 285 -45.66 -46.27 -24.72
N ALA B 286 -45.91 -46.47 -23.44
CA ALA B 286 -45.65 -47.76 -22.80
C ALA B 286 -46.84 -48.70 -22.96
N PHE B 287 -48.04 -48.15 -22.93
CA PHE B 287 -49.26 -48.96 -23.05
C PHE B 287 -49.65 -49.21 -24.51
N ARG B 288 -48.90 -48.63 -25.43
CA ARG B 288 -49.02 -48.98 -26.83
C ARG B 288 -48.04 -50.10 -27.14
N ASN B 289 -46.88 -50.04 -26.50
CA ASN B 289 -45.84 -51.07 -26.64
C ASN B 289 -46.11 -52.32 -25.82
N LEU B 290 -47.31 -52.41 -25.26
CA LEU B 290 -47.74 -53.62 -24.55
C LEU B 290 -48.75 -54.40 -25.39
N ARG B 291 -49.47 -53.69 -26.26
CA ARG B 291 -50.40 -54.34 -27.18
C ARG B 291 -49.74 -54.61 -28.51
N LYS B 292 -48.69 -53.83 -28.82
CA LYS B 292 -47.93 -54.05 -30.04
C LYS B 292 -47.14 -55.35 -29.96
N GLN B 293 -46.71 -55.68 -28.74
CA GLN B 293 -46.03 -56.94 -28.48
C GLN B 293 -47.05 -58.02 -28.14
N ARG B 294 -48.33 -57.68 -28.24
CA ARG B 294 -49.44 -58.60 -28.05
C ARG B 294 -49.54 -59.20 -26.65
N ILE B 295 -48.62 -58.81 -25.77
CA ILE B 295 -48.62 -59.31 -24.39
C ILE B 295 -49.84 -58.78 -23.64
N GLU B 296 -50.54 -59.66 -22.93
CA GLU B 296 -51.74 -59.23 -22.21
C GLU B 296 -51.45 -58.94 -20.74
N ILE B 297 -52.15 -57.95 -20.20
CA ILE B 297 -51.88 -57.43 -18.87
C ILE B 297 -53.13 -57.36 -18.02
N SER B 298 -54.28 -57.68 -18.62
CA SER B 298 -55.57 -57.56 -17.96
C SER B 298 -55.61 -58.28 -16.62
N ARG B 299 -56.00 -57.54 -15.57
CA ARG B 299 -56.06 -58.09 -14.22
C ARG B 299 -57.06 -59.24 -14.15
N ARG B 300 -56.59 -60.40 -13.69
CA ARG B 300 -57.42 -61.60 -13.60
C ARG B 300 -58.68 -61.35 -12.77
N GLY B 301 -58.49 -61.03 -11.49
CA GLY B 301 -59.60 -60.65 -10.64
C GLY B 301 -59.27 -59.36 -9.93
N ASN B 302 -59.92 -59.10 -8.80
CA ASN B 302 -59.58 -57.94 -7.98
C ASN B 302 -58.24 -58.15 -7.31
N ALA B 303 -57.63 -57.06 -6.87
CA ALA B 303 -56.38 -57.14 -6.12
C ALA B 303 -56.67 -57.44 -4.66
N GLY B 304 -57.81 -56.95 -4.18
CA GLY B 304 -58.19 -57.11 -2.80
C GLY B 304 -57.60 -55.99 -1.95
N ASP B 305 -57.55 -56.21 -0.64
CA ASP B 305 -56.95 -55.24 0.26
C ASP B 305 -55.43 -55.30 0.13
N CYS B 306 -54.79 -54.14 0.19
CA CYS B 306 -53.34 -54.05 -0.01
C CYS B 306 -52.54 -54.59 1.17
N LEU B 307 -53.19 -54.70 2.32
CA LEU B 307 -52.54 -55.22 3.52
C LEU B 307 -52.60 -56.74 3.55
N ALA B 308 -52.92 -57.33 2.40
CA ALA B 308 -53.10 -58.78 2.27
C ALA B 308 -51.93 -59.55 2.85
N ASN B 309 -52.25 -60.43 3.80
CA ASN B 309 -51.22 -61.20 4.50
C ASN B 309 -51.47 -62.70 4.39
N PRO B 310 -50.64 -63.40 3.59
CA PRO B 310 -49.50 -62.88 2.82
C PRO B 310 -49.94 -62.16 1.54
N ALA B 311 -49.06 -61.32 1.02
CA ALA B 311 -49.38 -60.51 -0.16
C ALA B 311 -49.06 -61.24 -1.46
N VAL B 312 -49.94 -61.06 -2.45
CA VAL B 312 -49.74 -61.67 -3.75
C VAL B 312 -49.38 -60.63 -4.81
N PRO B 313 -48.18 -60.78 -5.40
CA PRO B 313 -47.75 -59.90 -6.49
C PRO B 313 -48.36 -60.35 -7.81
N TRP B 314 -49.33 -59.59 -8.32
CA TRP B 314 -49.91 -59.91 -9.62
C TRP B 314 -48.83 -59.87 -10.70
N GLY B 315 -48.67 -61.00 -11.38
CA GLY B 315 -47.56 -61.25 -12.27
C GLY B 315 -47.19 -60.18 -13.27
N GLN B 316 -48.19 -59.65 -13.99
CA GLN B 316 -47.94 -58.73 -15.09
C GLN B 316 -47.27 -57.41 -14.68
N GLY B 317 -47.04 -57.23 -13.38
CA GLY B 317 -46.38 -56.05 -12.87
C GLY B 317 -44.96 -55.91 -13.37
N VAL B 318 -44.22 -57.01 -13.34
CA VAL B 318 -42.81 -57.00 -13.74
C VAL B 318 -42.65 -56.73 -15.23
N GLU B 319 -43.74 -56.88 -15.98
CA GLU B 319 -43.73 -56.63 -17.41
C GLU B 319 -44.01 -55.15 -17.67
N ILE B 320 -44.93 -54.57 -16.90
CA ILE B 320 -45.27 -53.16 -17.04
C ILE B 320 -44.08 -52.26 -16.67
N GLU B 321 -43.34 -52.67 -15.64
CA GLU B 321 -42.10 -51.99 -15.27
C GLU B 321 -41.13 -52.02 -16.43
N ARG B 322 -40.95 -53.21 -16.99
CA ARG B 322 -40.04 -53.43 -18.11
C ARG B 322 -40.40 -52.55 -19.30
N ALA B 323 -41.68 -52.57 -19.69
CA ALA B 323 -42.16 -51.80 -20.82
C ALA B 323 -41.90 -50.31 -20.61
N LEU B 324 -42.31 -49.80 -19.45
CA LEU B 324 -42.10 -48.40 -19.09
C LEU B 324 -40.64 -47.98 -19.20
N LYS B 325 -39.75 -48.78 -18.62
CA LYS B 325 -38.33 -48.44 -18.55
C LYS B 325 -37.62 -48.49 -19.90
N GLN B 326 -38.21 -49.16 -20.87
CA GLN B 326 -37.58 -49.31 -22.16
C GLN B 326 -38.14 -48.34 -23.21
N VAL B 327 -39.07 -47.50 -22.80
CA VAL B 327 -39.64 -46.48 -23.67
C VAL B 327 -38.62 -45.39 -23.93
N GLN B 328 -38.62 -44.84 -25.14
CA GLN B 328 -37.76 -43.70 -25.47
C GLN B 328 -38.50 -42.66 -26.30
N VAL B 329 -38.96 -41.60 -25.65
CA VAL B 329 -39.74 -40.55 -26.31
C VAL B 329 -39.08 -39.18 -26.18
N GLU B 330 -39.51 -38.26 -27.02
CA GLU B 330 -39.00 -36.89 -27.00
C GLU B 330 -40.07 -35.94 -26.49
N GLY B 331 -39.73 -35.15 -25.47
CA GLY B 331 -40.68 -34.24 -24.87
C GLY B 331 -40.09 -32.90 -24.46
N LEU B 332 -40.76 -32.23 -23.53
CA LEU B 332 -40.32 -30.92 -23.04
C LEU B 332 -38.93 -31.04 -22.42
N SER B 333 -38.76 -32.02 -21.52
CA SER B 333 -37.50 -32.23 -20.84
C SER B 333 -36.46 -32.90 -21.76
N GLY B 334 -36.44 -32.47 -23.01
CA GLY B 334 -35.49 -33.00 -23.98
C GLY B 334 -35.67 -34.49 -24.21
N ASN B 335 -34.58 -35.22 -24.01
CA ASN B 335 -34.59 -36.67 -24.22
C ASN B 335 -34.94 -37.45 -22.95
N ILE B 336 -35.84 -38.42 -23.10
CA ILE B 336 -36.25 -39.23 -21.96
C ILE B 336 -35.84 -40.69 -22.16
N LYS B 337 -34.92 -41.16 -21.32
CA LYS B 337 -34.52 -42.55 -21.34
C LYS B 337 -34.24 -43.03 -19.91
N PHE B 338 -34.50 -44.31 -19.65
CA PHE B 338 -34.29 -44.85 -18.32
C PHE B 338 -33.36 -46.05 -18.36
N ASP B 339 -32.93 -46.50 -17.18
CA ASP B 339 -32.17 -47.73 -17.08
C ASP B 339 -32.87 -48.69 -16.12
N GLN B 340 -32.14 -49.67 -15.62
CA GLN B 340 -32.73 -50.73 -14.80
C GLN B 340 -33.32 -50.24 -13.46
N ASN B 341 -33.13 -48.97 -13.16
CA ASN B 341 -33.59 -48.43 -11.87
C ASN B 341 -34.48 -47.20 -11.97
N GLY B 342 -34.78 -46.76 -13.19
CA GLY B 342 -35.70 -45.67 -13.41
C GLY B 342 -35.04 -44.31 -13.49
N LYS B 343 -33.73 -44.27 -13.25
CA LYS B 343 -32.98 -43.02 -13.35
C LYS B 343 -33.01 -42.49 -14.77
N ARG B 344 -33.22 -41.17 -14.91
CA ARG B 344 -33.13 -40.54 -16.22
C ARG B 344 -31.68 -40.62 -16.70
N ILE B 345 -31.50 -40.96 -17.97
CA ILE B 345 -30.16 -41.09 -18.54
C ILE B 345 -30.08 -40.46 -19.92
N ASN B 346 -28.86 -40.13 -20.33
CA ASN B 346 -28.60 -39.48 -21.61
C ASN B 346 -29.43 -38.22 -21.76
N TYR B 347 -29.39 -37.37 -20.73
CA TYR B 347 -30.22 -36.17 -20.70
C TYR B 347 -29.40 -34.90 -20.83
N THR B 348 -30.04 -33.87 -21.36
CA THR B 348 -29.43 -32.54 -21.45
C THR B 348 -29.82 -31.75 -20.21
N ILE B 349 -28.87 -30.97 -19.69
CA ILE B 349 -29.18 -29.97 -18.68
C ILE B 349 -28.55 -28.66 -19.13
N ASN B 350 -29.34 -27.59 -19.12
CA ASN B 350 -28.84 -26.28 -19.49
C ASN B 350 -28.23 -25.50 -18.32
N ILE B 351 -27.11 -24.85 -18.57
CA ILE B 351 -26.49 -23.96 -17.60
C ILE B 351 -26.81 -22.51 -17.98
N MET B 352 -27.45 -21.80 -17.06
CA MET B 352 -27.89 -20.44 -17.33
C MET B 352 -27.46 -19.46 -16.25
N GLU B 353 -26.61 -18.51 -16.65
CA GLU B 353 -26.21 -17.42 -15.75
C GLU B 353 -27.16 -16.24 -15.95
N LEU B 354 -27.24 -15.39 -14.93
CA LEU B 354 -28.07 -14.20 -15.03
C LEU B 354 -27.26 -13.01 -15.51
N LYS B 355 -27.81 -12.27 -16.47
CA LYS B 355 -27.19 -11.06 -16.96
C LYS B 355 -28.21 -9.92 -16.97
N THR B 356 -27.78 -8.74 -17.41
CA THR B 356 -28.65 -7.56 -17.41
C THR B 356 -29.86 -7.73 -18.30
N ASN B 357 -29.62 -7.99 -19.59
CA ASN B 357 -30.70 -8.12 -20.56
C ASN B 357 -31.63 -9.32 -20.31
N GLY B 358 -31.25 -10.18 -19.37
CA GLY B 358 -32.06 -11.32 -19.01
C GLY B 358 -31.22 -12.57 -18.74
N PRO B 359 -31.89 -13.73 -18.64
CA PRO B 359 -31.17 -14.99 -18.47
C PRO B 359 -30.49 -15.37 -19.78
N ARG B 360 -29.48 -16.22 -19.71
CA ARG B 360 -28.73 -16.58 -20.91
C ARG B 360 -28.01 -17.92 -20.76
N LYS B 361 -27.93 -18.68 -21.85
CA LYS B 361 -27.32 -19.99 -21.82
C LYS B 361 -25.88 -19.95 -22.34
N ILE B 362 -24.94 -20.33 -21.49
CA ILE B 362 -23.54 -20.38 -21.90
C ILE B 362 -23.16 -21.79 -22.35
N GLY B 363 -24.00 -22.76 -22.03
CA GLY B 363 -23.74 -24.14 -22.40
C GLY B 363 -24.65 -25.15 -21.75
N TYR B 364 -24.23 -26.42 -21.81
CA TYR B 364 -25.03 -27.51 -21.28
C TYR B 364 -24.14 -28.54 -20.60
N TRP B 365 -24.69 -29.23 -19.61
CA TRP B 365 -23.97 -30.34 -18.99
C TRP B 365 -24.52 -31.66 -19.51
N SER B 366 -23.64 -32.55 -19.96
CA SER B 366 -24.05 -33.85 -20.43
C SER B 366 -23.74 -34.91 -19.38
N GLU B 367 -24.53 -35.98 -19.38
CA GLU B 367 -24.34 -37.08 -18.45
C GLU B 367 -23.09 -37.88 -18.83
N VAL B 368 -22.58 -37.63 -20.04
CA VAL B 368 -21.45 -38.39 -20.56
C VAL B 368 -20.23 -37.53 -20.88
N ASP B 369 -20.46 -36.26 -21.23
CA ASP B 369 -19.38 -35.38 -21.65
C ASP B 369 -19.05 -34.30 -20.62
N LYS B 370 -19.72 -34.37 -19.47
CA LYS B 370 -19.59 -33.38 -18.41
C LYS B 370 -19.90 -31.98 -18.95
N MET B 371 -19.32 -30.96 -18.32
CA MET B 371 -19.60 -29.59 -18.72
C MET B 371 -18.96 -29.23 -20.06
N VAL B 372 -19.81 -28.87 -21.03
CA VAL B 372 -19.35 -28.46 -22.35
C VAL B 372 -20.02 -27.15 -22.76
N LEU B 373 -19.22 -26.14 -23.10
CA LEU B 373 -19.74 -24.80 -23.35
C LEU B 373 -20.34 -24.63 -24.74
N THR B 374 -20.87 -23.43 -24.99
CA THR B 374 -21.50 -23.10 -26.27
C THR B 374 -20.83 -21.88 -26.90
N GLU B 375 -20.42 -22.02 -28.15
CA GLU B 375 -19.75 -20.93 -28.86
C GLU B 375 -20.75 -19.92 -29.41
N ASP B 376 -20.83 -18.76 -28.77
CA ASP B 376 -21.72 -17.69 -29.22
C ASP B 376 -21.21 -16.34 -28.73
N ASP B 377 -20.05 -16.36 -28.09
CA ASP B 377 -19.47 -15.15 -27.52
C ASP B 377 -18.20 -14.74 -28.25
N THR B 378 -17.74 -13.53 -27.98
CA THR B 378 -16.45 -13.05 -28.50
C THR B 378 -15.42 -13.09 -27.39
N SER B 379 -14.14 -13.06 -27.77
CA SER B 379 -13.05 -13.15 -26.80
C SER B 379 -13.00 -11.94 -25.86
N GLY B 380 -12.78 -12.21 -24.58
CA GLY B 380 -12.74 -11.16 -23.56
C GLY B 380 -11.38 -10.52 -23.41
N LEU B 381 -10.33 -11.31 -23.61
CA LEU B 381 -8.96 -10.80 -23.57
C LEU B 381 -8.65 -9.98 -24.82
N GLU B 382 -9.54 -10.05 -25.80
CA GLU B 382 -9.35 -9.36 -27.06
C GLU B 382 -9.58 -7.86 -26.91
N GLN B 383 -8.56 -7.15 -26.45
CA GLN B 383 -8.62 -5.70 -26.33
C GLN B 383 -7.81 -5.04 -27.42
N LYS B 384 -7.22 -3.89 -27.13
CA LYS B 384 -6.31 -3.23 -28.06
C LYS B 384 -4.87 -3.57 -27.70
N THR B 385 -4.20 -4.33 -28.57
CA THR B 385 -2.80 -4.66 -28.37
C THR B 385 -1.92 -3.69 -29.15
N VAL B 386 -0.90 -3.17 -28.50
CA VAL B 386 -0.10 -2.09 -29.07
C VAL B 386 1.23 -2.55 -29.69
N VAL B 387 1.42 -2.22 -30.97
CA VAL B 387 2.67 -2.52 -31.65
C VAL B 387 3.74 -1.52 -31.24
N VAL B 388 4.84 -2.02 -30.69
CA VAL B 388 5.93 -1.16 -30.25
C VAL B 388 7.16 -1.35 -31.13
N THR B 389 7.53 -0.30 -31.85
CA THR B 389 8.70 -0.36 -32.71
C THR B 389 9.98 0.12 -31.99
N THR B 390 10.95 -0.77 -31.87
CA THR B 390 12.20 -0.45 -31.21
C THR B 390 13.39 -1.02 -31.98
N ILE B 391 14.58 -0.49 -31.72
CA ILE B 391 15.78 -0.89 -32.44
C ILE B 391 16.73 -1.68 -31.53
N LEU B 392 17.69 -2.38 -32.13
CA LEU B 392 18.64 -3.18 -31.36
C LEU B 392 19.94 -2.43 -31.10
N GLU B 393 20.02 -1.76 -29.96
CA GLU B 393 21.22 -1.05 -29.56
C GLU B 393 21.47 -1.22 -28.06
N SER B 394 22.66 -1.69 -27.70
CA SER B 394 23.02 -1.91 -26.31
C SER B 394 23.32 -0.59 -25.60
N PRO B 395 22.94 -0.47 -24.32
CA PRO B 395 22.21 -1.48 -23.55
C PRO B 395 20.71 -1.17 -23.47
N TYR B 396 20.17 -0.59 -24.54
CA TYR B 396 18.76 -0.23 -24.56
C TYR B 396 17.86 -1.43 -24.84
N VAL B 397 18.09 -2.09 -25.97
CA VAL B 397 17.35 -3.31 -26.30
C VAL B 397 18.32 -4.39 -26.80
N MET B 398 18.58 -5.38 -25.95
CA MET B 398 19.47 -6.48 -26.31
C MET B 398 18.71 -7.79 -26.31
N MET B 399 19.26 -8.78 -27.03
CA MET B 399 18.70 -10.13 -27.00
C MET B 399 19.07 -10.76 -25.66
N LYS B 400 18.14 -11.51 -25.07
CA LYS B 400 18.38 -12.17 -23.80
C LYS B 400 19.42 -13.26 -23.97
N LYS B 401 20.00 -13.70 -22.86
CA LYS B 401 20.96 -14.80 -22.81
C LYS B 401 20.55 -15.97 -23.70
N ASN B 402 19.31 -16.43 -23.53
CA ASN B 402 18.79 -17.54 -24.30
C ASN B 402 17.53 -17.10 -25.09
N HIS B 403 17.77 -16.42 -26.21
CA HIS B 403 16.70 -15.83 -27.01
C HIS B 403 16.00 -16.82 -27.94
N GLU B 404 16.67 -17.93 -28.23
CA GLU B 404 16.08 -18.98 -29.04
C GLU B 404 15.26 -19.91 -28.16
N MET B 405 15.34 -19.68 -26.85
CA MET B 405 14.65 -20.51 -25.87
C MET B 405 13.33 -19.84 -25.46
N LEU B 406 13.16 -18.59 -25.89
CA LEU B 406 11.97 -17.80 -25.59
C LEU B 406 11.34 -17.21 -26.86
N GLU B 407 10.08 -16.81 -26.76
CA GLU B 407 9.43 -16.03 -27.81
C GLU B 407 8.54 -14.95 -27.24
N GLY B 408 8.22 -13.94 -28.05
CA GLY B 408 7.38 -12.85 -27.62
C GLY B 408 8.16 -11.60 -27.29
N ASN B 409 8.05 -11.14 -26.04
CA ASN B 409 8.76 -9.95 -25.59
C ASN B 409 9.87 -10.26 -24.59
N GLU B 410 9.78 -11.43 -23.96
CA GLU B 410 10.78 -11.87 -22.99
C GLU B 410 12.12 -12.15 -23.68
N ARG B 411 12.09 -12.24 -25.00
CA ARG B 411 13.30 -12.43 -25.81
C ARG B 411 14.29 -11.30 -25.61
N TYR B 412 13.77 -10.11 -25.33
CA TYR B 412 14.59 -8.92 -25.30
C TYR B 412 14.82 -8.41 -23.88
N GLU B 413 15.85 -7.58 -23.73
CA GLU B 413 16.22 -7.03 -22.44
C GLU B 413 17.02 -5.75 -22.63
N GLY B 414 17.04 -4.90 -21.61
CA GLY B 414 17.77 -3.66 -21.67
C GLY B 414 17.01 -2.48 -21.09
N TYR B 415 17.50 -1.27 -21.38
CA TYR B 415 16.91 -0.06 -20.84
C TYR B 415 15.50 0.21 -21.36
N CYS B 416 15.35 0.17 -22.68
CA CYS B 416 14.07 0.49 -23.31
C CYS B 416 13.03 -0.61 -23.19
N VAL B 417 13.47 -1.81 -22.80
CA VAL B 417 12.55 -2.92 -22.58
C VAL B 417 11.84 -2.76 -21.24
N ASP B 418 12.60 -2.35 -20.23
CA ASP B 418 12.04 -2.08 -18.91
C ASP B 418 11.15 -0.85 -18.96
N LEU B 419 11.62 0.17 -19.68
CA LEU B 419 10.84 1.38 -19.88
C LEU B 419 9.51 1.07 -20.53
N ALA B 420 9.54 0.18 -21.52
CA ALA B 420 8.32 -0.23 -22.24
C ALA B 420 7.28 -0.82 -21.30
N ALA B 421 7.73 -1.70 -20.41
CA ALA B 421 6.83 -2.33 -19.44
C ALA B 421 6.29 -1.32 -18.43
N GLU B 422 7.09 -0.30 -18.11
CA GLU B 422 6.69 0.73 -17.17
C GLU B 422 5.75 1.75 -17.81
N ILE B 423 5.99 2.04 -19.10
CA ILE B 423 5.09 2.91 -19.86
C ILE B 423 3.69 2.29 -19.90
N ALA B 424 3.64 0.96 -19.94
CA ALA B 424 2.38 0.23 -19.99
C ALA B 424 1.77 0.02 -18.61
N LYS B 425 2.51 0.36 -17.56
CA LYS B 425 2.01 0.20 -16.20
C LYS B 425 1.20 1.42 -15.74
N HIS B 426 1.63 2.60 -16.18
CA HIS B 426 0.94 3.84 -15.84
C HIS B 426 0.02 4.32 -16.98
N CYS B 427 -0.12 3.48 -18.01
CA CYS B 427 -1.02 3.79 -19.11
C CYS B 427 -1.94 2.60 -19.41
N GLY B 428 -1.56 1.44 -18.87
CA GLY B 428 -2.40 0.25 -18.93
C GLY B 428 -2.77 -0.24 -20.32
N PHE B 429 -1.85 -0.92 -20.99
CA PHE B 429 -2.15 -1.52 -22.29
C PHE B 429 -1.28 -2.74 -22.61
N LYS B 430 -1.75 -3.57 -23.53
CA LYS B 430 -1.03 -4.74 -24.01
C LYS B 430 -0.06 -4.32 -25.11
N TYR B 431 1.21 -4.70 -24.99
CA TYR B 431 2.20 -4.26 -25.97
C TYR B 431 2.99 -5.42 -26.58
N LYS B 432 3.61 -5.15 -27.72
CA LYS B 432 4.44 -6.13 -28.42
C LYS B 432 5.69 -5.48 -28.99
N LEU B 433 6.85 -5.84 -28.45
CA LEU B 433 8.12 -5.29 -28.89
C LEU B 433 8.49 -5.85 -30.26
N THR B 434 8.49 -4.98 -31.27
CA THR B 434 8.78 -5.40 -32.64
C THR B 434 10.02 -4.70 -33.20
N ILE B 435 10.86 -5.47 -33.89
CA ILE B 435 12.10 -4.94 -34.45
C ILE B 435 11.88 -4.39 -35.87
N VAL B 436 12.37 -3.18 -36.10
CA VAL B 436 12.27 -2.54 -37.41
C VAL B 436 13.05 -3.32 -38.46
N GLY B 437 12.52 -3.36 -39.69
CA GLY B 437 13.12 -4.11 -40.77
C GLY B 437 14.50 -3.65 -41.17
N ASP B 438 14.59 -2.46 -41.74
CA ASP B 438 15.86 -1.96 -42.29
C ASP B 438 16.80 -1.36 -41.23
N GLY B 439 16.37 -1.41 -39.97
CA GLY B 439 17.23 -1.08 -38.86
C GLY B 439 17.75 0.34 -38.77
N LYS B 440 17.00 1.28 -39.33
CA LYS B 440 17.36 2.69 -39.21
C LYS B 440 16.50 3.37 -38.13
N TYR B 441 16.87 4.58 -37.75
CA TYR B 441 16.11 5.32 -36.75
C TYR B 441 14.97 6.09 -37.40
N GLY B 442 15.29 7.14 -38.14
CA GLY B 442 14.28 7.95 -38.80
C GLY B 442 14.84 9.07 -39.65
N ALA B 443 15.30 8.73 -40.85
CA ALA B 443 15.76 9.73 -41.79
C ALA B 443 14.73 9.92 -42.89
N ARG B 444 14.97 10.88 -43.77
CA ARG B 444 14.06 11.16 -44.88
C ARG B 444 14.83 11.30 -46.18
N ASP B 445 14.63 10.35 -47.09
CA ASP B 445 15.31 10.35 -48.38
C ASP B 445 14.98 11.65 -49.13
N ALA B 446 16.02 12.37 -49.55
CA ALA B 446 15.86 13.64 -50.24
C ALA B 446 15.16 13.47 -51.58
N ASP B 447 15.26 12.28 -52.16
CA ASP B 447 14.68 12.01 -53.46
C ASP B 447 13.25 11.46 -53.37
N THR B 448 13.11 10.30 -52.74
CA THR B 448 11.82 9.61 -52.69
C THR B 448 10.88 10.15 -51.61
N LYS B 449 11.43 10.92 -50.68
CA LYS B 449 10.66 11.49 -49.57
C LYS B 449 10.00 10.41 -48.69
N ILE B 450 10.67 9.27 -48.59
CA ILE B 450 10.18 8.17 -47.76
C ILE B 450 10.94 8.11 -46.44
N TRP B 451 10.21 8.23 -45.34
CA TRP B 451 10.79 8.07 -44.01
C TRP B 451 11.18 6.61 -43.80
N ASN B 452 12.40 6.39 -43.32
CA ASN B 452 12.88 5.03 -43.07
C ASN B 452 13.04 4.75 -41.58
N GLY B 453 13.03 3.47 -41.23
CA GLY B 453 13.21 3.06 -39.85
C GLY B 453 11.93 3.09 -39.04
N MET B 454 12.04 3.53 -37.80
CA MET B 454 10.90 3.55 -36.87
C MET B 454 9.98 4.73 -37.11
N VAL B 455 10.56 5.89 -37.41
CA VAL B 455 9.77 7.08 -37.72
C VAL B 455 8.92 6.83 -38.96
N GLY B 456 9.47 6.03 -39.89
CA GLY B 456 8.71 5.59 -41.04
C GLY B 456 7.57 4.69 -40.64
N GLU B 457 7.84 3.74 -39.76
CA GLU B 457 6.84 2.77 -39.32
C GLU B 457 5.75 3.38 -38.43
N LEU B 458 5.91 4.65 -38.07
CA LEU B 458 4.89 5.36 -37.31
C LEU B 458 3.99 6.15 -38.25
N VAL B 459 4.61 6.98 -39.08
CA VAL B 459 3.91 7.78 -40.06
C VAL B 459 3.14 6.90 -41.04
N TYR B 460 3.74 5.77 -41.38
CA TYR B 460 3.13 4.83 -42.33
C TYR B 460 2.30 3.76 -41.61
N GLY B 461 1.89 4.06 -40.38
CA GLY B 461 0.96 3.23 -39.63
C GLY B 461 1.37 1.78 -39.39
N LYS B 462 2.66 1.49 -39.48
CA LYS B 462 3.15 0.14 -39.23
C LYS B 462 3.25 -0.13 -37.72
N ALA B 463 3.40 0.93 -36.95
CA ALA B 463 3.49 0.82 -35.49
C ALA B 463 2.73 1.96 -34.81
N ASP B 464 2.42 1.78 -33.54
CA ASP B 464 1.63 2.75 -32.80
C ASP B 464 2.44 3.58 -31.80
N ILE B 465 3.67 3.14 -31.55
CA ILE B 465 4.52 3.81 -30.56
C ILE B 465 5.99 3.46 -30.78
N ALA B 466 6.88 4.43 -30.57
CA ALA B 466 8.30 4.22 -30.74
C ALA B 466 9.08 4.43 -29.45
N ILE B 467 9.17 3.38 -28.64
CA ILE B 467 9.96 3.41 -27.42
C ILE B 467 11.39 2.99 -27.75
N ALA B 468 12.21 3.96 -28.14
CA ALA B 468 13.57 3.69 -28.58
C ALA B 468 14.41 4.95 -28.46
N PRO B 469 15.74 4.80 -28.40
CA PRO B 469 16.64 5.96 -28.39
C PRO B 469 16.46 6.82 -29.63
N LEU B 470 15.32 7.50 -29.72
CA LEU B 470 15.03 8.34 -30.87
C LEU B 470 15.21 9.81 -30.51
N THR B 471 16.14 10.46 -31.17
CA THR B 471 16.47 11.85 -30.89
C THR B 471 15.33 12.79 -31.29
N ILE B 472 14.98 13.70 -30.40
CA ILE B 472 13.92 14.66 -30.68
C ILE B 472 14.44 15.80 -31.55
N THR B 473 14.45 15.57 -32.86
CA THR B 473 14.92 16.59 -33.81
C THR B 473 13.73 17.31 -34.42
N LEU B 474 13.96 18.55 -34.85
CA LEU B 474 12.91 19.39 -35.43
C LEU B 474 12.28 18.77 -36.66
N VAL B 475 13.08 18.03 -37.43
CA VAL B 475 12.61 17.42 -38.66
C VAL B 475 11.66 16.26 -38.40
N ARG B 476 11.63 15.78 -37.16
CA ARG B 476 10.78 14.65 -36.79
C ARG B 476 9.58 15.09 -35.96
N GLU B 477 9.71 16.25 -35.31
CA GLU B 477 8.61 16.80 -34.53
C GLU B 477 7.52 17.32 -35.47
N GLU B 478 7.93 17.67 -36.69
CA GLU B 478 7.00 18.17 -37.70
C GLU B 478 6.06 17.08 -38.22
N VAL B 479 6.46 15.82 -38.06
CA VAL B 479 5.66 14.71 -38.56
C VAL B 479 4.97 13.90 -37.45
N ILE B 480 5.76 13.33 -36.54
CA ILE B 480 5.20 12.59 -35.41
C ILE B 480 5.18 13.49 -34.18
N ASP B 481 4.75 12.94 -33.06
CA ASP B 481 4.67 13.71 -31.81
C ASP B 481 5.58 13.15 -30.72
N PHE B 482 6.53 13.98 -30.28
CA PHE B 482 7.46 13.58 -29.24
C PHE B 482 6.99 14.00 -27.86
N SER B 483 7.18 13.12 -26.88
CA SER B 483 6.93 13.45 -25.49
C SER B 483 8.17 14.15 -24.93
N LYS B 484 8.11 14.57 -23.67
CA LYS B 484 9.26 15.18 -23.02
C LYS B 484 10.39 14.16 -22.92
N PRO B 485 11.65 14.64 -23.02
CA PRO B 485 12.84 13.77 -23.04
C PRO B 485 12.92 12.82 -21.85
N PHE B 486 13.50 11.63 -22.07
CA PHE B 486 13.67 10.67 -20.98
C PHE B 486 15.13 10.42 -20.63
N MET B 487 16.04 11.11 -21.34
CA MET B 487 17.47 11.05 -21.04
C MET B 487 18.24 12.15 -21.77
N SER B 488 18.68 13.16 -21.03
CA SER B 488 19.48 14.24 -21.59
C SER B 488 20.87 13.76 -21.99
N LEU B 489 21.40 14.30 -23.07
CA LEU B 489 22.73 13.95 -23.55
C LEU B 489 23.27 14.96 -24.55
N GLY B 490 24.49 14.71 -25.00
CA GLY B 490 25.14 15.52 -26.01
C GLY B 490 26.29 14.76 -26.62
N ILE B 491 27.22 15.47 -27.24
CA ILE B 491 28.42 14.84 -27.78
C ILE B 491 29.55 14.93 -26.75
N SER B 492 30.27 13.83 -26.56
CA SER B 492 31.32 13.79 -25.54
C SER B 492 32.66 13.35 -26.12
N ILE B 493 33.71 13.50 -25.31
CA ILE B 493 35.06 13.15 -25.73
C ILE B 493 35.51 11.85 -25.06
N MET B 494 35.94 10.89 -25.87
CA MET B 494 36.48 9.63 -25.33
C MET B 494 37.99 9.58 -25.45
N ILE B 495 38.66 9.26 -24.35
CA ILE B 495 40.11 9.14 -24.36
C ILE B 495 40.55 7.84 -23.70
N LYS B 496 41.81 7.49 -23.87
CA LYS B 496 42.37 6.29 -23.26
C LYS B 496 43.10 6.62 -21.97
N LYS B 497 42.78 5.89 -20.90
CA LYS B 497 43.38 6.11 -19.59
C LYS B 497 44.85 5.69 -19.58
N PRO B 498 45.73 6.59 -19.09
CA PRO B 498 47.15 6.29 -18.98
C PRO B 498 47.46 5.32 -17.86
N GLN B 499 48.37 4.38 -18.11
CA GLN B 499 48.77 3.40 -17.11
C GLN B 499 49.78 3.99 -16.13
N LYS B 500 50.19 3.20 -15.16
CA LYS B 500 51.19 3.64 -14.18
C LYS B 500 52.53 3.94 -14.85
N SER B 501 52.74 3.35 -16.03
CA SER B 501 54.00 3.47 -16.74
C SER B 501 54.26 4.87 -17.28
N LYS B 502 55.48 5.36 -17.04
CA LYS B 502 55.93 6.66 -17.54
C LYS B 502 57.44 6.80 -17.40
N PRO B 503 58.23 5.97 -18.10
CA PRO B 503 59.69 6.00 -17.94
C PRO B 503 60.32 7.29 -18.46
N GLY B 504 61.64 7.41 -18.27
CA GLY B 504 62.36 8.60 -18.69
C GLY B 504 63.07 9.25 -17.53
N VAL B 505 64.18 9.92 -17.80
CA VAL B 505 64.96 10.60 -16.77
C VAL B 505 64.40 11.99 -16.48
N PHE B 506 63.13 12.04 -16.11
CA PHE B 506 62.46 13.31 -15.85
C PHE B 506 61.82 13.36 -14.46
N SER B 507 61.33 12.21 -13.99
CA SER B 507 60.63 12.15 -12.70
C SER B 507 61.58 12.25 -11.51
N PHE B 508 62.85 12.52 -11.80
CA PHE B 508 63.86 12.77 -10.78
C PHE B 508 64.09 14.27 -10.65
N LEU B 509 63.78 14.99 -11.73
CA LEU B 509 63.86 16.45 -11.73
C LEU B 509 62.60 17.04 -11.11
N ASP B 510 61.58 16.19 -10.96
CA ASP B 510 60.28 16.62 -10.46
C ASP B 510 60.20 16.92 -8.95
N PRO B 511 60.76 16.03 -8.09
CA PRO B 511 60.69 16.34 -6.65
C PRO B 511 61.37 17.66 -6.30
N LEU B 512 62.69 17.64 -6.21
CA LEU B 512 63.45 18.86 -6.00
C LEU B 512 63.33 19.71 -7.26
N ALA B 513 62.50 20.74 -7.21
CA ALA B 513 62.14 21.53 -8.38
C ALA B 513 63.34 22.14 -9.10
N TYR B 514 63.14 22.50 -10.37
CA TYR B 514 64.21 23.04 -11.21
C TYR B 514 64.83 24.31 -10.62
N GLU B 515 63.98 25.17 -10.07
CA GLU B 515 64.44 26.43 -9.49
C GLU B 515 65.33 26.20 -8.28
N ILE B 516 65.04 25.13 -7.53
CA ILE B 516 65.80 24.82 -6.34
C ILE B 516 67.19 24.28 -6.71
N TRP B 517 67.24 23.48 -7.76
CA TRP B 517 68.51 22.98 -8.27
C TRP B 517 69.42 24.14 -8.70
N MET B 518 68.80 25.19 -9.25
CA MET B 518 69.55 26.37 -9.65
C MET B 518 70.18 27.05 -8.44
N CYS B 519 69.34 27.35 -7.45
CA CYS B 519 69.82 28.03 -6.24
C CYS B 519 70.65 27.11 -5.35
N ILE B 520 70.44 25.79 -5.45
CA ILE B 520 71.29 24.86 -4.73
C ILE B 520 72.64 24.76 -5.45
N VAL B 521 72.72 25.39 -6.62
CA VAL B 521 73.97 25.56 -7.35
C VAL B 521 74.45 27.00 -7.23
N PHE B 522 73.49 27.93 -7.11
CA PHE B 522 73.82 29.35 -6.94
C PHE B 522 74.34 29.65 -5.53
N ALA B 523 73.71 29.05 -4.52
CA ALA B 523 74.19 29.19 -3.16
C ALA B 523 75.41 28.30 -2.97
N TYR B 524 75.50 27.26 -3.80
CA TYR B 524 76.63 26.35 -3.83
C TYR B 524 77.92 27.07 -4.21
N ILE B 525 77.91 27.68 -5.39
CA ILE B 525 79.03 28.52 -5.82
C ILE B 525 79.13 29.74 -4.92
N GLY B 526 78.02 30.05 -4.25
CA GLY B 526 77.98 31.11 -3.27
C GLY B 526 78.73 30.73 -2.02
N VAL B 527 78.90 29.43 -1.80
CA VAL B 527 79.67 28.94 -0.66
C VAL B 527 81.15 28.88 -1.00
N SER B 528 81.45 28.25 -2.13
CA SER B 528 82.84 28.12 -2.58
C SER B 528 83.49 29.47 -2.87
N VAL B 529 82.66 30.51 -3.03
CA VAL B 529 83.18 31.86 -3.22
C VAL B 529 83.34 32.56 -1.87
N VAL B 530 82.63 32.07 -0.86
CA VAL B 530 82.81 32.58 0.50
C VAL B 530 84.12 32.06 1.08
N LEU B 531 84.27 30.74 1.06
CA LEU B 531 85.46 30.08 1.61
C LEU B 531 86.73 30.49 0.87
N PHE B 532 86.61 30.71 -0.43
CA PHE B 532 87.75 31.09 -1.26
C PHE B 532 88.35 32.43 -0.81
N LEU B 533 87.51 33.30 -0.28
CA LEU B 533 87.96 34.59 0.21
C LEU B 533 88.36 34.52 1.68
N VAL B 534 88.29 33.33 2.25
CA VAL B 534 88.72 33.08 3.62
C VAL B 534 90.18 32.61 3.63
N SER B 535 90.63 32.09 2.49
CA SER B 535 92.00 31.63 2.36
C SER B 535 92.97 32.81 2.27
N THR B 559 100.40 35.28 -8.16
CA THR B 559 99.31 35.73 -7.30
C THR B 559 97.95 35.36 -7.89
N ASN B 560 97.84 35.51 -9.21
CA ASN B 560 96.60 35.15 -9.92
C ASN B 560 96.43 33.64 -10.01
N GLU B 561 97.54 32.92 -10.10
CA GLU B 561 97.52 31.47 -10.15
C GLU B 561 97.30 30.89 -8.75
N PHE B 562 97.61 31.69 -7.74
CA PHE B 562 97.39 31.28 -6.35
C PHE B 562 95.90 31.36 -6.01
N GLY B 563 95.17 32.16 -6.76
CA GLY B 563 93.74 32.29 -6.59
C GLY B 563 93.00 31.25 -7.41
N ILE B 564 93.70 30.65 -8.37
CA ILE B 564 93.13 29.59 -9.19
C ILE B 564 93.29 28.24 -8.50
N PHE B 565 94.31 28.14 -7.65
CA PHE B 565 94.57 26.92 -6.91
C PHE B 565 93.78 26.90 -5.60
N ASN B 566 93.30 28.07 -5.20
CA ASN B 566 92.50 28.20 -3.98
C ASN B 566 90.99 28.16 -4.27
N SER B 567 90.63 28.56 -5.49
CA SER B 567 89.23 28.50 -5.92
C SER B 567 88.87 27.09 -6.36
N LEU B 568 89.89 26.27 -6.57
CA LEU B 568 89.69 24.86 -6.90
C LEU B 568 89.82 24.02 -5.62
N TRP B 569 90.10 24.70 -4.51
CA TRP B 569 90.18 24.05 -3.21
C TRP B 569 88.93 24.36 -2.40
N PHE B 570 88.27 25.47 -2.73
CA PHE B 570 87.01 25.83 -2.10
C PHE B 570 85.85 25.21 -2.88
N SER B 571 86.08 24.98 -4.17
CA SER B 571 85.12 24.26 -5.01
C SER B 571 85.31 22.76 -4.84
N LEU B 572 86.41 22.39 -4.19
CA LEU B 572 86.63 21.01 -3.77
C LEU B 572 86.07 20.85 -2.37
N GLY B 573 85.83 21.99 -1.73
CA GLY B 573 85.15 22.02 -0.44
C GLY B 573 83.72 22.48 -0.65
N ALA B 574 83.20 22.22 -1.85
CA ALA B 574 81.83 22.58 -2.19
C ALA B 574 81.07 21.34 -2.65
N PHE B 575 81.70 20.55 -3.53
CA PHE B 575 81.17 19.24 -3.90
C PHE B 575 80.98 18.44 -2.61
N MET B 576 79.79 18.56 -2.05
CA MET B 576 79.50 18.21 -0.66
C MET B 576 80.05 16.88 -0.13
N GLN B 577 80.23 16.85 1.19
CA GLN B 577 80.71 15.66 1.89
C GLN B 577 80.21 15.67 3.33
N PRO B 584 92.11 24.00 9.79
CA PRO B 584 91.83 23.76 11.21
C PRO B 584 90.59 24.52 11.68
N ARG B 585 90.53 24.81 12.98
CA ARG B 585 89.38 25.48 13.56
C ARG B 585 89.33 26.97 13.24
N SER B 586 89.29 27.30 11.95
CA SER B 586 89.15 28.69 11.51
C SER B 586 87.71 29.14 11.66
N LEU B 587 87.42 29.82 12.77
CA LEU B 587 86.05 30.18 13.16
C LEU B 587 85.27 30.95 12.09
N SER B 588 86.00 31.51 11.11
CA SER B 588 85.38 32.16 9.98
C SER B 588 84.50 31.19 9.19
N GLY B 589 85.11 30.45 8.28
CA GLY B 589 84.39 29.50 7.45
C GLY B 589 83.98 28.24 8.18
N ARG B 590 84.20 28.21 9.49
CA ARG B 590 83.80 27.07 10.31
C ARG B 590 82.28 26.96 10.38
N ILE B 591 81.59 28.09 10.38
CA ILE B 591 80.13 28.10 10.41
C ILE B 591 79.56 27.93 9.00
N VAL B 592 80.32 28.35 8.00
CA VAL B 592 79.93 28.13 6.61
C VAL B 592 79.86 26.62 6.36
N GLY B 593 80.84 25.90 6.88
CA GLY B 593 80.84 24.46 6.82
C GLY B 593 79.70 23.89 7.65
N GLY B 594 79.38 24.59 8.74
CA GLY B 594 78.31 24.15 9.63
C GLY B 594 76.93 24.48 9.11
N VAL B 595 76.76 25.67 8.54
CA VAL B 595 75.47 26.11 8.04
C VAL B 595 75.10 25.48 6.69
N TRP B 596 76.10 25.32 5.82
CA TRP B 596 75.87 24.63 4.55
C TRP B 596 75.50 23.17 4.78
N TRP B 597 75.98 22.62 5.90
CA TRP B 597 75.66 21.25 6.27
C TRP B 597 74.19 21.12 6.67
N PHE B 598 73.70 22.11 7.41
CA PHE B 598 72.29 22.13 7.83
C PHE B 598 71.42 22.38 6.61
N PHE B 599 71.91 23.20 5.69
CA PHE B 599 71.20 23.50 4.46
C PHE B 599 71.04 22.27 3.58
N THR B 600 72.06 21.43 3.54
CA THR B 600 71.98 20.22 2.72
C THR B 600 71.27 19.07 3.42
N LEU B 601 71.39 19.01 4.75
CA LEU B 601 70.68 18.00 5.53
C LEU B 601 69.17 18.09 5.30
N ILE B 602 68.66 19.31 5.38
CA ILE B 602 67.24 19.56 5.18
C ILE B 602 66.80 19.23 3.76
N ILE B 603 67.52 19.77 2.79
CA ILE B 603 67.19 19.57 1.38
C ILE B 603 67.17 18.09 0.98
N ILE B 604 68.23 17.35 1.33
CA ILE B 604 68.29 15.94 0.97
C ILE B 604 67.29 15.11 1.79
N SER B 605 66.81 15.70 2.88
CA SER B 605 65.75 15.07 3.67
C SER B 605 64.40 15.41 3.07
N SER B 606 64.25 16.64 2.63
CA SER B 606 63.02 17.08 1.96
C SER B 606 62.82 16.31 0.66
N TYR B 607 63.92 15.91 0.03
CA TYR B 607 63.85 15.06 -1.16
C TYR B 607 63.51 13.64 -0.76
N THR B 608 64.17 13.15 0.29
CA THR B 608 63.95 11.79 0.78
C THR B 608 62.50 11.59 1.20
N ALA B 609 61.89 12.64 1.74
CA ALA B 609 60.51 12.59 2.21
C ALA B 609 59.52 12.60 1.05
N ASN B 610 59.51 13.68 0.27
CA ASN B 610 58.55 13.86 -0.80
C ASN B 610 58.63 12.79 -1.90
N LEU B 611 59.78 12.12 -2.00
CA LEU B 611 59.93 11.03 -2.96
C LEU B 611 59.19 9.78 -2.48
N ALA B 612 59.18 9.57 -1.16
CA ALA B 612 58.47 8.44 -0.58
C ALA B 612 56.98 8.57 -0.83
N ALA B 613 56.51 9.81 -0.92
CA ALA B 613 55.11 10.08 -1.21
C ALA B 613 54.80 9.80 -2.68
N PHE B 614 55.76 10.10 -3.55
CA PHE B 614 55.61 9.85 -4.98
C PHE B 614 55.50 8.36 -5.28
N LEU B 615 56.18 7.55 -4.48
CA LEU B 615 56.13 6.10 -4.64
C LEU B 615 54.99 5.47 -3.84
N THR B 616 54.30 6.29 -3.05
CA THR B 616 53.22 5.80 -2.20
C THR B 616 51.86 5.94 -2.89
N VAL B 617 51.57 7.13 -3.38
CA VAL B 617 50.27 7.43 -3.98
C VAL B 617 50.22 7.11 -5.47
N GLU B 618 51.28 7.47 -6.19
CA GLU B 618 51.38 7.32 -7.65
C GLU B 618 50.10 7.71 -8.42
N ARG B 619 49.60 8.92 -8.15
CA ARG B 619 48.40 9.43 -8.79
C ARG B 619 48.57 9.56 -10.32
N MET B 620 47.45 9.67 -11.02
CA MET B 620 47.45 9.81 -12.46
C MET B 620 46.77 11.11 -12.90
N VAL B 621 47.07 11.56 -14.11
CA VAL B 621 46.41 12.73 -14.68
C VAL B 621 46.04 12.48 -16.15
N SER B 622 44.90 13.01 -16.57
CA SER B 622 44.48 12.90 -17.97
C SER B 622 44.57 14.27 -18.62
N PRO B 623 45.34 14.36 -19.73
CA PRO B 623 45.58 15.63 -20.43
C PRO B 623 44.29 16.24 -20.93
N ILE B 624 43.43 15.41 -21.51
CA ILE B 624 42.20 15.88 -22.12
C ILE B 624 41.14 16.25 -21.09
N GLU B 625 40.86 17.54 -20.99
CA GLU B 625 39.86 18.06 -20.06
C GLU B 625 38.58 18.41 -20.82
N SER B 626 38.64 19.51 -21.57
CA SER B 626 37.49 20.00 -22.32
C SER B 626 37.68 19.83 -23.81
N ALA B 627 36.73 20.37 -24.58
CA ALA B 627 36.85 20.39 -26.04
C ALA B 627 37.71 21.56 -26.46
N GLU B 628 37.84 22.54 -25.56
CA GLU B 628 38.71 23.68 -25.78
C GLU B 628 40.15 23.26 -25.54
N ASP B 629 40.33 22.08 -24.95
CA ASP B 629 41.65 21.50 -24.74
C ASP B 629 42.09 20.69 -25.95
N LEU B 630 41.14 20.33 -26.80
CA LEU B 630 41.45 19.61 -28.03
C LEU B 630 41.87 20.55 -29.14
N SER B 631 41.42 21.80 -29.06
CA SER B 631 41.71 22.79 -30.10
C SER B 631 42.87 23.71 -29.72
N LYS B 632 43.49 23.44 -28.58
CA LYS B 632 44.65 24.21 -28.14
C LYS B 632 45.93 23.38 -28.28
N GLN B 633 45.79 22.18 -28.81
CA GLN B 633 46.93 21.29 -29.02
C GLN B 633 46.82 20.58 -30.37
N THR B 634 47.88 19.89 -30.76
CA THR B 634 47.90 19.17 -32.03
C THR B 634 48.53 17.78 -31.89
N GLU B 635 49.28 17.58 -30.82
CA GLU B 635 49.99 16.33 -30.60
C GLU B 635 49.03 15.14 -30.48
N ILE B 636 47.88 15.36 -29.87
CA ILE B 636 46.86 14.32 -29.76
C ILE B 636 45.75 14.54 -30.78
N ALA B 637 45.71 13.69 -31.81
CA ALA B 637 44.71 13.79 -32.86
C ALA B 637 43.32 13.43 -32.33
N TYR B 638 42.29 13.78 -33.10
CA TYR B 638 40.92 13.40 -32.75
C TYR B 638 40.02 13.42 -33.98
N GLY B 639 38.85 12.79 -33.86
CA GLY B 639 37.91 12.73 -34.96
C GLY B 639 36.55 12.20 -34.55
N THR B 640 35.61 12.23 -35.48
CA THR B 640 34.26 11.73 -35.24
C THR B 640 33.89 10.71 -36.29
N LEU B 641 32.60 10.42 -36.39
CA LEU B 641 32.10 9.51 -37.41
C LEU B 641 32.10 10.23 -38.76
N ASP B 642 32.28 9.46 -39.84
CA ASP B 642 32.31 10.06 -41.18
C ASP B 642 30.95 10.60 -41.60
N SER B 643 29.89 9.84 -41.27
CA SER B 643 28.53 10.24 -41.61
C SER B 643 27.60 10.06 -40.42
N GLY B 644 26.97 11.15 -40.01
CA GLY B 644 26.07 11.14 -38.86
C GLY B 644 25.83 12.54 -38.33
N SER B 645 25.00 12.65 -37.29
CA SER B 645 24.69 13.94 -36.70
C SER B 645 25.91 14.54 -36.02
N THR B 646 26.76 13.67 -35.47
CA THR B 646 27.98 14.10 -34.80
C THR B 646 28.90 14.81 -35.78
N LYS B 647 28.99 14.27 -36.99
CA LYS B 647 29.83 14.84 -38.04
C LYS B 647 29.24 16.16 -38.53
N GLU B 648 27.94 16.16 -38.81
CA GLU B 648 27.28 17.32 -39.35
C GLU B 648 27.22 18.48 -38.35
N PHE B 649 27.36 18.15 -37.07
CA PHE B 649 27.36 19.16 -36.03
C PHE B 649 28.52 20.14 -36.20
N PHE B 650 29.74 19.62 -36.10
CA PHE B 650 30.95 20.43 -36.26
C PHE B 650 30.98 21.11 -37.63
N ARG B 651 30.47 20.41 -38.64
CA ARG B 651 30.43 20.93 -39.99
C ARG B 651 29.51 22.15 -40.09
N ARG B 652 28.47 22.18 -39.26
CA ARG B 652 27.49 23.26 -39.30
C ARG B 652 27.68 24.25 -38.15
N SER B 653 28.32 23.81 -37.08
CA SER B 653 28.48 24.62 -35.87
C SER B 653 29.23 25.93 -36.14
N LYS B 654 28.73 27.01 -35.55
CA LYS B 654 29.33 28.32 -35.70
C LYS B 654 29.69 28.91 -34.34
N ILE B 655 30.09 28.05 -33.41
CA ILE B 655 30.57 28.49 -32.11
C ILE B 655 32.09 28.58 -32.16
N ALA B 656 32.66 29.51 -31.39
CA ALA B 656 34.08 29.83 -31.42
C ALA B 656 35.01 28.61 -31.39
N VAL B 657 34.88 27.79 -30.36
CA VAL B 657 35.77 26.65 -30.17
C VAL B 657 35.53 25.54 -31.20
N PHE B 658 34.27 25.15 -31.36
CA PHE B 658 33.90 24.04 -32.24
C PHE B 658 34.29 24.28 -33.70
N ASP B 659 34.42 25.55 -34.09
CA ASP B 659 34.80 25.91 -35.45
C ASP B 659 36.21 25.42 -35.76
N LYS B 660 37.12 25.61 -34.81
CA LYS B 660 38.51 25.19 -34.98
C LYS B 660 38.64 23.67 -35.10
N MET B 661 37.70 22.96 -34.50
CA MET B 661 37.73 21.49 -34.51
C MET B 661 37.41 20.94 -35.89
N TRP B 662 36.40 21.50 -36.54
CA TRP B 662 35.97 21.02 -37.84
C TRP B 662 36.95 21.36 -38.97
N THR B 663 37.57 22.54 -38.88
CA THR B 663 38.56 22.96 -39.86
C THR B 663 39.76 22.00 -39.83
N TYR B 664 40.00 21.41 -38.65
CA TYR B 664 41.03 20.42 -38.50
C TYR B 664 40.64 19.09 -39.14
N MET B 665 39.45 18.59 -38.78
CA MET B 665 38.99 17.27 -39.22
C MET B 665 38.80 17.15 -40.74
N ARG B 666 38.28 18.21 -41.35
CA ARG B 666 37.96 18.19 -42.78
C ARG B 666 39.19 17.92 -43.66
N SER B 667 40.34 18.48 -43.26
CA SER B 667 41.57 18.31 -44.02
C SER B 667 42.66 17.64 -43.19
N ALA B 668 42.25 16.70 -42.35
CA ALA B 668 43.20 15.98 -41.50
C ALA B 668 43.78 14.76 -42.21
N GLU B 669 45.09 14.58 -42.13
CA GLU B 669 45.76 13.46 -42.75
C GLU B 669 46.52 12.62 -41.71
N PRO B 670 46.23 11.31 -41.65
CA PRO B 670 45.23 10.62 -42.47
C PRO B 670 43.81 10.89 -41.98
N SER B 671 42.82 10.32 -42.66
CA SER B 671 41.42 10.56 -42.33
C SER B 671 41.10 10.25 -40.87
N VAL B 672 40.85 11.30 -40.09
CA VAL B 672 40.49 11.15 -38.68
C VAL B 672 39.07 10.64 -38.52
N PHE B 673 38.37 10.49 -39.64
CA PHE B 673 37.02 9.92 -39.64
C PHE B 673 37.09 8.41 -39.72
N VAL B 674 36.48 7.74 -38.75
CA VAL B 674 36.42 6.28 -38.73
C VAL B 674 35.11 5.80 -39.36
N ARG B 675 35.06 4.52 -39.70
CA ARG B 675 33.89 3.96 -40.36
C ARG B 675 32.71 3.77 -39.39
N THR B 676 32.96 3.07 -38.29
CA THR B 676 31.90 2.78 -37.33
C THR B 676 32.28 3.20 -35.91
N THR B 677 31.40 2.90 -34.96
CA THR B 677 31.65 3.21 -33.55
C THR B 677 32.74 2.31 -33.00
N ALA B 678 32.71 1.04 -33.40
CA ALA B 678 33.70 0.06 -32.95
C ALA B 678 35.10 0.42 -33.43
N GLU B 679 35.19 0.96 -34.64
CA GLU B 679 36.47 1.35 -35.22
C GLU B 679 37.03 2.57 -34.50
N GLY B 680 36.14 3.43 -34.02
CA GLY B 680 36.54 4.63 -33.30
C GLY B 680 37.12 4.31 -31.93
N VAL B 681 36.47 3.38 -31.23
CA VAL B 681 36.95 2.94 -29.92
C VAL B 681 38.26 2.21 -30.06
N ALA B 682 38.37 1.36 -31.09
CA ALA B 682 39.59 0.61 -31.35
C ALA B 682 40.74 1.50 -31.81
N ARG B 683 40.39 2.69 -32.31
CA ARG B 683 41.40 3.64 -32.77
C ARG B 683 41.95 4.46 -31.61
N VAL B 684 41.25 4.41 -30.47
CA VAL B 684 41.73 5.05 -29.25
C VAL B 684 42.46 4.02 -28.41
N ARG B 685 41.96 2.79 -28.45
CA ARG B 685 42.54 1.68 -27.68
C ARG B 685 43.87 1.22 -28.28
N LYS B 686 44.16 1.65 -29.51
CA LYS B 686 45.39 1.27 -30.19
C LYS B 686 46.24 2.48 -30.56
N SER B 687 46.02 3.60 -29.85
CA SER B 687 46.77 4.81 -30.10
C SER B 687 47.59 5.23 -28.88
N LYS B 688 47.40 4.48 -27.79
CA LYS B 688 48.10 4.75 -26.53
C LYS B 688 47.80 6.14 -25.98
N GLY B 689 46.66 6.70 -26.37
CA GLY B 689 46.24 8.00 -25.87
C GLY B 689 46.61 9.16 -26.78
N LYS B 690 46.80 8.89 -28.06
CA LYS B 690 47.14 9.93 -29.02
C LYS B 690 45.98 10.22 -29.97
N TYR B 691 44.85 9.57 -29.72
CA TYR B 691 43.67 9.73 -30.56
C TYR B 691 42.40 9.82 -29.72
N ALA B 692 41.76 10.98 -29.74
CA ALA B 692 40.50 11.16 -29.01
C ALA B 692 39.32 10.93 -29.94
N TYR B 693 38.22 10.44 -29.39
CA TYR B 693 37.02 10.19 -30.19
C TYR B 693 35.79 10.89 -29.63
N LEU B 694 35.01 11.48 -30.52
CA LEU B 694 33.81 12.22 -30.14
C LEU B 694 32.55 11.47 -30.57
N LEU B 695 31.71 11.13 -29.60
CA LEU B 695 30.49 10.37 -29.88
C LEU B 695 29.36 10.78 -28.93
N GLU B 696 28.22 10.08 -29.05
CA GLU B 696 27.10 10.31 -28.16
C GLU B 696 27.48 9.92 -26.73
N SER B 697 27.18 10.81 -25.78
CA SER B 697 27.58 10.60 -24.38
C SER B 697 26.90 9.38 -23.76
N THR B 698 25.88 8.86 -24.42
CA THR B 698 25.17 7.68 -23.93
C THR B 698 26.01 6.41 -24.05
N MET B 699 26.52 6.16 -25.26
CA MET B 699 27.31 4.95 -25.52
C MET B 699 28.75 5.15 -25.04
N ASN B 700 29.13 6.39 -24.81
CA ASN B 700 30.45 6.69 -24.25
C ASN B 700 30.54 6.09 -22.85
N GLU B 701 29.54 6.39 -22.03
CA GLU B 701 29.50 5.89 -20.67
C GLU B 701 29.36 4.37 -20.64
N TYR B 702 28.72 3.82 -21.67
CA TYR B 702 28.57 2.37 -21.77
C TYR B 702 29.89 1.70 -22.11
N ILE B 703 30.62 2.28 -23.07
CA ILE B 703 31.94 1.78 -23.45
C ILE B 703 32.90 1.82 -22.24
N GLU B 704 32.75 2.85 -21.42
CA GLU B 704 33.56 2.98 -20.21
C GLU B 704 33.24 1.88 -19.19
N GLN B 705 32.10 1.20 -19.38
CA GLN B 705 31.73 0.12 -18.47
C GLN B 705 31.70 -1.24 -19.16
N ARG B 706 32.32 -1.33 -20.32
CA ARG B 706 32.57 -2.61 -20.97
C ARG B 706 34.08 -2.87 -20.95
N LYS B 707 34.46 -4.14 -20.85
CA LYS B 707 35.87 -4.52 -20.81
C LYS B 707 36.64 -3.94 -21.99
N PRO B 708 37.93 -3.63 -21.78
CA PRO B 708 38.72 -3.85 -20.57
C PRO B 708 38.95 -2.60 -19.73
N CYS B 709 37.94 -1.73 -19.62
CA CYS B 709 38.02 -0.54 -18.76
C CYS B 709 39.22 0.35 -19.07
N ASP B 710 39.41 0.69 -20.34
CA ASP B 710 40.55 1.49 -20.75
C ASP B 710 40.17 2.93 -21.07
N THR B 711 39.01 3.10 -21.71
CA THR B 711 38.55 4.43 -22.10
C THR B 711 37.78 5.12 -20.99
N MET B 712 37.46 6.39 -21.20
CA MET B 712 36.65 7.16 -20.27
C MET B 712 36.17 8.47 -20.91
N LYS B 713 34.98 8.90 -20.54
CA LYS B 713 34.47 10.19 -20.99
C LYS B 713 35.16 11.31 -20.23
N VAL B 714 35.42 12.43 -20.90
CA VAL B 714 36.08 13.56 -20.27
C VAL B 714 35.38 14.88 -20.59
N GLY B 715 35.26 15.73 -19.57
CA GLY B 715 34.61 17.03 -19.74
C GLY B 715 33.12 16.92 -19.96
N GLY B 716 32.44 18.06 -19.90
CA GLY B 716 31.01 18.11 -20.13
C GLY B 716 30.68 17.85 -21.59
N ASN B 717 29.43 17.46 -21.85
CA ASN B 717 28.99 17.22 -23.22
C ASN B 717 29.01 18.51 -24.04
N LEU B 718 29.06 18.36 -25.36
CA LEU B 718 29.24 19.51 -26.25
C LEU B 718 27.96 20.27 -26.56
N ASP B 719 26.85 19.55 -26.65
CA ASP B 719 25.56 20.18 -26.96
C ASP B 719 24.47 19.79 -25.97
N SER B 720 23.22 20.03 -26.35
CA SER B 720 22.09 19.77 -25.47
C SER B 720 20.96 19.06 -26.21
N LYS B 721 21.03 17.74 -26.28
CA LYS B 721 20.03 16.95 -26.99
C LYS B 721 19.14 16.17 -26.03
N GLY B 722 18.34 15.25 -26.59
CA GLY B 722 17.45 14.43 -25.78
C GLY B 722 16.68 13.39 -26.56
N TYR B 723 16.53 12.21 -25.96
CA TYR B 723 15.74 11.13 -26.53
C TYR B 723 14.30 11.26 -26.08
N GLY B 724 13.36 10.76 -26.89
CA GLY B 724 11.96 10.84 -26.54
C GLY B 724 11.10 9.72 -27.10
N ILE B 725 9.92 9.55 -26.54
CA ILE B 725 8.96 8.58 -27.05
C ILE B 725 8.22 9.18 -28.24
N ALA B 726 8.20 8.46 -29.35
CA ALA B 726 7.57 8.95 -30.57
C ALA B 726 6.24 8.28 -30.84
N THR B 727 5.19 9.09 -30.97
CA THR B 727 3.85 8.60 -31.25
C THR B 727 3.27 9.33 -32.45
N PRO B 728 2.49 8.61 -33.29
CA PRO B 728 1.86 9.18 -34.49
C PRO B 728 1.10 10.48 -34.19
N LYS B 729 1.15 11.43 -35.12
CA LYS B 729 0.51 12.73 -34.93
C LYS B 729 -1.00 12.60 -34.82
N GLY B 730 -1.54 13.07 -33.69
CA GLY B 730 -2.97 13.00 -33.43
C GLY B 730 -3.35 11.66 -32.81
N SER B 731 -2.41 11.07 -32.07
CA SER B 731 -2.64 9.77 -31.45
C SER B 731 -3.46 9.91 -30.17
N SER B 732 -4.05 8.80 -29.74
CA SER B 732 -4.75 8.76 -28.46
C SER B 732 -3.75 8.45 -27.35
N LEU B 733 -2.54 8.07 -27.76
CA LEU B 733 -1.46 7.78 -26.81
C LEU B 733 -0.59 9.00 -26.55
N GLY B 734 -0.86 10.08 -27.25
CA GLY B 734 -0.06 11.30 -27.15
C GLY B 734 0.07 11.83 -25.75
N THR B 735 -0.97 12.52 -25.28
CA THR B 735 -1.01 13.04 -23.91
C THR B 735 -0.80 12.00 -22.79
N PRO B 736 -1.36 10.77 -22.95
CA PRO B 736 -1.07 9.74 -21.95
C PRO B 736 0.42 9.47 -21.70
N VAL B 737 1.14 9.03 -22.72
CA VAL B 737 2.55 8.65 -22.57
C VAL B 737 3.42 9.82 -22.09
N ASN B 738 3.17 11.01 -22.64
CA ASN B 738 3.93 12.20 -22.27
C ASN B 738 3.86 12.51 -20.77
N LEU B 739 2.65 12.51 -20.23
CA LEU B 739 2.44 12.76 -18.80
C LEU B 739 3.05 11.65 -17.96
N ALA B 740 2.98 10.42 -18.47
CA ALA B 740 3.50 9.26 -17.76
C ALA B 740 5.02 9.29 -17.67
N VAL B 741 5.67 9.88 -18.67
CA VAL B 741 7.12 10.02 -18.69
C VAL B 741 7.58 10.87 -17.51
N LEU B 742 6.95 12.03 -17.33
CA LEU B 742 7.29 12.94 -16.24
C LEU B 742 7.05 12.31 -14.88
N LYS B 743 6.07 11.42 -14.79
CA LYS B 743 5.77 10.74 -13.54
C LYS B 743 6.89 9.77 -13.19
N LEU B 744 7.52 9.19 -14.20
CA LEU B 744 8.60 8.23 -13.99
C LEU B 744 9.90 8.90 -13.56
N SER B 745 10.18 10.08 -14.14
CA SER B 745 11.42 10.78 -13.84
C SER B 745 11.42 11.35 -12.43
N GLU B 746 10.33 12.00 -12.04
CA GLU B 746 10.23 12.60 -10.72
C GLU B 746 10.20 11.54 -9.62
N GLN B 747 9.66 10.37 -9.93
CA GLN B 747 9.66 9.26 -9.00
C GLN B 747 11.07 8.71 -8.85
N GLY B 748 11.89 8.90 -9.87
CA GLY B 748 13.27 8.45 -9.85
C GLY B 748 13.47 7.13 -10.55
N VAL B 749 12.49 6.75 -11.37
CA VAL B 749 12.53 5.47 -12.08
C VAL B 749 13.59 5.48 -13.18
N LEU B 750 13.65 6.55 -13.95
CA LEU B 750 14.61 6.68 -15.03
C LEU B 750 16.05 6.68 -14.50
N ASP B 751 16.27 7.43 -13.43
CA ASP B 751 17.59 7.50 -12.79
C ASP B 751 17.98 6.13 -12.26
N LYS B 752 16.99 5.38 -11.79
CA LYS B 752 17.21 4.03 -11.29
C LYS B 752 17.49 3.06 -12.44
N LEU B 753 16.79 3.27 -13.55
CA LEU B 753 16.91 2.39 -14.70
C LEU B 753 18.26 2.52 -15.40
N LYS B 754 18.74 3.74 -15.56
CA LYS B 754 20.02 3.97 -16.22
C LYS B 754 21.17 3.42 -15.38
N ASN B 755 21.04 3.53 -14.06
CA ASN B 755 22.03 2.97 -13.15
C ASN B 755 22.09 1.45 -13.26
N LYS B 756 21.00 0.85 -13.72
CA LYS B 756 20.88 -0.61 -13.82
C LYS B 756 21.63 -1.20 -15.02
N TRP B 757 21.41 -0.63 -16.20
CA TRP B 757 21.95 -1.21 -17.43
C TRP B 757 23.27 -0.58 -17.86
N TRP B 758 23.71 0.44 -17.14
CA TRP B 758 25.00 1.07 -17.44
C TRP B 758 26.05 0.70 -16.40
N TYR B 759 25.77 1.03 -15.13
CA TYR B 759 26.78 0.92 -14.09
C TYR B 759 26.66 -0.34 -13.22
N ASP B 760 25.43 -0.69 -12.83
CA ASP B 760 25.23 -1.84 -11.96
C ASP B 760 25.52 -3.17 -12.64
N LYS B 761 25.06 -3.30 -13.89
CA LYS B 761 25.38 -4.48 -14.68
C LYS B 761 26.53 -4.20 -15.65
N GLY B 762 27.25 -3.11 -15.38
CA GLY B 762 28.47 -2.80 -16.11
C GLY B 762 29.58 -3.69 -15.61
N GLU B 763 30.74 -3.64 -16.27
CA GLU B 763 31.83 -4.54 -15.94
C GLU B 763 33.08 -3.82 -15.42
N CYS B 764 32.90 -2.60 -14.94
CA CYS B 764 34.01 -1.81 -14.43
C CYS B 764 33.66 -1.14 -13.11
N SER B 776 55.09 -1.80 -6.11
CA SER B 776 55.70 -2.92 -5.39
C SER B 776 57.09 -3.27 -5.94
N ALA B 777 57.50 -2.53 -6.96
CA ALA B 777 58.83 -2.70 -7.55
C ALA B 777 59.28 -1.39 -8.19
N LEU B 778 60.58 -1.14 -8.18
CA LEU B 778 61.10 0.15 -8.66
C LEU B 778 61.87 0.04 -9.98
N SER B 779 61.64 0.99 -10.87
CA SER B 779 62.23 1.02 -12.20
C SER B 779 63.72 1.35 -12.19
N LEU B 780 64.37 1.10 -13.31
CA LEU B 780 65.78 1.42 -13.51
C LEU B 780 65.91 2.56 -14.52
N SER B 781 64.81 2.85 -15.21
CA SER B 781 64.78 3.88 -16.25
C SER B 781 65.27 5.24 -15.77
N ASN B 782 64.69 5.72 -14.67
CA ASN B 782 65.07 7.00 -14.09
C ASN B 782 66.49 6.97 -13.54
N VAL B 783 66.89 5.81 -13.03
CA VAL B 783 68.17 5.66 -12.37
C VAL B 783 69.36 5.82 -13.30
N ALA B 784 69.24 5.26 -14.51
CA ALA B 784 70.35 5.22 -15.46
C ALA B 784 70.92 6.60 -15.81
N GLY B 785 70.05 7.60 -15.89
CA GLY B 785 70.45 8.95 -16.23
C GLY B 785 71.51 9.52 -15.31
N VAL B 786 71.40 9.23 -14.02
CA VAL B 786 72.35 9.71 -13.04
C VAL B 786 73.64 8.89 -13.07
N PHE B 787 73.56 7.70 -13.68
CA PHE B 787 74.75 6.88 -13.91
C PHE B 787 75.60 7.49 -15.02
N TYR B 788 74.94 8.07 -16.01
CA TYR B 788 75.64 8.63 -17.17
C TYR B 788 76.30 9.97 -16.85
N ILE B 789 75.67 10.76 -15.99
CA ILE B 789 76.28 11.99 -15.53
C ILE B 789 77.40 11.68 -14.54
N LEU B 790 77.35 10.46 -14.00
CA LEU B 790 78.41 9.96 -13.12
C LEU B 790 79.65 9.58 -13.92
N VAL B 791 79.47 8.69 -14.90
CA VAL B 791 80.57 8.24 -15.74
C VAL B 791 81.01 9.35 -16.68
N GLY B 792 80.09 10.28 -16.97
CA GLY B 792 80.42 11.46 -17.73
C GLY B 792 81.31 12.38 -16.91
N GLY B 793 81.22 12.25 -15.59
CA GLY B 793 82.08 12.99 -14.69
C GLY B 793 83.36 12.22 -14.45
N LEU B 794 83.31 10.91 -14.66
CA LEU B 794 84.50 10.06 -14.57
C LEU B 794 85.42 10.32 -15.74
N GLY B 795 84.82 10.63 -16.89
CA GLY B 795 85.59 10.91 -18.10
C GLY B 795 86.13 12.32 -18.12
N LEU B 796 85.37 13.27 -17.57
CA LEU B 796 85.81 14.65 -17.51
C LEU B 796 87.00 14.79 -16.56
N ALA B 797 87.05 13.94 -15.55
CA ALA B 797 88.13 13.95 -14.58
C ALA B 797 89.35 13.20 -15.11
N MET B 798 89.10 12.18 -15.93
CA MET B 798 90.17 11.48 -16.62
C MET B 798 90.85 12.42 -17.62
N LEU B 799 90.16 13.51 -17.94
CA LEU B 799 90.68 14.53 -18.83
C LEU B 799 91.50 15.58 -18.06
N VAL B 800 91.00 15.98 -16.89
CA VAL B 800 91.68 16.96 -16.06
C VAL B 800 92.89 16.35 -15.35
N ALA B 801 92.86 15.03 -15.16
CA ALA B 801 93.98 14.31 -14.55
C ALA B 801 95.17 14.27 -15.48
N LEU B 802 94.92 13.89 -16.73
CA LEU B 802 95.98 13.74 -17.73
C LEU B 802 96.65 15.05 -18.09
N ILE B 803 95.92 16.16 -17.96
CA ILE B 803 96.48 17.46 -18.32
C ILE B 803 97.31 18.09 -17.20
N GLU B 804 97.09 17.64 -15.96
CA GLU B 804 97.85 18.17 -14.83
C GLU B 804 99.26 17.61 -14.75
N PHE B 805 99.43 16.38 -15.24
CA PHE B 805 100.75 15.73 -15.23
C PHE B 805 101.61 16.20 -16.39
N CYS B 806 101.01 16.97 -17.31
CA CYS B 806 101.73 17.48 -18.48
C CYS B 806 102.33 18.86 -18.23
N TYR B 807 101.61 19.69 -17.48
CA TYR B 807 102.09 21.03 -17.15
C TYR B 807 103.21 20.98 -16.12
N LYS B 808 103.03 20.13 -15.11
CA LYS B 808 104.02 19.98 -14.05
C LYS B 808 105.20 19.12 -14.51
N ASN C 1 -65.10 44.21 -42.13
CA ASN C 1 -64.09 43.22 -41.80
C ASN C 1 -63.28 43.61 -40.58
N SER C 2 -63.96 43.74 -39.44
CA SER C 2 -63.33 44.22 -38.22
C SER C 2 -63.05 43.09 -37.23
N ILE C 3 -61.90 42.44 -37.38
CA ILE C 3 -61.50 41.36 -36.49
C ILE C 3 -60.89 41.95 -35.21
N GLN C 4 -61.59 41.78 -34.09
CA GLN C 4 -61.11 42.32 -32.83
C GLN C 4 -60.15 41.38 -32.11
N ILE C 5 -59.00 41.91 -31.70
CA ILE C 5 -57.99 41.12 -31.01
C ILE C 5 -57.66 41.71 -29.64
N GLY C 6 -57.09 40.88 -28.77
CA GLY C 6 -56.73 41.31 -27.43
C GLY C 6 -55.38 42.01 -27.37
N GLY C 7 -55.27 42.98 -26.47
CA GLY C 7 -54.03 43.71 -26.30
C GLY C 7 -53.65 43.83 -24.84
N LEU C 8 -52.86 42.87 -24.36
CA LEU C 8 -52.42 42.85 -22.96
C LEU C 8 -50.97 43.26 -22.80
N PHE C 9 -50.71 44.57 -22.86
CA PHE C 9 -49.37 45.10 -22.66
C PHE C 9 -49.16 45.51 -21.20
N PRO C 10 -47.99 45.20 -20.64
CA PRO C 10 -47.62 45.72 -19.33
C PRO C 10 -47.57 47.25 -19.37
N ARG C 11 -47.59 47.87 -18.20
CA ARG C 11 -47.60 49.33 -18.11
C ARG C 11 -46.29 49.93 -18.65
N GLY C 12 -45.24 49.13 -18.68
CA GLY C 12 -43.94 49.59 -19.14
C GLY C 12 -43.51 49.06 -20.49
N ALA C 13 -44.41 48.35 -21.17
CA ALA C 13 -44.13 47.83 -22.50
C ALA C 13 -44.34 48.90 -23.57
N ASP C 14 -43.64 50.03 -23.41
CA ASP C 14 -43.81 51.17 -24.29
C ASP C 14 -43.38 50.89 -25.72
N GLN C 15 -42.12 50.49 -25.89
CA GLN C 15 -41.59 50.19 -27.22
C GLN C 15 -42.33 49.01 -27.86
N GLU C 16 -42.76 48.07 -27.03
CA GLU C 16 -43.51 46.92 -27.50
C GLU C 16 -44.84 47.35 -28.12
N TYR C 17 -45.63 48.12 -27.37
CA TYR C 17 -46.92 48.60 -27.87
C TYR C 17 -46.75 49.49 -29.08
N SER C 18 -45.65 50.24 -29.12
CA SER C 18 -45.34 51.09 -30.27
C SER C 18 -45.11 50.21 -31.49
N ALA C 19 -44.35 49.13 -31.30
CA ALA C 19 -44.06 48.19 -32.37
C ALA C 19 -45.33 47.49 -32.85
N PHE C 20 -46.23 47.20 -31.90
CA PHE C 20 -47.52 46.61 -32.21
C PHE C 20 -48.29 47.52 -33.16
N ARG C 21 -48.33 48.81 -32.81
CA ARG C 21 -48.98 49.81 -33.64
C ARG C 21 -48.33 49.91 -35.00
N VAL C 22 -47.01 49.76 -35.04
CA VAL C 22 -46.27 49.73 -36.30
C VAL C 22 -46.66 48.49 -37.08
N GLY C 23 -46.71 47.36 -36.38
CA GLY C 23 -47.08 46.09 -36.97
C GLY C 23 -48.48 46.09 -37.56
N MET C 24 -49.35 46.95 -37.00
CA MET C 24 -50.71 47.08 -37.49
C MET C 24 -50.72 47.50 -38.96
N VAL C 25 -50.10 48.64 -39.24
CA VAL C 25 -50.19 49.25 -40.56
C VAL C 25 -49.46 48.47 -41.65
N GLN C 26 -48.34 47.85 -41.29
CA GLN C 26 -47.51 47.15 -42.26
C GLN C 26 -48.19 45.93 -42.88
N PHE C 27 -48.90 45.17 -42.04
CA PHE C 27 -49.52 43.93 -42.49
C PHE C 27 -51.04 44.05 -42.72
N SER C 28 -51.60 45.21 -42.40
CA SER C 28 -53.02 45.44 -42.63
C SER C 28 -53.33 45.46 -44.12
N THR C 29 -54.59 45.22 -44.46
CA THR C 29 -54.99 45.11 -45.86
C THR C 29 -56.41 45.60 -46.09
N SER C 30 -56.82 45.61 -47.36
CA SER C 30 -58.17 45.99 -47.73
C SER C 30 -59.12 44.82 -47.53
N GLU C 31 -58.56 43.62 -47.42
CA GLU C 31 -59.32 42.43 -47.05
C GLU C 31 -59.96 42.67 -45.69
N PHE C 32 -59.10 42.83 -44.70
CA PHE C 32 -59.53 43.03 -43.33
C PHE C 32 -58.52 43.88 -42.57
N ARG C 33 -58.96 44.44 -41.45
CA ARG C 33 -58.08 45.19 -40.56
C ARG C 33 -58.24 44.65 -39.15
N LEU C 34 -57.11 44.37 -38.50
CA LEU C 34 -57.15 43.98 -37.10
C LEU C 34 -57.46 45.19 -36.23
N THR C 35 -58.56 45.13 -35.50
CA THR C 35 -58.95 46.20 -34.60
C THR C 35 -58.72 45.77 -33.15
N PRO C 36 -57.62 46.23 -32.55
CA PRO C 36 -57.18 45.74 -31.24
C PRO C 36 -57.74 46.55 -30.08
N HIS C 37 -58.34 45.86 -29.11
CA HIS C 37 -58.63 46.48 -27.83
C HIS C 37 -57.42 46.32 -26.93
N ILE C 38 -56.88 47.43 -26.44
CA ILE C 38 -55.64 47.41 -25.68
C ILE C 38 -55.92 47.57 -24.19
N ASP C 39 -55.16 46.86 -23.37
CA ASP C 39 -55.30 46.94 -21.91
C ASP C 39 -53.95 46.92 -21.21
N ASN C 40 -53.51 48.08 -20.72
CA ASN C 40 -52.30 48.15 -19.92
C ASN C 40 -52.55 47.58 -18.53
N LEU C 41 -51.81 46.53 -18.18
CA LEU C 41 -52.07 45.81 -16.93
C LEU C 41 -50.82 45.44 -16.14
N GLU C 42 -50.98 45.35 -14.82
CA GLU C 42 -49.94 44.80 -13.96
C GLU C 42 -49.81 43.31 -14.25
N VAL C 43 -48.75 42.96 -14.97
CA VAL C 43 -48.61 41.61 -15.50
C VAL C 43 -48.16 40.60 -14.44
N ALA C 44 -47.56 41.10 -13.36
CA ALA C 44 -47.03 40.23 -12.31
C ALA C 44 -48.11 39.85 -11.29
N ASN C 45 -49.34 40.23 -11.57
CA ASN C 45 -50.45 39.94 -10.66
C ASN C 45 -51.52 39.09 -11.33
N SER C 46 -51.61 37.83 -10.93
CA SER C 46 -52.52 36.86 -11.55
C SER C 46 -53.98 37.30 -11.45
N PHE C 47 -54.32 38.01 -10.38
CA PHE C 47 -55.67 38.53 -10.21
C PHE C 47 -55.97 39.60 -11.26
N ALA C 48 -55.00 40.47 -11.49
CA ALA C 48 -55.14 41.55 -12.45
C ALA C 48 -55.32 41.01 -13.87
N VAL C 49 -54.56 39.97 -14.19
CA VAL C 49 -54.66 39.35 -15.51
C VAL C 49 -56.02 38.69 -15.70
N THR C 50 -56.44 37.92 -14.70
CA THR C 50 -57.71 37.20 -14.75
C THR C 50 -58.88 38.15 -15.04
N ASN C 51 -58.85 39.32 -14.41
CA ASN C 51 -59.84 40.34 -14.70
C ASN C 51 -59.65 40.96 -16.07
N ALA C 52 -58.39 41.23 -16.43
CA ALA C 52 -58.07 41.80 -17.73
C ALA C 52 -58.38 40.81 -18.84
N PHE C 53 -58.21 39.53 -18.56
CA PHE C 53 -58.50 38.48 -19.53
C PHE C 53 -60.01 38.37 -19.76
N CYS C 54 -60.78 38.50 -18.67
CA CYS C 54 -62.23 38.43 -18.75
C CYS C 54 -62.81 39.68 -19.41
N SER C 55 -62.16 40.82 -19.18
CA SER C 55 -62.56 42.07 -19.81
C SER C 55 -62.50 41.94 -21.33
N GLN C 56 -61.45 41.27 -21.80
CA GLN C 56 -61.29 41.03 -23.23
C GLN C 56 -62.22 39.93 -23.71
N PHE C 57 -62.56 39.01 -22.81
CA PHE C 57 -63.38 37.86 -23.17
C PHE C 57 -64.86 38.21 -23.32
N SER C 58 -65.35 39.09 -22.43
CA SER C 58 -66.74 39.54 -22.50
C SER C 58 -66.98 40.30 -23.80
N ARG C 59 -65.94 40.97 -24.29
CA ARG C 59 -66.01 41.67 -25.56
C ARG C 59 -66.05 40.68 -26.70
N GLY C 60 -65.57 39.46 -26.45
CA GLY C 60 -65.60 38.40 -27.44
C GLY C 60 -64.60 38.57 -28.55
N VAL C 61 -63.34 38.82 -28.19
CA VAL C 61 -62.27 38.93 -29.18
C VAL C 61 -61.98 37.56 -29.81
N TYR C 62 -61.16 37.56 -30.85
CA TYR C 62 -60.85 36.32 -31.55
C TYR C 62 -59.51 35.72 -31.12
N ALA C 63 -58.66 36.56 -30.55
CA ALA C 63 -57.37 36.13 -30.00
C ALA C 63 -56.78 37.23 -29.13
N ILE C 64 -55.97 36.85 -28.15
CA ILE C 64 -55.34 37.83 -27.28
C ILE C 64 -53.83 37.86 -27.45
N PHE C 65 -53.31 38.98 -27.94
CA PHE C 65 -51.87 39.21 -27.91
C PHE C 65 -51.52 39.85 -26.58
N GLY C 66 -50.48 39.33 -25.92
CA GLY C 66 -50.10 39.86 -24.63
C GLY C 66 -48.78 39.33 -24.10
N PHE C 67 -48.52 39.63 -22.83
CA PHE C 67 -47.29 39.23 -22.16
C PHE C 67 -47.69 38.60 -20.82
N TYR C 68 -46.82 37.77 -20.27
CA TYR C 68 -47.07 37.21 -18.94
C TYR C 68 -45.82 37.01 -18.10
N ASP C 69 -46.00 36.56 -16.87
CA ASP C 69 -44.93 36.47 -15.89
C ASP C 69 -44.91 35.08 -15.25
N LYS C 70 -43.79 34.71 -14.63
CA LYS C 70 -43.65 33.42 -13.99
C LYS C 70 -44.64 33.23 -12.84
N LYS C 71 -45.22 34.34 -12.39
CA LYS C 71 -46.23 34.29 -11.34
C LYS C 71 -47.62 34.57 -11.89
N SER C 72 -47.80 34.30 -13.18
CA SER C 72 -49.07 34.58 -13.84
C SER C 72 -49.27 33.74 -15.09
N VAL C 73 -48.24 33.00 -15.48
CA VAL C 73 -48.30 32.17 -16.68
C VAL C 73 -49.42 31.13 -16.61
N ASN C 74 -49.48 30.39 -15.51
CA ASN C 74 -50.49 29.36 -15.35
C ASN C 74 -51.91 29.90 -15.33
N THR C 75 -52.06 31.16 -14.92
CA THR C 75 -53.35 31.84 -15.02
C THR C 75 -53.68 32.08 -16.49
N ILE C 76 -52.69 32.51 -17.26
CA ILE C 76 -52.88 32.77 -18.68
C ILE C 76 -53.07 31.47 -19.48
N THR C 77 -52.31 30.43 -19.13
CA THR C 77 -52.43 29.16 -19.83
C THR C 77 -53.76 28.48 -19.53
N SER C 78 -53.93 28.04 -18.28
CA SER C 78 -55.07 27.22 -17.88
C SER C 78 -56.42 27.84 -18.22
N PHE C 79 -56.46 29.17 -18.33
CA PHE C 79 -57.68 29.86 -18.74
C PHE C 79 -57.87 29.79 -20.25
N CYS C 80 -56.77 29.68 -20.98
CA CYS C 80 -56.83 29.56 -22.44
C CYS C 80 -56.95 28.11 -22.88
N GLY C 81 -56.42 27.21 -22.04
CA GLY C 81 -56.55 25.78 -22.29
C GLY C 81 -57.97 25.31 -22.05
N THR C 82 -58.74 26.14 -21.35
CA THR C 82 -60.15 25.85 -21.10
C THR C 82 -61.05 26.51 -22.13
N LEU C 83 -61.07 27.84 -22.16
CA LEU C 83 -61.99 28.59 -23.01
C LEU C 83 -61.62 28.54 -24.50
N HIS C 84 -60.60 27.76 -24.85
CA HIS C 84 -60.15 27.61 -26.24
C HIS C 84 -59.82 28.96 -26.89
N VAL C 85 -59.21 29.85 -26.11
CA VAL C 85 -58.79 31.15 -26.61
C VAL C 85 -57.33 31.09 -27.01
N SER C 86 -57.01 31.63 -28.18
CA SER C 86 -55.63 31.64 -28.66
C SER C 86 -54.85 32.80 -28.07
N PHE C 87 -53.59 32.53 -27.73
CA PHE C 87 -52.74 33.55 -27.10
C PHE C 87 -51.43 33.73 -27.85
N ILE C 88 -51.17 34.94 -28.30
CA ILE C 88 -49.90 35.26 -28.97
C ILE C 88 -49.04 36.10 -28.04
N THR C 89 -47.84 35.60 -27.74
CA THR C 89 -46.97 36.28 -26.79
C THR C 89 -45.51 36.31 -27.23
N PRO C 90 -44.85 37.45 -27.02
CA PRO C 90 -43.40 37.57 -27.25
C PRO C 90 -42.63 37.14 -26.01
N SER C 91 -43.34 36.85 -24.93
CA SER C 91 -42.73 36.47 -23.66
C SER C 91 -42.17 35.05 -23.69
N PHE C 92 -41.51 34.67 -22.60
CA PHE C 92 -40.82 33.38 -22.51
C PHE C 92 -41.75 32.18 -22.67
N PRO C 93 -41.27 31.11 -23.33
CA PRO C 93 -42.08 29.93 -23.61
C PRO C 93 -42.47 29.17 -22.36
N THR C 94 -43.55 28.41 -22.44
CA THR C 94 -44.01 27.59 -21.33
C THR C 94 -43.04 26.46 -21.04
N ASP C 95 -43.02 26.00 -19.81
CA ASP C 95 -42.17 24.88 -19.43
C ASP C 95 -42.86 23.54 -19.69
N GLY C 96 -43.64 23.47 -20.76
CA GLY C 96 -44.37 22.27 -21.08
C GLY C 96 -45.02 22.28 -22.45
N THR C 97 -46.29 21.89 -22.49
CA THR C 97 -47.02 21.74 -23.76
C THR C 97 -48.44 22.29 -23.69
N HIS C 98 -48.61 23.46 -23.09
CA HIS C 98 -49.92 24.11 -23.06
C HIS C 98 -50.34 24.45 -24.49
N PRO C 99 -51.59 24.11 -24.85
CA PRO C 99 -52.09 24.43 -26.19
C PRO C 99 -52.53 25.89 -26.26
N PHE C 100 -53.00 26.31 -27.43
CA PHE C 100 -53.57 27.65 -27.61
C PHE C 100 -52.64 28.79 -27.20
N VAL C 101 -51.32 28.55 -27.30
CA VAL C 101 -50.34 29.58 -27.02
C VAL C 101 -49.31 29.65 -28.14
N ILE C 102 -49.30 30.77 -28.86
CA ILE C 102 -48.34 30.96 -29.93
C ILE C 102 -47.13 31.76 -29.45
N GLN C 103 -46.20 31.05 -28.82
CA GLN C 103 -44.98 31.67 -28.28
C GLN C 103 -44.08 32.17 -29.40
N MET C 104 -44.00 33.49 -29.53
CA MET C 104 -43.22 34.10 -30.60
C MET C 104 -41.70 33.90 -30.45
N ARG C 105 -41.19 34.07 -29.24
CA ARG C 105 -39.75 33.97 -29.03
C ARG C 105 -39.31 32.51 -28.99
N PRO C 106 -38.21 32.19 -29.70
CA PRO C 106 -37.66 30.84 -29.78
C PRO C 106 -37.01 30.40 -28.47
N ASP C 107 -36.66 29.12 -28.39
CA ASP C 107 -36.00 28.58 -27.21
C ASP C 107 -34.54 29.00 -27.20
N LEU C 108 -33.89 28.87 -26.05
CA LEU C 108 -32.49 29.27 -25.92
C LEU C 108 -31.65 28.11 -25.38
N LYS C 109 -32.25 27.34 -24.47
CA LYS C 109 -31.58 26.25 -23.74
C LYS C 109 -30.54 25.48 -24.54
N GLY C 110 -30.94 25.04 -25.74
CA GLY C 110 -30.05 24.29 -26.59
C GLY C 110 -28.84 25.07 -27.04
N ALA C 111 -29.08 26.27 -27.57
CA ALA C 111 -28.00 27.12 -28.08
C ALA C 111 -27.01 27.48 -26.98
N LEU C 112 -27.55 27.81 -25.80
CA LEU C 112 -26.71 28.16 -24.66
C LEU C 112 -25.84 26.99 -24.25
N LEU C 113 -26.43 25.80 -24.24
CA LEU C 113 -25.69 24.58 -23.89
C LEU C 113 -24.59 24.29 -24.90
N SER C 114 -24.95 24.35 -26.18
CA SER C 114 -24.00 24.06 -27.24
C SER C 114 -22.84 25.04 -27.24
N LEU C 115 -23.12 26.30 -26.89
CA LEU C 115 -22.10 27.33 -26.88
C LEU C 115 -21.07 27.08 -25.79
N ILE C 116 -21.55 26.71 -24.61
CA ILE C 116 -20.68 26.36 -23.49
C ILE C 116 -19.85 25.12 -23.86
N GLU C 117 -20.50 24.20 -24.57
CA GLU C 117 -19.83 23.00 -25.07
C GLU C 117 -18.73 23.41 -26.05
N TYR C 118 -19.04 24.39 -26.89
CA TYR C 118 -18.11 24.91 -27.89
C TYR C 118 -16.90 25.58 -27.24
N TYR C 119 -17.15 26.43 -26.26
CA TYR C 119 -16.09 27.15 -25.55
C TYR C 119 -15.26 26.24 -24.65
N GLN C 120 -15.67 24.97 -24.54
CA GLN C 120 -14.97 23.98 -23.72
C GLN C 120 -14.81 24.39 -22.27
N TRP C 121 -15.81 25.05 -21.69
CA TRP C 121 -15.75 25.41 -20.28
C TRP C 121 -16.00 24.18 -19.42
N ASP C 122 -15.66 24.28 -18.14
CA ASP C 122 -15.87 23.17 -17.20
C ASP C 122 -16.09 23.69 -15.79
N LYS C 123 -15.66 24.92 -15.54
CA LYS C 123 -15.93 25.59 -14.27
C LYS C 123 -16.37 27.03 -14.52
N PHE C 124 -17.64 27.31 -14.27
CA PHE C 124 -18.17 28.65 -14.45
C PHE C 124 -19.19 29.05 -13.39
N ALA C 125 -19.42 30.36 -13.26
CA ALA C 125 -20.41 30.89 -12.36
C ALA C 125 -21.66 31.28 -13.14
N TYR C 126 -22.83 31.01 -12.57
CA TYR C 126 -24.09 31.25 -13.24
C TYR C 126 -24.96 32.19 -12.43
N LEU C 127 -24.98 33.46 -12.80
CA LEU C 127 -25.91 34.42 -12.20
C LEU C 127 -27.26 34.21 -12.85
N TYR C 128 -28.34 34.42 -12.10
CA TYR C 128 -29.67 34.19 -12.66
C TYR C 128 -30.74 35.09 -12.07
N ASP C 129 -31.63 35.57 -12.94
CA ASP C 129 -32.81 36.30 -12.51
C ASP C 129 -33.98 35.34 -12.48
N SER C 130 -34.73 35.38 -11.39
CA SER C 130 -35.90 34.50 -11.21
C SER C 130 -36.92 34.79 -12.31
N ASP C 131 -37.17 36.08 -12.52
CA ASP C 131 -38.20 36.61 -13.43
C ASP C 131 -38.62 35.75 -14.61
N ARG C 132 -37.66 35.31 -15.42
CA ARG C 132 -37.96 34.54 -16.61
C ARG C 132 -38.02 33.04 -16.36
N GLY C 133 -38.18 32.65 -15.09
CA GLY C 133 -38.30 31.24 -14.72
C GLY C 133 -36.99 30.50 -14.75
N LEU C 134 -36.77 29.66 -13.74
CA LEU C 134 -35.52 28.89 -13.64
C LEU C 134 -35.49 27.70 -14.60
N SER C 135 -36.12 27.87 -15.76
CA SER C 135 -36.16 26.80 -16.77
C SER C 135 -34.77 26.47 -17.27
N THR C 136 -34.05 27.49 -17.72
CA THR C 136 -32.72 27.32 -18.28
C THR C 136 -31.69 26.99 -17.21
N LEU C 137 -31.97 27.36 -15.97
CA LEU C 137 -31.06 27.11 -14.86
C LEU C 137 -31.00 25.64 -14.47
N GLN C 138 -32.15 24.96 -14.57
CA GLN C 138 -32.20 23.54 -14.28
C GLN C 138 -31.62 22.75 -15.44
N ALA C 139 -31.60 23.37 -16.62
CA ALA C 139 -31.11 22.72 -17.82
C ALA C 139 -29.59 22.57 -17.83
N VAL C 140 -28.89 23.56 -17.28
CA VAL C 140 -27.44 23.47 -17.16
C VAL C 140 -27.08 22.55 -15.99
N LEU C 141 -28.04 22.33 -15.08
CA LEU C 141 -27.82 21.46 -13.95
C LEU C 141 -28.16 20.00 -14.26
N ASP C 142 -29.22 19.80 -15.03
CA ASP C 142 -29.56 18.47 -15.54
C ASP C 142 -28.42 17.98 -16.42
N SER C 143 -27.73 18.93 -17.06
CA SER C 143 -26.60 18.61 -17.90
C SER C 143 -25.30 18.63 -17.09
N ALA C 144 -25.35 19.23 -15.90
CA ALA C 144 -24.16 19.36 -15.06
C ALA C 144 -23.56 18.00 -14.71
N ALA C 145 -24.39 16.96 -14.79
CA ALA C 145 -23.93 15.61 -14.55
C ALA C 145 -23.36 15.00 -15.82
N GLU C 146 -24.18 14.95 -16.86
CA GLU C 146 -23.83 14.33 -18.13
C GLU C 146 -22.56 14.93 -18.77
N LYS C 147 -22.50 16.25 -18.83
CA LYS C 147 -21.40 16.93 -19.51
C LYS C 147 -20.25 17.31 -18.57
N LYS C 148 -20.33 16.85 -17.32
CA LYS C 148 -19.28 17.06 -16.33
C LYS C 148 -18.92 18.54 -16.14
N TRP C 149 -19.74 19.24 -15.36
CA TRP C 149 -19.47 20.65 -15.08
C TRP C 149 -19.29 20.89 -13.58
N GLN C 150 -18.67 22.03 -13.25
CA GLN C 150 -18.53 22.45 -11.86
C GLN C 150 -19.10 23.85 -11.69
N VAL C 151 -20.43 23.93 -11.67
CA VAL C 151 -21.13 25.21 -11.67
C VAL C 151 -21.41 25.72 -10.26
N THR C 152 -21.41 27.05 -10.11
CA THR C 152 -21.80 27.68 -8.86
C THR C 152 -22.93 28.68 -9.11
N ALA C 153 -24.14 28.31 -8.71
CA ALA C 153 -25.33 29.12 -8.99
C ALA C 153 -25.54 30.23 -7.97
N ILE C 154 -25.76 31.45 -8.47
CA ILE C 154 -25.94 32.61 -7.61
C ILE C 154 -27.22 33.37 -7.94
N ASN C 155 -28.18 33.35 -7.04
CA ASN C 155 -29.39 34.16 -7.21
C ASN C 155 -29.04 35.64 -7.09
N VAL C 156 -29.62 36.45 -7.95
CA VAL C 156 -29.28 37.86 -8.00
C VAL C 156 -30.52 38.74 -8.16
N GLY C 157 -31.67 38.10 -8.35
CA GLY C 157 -32.91 38.81 -8.56
C GLY C 157 -33.55 39.34 -7.30
N ASN C 158 -33.07 38.88 -6.14
CA ASN C 158 -33.67 39.26 -4.87
C ASN C 158 -32.90 40.35 -4.13
N ILE C 159 -32.11 41.14 -4.86
CA ILE C 159 -31.40 42.26 -4.27
C ILE C 159 -32.23 43.54 -4.37
N ASN C 160 -31.95 44.49 -3.48
CA ASN C 160 -32.65 45.78 -3.51
C ASN C 160 -31.78 46.88 -4.10
N ASN C 161 -32.41 47.98 -4.51
CA ASN C 161 -31.71 49.07 -5.19
C ASN C 161 -31.17 50.14 -4.25
N ASP C 162 -31.33 49.92 -2.94
CA ASP C 162 -30.74 50.82 -1.95
C ASP C 162 -29.29 50.43 -1.67
N LYS C 163 -29.04 49.13 -1.65
CA LYS C 163 -27.70 48.58 -1.46
C LYS C 163 -27.27 47.84 -2.72
N LYS C 164 -27.78 48.28 -3.86
CA LYS C 164 -27.52 47.64 -5.14
C LYS C 164 -26.04 47.60 -5.48
N ASP C 165 -25.36 48.72 -5.26
CA ASP C 165 -23.95 48.83 -5.61
C ASP C 165 -23.03 48.09 -4.65
N GLU C 166 -23.56 47.69 -3.50
CA GLU C 166 -22.75 46.97 -2.51
C GLU C 166 -22.83 45.47 -2.68
N THR C 167 -24.04 44.95 -2.90
CA THR C 167 -24.26 43.52 -2.99
C THR C 167 -23.60 42.92 -4.24
N TYR C 168 -23.45 43.73 -5.28
CA TYR C 168 -22.80 43.30 -6.51
C TYR C 168 -21.30 43.14 -6.32
N ARG C 169 -20.69 44.10 -5.64
CA ARG C 169 -19.28 43.98 -5.26
C ARG C 169 -19.12 42.84 -4.26
N SER C 170 -20.17 42.63 -3.46
CA SER C 170 -20.18 41.56 -2.48
C SER C 170 -20.18 40.19 -3.15
N LEU C 171 -20.58 40.17 -4.43
CA LEU C 171 -20.61 38.94 -5.19
C LEU C 171 -19.28 38.69 -5.88
N PHE C 172 -18.68 39.75 -6.42
CA PHE C 172 -17.43 39.61 -7.16
C PHE C 172 -16.20 39.54 -6.26
N GLN C 173 -16.32 40.10 -5.06
CA GLN C 173 -15.29 39.92 -4.04
C GLN C 173 -15.61 38.66 -3.24
N ASP C 174 -16.49 37.85 -3.80
CA ASP C 174 -16.84 36.54 -3.26
C ASP C 174 -16.43 35.47 -4.26
N LEU C 175 -16.32 35.88 -5.52
CA LEU C 175 -15.81 34.99 -6.57
C LEU C 175 -14.33 35.24 -6.83
N GLU C 176 -13.76 36.16 -6.08
CA GLU C 176 -12.31 36.31 -6.01
C GLU C 176 -11.79 35.29 -5.02
N LEU C 177 -12.73 34.65 -4.32
CA LEU C 177 -12.41 33.61 -3.35
C LEU C 177 -12.12 32.30 -4.07
N LYS C 178 -13.02 31.88 -4.95
CA LYS C 178 -12.85 30.65 -5.70
C LYS C 178 -12.08 30.86 -7.01
N LYS C 179 -11.77 32.12 -7.32
CA LYS C 179 -10.94 32.47 -8.46
C LYS C 179 -11.46 31.97 -9.80
N GLU C 180 -12.77 32.03 -10.00
CA GLU C 180 -13.36 31.68 -11.29
C GLU C 180 -13.39 32.92 -12.18
N ARG C 181 -13.20 32.72 -13.48
CA ARG C 181 -13.16 33.84 -14.41
C ARG C 181 -14.29 33.82 -15.43
N ARG C 182 -14.82 32.62 -15.68
CA ARG C 182 -15.86 32.44 -16.69
C ARG C 182 -17.26 32.55 -16.07
N VAL C 183 -18.00 33.58 -16.49
CA VAL C 183 -19.30 33.89 -15.91
C VAL C 183 -20.40 33.97 -16.96
N ILE C 184 -21.54 33.33 -16.70
CA ILE C 184 -22.72 33.45 -17.54
C ILE C 184 -23.71 34.38 -16.84
N LEU C 185 -24.57 35.04 -17.62
CA LEU C 185 -25.38 36.13 -17.08
C LEU C 185 -26.87 35.82 -16.87
N ASP C 186 -27.55 35.38 -17.92
CA ASP C 186 -28.97 35.03 -17.85
C ASP C 186 -29.83 36.12 -17.19
N CYS C 187 -30.06 37.20 -17.93
CA CYS C 187 -30.91 38.29 -17.47
C CYS C 187 -31.56 39.00 -18.65
N GLU C 188 -32.66 39.69 -18.41
CA GLU C 188 -33.18 40.61 -19.40
C GLU C 188 -32.22 41.80 -19.45
N ARG C 189 -32.27 42.56 -20.54
CA ARG C 189 -31.29 43.62 -20.81
C ARG C 189 -31.00 44.58 -19.66
N ASP C 190 -32.00 44.81 -18.81
CA ASP C 190 -31.88 45.76 -17.71
C ASP C 190 -30.86 45.32 -16.66
N LYS C 191 -31.09 44.13 -16.09
CA LYS C 191 -30.25 43.62 -15.01
C LYS C 191 -28.84 43.27 -15.50
N VAL C 192 -28.64 43.33 -16.82
CA VAL C 192 -27.32 43.12 -17.40
C VAL C 192 -26.46 44.37 -17.21
N ASN C 193 -26.95 45.49 -17.71
CA ASN C 193 -26.22 46.76 -17.62
C ASN C 193 -25.87 47.16 -16.19
N ASP C 194 -26.71 46.75 -15.23
CA ASP C 194 -26.42 46.99 -13.83
C ASP C 194 -25.20 46.18 -13.39
N ILE C 195 -25.13 44.93 -13.84
CA ILE C 195 -23.99 44.08 -13.54
C ILE C 195 -22.75 44.55 -14.31
N VAL C 196 -22.95 44.88 -15.58
CA VAL C 196 -21.87 45.37 -16.43
C VAL C 196 -21.18 46.58 -15.82
N ASP C 197 -21.97 47.56 -15.39
CA ASP C 197 -21.42 48.75 -14.75
C ASP C 197 -20.66 48.42 -13.47
N GLN C 198 -21.10 47.38 -12.77
CA GLN C 198 -20.42 46.94 -11.56
C GLN C 198 -19.12 46.21 -11.91
N VAL C 199 -19.17 45.37 -12.94
CA VAL C 199 -18.00 44.65 -13.41
C VAL C 199 -16.89 45.61 -13.79
N ILE C 200 -17.26 46.68 -14.50
CA ILE C 200 -16.31 47.71 -14.90
C ILE C 200 -15.80 48.50 -13.70
N THR C 201 -16.66 48.65 -12.70
CA THR C 201 -16.30 49.39 -11.49
C THR C 201 -15.20 48.70 -10.68
N ILE C 202 -15.38 47.40 -10.43
CA ILE C 202 -14.44 46.64 -9.61
C ILE C 202 -13.28 46.09 -10.44
N GLY C 203 -13.21 46.52 -11.70
CA GLY C 203 -12.13 46.11 -12.59
C GLY C 203 -12.10 44.62 -12.87
N LYS C 204 -13.25 44.07 -13.24
CA LYS C 204 -13.34 42.67 -13.60
C LYS C 204 -13.68 42.54 -15.08
N HIS C 205 -13.30 43.57 -15.83
CA HIS C 205 -13.64 43.63 -17.25
C HIS C 205 -12.39 43.68 -18.12
N VAL C 206 -11.22 43.65 -17.48
CA VAL C 206 -9.96 43.58 -18.20
C VAL C 206 -9.73 42.15 -18.69
N LYS C 207 -8.78 42.00 -19.61
CA LYS C 207 -8.54 40.71 -20.26
C LYS C 207 -8.24 39.59 -19.26
N GLY C 208 -8.90 38.45 -19.44
CA GLY C 208 -8.76 37.33 -18.53
C GLY C 208 -10.11 36.80 -18.11
N TYR C 209 -11.15 37.60 -18.32
CA TYR C 209 -12.50 37.21 -17.98
C TYR C 209 -13.29 36.83 -19.24
N HIS C 210 -14.46 36.26 -19.05
CA HIS C 210 -15.30 35.86 -20.16
C HIS C 210 -16.77 35.88 -19.73
N TYR C 211 -17.55 36.73 -20.39
CA TYR C 211 -18.95 36.89 -20.02
C TYR C 211 -19.87 36.40 -21.13
N ILE C 212 -20.89 35.65 -20.76
CA ILE C 212 -21.87 35.16 -21.72
C ILE C 212 -23.26 35.67 -21.36
N ILE C 213 -23.79 36.56 -22.20
CA ILE C 213 -25.13 37.10 -21.97
C ILE C 213 -26.18 36.15 -22.53
N ALA C 214 -26.87 35.46 -21.62
CA ALA C 214 -27.85 34.44 -22.01
C ALA C 214 -29.21 35.05 -22.31
N ASN C 215 -29.23 36.07 -23.15
CA ASN C 215 -30.49 36.58 -23.68
C ASN C 215 -30.49 36.59 -25.21
N LEU C 216 -31.60 37.03 -25.79
CA LEU C 216 -31.77 36.99 -27.23
C LEU C 216 -31.52 38.36 -27.84
N GLY C 217 -30.90 39.24 -27.06
CA GLY C 217 -30.59 40.59 -27.51
C GLY C 217 -29.27 41.08 -26.98
N PHE C 218 -28.19 40.63 -27.59
CA PHE C 218 -26.85 41.01 -27.19
C PHE C 218 -26.62 42.50 -27.39
N THR C 219 -26.97 42.99 -28.57
CA THR C 219 -26.76 44.39 -28.94
C THR C 219 -27.89 45.29 -28.47
N ASP C 220 -28.59 44.88 -27.42
CA ASP C 220 -29.75 45.62 -26.93
C ASP C 220 -29.39 46.61 -25.83
N GLY C 221 -28.54 46.18 -24.89
CA GLY C 221 -28.07 47.05 -23.83
C GLY C 221 -26.88 47.87 -24.31
N ASP C 222 -25.89 48.01 -23.46
CA ASP C 222 -24.64 48.65 -23.85
C ASP C 222 -23.53 47.61 -23.84
N LEU C 223 -22.69 47.65 -24.88
CA LEU C 223 -21.54 46.77 -24.97
C LEU C 223 -20.28 47.61 -25.09
N LEU C 224 -20.46 48.86 -25.47
CA LEU C 224 -19.35 49.76 -25.76
C LEU C 224 -18.48 50.06 -24.55
N LYS C 225 -19.10 50.23 -23.38
CA LYS C 225 -18.38 50.62 -22.18
C LYS C 225 -17.60 49.49 -21.53
N ILE C 226 -17.79 48.27 -22.03
CA ILE C 226 -17.03 47.13 -21.55
C ILE C 226 -16.24 46.54 -22.72
N GLN C 227 -16.50 47.09 -23.90
CA GLN C 227 -15.86 46.67 -25.14
C GLN C 227 -14.35 46.86 -25.08
N PHE C 228 -13.90 47.81 -24.26
CA PHE C 228 -12.50 48.18 -24.23
C PHE C 228 -11.81 47.78 -22.93
N GLY C 229 -12.50 47.01 -22.10
CA GLY C 229 -11.91 46.48 -20.88
C GLY C 229 -10.80 45.51 -21.22
N GLY C 230 -11.08 44.61 -22.15
CA GLY C 230 -10.12 43.60 -22.58
C GLY C 230 -10.72 42.22 -22.57
N ALA C 231 -11.56 41.95 -21.57
CA ALA C 231 -12.23 40.67 -21.45
C ALA C 231 -13.22 40.47 -22.60
N GLU C 232 -13.40 39.21 -23.01
CA GLU C 232 -14.29 38.91 -24.11
C GLU C 232 -15.70 38.54 -23.66
N VAL C 233 -16.69 39.04 -24.39
CA VAL C 233 -18.10 38.81 -24.07
C VAL C 233 -18.87 38.25 -25.26
N SER C 234 -19.60 37.16 -25.02
CA SER C 234 -20.39 36.51 -26.06
C SER C 234 -21.88 36.54 -25.74
N GLY C 235 -22.70 36.77 -26.77
CA GLY C 235 -24.15 36.81 -26.61
C GLY C 235 -24.87 36.27 -27.82
N PHE C 236 -26.20 36.23 -27.75
CA PHE C 236 -27.02 35.69 -28.83
C PHE C 236 -27.85 36.79 -29.50
N GLN C 237 -28.21 36.56 -30.77
CA GLN C 237 -28.93 37.56 -31.53
C GLN C 237 -30.01 36.92 -32.41
N ILE C 238 -31.15 37.59 -32.54
CA ILE C 238 -32.21 37.12 -33.42
C ILE C 238 -32.48 38.17 -34.49
N VAL C 239 -32.37 39.44 -34.09
CA VAL C 239 -32.63 40.54 -35.00
C VAL C 239 -31.37 40.91 -35.78
N ASP C 240 -30.91 39.99 -36.62
CA ASP C 240 -29.69 40.22 -37.40
C ASP C 240 -29.84 41.44 -38.29
N TYR C 241 -29.23 42.54 -37.87
CA TYR C 241 -29.33 43.81 -38.60
C TYR C 241 -28.66 43.74 -39.97
N ASP C 242 -27.90 42.67 -40.20
CA ASP C 242 -27.25 42.46 -41.48
C ASP C 242 -28.18 41.83 -42.51
N ASP C 243 -29.31 41.30 -42.02
CA ASP C 243 -30.35 40.80 -42.92
C ASP C 243 -30.97 41.97 -43.69
N SER C 244 -31.28 41.75 -44.96
CA SER C 244 -31.82 42.79 -45.80
C SER C 244 -33.19 43.24 -45.30
N LEU C 245 -34.00 42.28 -44.90
CA LEU C 245 -35.35 42.55 -44.43
C LEU C 245 -35.31 43.35 -43.15
N VAL C 246 -34.43 42.96 -42.24
CA VAL C 246 -34.29 43.65 -40.95
C VAL C 246 -33.79 45.08 -41.13
N SER C 247 -32.82 45.24 -42.03
CA SER C 247 -32.23 46.56 -42.29
C SER C 247 -33.23 47.47 -43.00
N LYS C 248 -34.07 46.90 -43.86
CA LYS C 248 -35.12 47.65 -44.55
C LYS C 248 -36.10 48.21 -43.54
N PHE C 249 -36.34 47.45 -42.47
CA PHE C 249 -37.19 47.86 -41.36
C PHE C 249 -36.52 49.00 -40.59
N ILE C 250 -35.31 48.72 -40.11
CA ILE C 250 -34.53 49.64 -39.28
C ILE C 250 -34.58 51.11 -39.68
N GLU C 251 -34.51 51.37 -40.99
CA GLU C 251 -34.48 52.73 -41.50
C GLU C 251 -35.73 53.53 -41.12
N ARG C 252 -36.91 53.02 -41.48
CA ARG C 252 -38.17 53.69 -41.18
C ARG C 252 -38.35 53.87 -39.68
N TRP C 253 -37.92 52.85 -38.93
CA TRP C 253 -38.01 52.84 -37.48
C TRP C 253 -37.25 54.02 -36.87
N SER C 254 -36.19 54.46 -37.54
CA SER C 254 -35.33 55.53 -37.04
C SER C 254 -35.84 56.93 -37.38
N THR C 255 -36.99 57.00 -38.04
CA THR C 255 -37.52 58.28 -38.51
C THR C 255 -38.62 58.83 -37.60
N LEU C 256 -39.45 57.93 -37.08
CA LEU C 256 -40.66 58.28 -36.34
C LEU C 256 -40.47 59.36 -35.27
N GLU C 257 -41.44 60.28 -35.19
CA GLU C 257 -41.42 61.32 -34.18
C GLU C 257 -41.47 60.70 -32.79
N GLU C 258 -40.58 61.17 -31.93
CA GLU C 258 -40.34 60.55 -30.62
C GLU C 258 -41.56 60.61 -29.71
N LYS C 259 -42.52 61.47 -30.02
CA LYS C 259 -43.70 61.61 -29.18
C LYS C 259 -44.81 60.64 -29.57
N GLU C 260 -44.88 60.32 -30.87
CA GLU C 260 -45.93 59.46 -31.40
C GLU C 260 -45.63 57.97 -31.19
N TYR C 261 -44.35 57.61 -31.19
CA TYR C 261 -43.93 56.23 -30.98
C TYR C 261 -42.73 56.16 -30.02
N PRO C 262 -43.01 55.94 -28.74
CA PRO C 262 -42.05 55.93 -27.62
C PRO C 262 -40.80 55.08 -27.86
N GLY C 263 -39.65 55.59 -27.39
CA GLY C 263 -38.39 54.86 -27.39
C GLY C 263 -38.06 54.10 -28.66
N ALA C 264 -38.28 54.74 -29.80
CA ALA C 264 -38.12 54.08 -31.08
C ALA C 264 -37.18 54.84 -32.00
N HIS C 265 -36.84 56.06 -31.61
CA HIS C 265 -36.08 56.97 -32.47
C HIS C 265 -34.61 56.53 -32.65
N THR C 266 -34.29 55.34 -32.16
CA THR C 266 -32.93 54.81 -32.28
C THR C 266 -32.72 54.13 -33.63
N ALA C 267 -31.69 53.30 -33.70
CA ALA C 267 -31.37 52.54 -34.90
C ALA C 267 -31.17 51.07 -34.57
N THR C 268 -31.50 50.70 -33.34
CA THR C 268 -31.43 49.32 -32.89
C THR C 268 -32.72 48.97 -32.17
N ILE C 269 -33.09 47.70 -32.17
CA ILE C 269 -34.37 47.28 -31.63
C ILE C 269 -34.30 46.07 -30.70
N LYS C 270 -35.04 46.14 -29.59
CA LYS C 270 -35.15 45.04 -28.67
C LYS C 270 -35.91 43.88 -29.31
N TYR C 271 -35.47 42.66 -29.03
CA TYR C 271 -36.09 41.47 -29.62
C TYR C 271 -37.52 41.29 -29.14
N THR C 272 -37.80 41.75 -27.93
CA THR C 272 -39.14 41.66 -27.36
C THR C 272 -40.12 42.45 -28.22
N SER C 273 -39.77 43.70 -28.52
CA SER C 273 -40.62 44.55 -29.33
C SER C 273 -40.64 44.06 -30.78
N ALA C 274 -39.50 43.54 -31.23
CA ALA C 274 -39.37 43.07 -32.61
C ALA C 274 -40.32 41.92 -32.91
N LEU C 275 -40.41 40.98 -31.97
CA LEU C 275 -41.29 39.82 -32.13
C LEU C 275 -42.77 40.22 -32.15
N THR C 276 -43.09 41.29 -31.41
CA THR C 276 -44.44 41.82 -31.39
C THR C 276 -44.87 42.23 -32.80
N TYR C 277 -43.95 42.89 -33.49
CA TYR C 277 -44.15 43.26 -34.89
C TYR C 277 -44.23 42.00 -35.76
N ASP C 278 -43.39 41.03 -35.45
CA ASP C 278 -43.41 39.74 -36.16
C ASP C 278 -44.65 38.94 -35.80
N ALA C 279 -45.17 39.17 -34.59
CA ALA C 279 -46.36 38.48 -34.14
C ALA C 279 -47.57 38.90 -34.96
N VAL C 280 -47.75 40.22 -35.09
CA VAL C 280 -48.88 40.79 -35.81
C VAL C 280 -49.01 40.21 -37.22
N GLN C 281 -47.88 40.00 -37.88
CA GLN C 281 -47.90 39.39 -39.21
C GLN C 281 -48.54 38.01 -39.16
N VAL C 282 -48.18 37.24 -38.13
CA VAL C 282 -48.72 35.89 -37.95
C VAL C 282 -50.22 35.96 -37.62
N MET C 283 -50.59 36.91 -36.77
CA MET C 283 -52.00 37.12 -36.43
C MET C 283 -52.77 37.58 -37.67
N THR C 284 -52.05 38.21 -38.60
CA THR C 284 -52.65 38.65 -39.86
C THR C 284 -52.68 37.53 -40.88
N GLU C 285 -51.56 36.84 -41.04
CA GLU C 285 -51.46 35.74 -41.98
C GLU C 285 -52.36 34.58 -41.58
N ALA C 286 -52.66 34.48 -40.29
CA ALA C 286 -53.57 33.45 -39.80
C ALA C 286 -54.99 33.70 -40.28
N PHE C 287 -55.50 34.90 -39.97
CA PHE C 287 -56.86 35.26 -40.34
C PHE C 287 -57.01 35.44 -41.84
N ARG C 288 -55.89 35.60 -42.55
CA ARG C 288 -55.92 35.63 -44.00
C ARG C 288 -55.92 34.20 -44.54
N ASN C 289 -55.16 33.32 -43.89
CA ASN C 289 -55.16 31.90 -44.24
C ASN C 289 -56.48 31.25 -43.85
N LEU C 290 -57.26 31.93 -43.03
CA LEU C 290 -58.62 31.48 -42.71
C LEU C 290 -59.57 31.84 -43.84
N ARG C 291 -59.39 33.03 -44.41
CA ARG C 291 -60.19 33.46 -45.55
C ARG C 291 -59.84 32.68 -46.82
N LYS C 292 -58.56 32.32 -46.95
CA LYS C 292 -58.11 31.50 -48.07
C LYS C 292 -58.66 30.08 -47.94
N GLN C 293 -58.94 29.67 -46.70
CA GLN C 293 -59.55 28.38 -46.43
C GLN C 293 -61.05 28.52 -46.27
N ARG C 294 -61.52 29.76 -46.22
CA ARG C 294 -62.95 30.08 -46.10
C ARG C 294 -63.61 29.51 -44.84
N ILE C 295 -62.80 29.12 -43.87
CA ILE C 295 -63.33 28.62 -42.59
C ILE C 295 -64.02 29.75 -41.85
N GLU C 296 -65.35 29.77 -41.88
CA GLU C 296 -66.13 30.80 -41.21
C GLU C 296 -65.97 30.70 -39.70
N ILE C 297 -65.75 31.84 -39.04
CA ILE C 297 -65.33 31.84 -37.64
C ILE C 297 -66.15 32.72 -36.69
N SER C 298 -66.87 33.70 -37.25
CA SER C 298 -67.57 34.70 -36.43
C SER C 298 -68.50 34.10 -35.37
N ARG C 299 -68.38 34.60 -34.15
CA ARG C 299 -69.14 34.09 -33.01
C ARG C 299 -70.59 34.58 -33.06
N ARG C 300 -71.53 33.63 -33.09
CA ARG C 300 -72.94 33.96 -33.23
C ARG C 300 -73.56 34.58 -31.98
N GLY C 301 -73.27 34.00 -30.82
CA GLY C 301 -73.79 34.50 -29.57
C GLY C 301 -72.72 35.21 -28.76
N ASN C 302 -73.14 35.95 -27.73
CA ASN C 302 -72.19 36.62 -26.85
C ASN C 302 -71.31 35.61 -26.12
N ALA C 303 -70.03 35.95 -25.96
CA ALA C 303 -69.05 35.04 -25.37
C ALA C 303 -69.42 34.63 -23.95
N GLY C 304 -70.14 35.49 -23.25
CA GLY C 304 -70.56 35.20 -21.89
C GLY C 304 -69.47 35.46 -20.87
N ASP C 305 -69.62 34.87 -19.69
CA ASP C 305 -68.66 35.07 -18.61
C ASP C 305 -67.48 34.11 -18.71
N CYS C 306 -66.34 34.54 -18.18
CA CYS C 306 -65.15 33.71 -18.12
C CYS C 306 -65.35 32.60 -17.09
N LEU C 307 -66.16 32.90 -16.08
CA LEU C 307 -66.49 31.91 -15.05
C LEU C 307 -67.80 31.22 -15.39
N ALA C 308 -68.10 31.11 -16.67
CA ALA C 308 -69.31 30.44 -17.11
C ALA C 308 -69.27 28.97 -16.69
N ASN C 309 -70.10 28.62 -15.71
CA ASN C 309 -70.21 27.24 -15.27
C ASN C 309 -71.57 26.66 -15.65
N PRO C 310 -71.57 25.51 -16.35
CA PRO C 310 -70.41 24.71 -16.73
C PRO C 310 -69.57 25.33 -17.85
N ALA C 311 -68.26 25.18 -17.76
CA ALA C 311 -67.35 25.71 -18.77
C ALA C 311 -67.61 25.09 -20.13
N VAL C 312 -67.85 25.94 -21.12
CA VAL C 312 -68.13 25.47 -22.47
C VAL C 312 -67.32 26.21 -23.53
N PRO C 313 -66.46 25.47 -24.25
CA PRO C 313 -65.62 26.05 -25.30
C PRO C 313 -66.43 26.39 -26.54
N TRP C 314 -66.05 27.44 -27.24
CA TRP C 314 -66.69 27.78 -28.50
C TRP C 314 -65.92 27.12 -29.66
N GLY C 315 -66.66 26.44 -30.52
CA GLY C 315 -66.08 25.54 -31.51
C GLY C 315 -65.02 26.09 -32.46
N GLN C 316 -65.15 27.35 -32.84
CA GLN C 316 -64.28 27.94 -33.85
C GLN C 316 -62.81 28.04 -33.42
N GLY C 317 -62.57 27.93 -32.11
CA GLY C 317 -61.24 28.09 -31.55
C GLY C 317 -60.21 27.12 -32.08
N VAL C 318 -60.60 25.86 -32.22
CA VAL C 318 -59.70 24.81 -32.70
C VAL C 318 -59.21 25.10 -34.12
N GLU C 319 -60.10 25.62 -34.96
CA GLU C 319 -59.75 25.98 -36.33
C GLU C 319 -58.81 27.17 -36.36
N ILE C 320 -58.88 28.01 -35.33
CA ILE C 320 -58.05 29.21 -35.27
C ILE C 320 -56.65 28.92 -34.73
N GLU C 321 -56.57 28.11 -33.68
CA GLU C 321 -55.29 27.68 -33.13
C GLU C 321 -54.44 27.07 -34.24
N ARG C 322 -55.05 26.17 -34.98
CA ARG C 322 -54.41 25.51 -36.12
C ARG C 322 -53.85 26.52 -37.10
N ALA C 323 -54.69 27.46 -37.53
CA ALA C 323 -54.31 28.46 -38.52
C ALA C 323 -53.08 29.24 -38.09
N LEU C 324 -53.05 29.63 -36.82
CA LEU C 324 -51.89 30.34 -36.27
C LEU C 324 -50.64 29.49 -36.36
N LYS C 325 -50.81 28.18 -36.19
CA LYS C 325 -49.66 27.27 -36.15
C LYS C 325 -49.22 26.80 -37.53
N GLN C 326 -50.16 26.65 -38.44
CA GLN C 326 -49.84 26.26 -39.82
C GLN C 326 -49.14 27.40 -40.55
N VAL C 327 -49.41 28.63 -40.13
CA VAL C 327 -48.84 29.82 -40.75
C VAL C 327 -47.31 29.82 -40.68
N GLN C 328 -46.67 30.23 -41.79
CA GLN C 328 -45.23 30.23 -41.89
C GLN C 328 -44.74 31.40 -42.74
N VAL C 329 -44.11 32.38 -42.10
CA VAL C 329 -43.63 33.56 -42.81
C VAL C 329 -42.22 33.97 -42.37
N GLU C 330 -41.70 35.03 -43.00
CA GLU C 330 -40.39 35.55 -42.66
C GLU C 330 -40.53 36.94 -42.05
N GLY C 331 -39.71 37.22 -41.04
CA GLY C 331 -39.77 38.51 -40.36
C GLY C 331 -38.43 38.94 -39.81
N LEU C 332 -38.45 39.82 -38.81
CA LEU C 332 -37.22 40.34 -38.21
C LEU C 332 -36.48 39.27 -37.41
N SER C 333 -37.24 38.32 -36.86
CA SER C 333 -36.66 37.26 -36.05
C SER C 333 -36.33 36.03 -36.89
N GLY C 334 -35.87 36.26 -38.12
CA GLY C 334 -35.54 35.17 -39.02
C GLY C 334 -36.76 34.40 -39.47
N ASN C 335 -36.56 33.13 -39.80
CA ASN C 335 -37.65 32.27 -40.25
C ASN C 335 -38.64 31.96 -39.14
N ILE C 336 -39.93 31.94 -39.48
CA ILE C 336 -40.96 31.68 -38.49
C ILE C 336 -41.85 30.50 -38.86
N LYS C 337 -41.80 29.45 -38.05
CA LYS C 337 -42.79 28.38 -38.12
C LYS C 337 -42.94 27.72 -36.75
N PHE C 338 -44.14 27.25 -36.46
CA PHE C 338 -44.44 26.63 -35.17
C PHE C 338 -44.81 25.18 -35.37
N ASP C 339 -44.84 24.42 -34.28
CA ASP C 339 -45.31 23.05 -34.35
C ASP C 339 -46.71 22.94 -33.77
N GLN C 340 -47.10 21.73 -33.35
CA GLN C 340 -48.44 21.48 -32.83
C GLN C 340 -48.73 22.23 -31.52
N ASN C 341 -47.70 22.81 -30.91
CA ASN C 341 -47.86 23.41 -29.59
C ASN C 341 -47.45 24.88 -29.49
N GLY C 342 -47.13 25.50 -30.62
CA GLY C 342 -46.85 26.92 -30.66
C GLY C 342 -45.43 27.34 -30.33
N LYS C 343 -44.54 26.37 -30.15
CA LYS C 343 -43.12 26.67 -29.98
C LYS C 343 -42.49 26.90 -31.34
N ARG C 344 -41.50 27.79 -31.39
CA ARG C 344 -40.79 28.06 -32.65
C ARG C 344 -39.96 26.87 -33.09
N ILE C 345 -40.09 26.51 -34.36
CA ILE C 345 -39.28 25.45 -34.95
C ILE C 345 -38.64 25.97 -36.23
N ASN C 346 -37.53 25.33 -36.63
CA ASN C 346 -36.80 25.74 -37.83
C ASN C 346 -36.37 27.20 -37.75
N TYR C 347 -35.59 27.54 -36.72
CA TYR C 347 -35.24 28.94 -36.47
C TYR C 347 -33.74 29.20 -36.37
N THR C 348 -33.39 30.48 -36.26
CA THR C 348 -31.99 30.89 -36.27
C THR C 348 -31.63 31.76 -35.07
N ILE C 349 -30.57 31.36 -34.36
CA ILE C 349 -30.01 32.19 -33.30
C ILE C 349 -28.52 32.43 -33.55
N ASN C 350 -28.15 33.69 -33.73
CA ASN C 350 -26.76 34.04 -34.02
C ASN C 350 -25.89 34.10 -32.77
N ILE C 351 -24.62 33.73 -32.93
CA ILE C 351 -23.64 33.87 -31.86
C ILE C 351 -22.76 35.09 -32.10
N MET C 352 -22.82 36.06 -31.19
CA MET C 352 -22.09 37.31 -31.31
C MET C 352 -20.94 37.38 -30.31
N GLU C 353 -19.71 37.53 -30.80
CA GLU C 353 -18.58 37.81 -29.93
C GLU C 353 -18.26 39.30 -29.98
N LEU C 354 -17.72 39.83 -28.88
CA LEU C 354 -17.44 41.26 -28.78
C LEU C 354 -15.97 41.57 -29.04
N LYS C 355 -15.71 42.35 -30.08
CA LYS C 355 -14.35 42.72 -30.45
C LYS C 355 -14.08 44.20 -30.19
N THR C 356 -13.07 44.75 -30.86
CA THR C 356 -12.68 46.14 -30.66
C THR C 356 -13.58 47.08 -31.46
N ASN C 357 -13.90 46.69 -32.69
CA ASN C 357 -14.78 47.46 -33.55
C ASN C 357 -16.23 47.36 -33.10
N GLY C 358 -16.48 46.46 -32.15
CA GLY C 358 -17.83 46.19 -31.67
C GLY C 358 -18.17 44.73 -31.84
N PRO C 359 -19.47 44.41 -31.75
CA PRO C 359 -19.95 43.03 -31.87
C PRO C 359 -19.75 42.44 -33.27
N ARG C 360 -19.71 41.12 -33.36
CA ARG C 360 -19.63 40.44 -34.65
C ARG C 360 -20.16 39.01 -34.60
N LYS C 361 -20.92 38.64 -35.63
CA LYS C 361 -21.46 37.30 -35.76
C LYS C 361 -20.36 36.29 -36.07
N ILE C 362 -20.20 35.30 -35.19
CA ILE C 362 -19.23 34.24 -35.41
C ILE C 362 -19.91 32.99 -35.94
N GLY C 363 -21.24 32.95 -35.81
CA GLY C 363 -22.00 31.80 -36.28
C GLY C 363 -23.41 31.76 -35.74
N TYR C 364 -24.11 30.67 -36.06
CA TYR C 364 -25.50 30.52 -35.67
C TYR C 364 -25.74 29.12 -35.11
N TRP C 365 -26.73 29.01 -34.22
CA TRP C 365 -27.10 27.73 -33.64
C TRP C 365 -28.40 27.26 -34.25
N SER C 366 -28.40 26.05 -34.81
CA SER C 366 -29.58 25.49 -35.41
C SER C 366 -30.27 24.54 -34.45
N GLU C 367 -31.58 24.42 -34.58
CA GLU C 367 -32.36 23.51 -33.76
C GLU C 367 -32.07 22.07 -34.16
N VAL C 368 -31.43 21.90 -35.32
CA VAL C 368 -31.15 20.58 -35.85
C VAL C 368 -29.65 20.31 -36.02
N ASP C 369 -28.88 21.34 -36.32
CA ASP C 369 -27.46 21.18 -36.62
C ASP C 369 -26.56 21.58 -35.46
N LYS C 370 -27.18 21.99 -34.36
CA LYS C 370 -26.47 22.49 -33.18
C LYS C 370 -25.59 23.69 -33.56
N MET C 371 -24.49 23.86 -32.85
CA MET C 371 -23.62 24.99 -33.11
C MET C 371 -22.83 24.83 -34.41
N VAL C 372 -23.06 25.73 -35.35
CA VAL C 372 -22.31 25.76 -36.60
C VAL C 372 -21.77 27.16 -36.86
N LEU C 373 -20.45 27.25 -37.00
CA LEU C 373 -19.77 28.54 -37.07
C LEU C 373 -19.86 29.20 -38.43
N THR C 374 -19.34 30.42 -38.53
CA THR C 374 -19.30 31.17 -39.77
C THR C 374 -17.96 31.88 -39.94
N GLU C 375 -17.14 31.39 -40.88
CA GLU C 375 -15.87 32.02 -41.11
C GLU C 375 -16.08 33.34 -41.83
N ASP C 376 -15.98 34.45 -41.10
CA ASP C 376 -16.10 35.78 -41.66
C ASP C 376 -15.10 36.69 -40.93
N ASP C 377 -13.85 36.22 -40.84
CA ASP C 377 -12.81 36.98 -40.16
C ASP C 377 -12.38 38.20 -40.97
N THR C 378 -12.84 38.27 -42.22
CA THR C 378 -12.59 39.42 -43.07
C THR C 378 -13.51 40.58 -42.66
N SER C 379 -13.38 41.01 -41.41
CA SER C 379 -14.19 42.09 -40.89
C SER C 379 -13.32 42.94 -39.97
N GLY C 380 -12.02 42.67 -39.97
CA GLY C 380 -11.09 43.40 -39.14
C GLY C 380 -9.83 42.61 -38.84
N LEU C 381 -9.05 42.34 -39.89
CA LEU C 381 -7.76 41.70 -39.72
C LEU C 381 -6.87 42.57 -38.85
N GLU C 382 -6.82 42.25 -37.56
CA GLU C 382 -6.10 43.06 -36.58
C GLU C 382 -5.23 42.16 -35.71
N GLN C 383 -3.92 42.19 -35.95
CA GLN C 383 -2.98 41.36 -35.19
C GLN C 383 -3.04 41.70 -33.70
N LYS C 384 -2.92 40.66 -32.87
CA LYS C 384 -3.06 40.81 -31.43
C LYS C 384 -1.73 40.94 -30.71
N THR C 385 -1.73 41.74 -29.64
CA THR C 385 -0.55 41.87 -28.79
C THR C 385 -0.47 40.68 -27.85
N VAL C 386 0.70 40.06 -27.76
CA VAL C 386 0.86 38.88 -26.92
C VAL C 386 1.44 39.23 -25.55
N VAL C 387 0.74 38.79 -24.49
CA VAL C 387 1.16 39.05 -23.13
C VAL C 387 2.12 37.96 -22.64
N VAL C 388 3.34 38.36 -22.29
CA VAL C 388 4.35 37.41 -21.84
C VAL C 388 4.73 37.68 -20.39
N THR C 389 4.69 36.64 -19.57
CA THR C 389 5.07 36.76 -18.16
C THR C 389 6.43 36.13 -17.89
N THR C 390 7.16 36.69 -16.93
CA THR C 390 8.48 36.18 -16.56
C THR C 390 8.84 36.62 -15.14
N ILE C 391 9.90 36.01 -14.59
CA ILE C 391 10.31 36.29 -13.22
C ILE C 391 11.68 36.99 -13.16
N LEU C 392 11.80 37.95 -12.26
CA LEU C 392 13.07 38.64 -12.05
C LEU C 392 14.12 37.71 -11.45
N GLU C 393 14.94 37.11 -12.31
CA GLU C 393 16.02 36.24 -11.85
C GLU C 393 17.19 36.25 -12.82
N SER C 394 18.38 36.52 -12.31
CA SER C 394 19.58 36.64 -13.13
C SER C 394 20.08 35.27 -13.62
N PRO C 395 20.71 35.23 -14.81
CA PRO C 395 20.84 36.35 -15.74
C PRO C 395 19.71 36.34 -16.76
N TYR C 396 18.67 35.59 -16.48
CA TYR C 396 17.55 35.42 -17.40
C TYR C 396 16.75 36.72 -17.56
N VAL C 397 16.37 37.31 -16.44
CA VAL C 397 15.61 38.56 -16.45
C VAL C 397 16.12 39.54 -15.39
N MET C 398 16.73 40.63 -15.86
CA MET C 398 17.26 41.65 -14.96
C MET C 398 16.84 43.04 -15.44
N MET C 399 16.79 44.00 -14.51
CA MET C 399 16.57 45.39 -14.88
C MET C 399 17.85 45.91 -15.53
N LYS C 400 17.71 46.72 -16.58
CA LYS C 400 18.89 47.30 -17.22
C LYS C 400 19.38 48.53 -16.45
N LYS C 401 20.54 49.03 -16.84
CA LYS C 401 21.19 50.18 -16.20
C LYS C 401 20.25 51.35 -15.94
N ASN C 402 19.93 52.11 -16.99
CA ASN C 402 19.02 53.25 -16.86
C ASN C 402 17.56 52.87 -17.03
N HIS C 403 17.05 52.05 -16.12
CA HIS C 403 15.70 51.50 -16.24
C HIS C 403 14.60 52.55 -16.05
N GLU C 404 14.84 53.51 -15.16
CA GLU C 404 13.85 54.55 -14.88
C GLU C 404 13.79 55.65 -15.95
N MET C 405 14.77 55.63 -16.85
CA MET C 405 14.80 56.58 -17.96
C MET C 405 14.29 55.91 -19.24
N LEU C 406 14.07 54.61 -19.16
CA LEU C 406 13.48 53.85 -20.25
C LEU C 406 12.10 53.37 -19.85
N GLU C 407 11.42 52.69 -20.77
CA GLU C 407 10.14 52.04 -20.48
C GLU C 407 9.80 50.99 -21.53
N GLY C 408 8.91 50.09 -21.19
CA GLY C 408 8.50 49.04 -22.10
C GLY C 408 9.44 47.85 -22.08
N ASN C 409 9.89 47.43 -23.26
CA ASN C 409 10.76 46.27 -23.40
C ASN C 409 12.24 46.62 -23.38
N GLU C 410 12.55 47.92 -23.33
CA GLU C 410 13.93 48.38 -23.31
C GLU C 410 14.47 48.34 -21.88
N ARG C 411 13.58 48.20 -20.91
CA ARG C 411 13.95 48.17 -19.51
C ARG C 411 14.70 46.91 -19.11
N TYR C 412 14.47 45.82 -19.83
CA TYR C 412 14.96 44.52 -19.40
C TYR C 412 15.94 43.88 -20.39
N GLU C 413 16.90 43.16 -19.84
CA GLU C 413 17.89 42.44 -20.62
C GLU C 413 18.16 41.08 -19.99
N GLY C 414 18.38 40.06 -20.83
CA GLY C 414 18.67 38.73 -20.32
C GLY C 414 18.55 37.63 -21.35
N TYR C 415 18.79 36.40 -20.91
CA TYR C 415 18.71 35.23 -21.78
C TYR C 415 17.30 35.03 -22.32
N CYS C 416 16.33 35.02 -21.41
CA CYS C 416 14.92 34.87 -21.79
C CYS C 416 14.47 36.10 -22.57
N VAL C 417 14.96 37.26 -22.16
CA VAL C 417 14.60 38.52 -22.80
C VAL C 417 15.00 38.51 -24.27
N ASP C 418 16.20 38.03 -24.56
CA ASP C 418 16.66 37.88 -25.94
C ASP C 418 15.96 36.71 -26.62
N LEU C 419 15.65 35.68 -25.84
CA LEU C 419 14.92 34.52 -26.35
C LEU C 419 13.51 34.94 -26.74
N ALA C 420 12.97 35.93 -26.03
CA ALA C 420 11.63 36.43 -26.29
C ALA C 420 11.52 36.99 -27.70
N ALA C 421 12.46 37.85 -28.07
CA ALA C 421 12.47 38.45 -29.40
C ALA C 421 12.68 37.38 -30.47
N GLU C 422 13.51 36.39 -30.14
CA GLU C 422 13.79 35.28 -31.06
C GLU C 422 12.53 34.48 -31.37
N ILE C 423 11.88 33.98 -30.32
CA ILE C 423 10.64 33.22 -30.47
C ILE C 423 9.58 34.04 -31.20
N ALA C 424 9.51 35.33 -30.86
CA ALA C 424 8.52 36.23 -31.46
C ALA C 424 8.77 36.46 -32.94
N LYS C 425 10.01 36.25 -33.37
CA LYS C 425 10.38 36.42 -34.78
C LYS C 425 9.93 35.24 -35.61
N HIS C 426 10.02 34.04 -35.04
CA HIS C 426 9.68 32.82 -35.76
C HIS C 426 8.17 32.60 -35.86
N CYS C 427 7.43 33.09 -34.88
CA CYS C 427 5.96 32.99 -34.90
C CYS C 427 5.36 34.15 -35.66
N GLY C 428 5.82 35.37 -35.35
CA GLY C 428 5.32 36.56 -36.01
C GLY C 428 4.23 37.25 -35.21
N PHE C 429 4.64 37.92 -34.13
CA PHE C 429 3.68 38.66 -33.31
C PHE C 429 4.39 39.77 -32.52
N LYS C 430 3.64 40.79 -32.13
CA LYS C 430 4.15 41.84 -31.25
C LYS C 430 3.89 41.45 -29.80
N TYR C 431 4.73 41.93 -28.89
CA TYR C 431 4.56 41.60 -27.47
C TYR C 431 5.06 42.69 -26.54
N LYS C 432 4.75 42.54 -25.26
CA LYS C 432 5.31 43.39 -24.21
C LYS C 432 5.45 42.60 -22.90
N LEU C 433 6.66 42.60 -22.35
CA LEU C 433 7.01 41.76 -21.21
C LEU C 433 6.52 42.31 -19.88
N THR C 434 6.03 41.41 -19.02
CA THR C 434 5.59 41.78 -17.67
C THR C 434 6.14 40.79 -16.64
N ILE C 435 6.53 41.32 -15.48
CA ILE C 435 7.01 40.49 -14.38
C ILE C 435 5.81 39.98 -13.59
N VAL C 436 5.95 38.78 -13.02
CA VAL C 436 4.93 38.26 -12.12
C VAL C 436 4.88 39.07 -10.82
N GLY C 437 3.68 39.33 -10.34
CA GLY C 437 3.48 40.15 -9.15
C GLY C 437 4.05 39.57 -7.87
N ASP C 438 3.76 38.29 -7.61
CA ASP C 438 4.17 37.67 -6.36
C ASP C 438 5.64 37.25 -6.33
N GLY C 439 6.21 36.99 -7.51
CA GLY C 439 7.61 36.66 -7.62
C GLY C 439 7.93 35.21 -7.35
N LYS C 440 6.98 34.33 -7.61
CA LYS C 440 7.19 32.90 -7.46
C LYS C 440 7.01 32.20 -8.80
N TYR C 441 7.66 31.06 -8.98
CA TYR C 441 7.60 30.33 -10.25
C TYR C 441 6.23 29.67 -10.48
N GLY C 442 5.99 28.55 -9.81
CA GLY C 442 4.73 27.84 -9.96
C GLY C 442 4.51 26.78 -8.91
N ALA C 443 3.45 26.95 -8.12
CA ALA C 443 3.12 26.01 -7.06
C ALA C 443 1.61 25.84 -6.93
N ARG C 444 1.20 24.78 -6.25
CA ARG C 444 -0.23 24.48 -6.08
C ARG C 444 -0.55 24.26 -4.61
N ASP C 445 -1.03 25.32 -3.96
CA ASP C 445 -1.42 25.22 -2.56
C ASP C 445 -2.54 24.20 -2.39
N ALA C 446 -2.23 23.08 -1.74
CA ALA C 446 -3.15 21.97 -1.60
C ALA C 446 -4.45 22.35 -0.89
N ASP C 447 -4.36 23.35 -0.02
CA ASP C 447 -5.53 23.83 0.72
C ASP C 447 -6.52 24.50 -0.22
N THR C 448 -6.23 25.76 -0.58
CA THR C 448 -7.13 26.57 -1.39
C THR C 448 -7.27 26.07 -2.83
N LYS C 449 -6.39 25.15 -3.23
CA LYS C 449 -6.36 24.61 -4.60
C LYS C 449 -6.18 25.70 -5.63
N ILE C 450 -5.31 26.66 -5.32
CA ILE C 450 -5.04 27.80 -6.20
C ILE C 450 -3.57 27.86 -6.59
N TRP C 451 -3.29 27.92 -7.89
CA TRP C 451 -1.94 28.08 -8.39
C TRP C 451 -1.45 29.49 -8.12
N ASN C 452 -0.13 29.67 -8.13
CA ASN C 452 0.46 30.99 -7.91
C ASN C 452 1.67 31.26 -8.79
N GLY C 453 1.90 32.53 -9.10
CA GLY C 453 3.06 32.90 -9.90
C GLY C 453 2.82 32.86 -11.39
N MET C 454 3.90 32.69 -12.15
CA MET C 454 3.84 32.68 -13.61
C MET C 454 2.92 31.58 -14.14
N VAL C 455 3.11 30.37 -13.63
CA VAL C 455 2.30 29.23 -14.02
C VAL C 455 0.83 29.54 -13.76
N GLY C 456 0.57 30.21 -12.65
CA GLY C 456 -0.78 30.60 -12.29
C GLY C 456 -1.35 31.65 -13.23
N GLU C 457 -0.52 32.61 -13.61
CA GLU C 457 -0.96 33.70 -14.49
C GLU C 457 -1.24 33.21 -15.92
N LEU C 458 -0.93 31.95 -16.20
CA LEU C 458 -1.32 31.33 -17.45
C LEU C 458 -2.73 30.76 -17.35
N VAL C 459 -2.98 30.06 -16.25
CA VAL C 459 -4.24 29.34 -16.05
C VAL C 459 -5.44 30.27 -15.90
N TYR C 460 -5.29 31.33 -15.13
CA TYR C 460 -6.43 32.20 -14.82
C TYR C 460 -6.68 33.29 -15.88
N GLY C 461 -5.98 33.19 -17.00
CA GLY C 461 -6.27 34.02 -18.17
C GLY C 461 -5.44 35.28 -18.32
N LYS C 462 -4.62 35.59 -17.32
CA LYS C 462 -3.86 36.85 -17.31
C LYS C 462 -2.81 36.91 -18.41
N ALA C 463 -2.06 35.84 -18.60
CA ALA C 463 -0.95 35.85 -19.55
C ALA C 463 -1.15 34.86 -20.69
N ASP C 464 -0.48 35.14 -21.82
CA ASP C 464 -0.61 34.32 -23.02
C ASP C 464 0.49 33.27 -23.11
N ILE C 465 1.65 33.55 -22.53
CA ILE C 465 2.79 32.65 -22.60
C ILE C 465 3.82 33.01 -21.52
N ALA C 466 4.63 32.04 -21.13
CA ALA C 466 5.61 32.26 -20.08
C ALA C 466 7.04 31.96 -20.55
N ILE C 467 7.85 33.00 -20.69
CA ILE C 467 9.24 32.84 -21.08
C ILE C 467 10.16 33.12 -19.89
N ALA C 468 10.60 32.05 -19.23
CA ALA C 468 11.35 32.15 -18.00
C ALA C 468 11.97 30.78 -17.67
N PRO C 469 12.87 30.72 -16.67
CA PRO C 469 13.37 29.40 -16.28
C PRO C 469 12.29 28.59 -15.58
N LEU C 470 11.33 28.07 -16.35
CA LEU C 470 10.22 27.34 -15.75
C LEU C 470 10.43 25.83 -15.82
N THR C 471 10.50 25.19 -14.66
CA THR C 471 10.76 23.77 -14.57
C THR C 471 9.57 22.96 -15.05
N ILE C 472 9.81 22.07 -16.01
CA ILE C 472 8.77 21.19 -16.52
C ILE C 472 8.52 20.05 -15.54
N THR C 473 7.63 20.28 -14.59
CA THR C 473 7.23 19.23 -13.65
C THR C 473 5.86 18.68 -14.02
N LEU C 474 5.63 17.40 -13.71
CA LEU C 474 4.38 16.72 -14.06
C LEU C 474 3.16 17.44 -13.52
N VAL C 475 3.26 17.95 -12.29
CA VAL C 475 2.15 18.62 -11.63
C VAL C 475 1.67 19.85 -12.42
N ARG C 476 2.53 20.37 -13.29
CA ARG C 476 2.22 21.54 -14.08
C ARG C 476 1.77 21.18 -15.49
N GLU C 477 2.38 20.15 -16.07
CA GLU C 477 2.08 19.72 -17.44
C GLU C 477 0.62 19.31 -17.59
N GLU C 478 -0.02 18.98 -16.48
CA GLU C 478 -1.43 18.62 -16.50
C GLU C 478 -2.33 19.85 -16.69
N VAL C 479 -1.92 20.98 -16.10
CA VAL C 479 -2.73 22.20 -16.15
C VAL C 479 -2.31 23.18 -17.24
N ILE C 480 -1.03 23.16 -17.61
CA ILE C 480 -0.53 24.01 -18.68
C ILE C 480 0.29 23.19 -19.67
N ASP C 481 0.65 23.78 -20.80
CA ASP C 481 1.46 23.09 -21.80
C ASP C 481 2.87 23.66 -21.88
N PHE C 482 3.86 22.77 -21.98
CA PHE C 482 5.25 23.16 -22.05
C PHE C 482 5.87 22.88 -23.42
N SER C 483 6.82 23.71 -23.82
CA SER C 483 7.60 23.45 -25.01
C SER C 483 8.74 22.51 -24.64
N LYS C 484 9.53 22.11 -25.62
CA LYS C 484 10.71 21.28 -25.36
C LYS C 484 11.73 22.07 -24.55
N PRO C 485 12.59 21.36 -23.79
CA PRO C 485 13.56 22.04 -22.92
C PRO C 485 14.51 22.95 -23.68
N PHE C 486 14.57 24.22 -23.29
CA PHE C 486 15.50 25.16 -23.93
C PHE C 486 16.80 25.27 -23.17
N MET C 487 16.99 24.40 -22.19
CA MET C 487 18.21 24.33 -21.38
C MET C 487 18.19 23.13 -20.44
N SER C 488 18.95 22.10 -20.77
CA SER C 488 19.02 20.90 -19.94
C SER C 488 19.87 21.15 -18.68
N LEU C 489 19.30 20.90 -17.52
CA LEU C 489 19.98 21.20 -16.26
C LEU C 489 19.94 20.04 -15.25
N GLY C 490 20.16 20.37 -13.99
CA GLY C 490 20.17 19.40 -12.90
C GLY C 490 20.80 20.00 -11.65
N ILE C 491 20.86 19.20 -10.58
CA ILE C 491 21.47 19.65 -9.33
C ILE C 491 22.97 19.40 -9.36
N SER C 492 23.76 20.39 -8.94
CA SER C 492 25.20 20.25 -8.92
C SER C 492 25.78 20.54 -7.54
N ILE C 493 27.10 20.62 -7.46
CA ILE C 493 27.79 20.85 -6.20
C ILE C 493 28.70 22.08 -6.31
N MET C 494 28.45 23.08 -5.48
CA MET C 494 29.27 24.29 -5.47
C MET C 494 30.26 24.26 -4.32
N ILE C 495 31.52 23.96 -4.62
CA ILE C 495 32.57 23.93 -3.62
C ILE C 495 33.43 25.19 -3.71
N LYS C 496 34.23 25.41 -2.68
CA LYS C 496 35.16 26.54 -2.65
C LYS C 496 36.21 26.35 -3.74
N LYS C 497 36.61 27.45 -4.37
CA LYS C 497 37.70 27.41 -5.33
C LYS C 497 38.96 26.92 -4.63
N PRO C 498 39.51 25.78 -5.08
CA PRO C 498 40.73 25.22 -4.48
C PRO C 498 41.86 26.24 -4.52
N GLN C 499 42.03 26.97 -3.41
CA GLN C 499 43.05 28.01 -3.31
C GLN C 499 44.42 27.48 -3.71
N LYS C 500 45.21 28.34 -4.32
CA LYS C 500 46.50 27.93 -4.88
C LYS C 500 47.57 27.80 -3.81
N SER C 501 48.50 26.88 -4.05
CA SER C 501 49.62 26.62 -3.14
C SER C 501 50.50 27.86 -3.01
N LYS C 502 51.05 28.13 -1.81
CA LYS C 502 50.85 27.36 -0.58
C LYS C 502 51.15 28.31 0.57
N PRO C 503 51.04 27.85 1.82
CA PRO C 503 51.63 28.64 2.91
C PRO C 503 53.14 28.87 2.77
N GLY C 504 53.74 29.59 3.71
CA GLY C 504 55.12 30.02 3.57
C GLY C 504 56.17 29.20 4.31
N VAL C 505 57.12 29.90 4.90
CA VAL C 505 58.26 29.28 5.59
C VAL C 505 57.83 28.50 6.83
N PHE C 506 56.66 28.83 7.36
CA PHE C 506 56.14 28.21 8.58
C PHE C 506 55.78 26.72 8.43
N SER C 507 56.02 26.15 7.26
CA SER C 507 55.80 24.73 7.05
C SER C 507 57.08 23.96 7.30
N PHE C 508 58.16 24.69 7.56
CA PHE C 508 59.47 24.10 7.82
C PHE C 508 59.67 23.89 9.32
N LEU C 509 59.09 24.78 10.11
CA LEU C 509 59.22 24.73 11.57
C LEU C 509 58.13 23.85 12.17
N ASP C 510 57.30 23.27 11.30
CA ASP C 510 56.16 22.45 11.73
C ASP C 510 56.43 20.95 11.95
N PRO C 511 57.16 20.29 11.03
CA PRO C 511 57.43 18.87 11.27
C PRO C 511 58.19 18.65 12.57
N LEU C 512 59.34 19.29 12.69
CA LEU C 512 60.11 19.27 13.91
C LEU C 512 59.64 20.44 14.78
N ALA C 513 58.85 20.13 15.81
CA ALA C 513 58.21 21.14 16.65
C ALA C 513 59.20 22.15 17.24
N TYR C 514 58.72 23.35 17.49
CA TYR C 514 59.54 24.45 18.02
C TYR C 514 60.30 24.06 19.28
N GLU C 515 59.65 23.25 20.13
CA GLU C 515 60.25 22.82 21.40
C GLU C 515 61.45 21.91 21.15
N ILE C 516 61.41 21.14 20.08
CA ILE C 516 62.45 20.18 19.77
C ILE C 516 63.65 20.85 19.09
N TRP C 517 63.41 21.97 18.41
CA TRP C 517 64.49 22.76 17.84
C TRP C 517 65.33 23.39 18.95
N MET C 518 64.73 23.53 20.12
CA MET C 518 65.40 24.15 21.26
C MET C 518 66.33 23.17 21.97
N CYS C 519 65.77 22.02 22.36
CA CYS C 519 66.50 21.01 23.12
C CYS C 519 67.69 20.47 22.34
N ILE C 520 67.59 20.48 21.01
CA ILE C 520 68.66 20.01 20.15
C ILE C 520 69.82 21.02 20.12
N VAL C 521 69.53 22.25 20.57
CA VAL C 521 70.56 23.29 20.63
C VAL C 521 71.16 23.37 22.04
N PHE C 522 70.32 23.18 23.06
CA PHE C 522 70.80 23.12 24.43
C PHE C 522 71.76 21.94 24.62
N ALA C 523 71.40 20.81 24.02
CA ALA C 523 72.25 19.62 24.07
C ALA C 523 73.47 19.79 23.17
N TYR C 524 73.29 20.55 22.09
CA TYR C 524 74.38 20.87 21.18
C TYR C 524 75.50 21.58 21.92
N ILE C 525 75.15 22.65 22.62
CA ILE C 525 76.11 23.37 23.44
C ILE C 525 76.39 22.61 24.73
N GLY C 526 75.59 21.57 24.97
CA GLY C 526 75.78 20.71 26.12
C GLY C 526 76.79 19.61 25.83
N VAL C 527 77.04 19.38 24.55
CA VAL C 527 78.04 18.40 24.13
C VAL C 527 79.40 19.08 23.97
N SER C 528 79.41 20.22 23.29
CA SER C 528 80.64 20.97 23.03
C SER C 528 81.27 21.50 24.32
N VAL C 529 80.47 21.56 25.39
CA VAL C 529 80.98 21.97 26.69
C VAL C 529 81.58 20.78 27.42
N VAL C 530 81.07 19.58 27.13
CA VAL C 530 81.61 18.35 27.69
C VAL C 530 82.93 18.03 27.01
N LEU C 531 82.98 18.25 25.70
CA LEU C 531 84.21 18.06 24.93
C LEU C 531 85.25 19.12 25.29
N PHE C 532 84.79 20.28 25.73
CA PHE C 532 85.68 21.38 26.09
C PHE C 532 86.48 21.08 27.35
N LEU C 533 85.94 20.20 28.20
CA LEU C 533 86.58 19.86 29.46
C LEU C 533 87.50 18.64 29.33
N VAL C 534 87.68 18.17 28.10
CA VAL C 534 88.54 17.02 27.83
C VAL C 534 89.90 17.50 27.32
N SER C 535 89.93 18.69 26.72
CA SER C 535 91.17 19.27 26.23
C SER C 535 91.87 20.06 27.33
N THR C 559 96.31 31.73 29.22
CA THR C 559 95.48 30.58 29.58
C THR C 559 94.01 30.86 29.31
N ASN C 560 93.65 32.14 29.24
CA ASN C 560 92.27 32.55 29.01
C ASN C 560 91.90 32.54 27.53
N GLU C 561 92.92 32.53 26.67
CA GLU C 561 92.69 32.50 25.23
C GLU C 561 92.82 31.08 24.69
N PHE C 562 93.41 30.20 25.50
CA PHE C 562 93.60 28.81 25.11
C PHE C 562 92.29 28.02 25.18
N GLY C 563 91.29 28.61 25.84
CA GLY C 563 89.99 27.98 25.96
C GLY C 563 88.97 28.57 25.01
N ILE C 564 89.43 29.49 24.16
CA ILE C 564 88.55 30.13 23.18
C ILE C 564 88.74 29.50 21.80
N PHE C 565 89.97 29.10 21.49
CA PHE C 565 90.28 28.44 20.23
C PHE C 565 89.88 26.97 20.30
N ASN C 566 89.97 26.39 21.49
CA ASN C 566 89.54 25.02 21.72
C ASN C 566 88.02 24.93 21.69
N SER C 567 87.37 25.98 22.18
CA SER C 567 85.91 26.08 22.13
C SER C 567 85.48 26.37 20.69
N LEU C 568 86.39 26.96 19.92
CA LEU C 568 86.16 27.21 18.50
C LEU C 568 86.47 25.94 17.72
N TRP C 569 87.15 25.00 18.36
CA TRP C 569 87.47 23.72 17.76
C TRP C 569 86.46 22.66 18.18
N PHE C 570 85.89 22.84 19.38
CA PHE C 570 84.86 21.93 19.87
C PHE C 570 83.50 22.32 19.30
N SER C 571 83.43 23.49 18.68
CA SER C 571 82.22 23.94 18.01
C SER C 571 82.31 23.62 16.52
N LEU C 572 83.52 23.34 16.06
CA LEU C 572 83.75 22.90 14.69
C LEU C 572 83.60 21.38 14.63
N GLY C 573 83.80 20.73 15.77
CA GLY C 573 83.55 19.31 15.91
C GLY C 573 82.10 19.11 16.31
N ALA C 574 81.41 20.22 16.57
CA ALA C 574 79.98 20.20 16.88
C ALA C 574 79.18 20.49 15.63
N PHE C 575 79.68 21.41 14.79
CA PHE C 575 79.13 21.60 13.46
C PHE C 575 79.26 20.25 12.73
N MET C 576 78.22 19.45 12.85
CA MET C 576 78.29 18.01 12.55
C MET C 576 78.68 17.65 11.12
N GLN C 577 78.79 16.35 10.88
CA GLN C 577 79.15 15.81 9.57
C GLN C 577 78.45 14.47 9.34
N PRO C 584 92.37 11.88 19.67
CA PRO C 584 92.26 10.60 18.96
C PRO C 584 91.38 9.59 19.70
N ARG C 585 92.01 8.60 20.32
CA ARG C 585 91.28 7.49 20.94
C ARG C 585 90.95 7.73 22.42
N SER C 586 90.74 9.00 22.78
CA SER C 586 90.38 9.33 24.16
C SER C 586 88.99 8.79 24.48
N LEU C 587 88.94 7.66 25.17
CA LEU C 587 87.69 6.94 25.46
C LEU C 587 86.62 7.84 26.08
N SER C 588 87.05 8.91 26.73
CA SER C 588 86.14 9.92 27.25
C SER C 588 85.34 10.57 26.13
N GLY C 589 85.99 11.48 25.40
CA GLY C 589 85.34 12.20 24.32
C GLY C 589 84.97 11.32 23.13
N ARG C 590 85.45 10.09 23.14
CA ARG C 590 85.15 9.15 22.07
C ARG C 590 83.70 8.70 22.13
N ILE C 591 83.21 8.40 23.33
CA ILE C 591 81.85 7.93 23.50
C ILE C 591 80.83 9.07 23.54
N VAL C 592 81.32 10.31 23.56
CA VAL C 592 80.44 11.47 23.47
C VAL C 592 80.11 11.74 22.00
N GLY C 593 81.08 11.57 21.13
CA GLY C 593 80.88 11.76 19.70
C GLY C 593 79.98 10.70 19.11
N GLY C 594 80.10 9.48 19.63
CA GLY C 594 79.29 8.37 19.16
C GLY C 594 77.83 8.50 19.55
N VAL C 595 77.60 8.80 20.83
CA VAL C 595 76.24 8.99 21.34
C VAL C 595 75.56 10.16 20.63
N TRP C 596 76.31 11.23 20.40
CA TRP C 596 75.79 12.37 19.67
C TRP C 596 75.38 11.99 18.25
N TRP C 597 76.20 11.15 17.61
CA TRP C 597 75.89 10.68 16.27
C TRP C 597 74.63 9.81 16.29
N PHE C 598 74.48 9.02 17.33
CA PHE C 598 73.28 8.20 17.50
C PHE C 598 72.08 9.09 17.79
N PHE C 599 72.35 10.23 18.43
CA PHE C 599 71.30 11.19 18.75
C PHE C 599 70.81 11.94 17.52
N THR C 600 71.75 12.49 16.75
CA THR C 600 71.40 13.23 15.54
C THR C 600 70.82 12.30 14.47
N LEU C 601 71.10 11.01 14.59
CA LEU C 601 70.60 10.01 13.65
C LEU C 601 69.10 9.82 13.81
N ILE C 602 68.66 9.62 15.05
CA ILE C 602 67.25 9.42 15.35
C ILE C 602 66.42 10.63 14.94
N ILE C 603 66.95 11.82 15.20
CA ILE C 603 66.25 13.05 14.87
C ILE C 603 66.03 13.24 13.37
N ILE C 604 67.09 13.09 12.57
CA ILE C 604 66.97 13.28 11.14
C ILE C 604 66.19 12.15 10.47
N SER C 605 66.18 10.97 11.11
CA SER C 605 65.36 9.86 10.63
C SER C 605 63.90 10.19 10.90
N SER C 606 63.64 10.75 12.07
CA SER C 606 62.29 11.13 12.46
C SER C 606 61.80 12.31 11.61
N TYR C 607 62.71 13.24 11.30
CA TYR C 607 62.34 14.38 10.47
C TYR C 607 61.93 13.92 9.08
N THR C 608 62.73 13.04 8.49
CA THR C 608 62.44 12.51 7.17
C THR C 608 61.13 11.73 7.16
N ALA C 609 60.91 10.94 8.21
CA ALA C 609 59.70 10.14 8.35
C ALA C 609 58.47 11.01 8.54
N ASN C 610 58.58 12.00 9.42
CA ASN C 610 57.45 12.88 9.73
C ASN C 610 57.06 13.78 8.56
N LEU C 611 58.06 14.39 7.93
CA LEU C 611 57.83 15.26 6.78
C LEU C 611 57.24 14.46 5.62
N ALA C 612 57.62 13.20 5.53
CA ALA C 612 57.09 12.32 4.49
C ALA C 612 55.59 12.12 4.64
N ALA C 613 55.14 12.07 5.89
CA ALA C 613 53.73 11.90 6.20
C ALA C 613 52.90 13.08 5.69
N PHE C 614 53.36 14.29 6.01
CA PHE C 614 52.70 15.52 5.56
C PHE C 614 52.57 15.54 4.05
N LEU C 615 53.62 15.10 3.36
CA LEU C 615 53.66 15.13 1.91
C LEU C 615 53.00 13.89 1.30
N THR C 616 52.76 12.88 2.12
CA THR C 616 52.06 11.69 1.69
C THR C 616 50.56 11.98 1.65
N VAL C 617 50.06 12.57 2.72
CA VAL C 617 48.65 12.93 2.83
C VAL C 617 48.31 14.07 1.86
N GLU C 618 49.23 15.01 1.71
CA GLU C 618 49.04 16.13 0.78
C GLU C 618 48.85 15.66 -0.65
N ARG C 619 49.39 14.47 -0.96
CA ARG C 619 49.14 13.85 -2.25
C ARG C 619 47.83 13.07 -2.22
N MET C 620 47.43 12.64 -1.04
CA MET C 620 46.23 11.84 -0.89
C MET C 620 44.93 12.65 -0.91
N VAL C 621 45.00 13.89 -0.43
CA VAL C 621 43.83 14.76 -0.40
C VAL C 621 43.27 14.96 -1.80
N SER C 622 42.34 14.08 -2.18
CA SER C 622 41.75 14.11 -3.50
C SER C 622 40.68 15.19 -3.60
N PRO C 623 40.63 15.89 -4.74
CA PRO C 623 39.62 16.92 -4.97
C PRO C 623 38.22 16.30 -5.08
N ILE C 624 37.27 16.84 -4.32
CA ILE C 624 35.90 16.37 -4.35
C ILE C 624 35.30 16.58 -5.74
N GLU C 625 35.07 15.47 -6.45
CA GLU C 625 34.60 15.53 -7.83
C GLU C 625 33.13 15.14 -7.94
N SER C 626 32.86 13.84 -7.92
CA SER C 626 31.49 13.34 -8.01
C SER C 626 30.73 13.59 -6.71
N ALA C 627 29.41 13.40 -6.75
CA ALA C 627 28.58 13.58 -5.57
C ALA C 627 28.80 12.44 -4.59
N GLU C 628 29.21 11.29 -5.12
CA GLU C 628 29.49 10.11 -4.30
C GLU C 628 30.67 10.37 -3.38
N ASP C 629 31.52 11.33 -3.76
CA ASP C 629 32.65 11.74 -2.93
C ASP C 629 32.16 12.40 -1.65
N LEU C 630 31.11 13.22 -1.78
CA LEU C 630 30.51 13.89 -0.63
C LEU C 630 29.97 12.89 0.38
N SER C 631 29.42 11.80 -0.13
CA SER C 631 28.81 10.78 0.71
C SER C 631 29.84 9.94 1.45
N LYS C 632 31.01 9.77 0.83
CA LYS C 632 32.05 8.90 1.37
C LYS C 632 32.78 9.51 2.57
N GLN C 633 32.80 10.85 2.64
CA GLN C 633 33.52 11.54 3.71
C GLN C 633 32.60 12.42 4.54
N THR C 634 33.20 13.22 5.41
CA THR C 634 32.42 14.07 6.31
C THR C 634 33.21 15.29 6.82
N GLU C 635 34.48 15.37 6.44
CA GLU C 635 35.33 16.49 6.84
C GLU C 635 34.82 17.80 6.25
N ILE C 636 34.27 17.72 5.05
CA ILE C 636 33.65 18.88 4.41
C ILE C 636 32.13 18.75 4.48
N ALA C 637 31.51 19.49 5.41
CA ALA C 637 30.07 19.45 5.58
C ALA C 637 29.35 19.95 4.33
N TYR C 638 28.08 19.62 4.20
CA TYR C 638 27.31 20.01 3.02
C TYR C 638 25.81 20.00 3.27
N GLY C 639 25.09 20.86 2.57
CA GLY C 639 23.65 20.94 2.69
C GLY C 639 23.00 21.60 1.47
N THR C 640 21.68 21.79 1.56
CA THR C 640 20.94 22.43 0.48
C THR C 640 20.15 23.61 1.02
N LEU C 641 19.16 24.05 0.25
CA LEU C 641 18.24 25.08 0.72
C LEU C 641 17.21 24.40 1.61
N ASP C 642 16.61 25.16 2.52
CA ASP C 642 15.63 24.58 3.45
C ASP C 642 14.36 24.11 2.73
N SER C 643 13.83 24.97 1.86
CA SER C 643 12.61 24.65 1.11
C SER C 643 12.80 24.90 -0.38
N GLY C 644 12.42 23.91 -1.19
CA GLY C 644 12.59 23.98 -2.62
C GLY C 644 12.74 22.60 -3.21
N SER C 645 12.66 22.50 -4.53
CA SER C 645 12.71 21.21 -5.22
C SER C 645 14.02 20.46 -4.97
N THR C 646 15.08 21.22 -4.67
CA THR C 646 16.40 20.65 -4.44
C THR C 646 16.41 19.77 -3.19
N LYS C 647 15.98 20.33 -2.07
CA LYS C 647 15.96 19.62 -0.79
C LYS C 647 14.96 18.47 -0.81
N GLU C 648 13.86 18.67 -1.53
CA GLU C 648 12.81 17.67 -1.61
C GLU C 648 13.26 16.42 -2.37
N PHE C 649 14.30 16.58 -3.19
CA PHE C 649 14.84 15.46 -3.94
C PHE C 649 15.49 14.44 -3.00
N PHE C 650 16.44 14.91 -2.20
CA PHE C 650 17.18 14.04 -1.28
C PHE C 650 16.27 13.32 -0.29
N ARG C 651 15.31 14.05 0.27
CA ARG C 651 14.38 13.49 1.23
C ARG C 651 13.53 12.38 0.62
N ARG C 652 13.29 12.48 -0.69
CA ARG C 652 12.41 11.53 -1.37
C ARG C 652 13.17 10.49 -2.18
N SER C 653 14.40 10.81 -2.58
CA SER C 653 15.18 9.94 -3.45
C SER C 653 15.47 8.59 -2.80
N LYS C 654 15.52 7.55 -3.62
CA LYS C 654 15.74 6.19 -3.14
C LYS C 654 16.98 5.56 -3.78
N ILE C 655 17.81 6.37 -4.41
CA ILE C 655 19.09 5.90 -4.94
C ILE C 655 20.07 5.77 -3.78
N ALA C 656 20.89 4.72 -3.83
CA ALA C 656 21.84 4.39 -2.76
C ALA C 656 22.68 5.60 -2.30
N VAL C 657 23.26 6.31 -3.26
CA VAL C 657 24.12 7.44 -2.96
C VAL C 657 23.38 8.57 -2.24
N PHE C 658 22.31 9.05 -2.87
CA PHE C 658 21.56 10.19 -2.35
C PHE C 658 20.78 9.85 -1.08
N ASP C 659 20.55 8.56 -0.85
CA ASP C 659 19.89 8.08 0.35
C ASP C 659 20.69 8.51 1.58
N LYS C 660 21.93 8.04 1.64
CA LYS C 660 22.81 8.35 2.76
C LYS C 660 23.03 9.85 2.91
N MET C 661 23.05 10.56 1.78
CA MET C 661 23.23 12.01 1.78
C MET C 661 22.11 12.67 2.57
N TRP C 662 20.88 12.24 2.33
CA TRP C 662 19.74 12.80 3.04
C TRP C 662 19.77 12.44 4.52
N THR C 663 20.10 11.18 4.81
CA THR C 663 20.14 10.68 6.19
C THR C 663 21.07 11.53 7.05
N TYR C 664 22.23 11.89 6.49
CA TYR C 664 23.18 12.76 7.18
C TYR C 664 22.64 14.17 7.32
N MET C 665 22.19 14.74 6.21
CA MET C 665 21.70 16.12 6.18
C MET C 665 20.43 16.31 7.01
N ARG C 666 19.67 15.24 7.19
CA ARG C 666 18.43 15.30 7.95
C ARG C 666 18.68 15.54 9.43
N SER C 667 19.74 14.95 9.95
CA SER C 667 20.03 15.01 11.38
C SER C 667 21.22 15.92 11.70
N ALA C 668 21.79 16.53 10.66
CA ALA C 668 23.00 17.33 10.80
C ALA C 668 22.84 18.53 11.73
N GLU C 669 23.77 18.65 12.68
CA GLU C 669 23.83 19.79 13.58
C GLU C 669 25.23 20.40 13.57
N PRO C 670 25.33 21.72 13.37
CA PRO C 670 24.23 22.67 13.20
C PRO C 670 23.58 22.58 11.81
N SER C 671 22.64 23.48 11.54
CA SER C 671 21.83 23.43 10.33
C SER C 671 22.66 23.48 9.04
N VAL C 672 22.57 22.43 8.24
CA VAL C 672 23.19 22.39 6.92
C VAL C 672 22.30 23.10 5.91
N PHE C 673 21.11 23.47 6.36
CA PHE C 673 20.14 24.15 5.51
C PHE C 673 20.22 25.66 5.68
N VAL C 674 20.22 26.38 4.56
CA VAL C 674 20.22 27.84 4.58
C VAL C 674 18.84 28.40 4.26
N ARG C 675 18.56 29.60 4.74
CA ARG C 675 17.26 30.23 4.49
C ARG C 675 17.14 30.70 3.05
N THR C 676 18.04 31.59 2.65
CA THR C 676 18.09 32.06 1.27
C THR C 676 19.21 31.34 0.52
N THR C 677 19.15 31.37 -0.82
CA THR C 677 20.18 30.75 -1.64
C THR C 677 21.50 31.48 -1.45
N ALA C 678 21.41 32.77 -1.16
CA ALA C 678 22.58 33.62 -0.98
C ALA C 678 23.41 33.21 0.24
N GLU C 679 22.72 32.71 1.27
CA GLU C 679 23.39 32.27 2.49
C GLU C 679 24.24 31.03 2.27
N GLY C 680 24.03 30.37 1.14
CA GLY C 680 24.79 29.19 0.79
C GLY C 680 26.14 29.53 0.20
N VAL C 681 26.17 30.49 -0.72
CA VAL C 681 27.39 30.91 -1.40
C VAL C 681 28.40 31.49 -0.42
N ALA C 682 27.92 32.32 0.50
CA ALA C 682 28.79 32.93 1.51
C ALA C 682 29.32 31.89 2.49
N ARG C 683 28.55 30.81 2.67
CA ARG C 683 28.93 29.75 3.61
C ARG C 683 30.01 28.84 3.04
N VAL C 684 30.16 28.87 1.71
CA VAL C 684 31.22 28.09 1.06
C VAL C 684 32.46 28.97 0.93
N ARG C 685 32.25 30.28 0.86
CA ARG C 685 33.33 31.24 0.75
C ARG C 685 33.93 31.59 2.12
N LYS C 686 33.18 31.29 3.19
CA LYS C 686 33.65 31.58 4.54
C LYS C 686 33.94 30.30 5.33
N SER C 687 34.20 29.21 4.62
CA SER C 687 34.58 27.95 5.24
C SER C 687 35.91 27.47 4.70
N LYS C 688 36.40 28.18 3.68
CA LYS C 688 37.69 27.89 3.06
C LYS C 688 37.76 26.48 2.47
N GLY C 689 36.60 25.91 2.16
CA GLY C 689 36.53 24.58 1.58
C GLY C 689 35.97 23.54 2.51
N LYS C 690 35.58 23.96 3.71
CA LYS C 690 35.04 23.04 4.72
C LYS C 690 33.52 22.95 4.63
N TYR C 691 32.95 23.49 3.56
CA TYR C 691 31.51 23.43 3.35
C TYR C 691 31.15 23.45 1.87
N ALA C 692 30.14 22.67 1.49
CA ALA C 692 29.68 22.61 0.11
C ALA C 692 28.19 22.89 0.01
N TYR C 693 27.78 23.57 -1.05
CA TYR C 693 26.37 23.88 -1.26
C TYR C 693 25.83 23.21 -2.52
N LEU C 694 24.62 22.68 -2.44
CA LEU C 694 24.00 21.98 -3.57
C LEU C 694 22.85 22.80 -4.13
N LEU C 695 22.80 22.95 -5.45
CA LEU C 695 21.69 23.63 -6.10
C LEU C 695 21.66 23.36 -7.61
N GLU C 696 20.71 23.98 -8.29
CA GLU C 696 20.55 23.85 -9.72
C GLU C 696 21.82 24.26 -10.48
N SER C 697 22.08 23.60 -11.60
CA SER C 697 23.30 23.82 -12.37
C SER C 697 23.37 25.22 -12.97
N THR C 698 22.22 25.74 -13.39
CA THR C 698 22.15 27.04 -14.04
C THR C 698 22.65 28.15 -13.14
N MET C 699 22.17 28.16 -11.89
CA MET C 699 22.56 29.17 -10.91
C MET C 699 24.02 28.98 -10.50
N ASN C 700 24.46 27.73 -10.50
CA ASN C 700 25.82 27.39 -10.09
C ASN C 700 26.90 27.94 -11.04
N GLU C 701 26.81 27.57 -12.31
CA GLU C 701 27.79 27.98 -13.32
C GLU C 701 27.93 29.50 -13.37
N TYR C 702 26.82 30.20 -13.23
CA TYR C 702 26.79 31.65 -13.28
C TYR C 702 27.57 32.28 -12.13
N ILE C 703 27.48 31.66 -10.96
CA ILE C 703 28.17 32.16 -9.77
C ILE C 703 29.69 32.15 -9.96
N GLU C 704 30.20 31.12 -10.62
CA GLU C 704 31.63 30.98 -10.85
C GLU C 704 32.20 32.11 -11.72
N GLN C 705 31.32 32.79 -12.45
CA GLN C 705 31.74 33.86 -13.35
C GLN C 705 31.57 35.25 -12.75
N ARG C 706 31.50 35.32 -11.42
CA ARG C 706 31.39 36.60 -10.72
C ARG C 706 32.50 36.73 -9.66
N LYS C 707 32.75 37.98 -9.24
CA LYS C 707 33.75 38.24 -8.21
C LYS C 707 33.33 37.64 -6.87
N PRO C 708 34.31 37.20 -6.06
CA PRO C 708 35.74 37.25 -6.32
C PRO C 708 36.29 35.97 -6.94
N CYS C 709 35.49 35.30 -7.76
CA CYS C 709 35.90 34.08 -8.46
C CYS C 709 36.42 33.02 -7.49
N ASP C 710 35.70 32.83 -6.39
CA ASP C 710 36.17 31.95 -5.32
C ASP C 710 35.28 30.74 -5.11
N THR C 711 34.48 30.40 -6.11
CA THR C 711 33.63 29.21 -6.07
C THR C 711 33.67 28.50 -7.42
N MET C 712 33.41 27.20 -7.42
CA MET C 712 33.42 26.44 -8.66
C MET C 712 32.49 25.22 -8.64
N LYS C 713 32.01 24.85 -9.83
CA LYS C 713 31.17 23.67 -9.98
C LYS C 713 32.04 22.43 -10.21
N VAL C 714 31.65 21.31 -9.62
CA VAL C 714 32.42 20.08 -9.75
C VAL C 714 31.53 18.87 -10.01
N GLY C 715 32.04 17.93 -10.81
CA GLY C 715 31.33 16.71 -11.12
C GLY C 715 30.09 16.91 -11.96
N GLY C 716 29.49 15.80 -12.39
CA GLY C 716 28.27 15.85 -13.17
C GLY C 716 27.07 16.22 -12.31
N ASN C 717 25.91 16.35 -12.95
CA ASN C 717 24.69 16.69 -12.23
C ASN C 717 24.13 15.49 -11.47
N LEU C 718 22.99 15.69 -10.81
CA LEU C 718 22.38 14.62 -10.02
C LEU C 718 21.12 14.09 -10.68
N ASP C 719 20.41 14.98 -11.38
CA ASP C 719 19.20 14.59 -12.10
C ASP C 719 19.09 15.32 -13.43
N SER C 720 18.03 15.03 -14.18
CA SER C 720 17.85 15.60 -15.50
C SER C 720 16.57 16.43 -15.60
N LYS C 721 16.67 17.71 -15.26
CA LYS C 721 15.51 18.60 -15.30
C LYS C 721 15.37 19.25 -16.68
N GLY C 722 14.71 20.40 -16.71
CA GLY C 722 14.52 21.12 -17.95
C GLY C 722 13.65 22.36 -17.83
N TYR C 723 14.10 23.45 -18.45
CA TYR C 723 13.31 24.68 -18.52
C TYR C 723 12.62 24.75 -19.88
N GLY C 724 11.38 25.20 -19.88
CA GLY C 724 10.62 25.29 -21.12
C GLY C 724 9.67 26.46 -21.16
N ILE C 725 9.35 26.92 -22.36
CA ILE C 725 8.35 27.95 -22.55
C ILE C 725 6.98 27.33 -22.28
N ALA C 726 6.19 27.99 -21.44
CA ALA C 726 4.90 27.45 -21.05
C ALA C 726 3.74 28.15 -21.76
N THR C 727 2.68 27.40 -22.03
CA THR C 727 1.50 27.95 -22.72
C THR C 727 0.22 27.34 -22.17
N PRO C 728 -0.85 28.15 -22.08
CA PRO C 728 -2.17 27.68 -21.63
C PRO C 728 -2.67 26.50 -22.45
N LYS C 729 -3.39 25.59 -21.80
CA LYS C 729 -3.83 24.34 -22.43
C LYS C 729 -4.61 24.55 -23.72
N GLY C 730 -4.06 24.06 -24.82
CA GLY C 730 -4.70 24.11 -26.12
C GLY C 730 -4.85 25.51 -26.67
N SER C 731 -3.79 26.31 -26.56
CA SER C 731 -3.81 27.69 -27.04
C SER C 731 -3.25 27.80 -28.44
N SER C 732 -3.25 29.01 -28.98
CA SER C 732 -2.78 29.27 -30.34
C SER C 732 -1.27 29.11 -30.48
N LEU C 733 -0.51 29.71 -29.58
CA LEU C 733 0.95 29.68 -29.66
C LEU C 733 1.53 28.32 -29.25
N GLY C 734 0.68 27.32 -29.11
CA GLY C 734 1.12 26.00 -28.68
C GLY C 734 2.20 25.39 -29.54
N THR C 735 1.80 24.84 -30.68
CA THR C 735 2.75 24.22 -31.61
C THR C 735 3.87 25.11 -32.16
N PRO C 736 3.55 26.33 -32.64
CA PRO C 736 4.59 27.17 -33.25
C PRO C 736 5.79 27.43 -32.33
N VAL C 737 5.53 27.81 -31.09
CA VAL C 737 6.60 28.10 -30.15
C VAL C 737 7.44 26.85 -29.85
N ASN C 738 6.78 25.69 -29.82
CA ASN C 738 7.48 24.43 -29.60
C ASN C 738 8.52 24.16 -30.67
N LEU C 739 8.12 24.29 -31.94
CA LEU C 739 9.04 24.13 -33.06
C LEU C 739 10.07 25.24 -33.06
N ALA C 740 9.65 26.43 -32.63
CA ALA C 740 10.53 27.59 -32.58
C ALA C 740 11.68 27.37 -31.59
N VAL C 741 11.37 26.79 -30.44
CA VAL C 741 12.38 26.45 -29.46
C VAL C 741 13.33 25.40 -30.02
N LEU C 742 12.76 24.38 -30.66
CA LEU C 742 13.53 23.35 -31.33
C LEU C 742 14.37 23.95 -32.46
N LYS C 743 13.85 25.01 -33.07
CA LYS C 743 14.54 25.67 -34.16
C LYS C 743 15.80 26.39 -33.68
N LEU C 744 15.73 26.94 -32.48
CA LEU C 744 16.84 27.72 -31.94
C LEU C 744 17.95 26.87 -31.32
N SER C 745 17.58 25.70 -30.82
CA SER C 745 18.57 24.79 -30.23
C SER C 745 19.49 24.24 -31.31
N GLU C 746 18.89 23.79 -32.41
CA GLU C 746 19.64 23.20 -33.51
C GLU C 746 20.32 24.25 -34.37
N GLN C 747 19.94 25.51 -34.18
CA GLN C 747 20.61 26.63 -34.83
C GLN C 747 21.81 27.06 -33.98
N GLY C 748 21.94 26.42 -32.82
CA GLY C 748 23.03 26.71 -31.90
C GLY C 748 22.88 28.04 -31.20
N VAL C 749 21.75 28.71 -31.42
CA VAL C 749 21.52 30.02 -30.83
C VAL C 749 21.21 29.92 -29.34
N LEU C 750 20.49 28.87 -28.94
CA LEU C 750 20.27 28.59 -27.52
C LEU C 750 21.59 28.47 -26.76
N ASP C 751 22.54 27.74 -27.34
CA ASP C 751 23.86 27.60 -26.75
C ASP C 751 24.70 28.85 -27.00
N LYS C 752 24.33 29.61 -28.03
CA LYS C 752 24.98 30.89 -28.31
C LYS C 752 24.57 31.95 -27.32
N LEU C 753 23.26 32.06 -27.08
CA LEU C 753 22.73 33.02 -26.12
C LEU C 753 23.24 32.72 -24.71
N LYS C 754 23.38 31.43 -24.40
CA LYS C 754 23.90 31.02 -23.10
C LYS C 754 25.36 31.48 -22.94
N ASN C 755 26.14 31.31 -24.00
CA ASN C 755 27.53 31.78 -24.01
C ASN C 755 27.60 33.29 -23.91
N LYS C 756 26.54 33.96 -24.35
CA LYS C 756 26.48 35.42 -24.37
C LYS C 756 26.21 35.98 -22.98
N TRP C 757 25.46 35.23 -22.16
CA TRP C 757 25.02 35.75 -20.87
C TRP C 757 25.68 35.06 -19.68
N TRP C 758 26.51 34.06 -19.95
CA TRP C 758 27.20 33.34 -18.87
C TRP C 758 28.71 33.59 -18.89
N TYR C 759 29.32 33.49 -20.07
CA TYR C 759 30.77 33.56 -20.18
C TYR C 759 31.27 34.88 -20.78
N ASP C 760 30.80 35.20 -21.97
CA ASP C 760 31.28 36.38 -22.70
C ASP C 760 30.97 37.70 -22.00
N LYS C 761 29.97 37.69 -21.14
CA LYS C 761 29.58 38.89 -20.39
C LYS C 761 30.04 38.77 -18.95
N GLY C 762 30.58 37.60 -18.60
CA GLY C 762 31.05 37.34 -17.24
C GLY C 762 32.24 38.20 -16.85
N GLU C 763 32.76 37.96 -15.65
CA GLU C 763 33.86 38.76 -15.12
C GLU C 763 35.13 37.92 -14.87
N CYS C 764 35.00 36.60 -14.95
CA CYS C 764 36.11 35.71 -14.68
C CYS C 764 36.43 34.81 -15.88
N SER C 776 50.71 18.83 -8.48
CA SER C 776 50.96 18.50 -7.08
C SER C 776 52.32 17.82 -6.91
N ALA C 777 53.37 18.62 -6.82
CA ALA C 777 54.72 18.11 -6.61
C ALA C 777 55.24 18.57 -5.25
N LEU C 778 56.52 18.92 -5.20
CA LEU C 778 57.14 19.37 -3.96
C LEU C 778 57.17 20.89 -3.87
N SER C 779 56.71 21.42 -2.73
CA SER C 779 56.65 22.86 -2.51
C SER C 779 58.03 23.47 -2.32
N LEU C 780 58.30 24.56 -3.02
CA LEU C 780 59.54 25.30 -2.89
C LEU C 780 59.47 26.22 -1.66
N SER C 781 58.26 26.41 -1.14
CA SER C 781 58.04 27.28 0.01
C SER C 781 58.86 26.87 1.23
N ASN C 782 58.59 25.66 1.72
CA ASN C 782 59.30 25.09 2.86
C ASN C 782 60.82 25.12 2.66
N VAL C 783 61.25 24.62 1.50
CA VAL C 783 62.67 24.51 1.18
C VAL C 783 63.35 25.87 1.09
N ALA C 784 62.58 26.89 0.69
CA ALA C 784 63.13 28.23 0.52
C ALA C 784 63.66 28.81 1.82
N GLY C 785 62.92 28.64 2.91
CA GLY C 785 63.30 29.17 4.21
C GLY C 785 64.67 28.72 4.68
N VAL C 786 65.11 27.56 4.22
CA VAL C 786 66.41 27.02 4.59
C VAL C 786 67.50 27.57 3.66
N PHE C 787 67.10 28.17 2.56
CA PHE C 787 68.05 28.81 1.64
C PHE C 787 68.49 30.16 2.19
N TYR C 788 67.68 30.72 3.08
CA TYR C 788 67.93 32.05 3.60
C TYR C 788 68.76 32.03 4.88
N ILE C 789 68.65 30.94 5.63
CA ILE C 789 69.51 30.73 6.79
C ILE C 789 70.90 30.36 6.29
N LEU C 790 70.99 29.86 5.06
CA LEU C 790 72.26 29.52 4.45
C LEU C 790 73.01 30.76 3.95
N VAL C 791 72.41 31.48 3.02
CA VAL C 791 73.04 32.68 2.46
C VAL C 791 73.22 33.74 3.54
N GLY C 792 72.41 33.66 4.59
CA GLY C 792 72.59 34.50 5.75
C GLY C 792 73.82 34.07 6.53
N GLY C 793 74.03 32.76 6.62
CA GLY C 793 75.20 32.20 7.28
C GLY C 793 76.45 32.42 6.45
N LEU C 794 76.29 32.41 5.13
CA LEU C 794 77.38 32.69 4.21
C LEU C 794 77.85 34.14 4.38
N GLY C 795 76.89 35.04 4.50
CA GLY C 795 77.19 36.45 4.71
C GLY C 795 77.74 36.71 6.09
N LEU C 796 77.28 35.92 7.05
CA LEU C 796 77.77 36.03 8.43
C LEU C 796 79.23 35.63 8.52
N ALA C 797 79.61 34.61 7.75
CA ALA C 797 81.01 34.19 7.69
C ALA C 797 81.73 34.79 6.49
N MET C 798 81.05 35.72 5.81
CA MET C 798 81.73 36.63 4.89
C MET C 798 82.06 37.86 5.70
N LEU C 799 81.47 37.94 6.88
CA LEU C 799 81.70 39.05 7.80
C LEU C 799 82.78 38.69 8.79
N VAL C 800 82.67 37.52 9.41
CA VAL C 800 83.66 37.03 10.36
C VAL C 800 84.96 36.67 9.62
N ALA C 801 84.86 36.43 8.32
CA ALA C 801 86.05 36.20 7.50
C ALA C 801 86.80 37.50 7.30
N LEU C 802 86.05 38.58 7.03
CA LEU C 802 86.66 39.88 6.79
C LEU C 802 87.34 40.44 8.03
N ILE C 803 86.83 40.09 9.21
CA ILE C 803 87.45 40.55 10.45
C ILE C 803 88.69 39.73 10.80
N GLU C 804 88.78 38.51 10.25
CA GLU C 804 89.95 37.67 10.44
C GLU C 804 91.20 38.31 9.85
N PHE C 805 91.14 38.60 8.55
CA PHE C 805 92.27 39.18 7.82
C PHE C 805 92.68 40.54 8.36
N CYS C 806 91.76 41.21 9.05
CA CYS C 806 92.03 42.54 9.60
C CYS C 806 93.10 42.54 10.70
N TYR C 807 92.93 41.65 11.68
CA TYR C 807 93.86 41.58 12.81
C TYR C 807 95.25 41.09 12.40
N LYS C 808 95.38 40.67 11.14
CA LYS C 808 96.67 40.31 10.58
C LYS C 808 97.22 41.44 9.73
N ASN D 1 -75.22 30.82 15.91
CA ASN D 1 -73.86 31.14 15.51
C ASN D 1 -73.30 30.14 14.50
N SER D 2 -73.55 30.40 13.22
CA SER D 2 -73.05 29.56 12.14
C SER D 2 -72.05 30.33 11.29
N ILE D 3 -70.83 29.79 11.17
CA ILE D 3 -69.75 30.47 10.47
C ILE D 3 -69.27 29.68 9.25
N GLN D 4 -69.64 30.15 8.06
CA GLN D 4 -69.26 29.47 6.82
C GLN D 4 -67.77 29.65 6.50
N ILE D 5 -67.12 28.57 6.11
CA ILE D 5 -65.74 28.62 5.65
C ILE D 5 -65.57 27.83 4.35
N GLY D 6 -64.50 28.11 3.62
CA GLY D 6 -64.25 27.45 2.34
C GLY D 6 -63.30 26.28 2.42
N GLY D 7 -63.69 25.17 1.82
CA GLY D 7 -62.88 23.95 1.86
C GLY D 7 -62.47 23.46 0.48
N LEU D 8 -61.39 24.03 -0.04
CA LEU D 8 -60.88 23.64 -1.36
C LEU D 8 -59.89 22.49 -1.25
N PHE D 9 -60.41 21.27 -1.29
CA PHE D 9 -59.59 20.06 -1.18
C PHE D 9 -59.22 19.53 -2.57
N PRO D 10 -58.08 18.83 -2.67
CA PRO D 10 -57.66 18.19 -3.92
C PRO D 10 -58.41 16.89 -4.16
N ARG D 11 -58.31 16.35 -5.38
CA ARG D 11 -58.88 15.05 -5.69
C ARG D 11 -58.02 13.96 -5.06
N GLY D 12 -58.55 13.34 -4.01
CA GLY D 12 -57.83 12.25 -3.36
C GLY D 12 -57.09 12.68 -2.10
N ALA D 13 -57.57 13.73 -1.46
CA ALA D 13 -57.01 14.14 -0.17
C ALA D 13 -57.77 13.42 0.94
N ASP D 14 -57.91 12.11 0.77
CA ASP D 14 -58.77 11.30 1.63
C ASP D 14 -58.40 11.33 3.11
N GLN D 15 -57.14 11.08 3.44
CA GLN D 15 -56.73 11.12 4.84
C GLN D 15 -56.83 12.54 5.38
N GLU D 16 -56.48 13.52 4.54
CA GLU D 16 -56.57 14.92 4.92
C GLU D 16 -58.01 15.36 5.19
N TYR D 17 -58.92 14.95 4.31
CA TYR D 17 -60.32 15.36 4.43
C TYR D 17 -61.02 14.69 5.61
N SER D 18 -60.76 13.39 5.79
CA SER D 18 -61.35 12.66 6.91
C SER D 18 -60.87 13.25 8.23
N ALA D 19 -59.63 13.72 8.24
CA ALA D 19 -59.06 14.36 9.42
C ALA D 19 -59.73 15.70 9.69
N PHE D 20 -60.05 16.42 8.61
CA PHE D 20 -60.72 17.71 8.70
C PHE D 20 -62.03 17.59 9.49
N ARG D 21 -62.77 16.52 9.24
CA ARG D 21 -64.04 16.27 9.91
C ARG D 21 -63.84 15.84 11.36
N VAL D 22 -62.74 15.15 11.62
CA VAL D 22 -62.40 14.75 12.98
C VAL D 22 -62.14 16.00 13.82
N GLY D 23 -61.52 16.99 13.19
CA GLY D 23 -61.30 18.28 13.82
C GLY D 23 -62.62 18.99 14.06
N MET D 24 -63.59 18.76 13.18
CA MET D 24 -64.92 19.35 13.32
C MET D 24 -65.62 18.80 14.56
N VAL D 25 -65.60 17.49 14.71
CA VAL D 25 -66.22 16.84 15.86
C VAL D 25 -65.46 17.20 17.14
N GLN D 26 -64.15 17.33 17.04
CA GLN D 26 -63.30 17.54 18.22
C GLN D 26 -63.31 18.98 18.74
N PHE D 27 -63.21 19.95 17.83
CA PHE D 27 -63.01 21.34 18.26
C PHE D 27 -64.21 22.26 18.08
N SER D 28 -65.36 21.70 17.72
CA SER D 28 -66.57 22.52 17.63
C SER D 28 -67.07 22.87 19.03
N THR D 29 -67.62 24.07 19.17
CA THR D 29 -68.10 24.53 20.47
C THR D 29 -69.58 24.89 20.43
N SER D 30 -70.17 25.06 21.61
CA SER D 30 -71.57 25.46 21.72
C SER D 30 -71.71 26.93 21.35
N GLU D 31 -70.65 27.69 21.60
CA GLU D 31 -70.61 29.12 21.31
C GLU D 31 -70.91 29.39 19.84
N PHE D 32 -70.21 28.68 18.97
CA PHE D 32 -70.36 28.85 17.53
C PHE D 32 -69.95 27.57 16.80
N ARG D 33 -70.47 27.41 15.58
CA ARG D 33 -70.14 26.25 14.76
C ARG D 33 -69.60 26.66 13.40
N LEU D 34 -68.51 26.02 12.99
CA LEU D 34 -67.93 26.28 11.67
C LEU D 34 -68.65 25.45 10.62
N THR D 35 -69.24 26.13 9.63
CA THR D 35 -69.95 25.46 8.55
C THR D 35 -69.05 25.36 7.32
N PRO D 36 -68.37 24.22 7.16
CA PRO D 36 -67.37 24.08 6.10
C PRO D 36 -68.00 23.71 4.77
N HIS D 37 -68.20 24.69 3.90
CA HIS D 37 -68.66 24.40 2.56
C HIS D 37 -67.50 23.82 1.75
N ILE D 38 -67.63 22.56 1.38
CA ILE D 38 -66.53 21.81 0.76
C ILE D 38 -66.52 21.96 -0.76
N ASP D 39 -65.33 22.10 -1.32
CA ASP D 39 -65.17 22.12 -2.77
C ASP D 39 -64.01 21.24 -3.22
N ASN D 40 -64.34 20.09 -3.80
CA ASN D 40 -63.34 19.21 -4.38
C ASN D 40 -62.98 19.66 -5.80
N LEU D 41 -61.69 19.80 -6.05
CA LEU D 41 -61.22 20.25 -7.37
C LEU D 41 -59.85 19.68 -7.72
N GLU D 42 -59.55 19.66 -9.01
CA GLU D 42 -58.20 19.36 -9.46
C GLU D 42 -57.34 20.60 -9.27
N VAL D 43 -56.55 20.59 -8.19
CA VAL D 43 -55.82 21.78 -7.75
C VAL D 43 -54.85 22.35 -8.78
N ALA D 44 -54.20 21.49 -9.54
CA ALA D 44 -53.21 21.92 -10.53
C ALA D 44 -53.77 22.90 -11.55
N ASN D 45 -55.06 22.74 -11.88
CA ASN D 45 -55.73 23.64 -12.80
C ASN D 45 -56.02 24.99 -12.13
N SER D 46 -55.35 26.03 -12.61
CA SER D 46 -55.57 27.38 -12.09
C SER D 46 -56.98 27.86 -12.36
N PHE D 47 -57.55 27.42 -13.48
CA PHE D 47 -58.91 27.79 -13.85
C PHE D 47 -59.92 27.25 -12.85
N ALA D 48 -59.71 26.00 -12.42
CA ALA D 48 -60.61 25.36 -11.46
C ALA D 48 -60.57 26.07 -10.11
N VAL D 49 -59.38 26.45 -9.69
CA VAL D 49 -59.20 27.17 -8.43
C VAL D 49 -59.81 28.57 -8.50
N THR D 50 -59.55 29.27 -9.60
CA THR D 50 -60.07 30.61 -9.82
C THR D 50 -61.60 30.63 -9.80
N ASN D 51 -62.20 29.54 -10.25
CA ASN D 51 -63.66 29.42 -10.24
C ASN D 51 -64.23 29.13 -8.87
N ALA D 52 -63.72 28.09 -8.22
CA ALA D 52 -64.23 27.65 -6.93
C ALA D 52 -63.97 28.69 -5.84
N PHE D 53 -62.91 29.47 -6.00
CA PHE D 53 -62.62 30.56 -5.08
C PHE D 53 -63.72 31.62 -5.20
N CYS D 54 -64.30 31.73 -6.38
CA CYS D 54 -65.40 32.66 -6.61
C CYS D 54 -66.72 32.02 -6.22
N SER D 55 -66.74 30.69 -6.19
CA SER D 55 -67.88 29.95 -5.68
C SER D 55 -68.00 30.20 -4.18
N GLN D 56 -66.87 30.05 -3.49
CA GLN D 56 -66.82 30.29 -2.05
C GLN D 56 -67.15 31.73 -1.72
N PHE D 57 -66.67 32.64 -2.57
CA PHE D 57 -66.84 34.07 -2.32
C PHE D 57 -68.30 34.49 -2.49
N SER D 58 -68.89 34.12 -3.62
CA SER D 58 -70.27 34.50 -3.95
C SER D 58 -71.26 34.10 -2.85
N ARG D 59 -71.06 32.92 -2.27
CA ARG D 59 -71.88 32.48 -1.15
C ARG D 59 -71.62 33.36 0.06
N GLY D 60 -70.34 33.64 0.30
CA GLY D 60 -69.94 34.44 1.44
C GLY D 60 -69.43 33.59 2.59
N VAL D 61 -68.11 33.44 2.66
CA VAL D 61 -67.47 32.80 3.80
C VAL D 61 -66.54 33.80 4.48
N TYR D 62 -65.95 33.40 5.60
CA TYR D 62 -65.11 34.31 6.37
C TYR D 62 -63.64 33.92 6.27
N ALA D 63 -63.39 32.70 5.79
CA ALA D 63 -62.04 32.20 5.59
C ALA D 63 -62.08 30.94 4.74
N ILE D 64 -61.06 30.73 3.92
CA ILE D 64 -60.99 29.52 3.10
C ILE D 64 -59.81 28.65 3.47
N PHE D 65 -60.09 27.40 3.84
CA PHE D 65 -59.04 26.42 4.08
C PHE D 65 -58.90 25.56 2.84
N GLY D 66 -57.69 25.43 2.33
CA GLY D 66 -57.48 24.66 1.12
C GLY D 66 -56.05 24.23 0.85
N PHE D 67 -55.83 23.75 -0.37
CA PHE D 67 -54.51 23.32 -0.81
C PHE D 67 -54.21 24.00 -2.14
N TYR D 68 -52.95 24.32 -2.38
CA TYR D 68 -52.55 24.84 -3.69
C TYR D 68 -51.37 24.06 -4.25
N ASP D 69 -51.24 24.10 -5.57
CA ASP D 69 -50.07 23.57 -6.24
C ASP D 69 -49.23 24.76 -6.71
N LYS D 70 -47.96 24.53 -7.00
CA LYS D 70 -47.07 25.61 -7.42
C LYS D 70 -47.55 26.28 -8.70
N LYS D 71 -48.32 25.55 -9.49
CA LYS D 71 -48.93 26.11 -10.69
C LYS D 71 -50.07 27.06 -10.30
N SER D 72 -50.81 26.68 -9.26
CA SER D 72 -52.02 27.39 -8.89
C SER D 72 -51.80 28.51 -7.85
N VAL D 73 -50.77 28.36 -7.03
CA VAL D 73 -50.57 29.21 -5.85
C VAL D 73 -50.65 30.72 -6.13
N ASN D 74 -50.20 31.13 -7.33
CA ASN D 74 -50.22 32.54 -7.67
C ASN D 74 -51.62 33.07 -7.99
N THR D 75 -52.53 32.16 -8.34
CA THR D 75 -53.94 32.51 -8.45
C THR D 75 -54.47 32.75 -7.04
N ILE D 76 -54.07 31.89 -6.11
CA ILE D 76 -54.52 32.00 -4.73
C ILE D 76 -54.03 33.26 -4.01
N THR D 77 -52.71 33.44 -3.94
CA THR D 77 -52.14 34.54 -3.17
C THR D 77 -52.43 35.91 -3.78
N SER D 78 -52.89 35.93 -5.02
CA SER D 78 -53.27 37.20 -5.66
C SER D 78 -54.70 37.58 -5.33
N PHE D 79 -55.58 36.58 -5.29
CA PHE D 79 -56.98 36.80 -4.94
C PHE D 79 -57.16 37.04 -3.45
N CYS D 80 -56.16 36.61 -2.66
CA CYS D 80 -56.19 36.81 -1.22
C CYS D 80 -55.48 38.11 -0.84
N GLY D 81 -54.54 38.52 -1.68
CA GLY D 81 -53.82 39.77 -1.46
C GLY D 81 -54.65 40.96 -1.92
N THR D 82 -55.76 40.68 -2.59
CA THR D 82 -56.64 41.73 -3.08
C THR D 82 -57.94 41.79 -2.29
N LEU D 83 -58.64 40.66 -2.25
CA LEU D 83 -59.98 40.62 -1.63
C LEU D 83 -59.94 40.42 -0.12
N HIS D 84 -58.73 40.39 0.44
CA HIS D 84 -58.52 40.26 1.88
C HIS D 84 -59.07 38.96 2.48
N VAL D 85 -59.37 38.00 1.60
CA VAL D 85 -59.81 36.68 2.04
C VAL D 85 -58.66 35.96 2.72
N SER D 86 -58.92 35.40 3.91
CA SER D 86 -57.92 34.65 4.63
C SER D 86 -57.79 33.23 4.08
N PHE D 87 -56.57 32.83 3.76
CA PHE D 87 -56.32 31.49 3.24
C PHE D 87 -55.50 30.68 4.24
N ILE D 88 -55.99 29.50 4.57
CA ILE D 88 -55.28 28.60 5.46
C ILE D 88 -54.90 27.35 4.68
N THR D 89 -53.64 26.97 4.73
CA THR D 89 -53.17 25.83 3.94
C THR D 89 -51.98 25.12 4.56
N PRO D 90 -52.01 23.78 4.56
CA PRO D 90 -50.90 22.96 5.05
C PRO D 90 -49.83 22.80 3.98
N SER D 91 -50.05 23.43 2.83
CA SER D 91 -49.09 23.34 1.73
C SER D 91 -47.82 24.12 2.04
N PHE D 92 -46.85 24.05 1.12
CA PHE D 92 -45.53 24.64 1.34
C PHE D 92 -45.57 26.17 1.43
N PRO D 93 -44.67 26.74 2.25
CA PRO D 93 -44.56 28.19 2.46
C PRO D 93 -44.36 28.95 1.16
N THR D 94 -45.05 30.08 1.01
CA THR D 94 -44.95 30.89 -0.20
C THR D 94 -43.55 31.43 -0.40
N ASP D 95 -43.17 31.62 -1.67
CA ASP D 95 -41.85 32.15 -1.99
C ASP D 95 -41.75 33.63 -1.64
N GLY D 96 -41.33 33.91 -0.42
CA GLY D 96 -41.20 35.28 0.05
C GLY D 96 -42.29 35.66 1.04
N THR D 97 -42.92 36.80 0.81
CA THR D 97 -43.96 37.29 1.71
C THR D 97 -45.25 37.63 0.97
N HIS D 98 -46.29 36.84 1.22
CA HIS D 98 -47.62 37.15 0.74
C HIS D 98 -48.56 37.33 1.93
N PRO D 99 -49.56 38.21 1.80
CA PRO D 99 -50.50 38.48 2.89
C PRO D 99 -51.69 37.54 2.86
N PHE D 100 -52.45 37.51 3.96
CA PHE D 100 -53.69 36.75 4.05
C PHE D 100 -53.56 35.25 3.77
N VAL D 101 -52.37 34.71 4.01
CA VAL D 101 -52.15 33.28 3.86
C VAL D 101 -51.45 32.73 5.10
N ILE D 102 -52.13 31.81 5.79
CA ILE D 102 -51.60 31.25 7.03
C ILE D 102 -51.08 29.83 6.79
N GLN D 103 -49.91 29.74 6.19
CA GLN D 103 -49.30 28.44 5.91
C GLN D 103 -48.98 27.69 7.18
N MET D 104 -49.77 26.66 7.47
CA MET D 104 -49.57 25.84 8.65
C MET D 104 -48.23 25.13 8.63
N ARG D 105 -47.70 24.94 7.43
CA ARG D 105 -46.51 24.12 7.23
C ARG D 105 -45.23 24.83 7.66
N PRO D 106 -44.44 24.19 8.52
CA PRO D 106 -43.13 24.69 8.97
C PRO D 106 -42.12 24.76 7.83
N ASP D 107 -41.29 25.80 7.84
CA ASP D 107 -40.22 25.91 6.86
C ASP D 107 -39.11 24.92 7.17
N LEU D 108 -38.63 24.22 6.15
CA LEU D 108 -37.62 23.19 6.34
C LEU D 108 -36.24 23.66 5.91
N LYS D 109 -36.20 24.58 4.93
CA LYS D 109 -34.97 25.03 4.29
C LYS D 109 -33.79 25.24 5.24
N GLY D 110 -34.05 25.84 6.39
CA GLY D 110 -33.02 26.08 7.38
C GLY D 110 -32.59 24.82 8.10
N ALA D 111 -33.56 23.94 8.37
CA ALA D 111 -33.29 22.71 9.11
C ALA D 111 -32.36 21.78 8.35
N LEU D 112 -32.73 21.47 7.11
CA LEU D 112 -31.93 20.60 6.25
C LEU D 112 -30.49 21.09 6.15
N LEU D 113 -30.33 22.41 6.02
CA LEU D 113 -29.01 23.01 5.89
C LEU D 113 -28.13 22.78 7.12
N SER D 114 -28.73 22.94 8.31
CA SER D 114 -27.99 22.75 9.55
C SER D 114 -27.54 21.31 9.72
N LEU D 115 -28.34 20.38 9.21
CA LEU D 115 -28.02 18.95 9.29
C LEU D 115 -26.81 18.63 8.41
N ILE D 116 -26.72 19.30 7.26
CA ILE D 116 -25.59 19.09 6.36
C ILE D 116 -24.29 19.52 7.02
N GLU D 117 -24.36 20.57 7.84
CA GLU D 117 -23.21 21.01 8.61
C GLU D 117 -22.83 20.00 9.68
N TYR D 118 -23.83 19.35 10.26
CA TYR D 118 -23.60 18.32 11.26
C TYR D 118 -22.77 17.19 10.67
N TYR D 119 -23.32 16.53 9.65
CA TYR D 119 -22.66 15.42 8.98
C TYR D 119 -21.34 15.83 8.35
N GLN D 120 -21.08 17.14 8.29
CA GLN D 120 -19.89 17.69 7.65
C GLN D 120 -19.74 17.20 6.22
N TRP D 121 -20.85 17.20 5.49
CA TRP D 121 -20.82 16.89 4.07
C TRP D 121 -20.13 18.01 3.31
N ASP D 122 -19.80 17.75 2.06
CA ASP D 122 -19.11 18.71 1.22
C ASP D 122 -19.39 18.35 -0.22
N LYS D 123 -19.77 17.09 -0.41
CA LYS D 123 -19.93 16.53 -1.74
C LYS D 123 -21.18 15.66 -1.79
N PHE D 124 -22.28 16.24 -2.24
CA PHE D 124 -23.53 15.50 -2.37
C PHE D 124 -24.30 15.82 -3.66
N ALA D 125 -25.24 14.96 -4.00
CA ALA D 125 -26.17 15.21 -5.09
C ALA D 125 -27.54 15.53 -4.51
N TYR D 126 -28.27 16.41 -5.20
CA TYR D 126 -29.56 16.88 -4.70
C TYR D 126 -30.65 16.56 -5.71
N LEU D 127 -31.31 15.42 -5.53
CA LEU D 127 -32.39 15.02 -6.42
C LEU D 127 -33.70 15.67 -6.00
N TYR D 128 -34.29 16.43 -6.92
CA TYR D 128 -35.44 17.26 -6.60
C TYR D 128 -36.51 17.17 -7.69
N ASP D 129 -37.73 17.56 -7.33
CA ASP D 129 -38.77 17.81 -8.31
C ASP D 129 -39.39 19.18 -8.05
N SER D 130 -40.15 19.67 -9.03
CA SER D 130 -40.66 21.05 -8.97
C SER D 130 -41.80 21.26 -7.97
N ASP D 131 -42.59 20.21 -7.73
CA ASP D 131 -43.90 20.34 -7.06
C ASP D 131 -43.97 21.01 -5.68
N ARG D 132 -42.85 21.51 -5.17
CA ARG D 132 -42.86 22.20 -3.88
C ARG D 132 -41.96 23.43 -3.87
N GLY D 133 -41.77 24.05 -5.02
CA GLY D 133 -40.93 25.22 -5.14
C GLY D 133 -39.45 24.90 -4.98
N LEU D 134 -38.61 25.59 -5.72
CA LEU D 134 -37.18 25.38 -5.66
C LEU D 134 -36.55 26.30 -4.62
N SER D 135 -37.37 26.78 -3.70
CA SER D 135 -36.94 27.66 -2.63
C SER D 135 -35.87 26.96 -1.79
N THR D 136 -35.99 25.64 -1.68
CA THR D 136 -35.00 24.83 -0.99
C THR D 136 -33.76 24.69 -1.85
N LEU D 137 -33.96 24.39 -3.13
CA LEU D 137 -32.85 24.24 -4.07
C LEU D 137 -32.07 25.55 -4.23
N GLN D 138 -32.79 26.67 -4.15
CA GLN D 138 -32.15 27.97 -4.13
C GLN D 138 -31.25 28.07 -2.92
N ALA D 139 -31.76 27.61 -1.78
CA ALA D 139 -31.05 27.70 -0.51
C ALA D 139 -29.84 26.76 -0.42
N VAL D 140 -29.97 25.54 -0.94
CA VAL D 140 -28.88 24.58 -0.86
C VAL D 140 -27.78 24.85 -1.88
N LEU D 141 -28.02 25.82 -2.75
CA LEU D 141 -27.02 26.22 -3.75
C LEU D 141 -26.25 27.48 -3.33
N ASP D 142 -26.96 28.42 -2.73
CA ASP D 142 -26.32 29.63 -2.23
C ASP D 142 -25.37 29.28 -1.09
N SER D 143 -25.79 28.34 -0.26
CA SER D 143 -24.99 27.91 0.87
C SER D 143 -23.74 27.17 0.38
N ALA D 144 -23.89 26.43 -0.71
CA ALA D 144 -22.79 25.70 -1.30
C ALA D 144 -21.66 26.65 -1.71
N ALA D 145 -22.02 27.84 -2.14
CA ALA D 145 -21.04 28.84 -2.52
C ALA D 145 -20.42 29.48 -1.29
N GLU D 146 -21.18 29.53 -0.20
CA GLU D 146 -20.74 30.19 1.03
C GLU D 146 -20.13 29.21 2.03
N LYS D 147 -20.16 27.93 1.70
CA LYS D 147 -19.60 26.91 2.59
C LYS D 147 -18.67 25.96 1.81
N LYS D 148 -18.45 26.27 0.53
CA LYS D 148 -17.60 25.47 -0.34
C LYS D 148 -18.07 24.02 -0.50
N TRP D 149 -19.23 23.84 -1.14
CA TRP D 149 -19.75 22.51 -1.44
C TRP D 149 -19.74 22.27 -2.95
N GLN D 150 -19.73 21.00 -3.35
CA GLN D 150 -19.91 20.62 -4.75
C GLN D 150 -21.23 19.89 -4.91
N VAL D 151 -22.21 20.55 -5.52
CA VAL D 151 -23.55 19.96 -5.63
C VAL D 151 -23.95 19.66 -7.07
N THR D 152 -24.27 18.41 -7.33
CA THR D 152 -24.77 18.02 -8.65
C THR D 152 -26.28 17.83 -8.58
N ALA D 153 -27.01 18.92 -8.69
CA ALA D 153 -28.47 18.86 -8.66
C ALA D 153 -29.02 18.27 -9.96
N ILE D 154 -29.93 17.32 -9.83
CA ILE D 154 -30.55 16.71 -11.00
C ILE D 154 -32.07 16.68 -10.87
N ASN D 155 -32.76 17.37 -11.78
CA ASN D 155 -34.22 17.34 -11.79
C ASN D 155 -34.73 15.95 -12.16
N VAL D 156 -35.44 15.32 -11.22
CA VAL D 156 -35.96 13.98 -11.44
C VAL D 156 -37.49 13.98 -11.48
N GLY D 157 -38.06 15.16 -11.74
CA GLY D 157 -39.51 15.30 -11.74
C GLY D 157 -40.15 15.18 -13.12
N ASN D 158 -39.42 15.65 -14.13
CA ASN D 158 -39.94 15.64 -15.51
C ASN D 158 -40.13 14.26 -16.09
N ILE D 159 -39.73 13.22 -15.35
CA ILE D 159 -39.72 11.87 -15.88
C ILE D 159 -41.11 11.27 -15.95
N ASN D 160 -41.40 10.63 -17.08
CA ASN D 160 -42.70 9.98 -17.31
C ASN D 160 -42.74 8.59 -16.69
N ASN D 161 -43.92 8.17 -16.27
CA ASN D 161 -44.08 6.86 -15.65
C ASN D 161 -44.17 5.73 -16.67
N ASP D 162 -44.19 6.10 -17.94
CA ASP D 162 -44.29 5.13 -19.03
C ASP D 162 -42.92 4.54 -19.36
N LYS D 163 -41.92 5.41 -19.48
CA LYS D 163 -40.55 4.96 -19.70
C LYS D 163 -39.65 5.45 -18.58
N LYS D 164 -39.78 4.83 -17.41
CA LYS D 164 -39.08 5.29 -16.23
C LYS D 164 -38.12 4.25 -15.65
N ASP D 165 -37.47 3.49 -16.54
CA ASP D 165 -36.46 2.53 -16.10
C ASP D 165 -35.09 2.93 -16.63
N GLU D 166 -35.06 3.36 -17.89
CA GLU D 166 -33.80 3.73 -18.54
C GLU D 166 -33.40 5.15 -18.18
N THR D 167 -34.26 5.84 -17.43
CA THR D 167 -33.99 7.20 -17.01
C THR D 167 -33.48 7.25 -15.57
N TYR D 168 -33.44 6.09 -14.93
CA TYR D 168 -32.91 5.98 -13.57
C TYR D 168 -31.50 5.41 -13.56
N ARG D 169 -31.25 4.42 -14.41
CA ARG D 169 -29.90 3.91 -14.56
C ARG D 169 -29.02 4.94 -15.25
N SER D 170 -29.64 5.75 -16.11
CA SER D 170 -28.95 6.87 -16.70
C SER D 170 -28.70 7.94 -15.64
N LEU D 171 -29.63 8.01 -14.69
CA LEU D 171 -29.52 8.95 -13.57
C LEU D 171 -28.41 8.53 -12.61
N PHE D 172 -28.33 7.25 -12.32
CA PHE D 172 -27.35 6.73 -11.36
C PHE D 172 -26.02 6.33 -12.02
N GLN D 173 -25.91 6.61 -13.31
CA GLN D 173 -24.62 6.59 -13.99
C GLN D 173 -23.94 7.92 -13.69
N ASP D 174 -24.73 8.98 -13.81
CA ASP D 174 -24.28 10.34 -13.50
C ASP D 174 -23.82 10.43 -12.05
N LEU D 175 -24.58 9.81 -11.16
CA LEU D 175 -24.33 9.92 -9.72
C LEU D 175 -23.30 8.89 -9.22
N GLU D 176 -22.39 8.48 -10.11
CA GLU D 176 -21.24 7.68 -9.70
C GLU D 176 -20.07 7.98 -10.62
N LEU D 177 -20.22 9.00 -11.47
CA LEU D 177 -19.12 9.44 -12.32
C LEU D 177 -18.00 10.02 -11.45
N LYS D 178 -18.37 10.53 -10.28
CA LYS D 178 -17.40 10.98 -9.29
C LYS D 178 -17.65 10.30 -7.95
N LYS D 179 -18.29 9.13 -8.00
CA LYS D 179 -18.63 8.37 -6.80
C LYS D 179 -19.45 9.18 -5.79
N GLU D 180 -20.53 9.79 -6.26
CA GLU D 180 -21.43 10.51 -5.38
C GLU D 180 -22.17 9.48 -4.51
N ARG D 181 -21.90 9.49 -3.22
CA ARG D 181 -22.46 8.50 -2.31
C ARG D 181 -23.50 9.11 -1.37
N ARG D 182 -23.40 10.42 -1.17
CA ARG D 182 -24.32 11.15 -0.31
C ARG D 182 -25.36 11.87 -1.14
N VAL D 183 -26.63 11.70 -0.77
CA VAL D 183 -27.72 12.19 -1.59
C VAL D 183 -28.90 12.72 -0.78
N ILE D 184 -29.44 13.86 -1.20
CA ILE D 184 -30.64 14.42 -0.60
C ILE D 184 -31.87 14.12 -1.47
N LEU D 185 -32.92 13.61 -0.85
CA LEU D 185 -34.14 13.27 -1.57
C LEU D 185 -35.26 14.25 -1.25
N ASP D 186 -35.31 15.35 -2.00
CA ASP D 186 -36.34 16.37 -1.80
C ASP D 186 -37.50 16.09 -2.74
N CYS D 187 -38.37 15.15 -2.37
CA CYS D 187 -39.46 14.73 -3.24
C CYS D 187 -40.76 14.42 -2.52
N GLU D 188 -41.80 14.19 -3.33
CA GLU D 188 -43.10 13.74 -2.85
C GLU D 188 -42.96 12.34 -2.28
N ARG D 189 -43.74 12.03 -1.25
CA ARG D 189 -43.68 10.71 -0.60
C ARG D 189 -43.90 9.56 -1.59
N ASP D 190 -44.70 9.81 -2.63
CA ASP D 190 -44.90 8.84 -3.70
C ASP D 190 -43.59 8.62 -4.41
N LYS D 191 -43.05 9.71 -4.95
CA LYS D 191 -41.80 9.69 -5.70
C LYS D 191 -40.65 9.18 -4.84
N VAL D 192 -40.73 9.44 -3.54
CA VAL D 192 -39.72 8.95 -2.60
C VAL D 192 -39.60 7.44 -2.67
N ASN D 193 -40.71 6.74 -2.47
CA ASN D 193 -40.71 5.28 -2.51
C ASN D 193 -40.36 4.72 -3.89
N ASP D 194 -40.77 5.42 -4.95
CA ASP D 194 -40.43 5.02 -6.31
C ASP D 194 -38.92 5.04 -6.51
N ILE D 195 -38.27 6.07 -5.97
CA ILE D 195 -36.81 6.14 -6.03
C ILE D 195 -36.20 5.10 -5.08
N VAL D 196 -36.75 5.01 -3.88
CA VAL D 196 -36.29 4.03 -2.89
C VAL D 196 -36.32 2.61 -3.46
N ASP D 197 -37.47 2.22 -4.01
CA ASP D 197 -37.62 0.91 -4.63
C ASP D 197 -36.57 0.65 -5.70
N GLN D 198 -36.34 1.65 -6.55
CA GLN D 198 -35.33 1.56 -7.59
C GLN D 198 -33.94 1.37 -7.01
N VAL D 199 -33.66 2.09 -5.93
CA VAL D 199 -32.35 2.05 -5.28
C VAL D 199 -32.02 0.67 -4.71
N ILE D 200 -33.00 0.06 -4.03
CA ILE D 200 -32.83 -1.27 -3.44
C ILE D 200 -32.45 -2.29 -4.50
N THR D 201 -33.05 -2.17 -5.68
CA THR D 201 -32.85 -3.13 -6.75
C THR D 201 -31.46 -3.04 -7.37
N ILE D 202 -30.87 -1.85 -7.37
CA ILE D 202 -29.56 -1.65 -7.98
C ILE D 202 -28.43 -1.75 -6.97
N GLY D 203 -28.77 -1.81 -5.69
CA GLY D 203 -27.80 -2.07 -4.64
C GLY D 203 -27.08 -0.84 -4.08
N LYS D 204 -27.69 0.33 -4.25
CA LYS D 204 -27.13 1.55 -3.69
C LYS D 204 -27.70 1.85 -2.30
N HIS D 205 -27.94 0.80 -1.52
CA HIS D 205 -28.50 0.98 -0.18
C HIS D 205 -27.80 0.13 0.89
N VAL D 206 -26.51 -0.13 0.65
CA VAL D 206 -25.70 -0.88 1.61
C VAL D 206 -24.80 0.08 2.39
N LYS D 207 -23.98 -0.47 3.28
CA LYS D 207 -22.98 0.33 3.99
C LYS D 207 -22.04 0.98 2.99
N GLY D 208 -22.11 2.29 2.87
CA GLY D 208 -21.30 3.02 1.92
C GLY D 208 -22.11 4.11 1.25
N TYR D 209 -23.39 4.18 1.60
CA TYR D 209 -24.28 5.21 1.08
C TYR D 209 -24.99 5.94 2.21
N HIS D 210 -25.48 7.15 1.92
CA HIS D 210 -26.24 7.91 2.89
C HIS D 210 -27.27 8.79 2.19
N TYR D 211 -28.53 8.59 2.56
CA TYR D 211 -29.61 9.37 1.97
C TYR D 211 -30.26 10.27 3.01
N ILE D 212 -30.69 11.44 2.59
CA ILE D 212 -31.41 12.36 3.47
C ILE D 212 -32.79 12.66 2.89
N ILE D 213 -33.83 12.17 3.56
CA ILE D 213 -35.19 12.38 3.10
C ILE D 213 -35.67 13.77 3.51
N ALA D 214 -35.88 14.63 2.52
CA ALA D 214 -36.23 16.02 2.77
C ALA D 214 -37.73 16.29 2.77
N ASN D 215 -38.40 15.89 3.85
CA ASN D 215 -39.78 16.30 4.12
C ASN D 215 -40.12 16.22 5.60
N LEU D 216 -41.36 16.56 5.94
CA LEU D 216 -41.77 16.60 7.34
C LEU D 216 -42.33 15.28 7.81
N GLY D 217 -42.36 14.29 6.91
CA GLY D 217 -42.92 12.99 7.24
C GLY D 217 -42.00 11.84 6.90
N PHE D 218 -41.00 11.61 7.74
CA PHE D 218 -40.05 10.52 7.51
C PHE D 218 -40.71 9.17 7.72
N THR D 219 -41.27 8.96 8.91
CA THR D 219 -41.92 7.68 9.22
C THR D 219 -43.28 7.57 8.56
N ASP D 220 -43.70 8.63 7.88
CA ASP D 220 -44.98 8.65 7.19
C ASP D 220 -44.98 7.73 5.97
N GLY D 221 -43.83 7.60 5.34
CA GLY D 221 -43.70 6.71 4.19
C GLY D 221 -43.30 5.31 4.64
N ASP D 222 -42.72 4.53 3.72
CA ASP D 222 -42.23 3.21 4.07
C ASP D 222 -40.70 3.22 4.20
N LEU D 223 -40.19 2.47 5.17
CA LEU D 223 -38.77 2.51 5.48
C LEU D 223 -38.19 1.13 5.73
N LEU D 224 -39.08 0.14 5.88
CA LEU D 224 -38.65 -1.21 6.21
C LEU D 224 -37.93 -1.93 5.07
N LYS D 225 -38.09 -1.43 3.85
CA LYS D 225 -37.47 -2.07 2.69
C LYS D 225 -36.00 -1.71 2.51
N ILE D 226 -35.48 -0.83 3.37
CA ILE D 226 -34.05 -0.56 3.45
C ILE D 226 -33.58 -0.56 4.90
N GLN D 227 -34.52 -0.84 5.81
CA GLN D 227 -34.28 -0.73 7.25
C GLN D 227 -33.15 -1.63 7.74
N PHE D 228 -32.85 -2.68 6.98
CA PHE D 228 -31.84 -3.64 7.38
C PHE D 228 -30.63 -3.58 6.45
N GLY D 229 -30.67 -2.66 5.49
CA GLY D 229 -29.67 -2.59 4.44
C GLY D 229 -28.26 -2.19 4.85
N GLY D 230 -28.10 -1.69 6.06
CA GLY D 230 -26.79 -1.29 6.55
C GLY D 230 -26.46 0.17 6.30
N ALA D 231 -27.05 0.73 5.24
CA ALA D 231 -26.88 2.14 4.93
C ALA D 231 -27.55 3.00 5.99
N GLU D 232 -27.11 4.25 6.10
CA GLU D 232 -27.75 5.18 7.02
C GLU D 232 -28.68 6.13 6.28
N VAL D 233 -29.91 6.23 6.76
CA VAL D 233 -30.91 7.09 6.14
C VAL D 233 -31.48 8.07 7.16
N SER D 234 -31.43 9.35 6.82
CA SER D 234 -31.90 10.40 7.73
C SER D 234 -33.10 11.13 7.15
N GLY D 235 -33.99 11.59 8.03
CA GLY D 235 -35.15 12.35 7.61
C GLY D 235 -35.64 13.28 8.71
N PHE D 236 -36.86 13.79 8.57
CA PHE D 236 -37.43 14.70 9.55
C PHE D 236 -38.85 14.31 9.94
N GLN D 237 -39.12 14.34 11.24
CA GLN D 237 -40.45 14.05 11.77
C GLN D 237 -41.08 15.33 12.32
N ILE D 238 -42.38 15.51 12.07
CA ILE D 238 -43.10 16.68 12.58
C ILE D 238 -44.24 16.25 13.49
N VAL D 239 -44.59 14.97 13.44
CA VAL D 239 -45.62 14.42 14.30
C VAL D 239 -44.99 13.48 15.33
N ASP D 240 -44.62 14.03 16.48
CA ASP D 240 -43.97 13.22 17.52
C ASP D 240 -44.98 12.33 18.23
N TYR D 241 -44.90 11.04 17.96
CA TYR D 241 -45.88 10.08 18.49
C TYR D 241 -45.75 9.86 20.00
N ASP D 242 -44.66 10.37 20.58
CA ASP D 242 -44.44 10.23 22.02
C ASP D 242 -45.13 11.31 22.83
N ASP D 243 -45.46 12.43 22.18
CA ASP D 243 -46.18 13.52 22.84
C ASP D 243 -47.54 13.03 23.33
N SER D 244 -47.84 13.32 24.59
CA SER D 244 -49.08 12.86 25.22
C SER D 244 -50.31 13.40 24.51
N LEU D 245 -50.14 14.51 23.79
CA LEU D 245 -51.23 15.08 23.02
C LEU D 245 -51.42 14.31 21.71
N VAL D 246 -50.31 13.87 21.12
CA VAL D 246 -50.35 13.15 19.86
C VAL D 246 -50.69 11.67 20.06
N SER D 247 -50.33 11.14 21.21
CA SER D 247 -50.56 9.72 21.50
C SER D 247 -52.01 9.45 21.95
N LYS D 248 -52.55 10.32 22.79
CA LYS D 248 -53.95 10.22 23.18
C LYS D 248 -54.85 10.47 21.98
N PHE D 249 -54.33 11.21 21.02
CA PHE D 249 -54.98 11.39 19.72
C PHE D 249 -55.00 10.06 19.00
N ILE D 250 -53.83 9.42 18.93
CA ILE D 250 -53.63 8.20 18.16
C ILE D 250 -54.56 7.05 18.58
N GLU D 251 -55.00 7.07 19.83
CA GLU D 251 -55.90 6.04 20.34
C GLU D 251 -57.27 6.08 19.67
N ARG D 252 -57.79 7.28 19.45
CA ARG D 252 -59.09 7.44 18.80
C ARG D 252 -58.98 7.35 17.28
N TRP D 253 -57.94 7.98 16.72
CA TRP D 253 -57.71 7.95 15.28
C TRP D 253 -57.59 6.53 14.75
N SER D 254 -56.76 5.72 15.41
CA SER D 254 -56.54 4.34 14.97
C SER D 254 -57.69 3.40 15.34
N THR D 255 -58.80 3.97 15.82
CA THR D 255 -59.96 3.17 16.17
C THR D 255 -61.24 3.75 15.60
N LEU D 256 -61.12 4.62 14.60
CA LEU D 256 -62.28 5.20 13.93
C LEU D 256 -62.84 4.25 12.88
N GLU D 257 -64.16 4.20 12.78
CA GLU D 257 -64.84 3.39 11.77
C GLU D 257 -64.35 3.79 10.39
N GLU D 258 -63.62 2.89 9.74
CA GLU D 258 -62.93 3.20 8.49
C GLU D 258 -63.85 3.47 7.31
N LYS D 259 -65.01 2.81 7.29
CA LYS D 259 -65.96 3.01 6.20
C LYS D 259 -66.57 4.42 6.24
N GLU D 260 -66.31 5.14 7.32
CA GLU D 260 -66.80 6.49 7.48
C GLU D 260 -65.66 7.51 7.39
N TYR D 261 -64.57 7.23 8.10
CA TYR D 261 -63.38 8.09 8.07
C TYR D 261 -62.21 7.40 7.39
N PRO D 262 -61.98 7.71 6.11
CA PRO D 262 -60.93 7.12 5.26
C PRO D 262 -59.54 7.03 5.90
N GLY D 263 -58.94 5.84 5.79
CA GLY D 263 -57.53 5.63 6.15
C GLY D 263 -57.06 6.10 7.51
N ALA D 264 -57.97 6.26 8.45
CA ALA D 264 -57.61 6.75 9.77
C ALA D 264 -57.09 5.62 10.67
N HIS D 265 -57.36 4.38 10.25
CA HIS D 265 -57.18 3.22 11.12
C HIS D 265 -55.74 2.81 11.43
N THR D 266 -54.77 3.64 11.04
CA THR D 266 -53.38 3.31 11.31
C THR D 266 -52.86 4.01 12.57
N ALA D 267 -51.79 3.48 13.14
CA ALA D 267 -51.17 4.09 14.31
C ALA D 267 -50.35 5.31 13.90
N THR D 268 -50.10 5.45 12.61
CA THR D 268 -49.37 6.60 12.09
C THR D 268 -50.30 7.49 11.26
N ILE D 269 -49.79 8.66 10.87
CA ILE D 269 -50.57 9.60 10.08
C ILE D 269 -49.65 10.56 9.31
N LYS D 270 -49.95 10.76 8.03
CA LYS D 270 -49.16 11.68 7.21
C LYS D 270 -49.24 13.10 7.76
N TYR D 271 -48.17 13.86 7.56
CA TYR D 271 -48.08 15.19 8.18
C TYR D 271 -49.00 16.21 7.54
N THR D 272 -49.31 16.01 6.26
CA THR D 272 -50.22 16.90 5.56
C THR D 272 -51.59 16.85 6.20
N SER D 273 -52.02 15.63 6.51
CA SER D 273 -53.31 15.39 7.13
C SER D 273 -53.34 15.98 8.53
N ALA D 274 -52.31 15.67 9.31
CA ALA D 274 -52.22 16.14 10.68
C ALA D 274 -52.24 17.66 10.77
N LEU D 275 -51.67 18.31 9.75
CA LEU D 275 -51.64 19.77 9.70
C LEU D 275 -53.03 20.34 9.44
N THR D 276 -53.81 19.65 8.62
CA THR D 276 -55.19 20.01 8.38
C THR D 276 -55.97 20.00 9.68
N TYR D 277 -55.69 18.99 10.51
CA TYR D 277 -56.31 18.85 11.82
C TYR D 277 -56.04 20.07 12.69
N ASP D 278 -54.77 20.49 12.73
CA ASP D 278 -54.38 21.68 13.48
C ASP D 278 -54.95 22.94 12.85
N ALA D 279 -55.03 22.94 11.53
CA ALA D 279 -55.55 24.08 10.78
C ALA D 279 -57.00 24.39 11.14
N VAL D 280 -57.72 23.38 11.62
CA VAL D 280 -59.08 23.58 12.07
C VAL D 280 -59.08 24.22 13.46
N GLN D 281 -58.18 23.73 14.31
CA GLN D 281 -58.08 24.25 15.68
C GLN D 281 -57.71 25.73 15.70
N VAL D 282 -56.93 26.16 14.72
CA VAL D 282 -56.57 27.57 14.60
C VAL D 282 -57.77 28.41 14.16
N MET D 283 -58.55 27.88 13.21
CA MET D 283 -59.77 28.55 12.77
C MET D 283 -60.79 28.61 13.90
N THR D 284 -60.68 27.67 14.83
CA THR D 284 -61.52 27.66 16.03
C THR D 284 -61.14 28.80 16.95
N GLU D 285 -59.89 28.78 17.41
CA GLU D 285 -59.37 29.79 18.34
C GLU D 285 -59.45 31.21 17.79
N ALA D 286 -59.32 31.34 16.47
CA ALA D 286 -59.37 32.65 15.83
C ALA D 286 -60.74 33.28 15.98
N PHE D 287 -61.78 32.56 15.56
CA PHE D 287 -63.15 33.05 15.68
C PHE D 287 -63.60 33.15 17.14
N ARG D 288 -62.86 32.50 18.02
CA ARG D 288 -63.12 32.60 19.45
C ARG D 288 -62.59 33.92 19.97
N ASN D 289 -61.46 34.35 19.43
CA ASN D 289 -60.85 35.62 19.81
C ASN D 289 -61.65 36.82 19.32
N LEU D 290 -62.38 36.64 18.23
CA LEU D 290 -63.13 37.75 17.63
C LEU D 290 -64.30 38.21 18.48
N ARG D 291 -65.09 37.28 19.01
CA ARG D 291 -66.22 37.64 19.86
C ARG D 291 -65.76 37.91 21.30
N LYS D 292 -64.62 37.35 21.67
CA LYS D 292 -64.04 37.62 22.99
C LYS D 292 -63.52 39.06 23.06
N GLN D 293 -63.16 39.61 21.90
CA GLN D 293 -62.81 41.02 21.81
C GLN D 293 -64.02 41.83 21.33
N ARG D 294 -65.16 41.14 21.21
CA ARG D 294 -66.44 41.76 20.87
C ARG D 294 -66.44 42.61 19.60
N ILE D 295 -65.56 42.24 18.66
CA ILE D 295 -65.48 42.92 17.38
C ILE D 295 -66.42 42.25 16.38
N GLU D 296 -67.38 43.02 15.86
CA GLU D 296 -68.35 42.47 14.93
C GLU D 296 -67.70 42.16 13.58
N ILE D 297 -68.13 41.06 12.96
CA ILE D 297 -67.44 40.53 11.78
C ILE D 297 -68.36 40.06 10.66
N SER D 298 -69.65 39.93 10.97
CA SER D 298 -70.62 39.39 10.00
C SER D 298 -70.70 40.23 8.74
N ARG D 299 -70.94 39.57 7.60
CA ARG D 299 -70.99 40.25 6.30
C ARG D 299 -72.07 41.32 6.26
N ARG D 300 -71.91 42.26 5.32
CA ARG D 300 -72.89 43.31 5.12
C ARG D 300 -73.55 43.19 3.75
N GLY D 301 -74.04 41.99 3.45
CA GLY D 301 -74.66 41.71 2.17
C GLY D 301 -73.98 40.55 1.47
N ASN D 302 -74.27 40.38 0.18
CA ASN D 302 -73.60 39.37 -0.61
C ASN D 302 -72.23 39.85 -1.09
N ALA D 303 -71.36 38.90 -1.40
CA ALA D 303 -70.03 39.24 -1.91
C ALA D 303 -70.05 39.40 -3.42
N GLY D 304 -71.20 39.10 -4.02
CA GLY D 304 -71.43 39.30 -5.44
C GLY D 304 -70.43 38.62 -6.35
N ASP D 305 -69.61 39.43 -7.01
CA ASP D 305 -68.65 38.92 -7.97
C ASP D 305 -67.22 39.27 -7.52
N CYS D 306 -66.35 38.27 -7.52
CA CYS D 306 -64.96 38.48 -7.12
C CYS D 306 -64.11 38.95 -8.31
N LEU D 307 -64.77 39.27 -9.42
CA LEU D 307 -64.10 39.84 -10.57
C LEU D 307 -64.72 41.19 -10.90
N ALA D 308 -65.59 41.66 -10.00
CA ALA D 308 -66.27 42.93 -10.20
C ALA D 308 -65.29 44.09 -10.27
N ASN D 309 -65.61 45.05 -11.13
CA ASN D 309 -64.74 46.21 -11.36
C ASN D 309 -65.45 47.51 -10.94
N PRO D 310 -64.77 48.34 -10.12
CA PRO D 310 -63.42 48.14 -9.59
C PRO D 310 -63.38 47.17 -8.41
N ALA D 311 -62.19 46.65 -8.12
CA ALA D 311 -62.02 45.70 -7.03
C ALA D 311 -62.34 46.34 -5.69
N VAL D 312 -63.23 45.70 -4.94
CA VAL D 312 -63.63 46.22 -3.63
C VAL D 312 -63.56 45.14 -2.54
N PRO D 313 -62.62 45.29 -1.61
CA PRO D 313 -62.45 44.35 -0.49
C PRO D 313 -63.31 44.72 0.70
N TRP D 314 -63.95 43.74 1.32
CA TRP D 314 -64.72 43.99 2.53
C TRP D 314 -63.79 44.39 3.68
N GLY D 315 -64.32 45.13 4.63
CA GLY D 315 -63.49 45.72 5.67
C GLY D 315 -62.87 44.73 6.65
N GLN D 316 -63.72 43.99 7.34
CA GLN D 316 -63.30 43.12 8.46
C GLN D 316 -62.31 42.02 8.10
N GLY D 317 -61.97 41.90 6.81
CA GLY D 317 -60.98 40.93 6.37
C GLY D 317 -59.64 41.17 7.02
N VAL D 318 -59.33 42.43 7.29
CA VAL D 318 -58.09 42.81 7.95
C VAL D 318 -58.09 42.32 9.40
N GLU D 319 -59.24 42.44 10.05
CA GLU D 319 -59.37 42.05 11.45
C GLU D 319 -59.26 40.54 11.63
N ILE D 320 -59.70 39.79 10.61
CA ILE D 320 -59.66 38.34 10.67
C ILE D 320 -58.23 37.82 10.52
N GLU D 321 -57.48 38.40 9.59
CA GLU D 321 -56.09 38.00 9.35
C GLU D 321 -55.27 38.15 10.62
N ARG D 322 -55.46 39.28 11.30
CA ARG D 322 -54.75 39.57 12.53
C ARG D 322 -55.03 38.51 13.59
N ALA D 323 -56.30 38.11 13.69
CA ALA D 323 -56.70 37.07 14.64
C ALA D 323 -55.90 35.80 14.42
N LEU D 324 -56.13 35.16 13.27
CA LEU D 324 -55.43 33.94 12.88
C LEU D 324 -53.95 33.96 13.22
N LYS D 325 -53.26 35.02 12.79
CA LYS D 325 -51.82 35.12 12.99
C LYS D 325 -51.44 35.30 14.46
N GLN D 326 -52.27 36.05 15.20
CA GLN D 326 -51.98 36.32 16.59
C GLN D 326 -52.26 35.13 17.52
N VAL D 327 -53.01 34.15 17.01
CA VAL D 327 -53.34 32.96 17.80
C VAL D 327 -52.10 32.10 18.05
N GLN D 328 -52.02 31.53 19.25
CA GLN D 328 -50.96 30.58 19.59
C GLN D 328 -51.54 29.39 20.33
N VAL D 329 -51.28 28.19 19.82
CA VAL D 329 -51.87 26.97 20.38
C VAL D 329 -50.93 25.77 20.36
N GLU D 330 -51.33 24.71 21.04
CA GLU D 330 -50.63 23.44 21.02
C GLU D 330 -51.37 22.50 20.09
N GLY D 331 -50.63 21.71 19.31
CA GLY D 331 -51.25 20.82 18.34
C GLY D 331 -50.48 19.56 18.02
N LEU D 332 -50.67 19.07 16.81
CA LEU D 332 -50.03 17.83 16.37
C LEU D 332 -48.59 18.03 15.92
N SER D 333 -48.29 19.22 15.39
CA SER D 333 -46.95 19.53 14.91
C SER D 333 -46.22 20.34 15.96
N GLY D 334 -46.31 19.91 17.22
CA GLY D 334 -45.69 20.61 18.32
C GLY D 334 -46.50 21.86 18.60
N ASN D 335 -45.80 22.95 18.91
CA ASN D 335 -46.41 24.26 19.17
C ASN D 335 -46.69 25.05 17.90
N ILE D 336 -47.64 25.96 17.95
CA ILE D 336 -48.06 26.67 16.76
C ILE D 336 -48.07 28.15 17.06
N LYS D 337 -47.47 28.92 16.16
CA LYS D 337 -47.35 30.37 16.28
C LYS D 337 -47.01 31.00 14.92
N PHE D 338 -47.40 32.26 14.74
CA PHE D 338 -47.19 32.95 13.48
C PHE D 338 -46.63 34.35 13.65
N ASP D 339 -45.99 34.85 12.60
CA ASP D 339 -45.64 36.26 12.53
C ASP D 339 -46.59 36.95 11.57
N GLN D 340 -46.35 38.22 11.26
CA GLN D 340 -47.30 39.00 10.46
C GLN D 340 -47.35 38.61 8.98
N ASN D 341 -46.65 37.55 8.62
CA ASN D 341 -46.69 37.03 7.25
C ASN D 341 -47.46 35.72 7.14
N GLY D 342 -47.41 34.92 8.20
CA GLY D 342 -48.14 33.67 8.24
C GLY D 342 -47.24 32.44 8.27
N LYS D 343 -45.95 32.66 8.43
CA LYS D 343 -44.99 31.56 8.53
C LYS D 343 -44.91 31.04 9.97
N ARG D 344 -44.68 29.72 10.11
CA ARG D 344 -44.51 29.11 11.41
C ARG D 344 -43.25 29.65 12.07
N ILE D 345 -43.32 29.90 13.38
CA ILE D 345 -42.18 30.43 14.11
C ILE D 345 -41.95 29.70 15.42
N ASN D 346 -40.70 29.70 15.89
CA ASN D 346 -40.33 29.13 17.19
C ASN D 346 -40.78 27.67 17.31
N TYR D 347 -40.75 26.95 16.19
CA TYR D 347 -41.31 25.59 16.14
C TYR D 347 -40.30 24.45 16.32
N THR D 348 -40.81 23.22 16.27
CA THR D 348 -40.01 22.03 16.53
C THR D 348 -40.03 21.06 15.35
N ILE D 349 -38.86 20.82 14.77
CA ILE D 349 -38.71 19.77 13.77
C ILE D 349 -37.78 18.68 14.31
N ASN D 350 -38.32 17.49 14.57
CA ASN D 350 -37.52 16.40 15.11
C ASN D 350 -36.65 15.71 14.05
N ILE D 351 -35.42 15.39 14.43
CA ILE D 351 -34.46 14.77 13.50
C ILE D 351 -34.37 13.26 13.71
N MET D 352 -34.50 12.51 12.62
CA MET D 352 -34.59 11.06 12.69
C MET D 352 -33.57 10.33 11.82
N GLU D 353 -32.77 9.46 12.45
CA GLU D 353 -31.96 8.50 11.72
C GLU D 353 -32.66 7.15 11.72
N LEU D 354 -32.45 6.36 10.68
CA LEU D 354 -33.07 5.03 10.59
C LEU D 354 -32.13 3.94 11.11
N LYS D 355 -32.66 3.08 11.97
CA LYS D 355 -31.85 2.02 12.56
C LYS D 355 -32.50 0.63 12.51
N THR D 356 -31.87 -0.33 13.18
CA THR D 356 -32.32 -1.72 13.17
C THR D 356 -33.72 -1.87 13.74
N ASN D 357 -33.91 -1.43 14.98
CA ASN D 357 -35.21 -1.49 15.64
C ASN D 357 -36.16 -0.39 15.21
N GLY D 358 -36.12 -0.04 13.93
CA GLY D 358 -36.97 1.00 13.38
C GLY D 358 -36.34 2.37 13.47
N PRO D 359 -37.11 3.41 13.11
CA PRO D 359 -36.63 4.80 13.19
C PRO D 359 -36.35 5.20 14.64
N ARG D 360 -35.46 6.18 14.83
CA ARG D 360 -35.10 6.63 16.17
C ARG D 360 -34.65 8.08 16.18
N LYS D 361 -35.23 8.87 17.08
CA LYS D 361 -34.87 10.28 17.21
C LYS D 361 -33.45 10.44 17.75
N ILE D 362 -32.72 11.43 17.22
CA ILE D 362 -31.39 11.74 17.72
C ILE D 362 -31.32 13.17 18.26
N GLY D 363 -32.27 14.00 17.86
CA GLY D 363 -32.30 15.40 18.26
C GLY D 363 -33.41 16.21 17.63
N TYR D 364 -33.49 17.48 18.01
CA TYR D 364 -34.51 18.37 17.47
C TYR D 364 -33.91 19.68 16.97
N TRP D 365 -34.64 20.35 16.08
CA TRP D 365 -34.16 21.58 15.45
C TRP D 365 -35.17 22.70 15.65
N SER D 366 -34.71 23.81 16.22
CA SER D 366 -35.52 25.00 16.33
C SER D 366 -34.95 26.06 15.39
N GLU D 367 -35.76 27.04 15.01
CA GLU D 367 -35.30 28.10 14.13
C GLU D 367 -34.32 29.02 14.84
N VAL D 368 -34.26 28.89 16.17
CA VAL D 368 -33.38 29.72 17.00
C VAL D 368 -32.13 28.97 17.50
N ASP D 369 -32.28 27.68 17.78
CA ASP D 369 -31.19 26.88 18.35
C ASP D 369 -30.42 26.11 17.29
N LYS D 370 -30.96 26.06 16.08
CA LYS D 370 -30.43 25.22 15.02
C LYS D 370 -30.41 23.76 15.47
N MET D 371 -29.36 23.03 15.12
CA MET D 371 -29.31 21.59 15.45
C MET D 371 -28.97 21.33 16.91
N VAL D 372 -29.90 20.67 17.62
CA VAL D 372 -29.68 20.31 19.02
C VAL D 372 -30.03 18.85 19.26
N LEU D 373 -29.07 18.07 19.73
CA LEU D 373 -29.27 16.63 19.94
C LEU D 373 -29.96 16.30 21.26
N THR D 374 -30.47 15.07 21.36
CA THR D 374 -31.16 14.59 22.56
C THR D 374 -30.30 13.55 23.29
N GLU D 375 -29.03 13.47 22.89
CA GLU D 375 -28.06 12.59 23.54
C GLU D 375 -28.43 11.11 23.47
N ASP D 376 -27.89 10.42 22.45
CA ASP D 376 -28.11 8.98 22.31
C ASP D 376 -26.83 8.28 21.89
N ASP D 377 -25.72 8.68 22.49
CA ASP D 377 -24.42 8.06 22.21
C ASP D 377 -24.41 6.60 22.64
N THR D 378 -23.49 5.84 22.07
CA THR D 378 -23.37 4.42 22.37
C THR D 378 -22.06 4.13 23.11
N SER D 379 -21.87 2.87 23.48
CA SER D 379 -20.66 2.45 24.17
C SER D 379 -19.72 1.75 23.18
N GLY D 380 -20.21 1.53 21.97
CA GLY D 380 -19.50 0.79 20.94
C GLY D 380 -18.13 1.33 20.61
N LEU D 381 -18.05 2.63 20.35
CA LEU D 381 -16.77 3.26 20.03
C LEU D 381 -15.77 3.05 21.16
N GLU D 382 -15.07 1.91 21.07
CA GLU D 382 -14.14 1.48 22.10
C GLU D 382 -13.08 2.55 22.34
N GLN D 383 -12.42 2.96 21.25
CA GLN D 383 -11.29 3.91 21.29
C GLN D 383 -10.36 3.71 22.48
N LYS D 384 -10.24 2.45 22.91
CA LYS D 384 -9.48 2.10 24.10
C LYS D 384 -8.03 2.53 23.96
N THR D 385 -7.78 3.81 24.27
CA THR D 385 -6.43 4.36 24.20
C THR D 385 -5.50 3.58 25.12
N VAL D 386 -4.88 2.54 24.57
CA VAL D 386 -4.02 1.64 25.33
C VAL D 386 -2.88 2.40 26.01
N VAL D 387 -2.83 2.30 27.33
CA VAL D 387 -1.81 2.99 28.11
C VAL D 387 -0.47 2.26 28.03
N VAL D 388 0.51 2.92 27.41
CA VAL D 388 1.85 2.36 27.32
C VAL D 388 2.77 2.99 28.34
N THR D 389 3.19 2.21 29.32
CA THR D 389 4.14 2.70 30.31
C THR D 389 5.55 2.55 29.77
N THR D 390 6.42 3.49 30.12
CA THR D 390 7.79 3.48 29.65
C THR D 390 8.67 4.35 30.54
N ILE D 391 9.96 4.05 30.54
CA ILE D 391 10.92 4.80 31.34
C ILE D 391 11.60 5.85 30.47
N LEU D 392 11.99 6.96 31.08
CA LEU D 392 12.79 7.97 30.38
C LEU D 392 14.24 7.52 30.34
N GLU D 393 14.69 7.04 29.19
CA GLU D 393 16.06 6.55 29.04
C GLU D 393 16.56 6.70 27.62
N SER D 394 17.83 7.06 27.47
CA SER D 394 18.43 7.29 26.17
C SER D 394 19.15 6.05 25.66
N PRO D 395 19.07 5.79 24.34
CA PRO D 395 18.28 6.55 23.37
C PRO D 395 16.94 5.88 23.11
N TYR D 396 16.34 5.30 24.13
CA TYR D 396 15.10 4.55 23.98
C TYR D 396 13.87 5.45 24.05
N VAL D 397 13.75 6.19 25.14
CA VAL D 397 12.70 7.20 25.28
C VAL D 397 13.30 8.48 25.84
N MET D 398 13.37 9.49 24.99
CA MET D 398 13.94 10.77 25.38
C MET D 398 12.96 11.90 25.10
N MET D 399 13.03 12.96 25.91
CA MET D 399 12.25 14.15 25.67
C MET D 399 12.82 14.87 24.45
N LYS D 400 11.99 15.08 23.43
CA LYS D 400 12.43 15.81 22.25
C LYS D 400 12.73 17.25 22.65
N LYS D 401 13.54 17.95 21.86
CA LYS D 401 14.02 19.28 22.21
C LYS D 401 12.90 20.28 22.54
N ASN D 402 12.05 20.58 21.56
CA ASN D 402 10.98 21.54 21.74
C ASN D 402 9.74 20.97 22.43
N HIS D 403 9.96 20.14 23.44
CA HIS D 403 8.86 19.41 24.09
C HIS D 403 7.86 20.31 24.80
N GLU D 404 8.29 21.52 25.14
CA GLU D 404 7.43 22.46 25.86
C GLU D 404 6.24 22.89 25.02
N MET D 405 6.39 22.84 23.71
CA MET D 405 5.34 23.29 22.80
C MET D 405 4.40 22.16 22.39
N LEU D 406 4.92 20.95 22.34
CA LEU D 406 4.12 19.78 21.94
C LEU D 406 3.29 19.22 23.09
N GLU D 407 2.34 18.35 22.76
CA GLU D 407 1.51 17.68 23.76
C GLU D 407 1.38 16.19 23.45
N GLY D 408 1.02 15.42 24.47
CA GLY D 408 0.71 14.01 24.30
C GLY D 408 1.90 13.12 23.97
N ASN D 409 1.87 12.54 22.77
CA ASN D 409 2.88 11.56 22.37
C ASN D 409 4.05 12.15 21.58
N GLU D 410 3.80 13.22 20.84
CA GLU D 410 4.84 13.85 20.03
C GLU D 410 5.94 14.45 20.90
N ARG D 411 5.64 14.60 22.19
CA ARG D 411 6.58 15.16 23.16
C ARG D 411 7.89 14.38 23.19
N TYR D 412 7.80 13.06 23.08
CA TYR D 412 8.96 12.20 23.22
C TYR D 412 9.49 11.70 21.89
N GLU D 413 10.63 11.02 21.93
CA GLU D 413 11.22 10.36 20.77
C GLU D 413 12.32 9.41 21.20
N GLY D 414 12.59 8.41 20.37
CA GLY D 414 13.62 7.42 20.68
C GLY D 414 13.36 6.08 20.06
N TYR D 415 14.10 5.06 20.52
CA TYR D 415 13.96 3.71 19.99
C TYR D 415 12.60 3.11 20.33
N CYS D 416 12.32 2.99 21.62
CA CYS D 416 11.07 2.39 22.08
C CYS D 416 9.86 3.21 21.68
N VAL D 417 10.08 4.49 21.41
CA VAL D 417 9.02 5.37 20.94
C VAL D 417 8.57 4.98 19.54
N ASP D 418 9.53 4.83 18.63
CA ASP D 418 9.24 4.39 17.28
C ASP D 418 8.76 2.95 17.27
N LEU D 419 9.31 2.15 18.18
CA LEU D 419 8.91 0.76 18.34
C LEU D 419 7.44 0.68 18.76
N ALA D 420 7.03 1.61 19.60
CA ALA D 420 5.66 1.64 20.13
C ALA D 420 4.63 1.69 19.02
N ALA D 421 4.76 2.65 18.11
CA ALA D 421 3.81 2.82 17.02
C ALA D 421 3.80 1.59 16.11
N GLU D 422 4.97 1.03 15.87
CA GLU D 422 5.11 -0.14 15.02
C GLU D 422 4.40 -1.35 15.65
N ILE D 423 4.40 -1.40 16.98
CA ILE D 423 3.66 -2.44 17.70
C ILE D 423 2.16 -2.20 17.53
N ALA D 424 1.77 -0.93 17.52
CA ALA D 424 0.36 -0.56 17.41
C ALA D 424 -0.17 -0.67 15.98
N LYS D 425 0.74 -0.74 15.01
CA LYS D 425 0.35 -0.86 13.61
C LYS D 425 -0.12 -2.27 13.26
N HIS D 426 0.68 -3.26 13.65
CA HIS D 426 0.36 -4.65 13.34
C HIS D 426 -0.58 -5.28 14.37
N CYS D 427 -1.28 -4.44 15.13
CA CYS D 427 -2.27 -4.90 16.09
C CYS D 427 -3.51 -4.02 16.03
N GLY D 428 -3.32 -2.79 15.56
CA GLY D 428 -4.42 -1.87 15.36
C GLY D 428 -5.07 -1.29 16.60
N PHE D 429 -4.36 -0.41 17.29
CA PHE D 429 -4.94 0.31 18.42
C PHE D 429 -4.33 1.70 18.61
N LYS D 430 -5.13 2.63 19.12
CA LYS D 430 -4.64 3.95 19.50
C LYS D 430 -4.02 3.87 20.88
N TYR D 431 -3.05 4.73 21.16
CA TYR D 431 -2.30 4.66 22.41
C TYR D 431 -1.74 6.01 22.81
N LYS D 432 -1.47 6.18 24.09
CA LYS D 432 -0.79 7.37 24.59
C LYS D 432 0.31 6.98 25.57
N LEU D 433 1.51 7.50 25.32
CA LEU D 433 2.68 7.17 26.12
C LEU D 433 2.69 7.94 27.44
N THR D 434 2.85 7.21 28.55
CA THR D 434 2.97 7.84 29.86
C THR D 434 4.27 7.40 30.54
N ILE D 435 4.96 8.36 31.14
CA ILE D 435 6.21 8.07 31.84
C ILE D 435 5.91 7.47 33.22
N VAL D 436 6.65 6.42 33.56
CA VAL D 436 6.49 5.76 34.85
C VAL D 436 6.81 6.73 36.00
N GLY D 437 5.98 6.71 37.04
CA GLY D 437 6.09 7.62 38.16
C GLY D 437 7.43 7.63 38.87
N ASP D 438 7.78 6.50 39.49
CA ASP D 438 9.01 6.40 40.27
C ASP D 438 10.26 6.45 39.40
N GLY D 439 10.17 5.91 38.19
CA GLY D 439 11.25 6.02 37.24
C GLY D 439 12.29 4.92 37.34
N LYS D 440 11.87 3.73 37.76
CA LYS D 440 12.74 2.57 37.67
C LYS D 440 12.06 1.51 36.81
N TYR D 441 12.79 0.44 36.49
CA TYR D 441 12.26 -0.58 35.59
C TYR D 441 11.24 -1.49 36.26
N GLY D 442 11.72 -2.42 37.07
CA GLY D 442 10.82 -3.35 37.73
C GLY D 442 11.50 -4.14 38.84
N ALA D 443 11.22 -3.77 40.07
CA ALA D 443 11.80 -4.45 41.23
C ALA D 443 10.73 -4.82 42.25
N ARG D 444 11.18 -5.39 43.37
CA ARG D 444 10.27 -5.82 44.42
C ARG D 444 10.93 -5.63 45.78
N ASP D 445 10.54 -4.57 46.49
CA ASP D 445 11.07 -4.28 47.83
C ASP D 445 10.89 -5.48 48.75
N ALA D 446 11.97 -5.89 49.41
CA ALA D 446 11.99 -7.15 50.17
C ALA D 446 10.98 -7.22 51.31
N ASP D 447 10.65 -6.07 51.89
CA ASP D 447 9.77 -6.03 53.05
C ASP D 447 8.31 -5.84 52.68
N THR D 448 7.99 -4.68 52.11
CA THR D 448 6.62 -4.36 51.71
C THR D 448 6.13 -5.27 50.60
N LYS D 449 7.07 -5.84 49.85
CA LYS D 449 6.77 -6.77 48.75
C LYS D 449 5.88 -6.18 47.67
N ILE D 450 5.89 -4.85 47.59
CA ILE D 450 5.14 -4.14 46.55
C ILE D 450 6.02 -3.96 45.32
N TRP D 451 5.48 -4.32 44.16
CA TRP D 451 6.19 -4.09 42.90
C TRP D 451 6.19 -2.60 42.59
N ASN D 452 7.30 -2.11 42.05
CA ASN D 452 7.41 -0.71 41.68
C ASN D 452 7.69 -0.57 40.19
N GLY D 453 7.66 0.66 39.70
CA GLY D 453 8.02 0.94 38.32
C GLY D 453 7.08 0.37 37.28
N MET D 454 7.64 0.11 36.09
CA MET D 454 6.85 -0.32 34.95
C MET D 454 6.23 -1.70 35.14
N VAL D 455 7.03 -2.67 35.58
CA VAL D 455 6.51 -3.99 35.91
C VAL D 455 5.45 -3.82 36.98
N GLY D 456 5.71 -2.90 37.92
CA GLY D 456 4.77 -2.57 38.96
C GLY D 456 3.46 -2.02 38.43
N GLU D 457 3.55 -1.01 37.57
CA GLU D 457 2.35 -0.39 37.00
C GLU D 457 1.59 -1.34 36.06
N LEU D 458 2.20 -2.47 35.74
CA LEU D 458 1.55 -3.49 34.94
C LEU D 458 0.73 -4.44 35.81
N VAL D 459 1.39 -4.96 36.85
CA VAL D 459 0.79 -5.94 37.76
C VAL D 459 -0.54 -5.46 38.33
N TYR D 460 -0.55 -4.25 38.86
CA TYR D 460 -1.72 -3.74 39.55
C TYR D 460 -2.71 -3.06 38.61
N GLY D 461 -2.31 -2.91 37.35
CA GLY D 461 -3.23 -2.47 36.32
C GLY D 461 -3.28 -0.98 36.05
N LYS D 462 -2.18 -0.28 36.33
CA LYS D 462 -2.10 1.14 36.03
C LYS D 462 -1.99 1.36 34.53
N ALA D 463 -1.38 0.40 33.84
CA ALA D 463 -1.24 0.45 32.40
C ALA D 463 -1.68 -0.87 31.78
N ASP D 464 -1.45 -1.04 30.48
CA ASP D 464 -1.90 -2.22 29.77
C ASP D 464 -0.78 -2.93 29.04
N ILE D 465 0.36 -2.25 28.89
CA ILE D 465 1.51 -2.80 28.18
C ILE D 465 2.76 -1.93 28.38
N ALA D 466 3.91 -2.58 28.57
CA ALA D 466 5.15 -1.86 28.79
C ALA D 466 6.06 -1.93 27.56
N ILE D 467 6.35 -0.77 26.99
CA ILE D 467 7.28 -0.68 25.88
C ILE D 467 8.52 0.09 26.32
N ALA D 468 9.57 -0.66 26.64
CA ALA D 468 10.77 -0.10 27.26
C ALA D 468 11.87 -1.17 27.22
N PRO D 469 13.13 -0.77 27.52
CA PRO D 469 14.19 -1.78 27.56
C PRO D 469 14.08 -2.70 28.77
N LEU D 470 12.87 -3.19 29.03
CA LEU D 470 12.62 -4.01 30.19
C LEU D 470 13.20 -5.41 29.99
N THR D 471 14.17 -5.77 30.83
CA THR D 471 14.83 -7.06 30.71
C THR D 471 13.87 -8.20 30.97
N ILE D 472 14.20 -9.39 30.48
CA ILE D 472 13.37 -10.56 30.71
C ILE D 472 14.01 -11.45 31.77
N THR D 473 13.78 -11.12 33.03
CA THR D 473 14.30 -11.89 34.15
C THR D 473 13.25 -12.91 34.60
N LEU D 474 13.73 -14.01 35.19
CA LEU D 474 12.85 -15.08 35.65
C LEU D 474 11.81 -14.58 36.64
N VAL D 475 12.25 -13.74 37.58
CA VAL D 475 11.40 -13.27 38.66
C VAL D 475 10.24 -12.40 38.18
N ARG D 476 10.26 -12.03 36.91
CA ARG D 476 9.19 -11.20 36.35
C ARG D 476 8.20 -12.02 35.52
N GLU D 477 8.70 -13.08 34.89
CA GLU D 477 7.85 -13.93 34.06
C GLU D 477 6.77 -14.64 34.88
N GLU D 478 7.01 -14.76 36.17
CA GLU D 478 6.04 -15.43 37.05
C GLU D 478 4.78 -14.58 37.24
N VAL D 479 4.93 -13.26 37.15
CA VAL D 479 3.79 -12.36 37.35
C VAL D 479 3.26 -11.76 36.04
N ILE D 480 4.14 -11.24 35.20
CA ILE D 480 3.74 -10.67 33.91
C ILE D 480 4.17 -11.54 32.74
N ASP D 481 3.72 -11.18 31.54
CA ASP D 481 4.11 -11.91 30.34
C ASP D 481 5.06 -11.09 29.48
N PHE D 482 6.11 -11.73 29.00
CA PHE D 482 7.05 -11.09 28.10
C PHE D 482 6.91 -11.65 26.70
N SER D 483 7.22 -10.83 25.71
CA SER D 483 7.31 -11.29 24.34
C SER D 483 8.68 -11.95 24.15
N LYS D 484 8.92 -12.48 22.97
CA LYS D 484 10.26 -12.92 22.60
C LYS D 484 11.15 -11.68 22.59
N PRO D 485 12.48 -11.86 22.75
CA PRO D 485 13.33 -10.67 22.90
C PRO D 485 13.33 -9.80 21.66
N PHE D 486 13.27 -8.48 21.83
CA PHE D 486 13.34 -7.57 20.68
C PHE D 486 14.74 -7.01 20.49
N MET D 487 15.61 -7.27 21.45
CA MET D 487 17.01 -6.85 21.35
C MET D 487 17.91 -7.69 22.27
N SER D 488 18.63 -8.63 21.68
CA SER D 488 19.56 -9.47 22.43
C SER D 488 20.74 -8.64 22.92
N LEU D 489 21.13 -8.82 24.18
CA LEU D 489 22.22 -8.04 24.76
C LEU D 489 22.98 -8.81 25.83
N GLY D 490 24.02 -8.17 26.36
CA GLY D 490 24.83 -8.73 27.43
C GLY D 490 25.65 -7.66 28.13
N ILE D 491 26.64 -8.09 28.91
CA ILE D 491 27.50 -7.18 29.62
C ILE D 491 28.81 -6.97 28.86
N SER D 492 29.15 -5.71 28.58
CA SER D 492 30.32 -5.40 27.75
C SER D 492 31.42 -4.69 28.52
N ILE D 493 32.58 -4.54 27.87
CA ILE D 493 33.73 -3.89 28.49
C ILE D 493 34.05 -2.58 27.78
N MET D 494 34.12 -1.49 28.55
CA MET D 494 34.39 -0.16 28.01
C MET D 494 35.76 0.37 28.43
N ILE D 495 36.47 0.98 27.49
CA ILE D 495 37.79 1.56 27.77
C ILE D 495 37.96 2.98 27.23
N LYS D 496 39.16 3.54 27.43
CA LYS D 496 39.43 4.95 27.18
C LYS D 496 39.86 5.21 25.74
N LYS D 497 39.73 4.20 24.89
CA LYS D 497 40.08 4.33 23.47
C LYS D 497 41.58 4.66 23.28
N PRO D 498 42.06 4.75 22.02
CA PRO D 498 43.42 5.27 21.77
C PRO D 498 43.71 6.59 22.50
N GLN D 499 44.74 6.58 23.34
CA GLN D 499 45.16 7.76 24.09
C GLN D 499 46.49 8.29 23.58
N LYS D 500 46.54 9.58 23.24
CA LYS D 500 47.81 10.20 22.87
C LYS D 500 48.12 11.42 23.75
N SER D 501 49.24 11.34 24.45
CA SER D 501 49.71 12.39 25.35
C SER D 501 51.11 12.01 25.78
N LYS D 502 51.25 10.81 26.35
CA LYS D 502 52.55 10.25 26.70
C LYS D 502 52.85 8.84 26.13
N PRO D 503 52.32 8.48 24.95
CA PRO D 503 52.71 7.15 24.50
C PRO D 503 53.94 7.24 23.60
N GLY D 504 54.76 8.27 23.82
CA GLY D 504 55.97 8.47 23.04
C GLY D 504 57.02 7.44 23.35
N VAL D 505 57.98 7.82 24.22
CA VAL D 505 59.10 6.99 24.67
C VAL D 505 59.18 5.54 24.19
N PHE D 506 58.07 4.81 24.28
CA PHE D 506 58.02 3.42 23.83
C PHE D 506 57.76 3.29 22.33
N SER D 507 57.42 4.40 21.68
CA SER D 507 57.17 4.41 20.23
C SER D 507 58.46 4.71 19.47
N PHE D 508 59.58 4.41 20.10
CA PHE D 508 60.91 4.63 19.52
C PHE D 508 61.65 3.30 19.51
N LEU D 509 61.33 2.47 20.50
CA LEU D 509 61.85 1.11 20.60
C LEU D 509 60.91 0.18 19.84
N ASP D 510 59.87 0.76 19.25
CA ASP D 510 58.87 0.00 18.47
C ASP D 510 59.11 -0.02 16.95
N PRO D 511 59.54 1.10 16.36
CA PRO D 511 59.96 0.98 14.95
C PRO D 511 61.06 -0.05 14.81
N LEU D 512 62.23 0.25 15.37
CA LEU D 512 63.30 -0.73 15.44
C LEU D 512 63.02 -1.66 16.61
N ALA D 513 62.65 -2.90 16.30
CA ALA D 513 62.22 -3.87 17.31
C ALA D 513 63.28 -4.12 18.38
N TYR D 514 62.83 -4.45 19.58
CA TYR D 514 63.70 -4.65 20.75
C TYR D 514 64.84 -5.63 20.50
N GLU D 515 64.62 -6.59 19.60
CA GLU D 515 65.58 -7.65 19.34
C GLU D 515 66.71 -7.19 18.44
N ILE D 516 66.40 -6.25 17.55
CA ILE D 516 67.38 -5.77 16.58
C ILE D 516 68.33 -4.74 17.22
N TRP D 517 67.87 -4.11 18.29
CA TRP D 517 68.72 -3.22 19.07
C TRP D 517 69.84 -4.03 19.73
N MET D 518 69.57 -5.30 19.97
CA MET D 518 70.53 -6.19 20.60
C MET D 518 71.64 -6.57 19.63
N CYS D 519 71.25 -7.12 18.48
CA CYS D 519 72.20 -7.63 17.50
C CYS D 519 73.07 -6.54 16.88
N ILE D 520 72.55 -5.32 16.81
CA ILE D 520 73.33 -4.20 16.30
C ILE D 520 74.38 -3.79 17.33
N VAL D 521 74.20 -4.25 18.57
CA VAL D 521 75.16 -3.99 19.64
C VAL D 521 76.12 -5.17 19.80
N PHE D 522 75.63 -6.38 19.54
CA PHE D 522 76.48 -7.56 19.58
C PHE D 522 77.39 -7.64 18.35
N ALA D 523 76.93 -7.10 17.23
CA ALA D 523 77.77 -6.97 16.05
C ALA D 523 78.66 -5.74 16.20
N TYR D 524 78.25 -4.85 17.09
CA TYR D 524 79.02 -3.65 17.42
C TYR D 524 80.28 -4.04 18.19
N ILE D 525 80.09 -4.76 19.28
CA ILE D 525 81.21 -5.27 20.07
C ILE D 525 81.75 -6.56 19.48
N GLY D 526 81.18 -6.97 18.35
CA GLY D 526 81.65 -8.12 17.61
C GLY D 526 82.50 -7.67 16.44
N VAL D 527 82.60 -6.35 16.27
CA VAL D 527 83.49 -5.76 15.28
C VAL D 527 84.58 -4.96 15.98
N SER D 528 84.22 -4.34 17.10
CA SER D 528 85.19 -3.64 17.93
C SER D 528 86.06 -4.62 18.71
N VAL D 529 85.74 -5.92 18.57
CA VAL D 529 86.58 -6.97 19.12
C VAL D 529 87.35 -7.63 17.98
N VAL D 530 86.91 -7.38 16.75
CA VAL D 530 87.62 -7.84 15.56
C VAL D 530 88.62 -6.78 15.12
N LEU D 531 88.21 -5.51 15.22
CA LEU D 531 89.11 -4.39 14.97
C LEU D 531 90.20 -4.34 16.04
N PHE D 532 89.84 -4.75 17.25
CA PHE D 532 90.78 -4.78 18.36
C PHE D 532 91.90 -5.81 18.13
N LEU D 533 91.58 -6.86 17.40
CA LEU D 533 92.56 -7.91 17.11
C LEU D 533 93.46 -7.56 15.93
N VAL D 534 93.22 -6.40 15.33
CA VAL D 534 94.03 -5.95 14.19
C VAL D 534 95.25 -5.15 14.65
N SER D 535 95.07 -4.35 15.69
CA SER D 535 96.16 -3.53 16.23
C SER D 535 97.18 -4.40 16.97
N THR D 559 101.79 -4.71 28.45
CA THR D 559 101.03 -5.27 27.35
C THR D 559 99.54 -5.35 27.68
N ASN D 560 99.22 -5.21 28.96
CA ASN D 560 97.84 -5.28 29.42
C ASN D 560 97.13 -3.92 29.37
N GLU D 561 97.91 -2.85 29.48
CA GLU D 561 97.36 -1.50 29.44
C GLU D 561 97.30 -0.99 28.00
N PHE D 562 98.13 -1.57 27.13
CA PHE D 562 98.15 -1.19 25.73
C PHE D 562 96.94 -1.74 24.99
N GLY D 563 96.28 -2.72 25.60
CA GLY D 563 95.09 -3.32 25.03
C GLY D 563 93.82 -2.67 25.56
N ILE D 564 93.96 -1.88 26.62
CA ILE D 564 92.83 -1.17 27.20
C ILE D 564 92.61 0.15 26.47
N PHE D 565 93.71 0.78 26.07
CA PHE D 565 93.64 2.02 25.30
C PHE D 565 93.42 1.71 23.82
N ASN D 566 93.62 0.46 23.45
CA ASN D 566 93.35 0.00 22.09
C ASN D 566 91.91 -0.50 21.97
N SER D 567 91.38 -1.03 23.07
CA SER D 567 89.98 -1.38 23.16
C SER D 567 89.17 -0.11 23.37
N LEU D 568 89.86 0.94 23.80
CA LEU D 568 89.28 2.27 23.90
C LEU D 568 89.48 2.99 22.58
N TRP D 569 90.32 2.42 21.73
CA TRP D 569 90.54 2.94 20.39
C TRP D 569 89.60 2.27 19.40
N PHE D 570 89.42 0.96 19.57
CA PHE D 570 88.52 0.20 18.72
C PHE D 570 87.06 0.49 19.06
N SER D 571 86.82 0.98 20.28
CA SER D 571 85.49 1.40 20.69
C SER D 571 85.26 2.86 20.30
N LEU D 572 86.35 3.62 20.22
CA LEU D 572 86.30 4.98 19.70
C LEU D 572 86.00 4.93 18.21
N GLY D 573 86.57 3.93 17.55
CA GLY D 573 86.35 3.70 16.13
C GLY D 573 85.13 2.83 15.89
N ALA D 574 84.44 2.47 16.97
CA ALA D 574 83.18 1.75 16.86
C ALA D 574 82.02 2.72 17.03
N PHE D 575 82.18 3.66 17.96
CA PHE D 575 81.26 4.78 18.09
C PHE D 575 81.20 5.49 16.74
N MET D 576 80.19 5.14 15.95
CA MET D 576 80.14 5.47 14.53
C MET D 576 80.32 6.94 14.17
N GLN D 577 80.64 7.19 12.90
CA GLN D 577 80.80 8.54 12.38
C GLN D 577 80.73 8.52 10.86
N PRO D 584 96.37 3.05 8.04
CA PRO D 584 96.12 3.53 6.68
C PRO D 584 95.29 2.52 5.88
N ARG D 585 95.69 2.28 4.63
CA ARG D 585 94.96 1.37 3.75
C ARG D 585 95.23 -0.09 4.09
N SER D 586 94.97 -0.47 5.33
CA SER D 586 95.13 -1.84 5.77
C SER D 586 93.94 -2.69 5.32
N LEU D 587 94.14 -3.42 4.21
CA LEU D 587 93.07 -4.16 3.54
C LEU D 587 92.36 -5.17 4.45
N SER D 588 93.03 -5.55 5.53
CA SER D 588 92.43 -6.45 6.52
C SER D 588 91.30 -5.75 7.25
N GLY D 589 91.61 -4.60 7.86
CA GLY D 589 90.62 -3.84 8.60
C GLY D 589 89.87 -2.85 7.72
N ARG D 590 90.22 -2.80 6.45
CA ARG D 590 89.60 -1.85 5.52
C ARG D 590 88.17 -2.26 5.16
N ILE D 591 88.00 -3.48 4.68
CA ILE D 591 86.68 -3.96 4.26
C ILE D 591 85.83 -4.35 5.47
N VAL D 592 86.38 -4.18 6.67
CA VAL D 592 85.63 -4.34 7.90
C VAL D 592 84.89 -3.04 8.19
N GLY D 593 85.51 -1.93 7.83
CA GLY D 593 84.93 -0.61 8.04
C GLY D 593 84.09 -0.11 6.88
N GLY D 594 84.22 -0.77 5.73
CA GLY D 594 83.46 -0.40 4.55
C GLY D 594 82.19 -1.23 4.39
N VAL D 595 82.12 -2.33 5.13
CA VAL D 595 80.95 -3.21 5.10
C VAL D 595 80.08 -2.98 6.34
N TRP D 596 80.73 -2.72 7.48
CA TRP D 596 80.01 -2.33 8.68
C TRP D 596 79.30 -0.99 8.44
N TRP D 597 79.86 -0.21 7.53
CA TRP D 597 79.22 1.03 7.09
C TRP D 597 77.96 0.75 6.28
N PHE D 598 78.05 -0.24 5.39
CA PHE D 598 76.92 -0.65 4.58
C PHE D 598 75.89 -1.35 5.47
N PHE D 599 76.36 -1.91 6.57
CA PHE D 599 75.49 -2.58 7.52
C PHE D 599 74.61 -1.60 8.28
N THR D 600 75.19 -0.48 8.71
CA THR D 600 74.45 0.53 9.44
C THR D 600 73.61 1.41 8.51
N LEU D 601 74.01 1.50 7.25
CA LEU D 601 73.26 2.29 6.28
C LEU D 601 71.84 1.75 6.07
N ILE D 602 71.74 0.46 5.79
CA ILE D 602 70.45 -0.17 5.56
C ILE D 602 69.59 -0.16 6.84
N ILE D 603 70.23 -0.32 7.98
CA ILE D 603 69.54 -0.31 9.26
C ILE D 603 68.85 1.03 9.53
N ILE D 604 69.59 2.12 9.35
CA ILE D 604 69.03 3.45 9.59
C ILE D 604 68.07 3.86 8.47
N SER D 605 68.23 3.23 7.30
CA SER D 605 67.33 3.47 6.18
C SER D 605 66.00 2.77 6.44
N SER D 606 66.05 1.68 7.20
CA SER D 606 64.86 0.91 7.53
C SER D 606 64.14 1.52 8.73
N TYR D 607 64.90 2.09 9.65
CA TYR D 607 64.30 2.77 10.81
C TYR D 607 63.61 4.06 10.37
N THR D 608 64.10 4.67 9.30
CA THR D 608 63.51 5.88 8.75
C THR D 608 62.23 5.55 7.97
N ALA D 609 62.28 4.47 7.21
CA ALA D 609 61.15 4.08 6.36
C ALA D 609 60.02 3.43 7.16
N ASN D 610 60.37 2.80 8.28
CA ASN D 610 59.36 2.18 9.13
C ASN D 610 58.69 3.17 10.07
N LEU D 611 59.45 4.19 10.48
CA LEU D 611 58.88 5.27 11.26
C LEU D 611 57.99 6.12 10.38
N ALA D 612 58.27 6.10 9.08
CA ALA D 612 57.44 6.80 8.11
C ALA D 612 56.09 6.11 7.95
N ALA D 613 56.11 4.79 7.95
CA ALA D 613 54.88 4.00 7.81
C ALA D 613 54.01 4.10 9.07
N PHE D 614 54.65 4.40 10.20
CA PHE D 614 53.93 4.58 11.46
C PHE D 614 53.30 5.97 11.54
N LEU D 615 53.99 6.97 11.00
CA LEU D 615 53.45 8.33 10.97
C LEU D 615 52.56 8.53 9.76
N THR D 616 52.40 7.49 8.97
CA THR D 616 51.52 7.51 7.81
C THR D 616 50.16 6.91 8.13
N VAL D 617 50.18 5.74 8.77
CA VAL D 617 48.95 4.98 9.00
C VAL D 617 48.49 5.05 10.45
N GLU D 618 49.44 5.10 11.38
CA GLU D 618 49.18 5.14 12.83
C GLU D 618 48.08 4.18 13.32
N ARG D 619 48.30 2.89 13.11
CA ARG D 619 47.34 1.86 13.55
C ARG D 619 47.19 1.80 15.06
N MET D 620 46.14 1.11 15.51
CA MET D 620 45.83 1.03 16.93
C MET D 620 45.52 -0.40 17.37
N VAL D 621 45.81 -0.70 18.63
CA VAL D 621 45.49 -1.99 19.23
C VAL D 621 45.11 -1.85 20.69
N SER D 622 43.93 -2.35 21.06
CA SER D 622 43.46 -2.29 22.43
C SER D 622 44.19 -3.32 23.30
N PRO D 623 44.36 -3.03 24.60
CA PRO D 623 45.03 -3.96 25.49
C PRO D 623 44.20 -5.20 25.83
N ILE D 624 42.91 -5.00 26.12
CA ILE D 624 42.06 -6.09 26.58
C ILE D 624 41.30 -6.75 25.44
N GLU D 625 41.65 -8.00 25.16
CA GLU D 625 40.99 -8.77 24.10
C GLU D 625 39.68 -9.35 24.60
N SER D 626 39.66 -9.77 25.86
CA SER D 626 38.49 -10.39 26.45
C SER D 626 38.45 -10.17 27.95
N ALA D 627 37.41 -10.69 28.60
CA ALA D 627 37.32 -10.64 30.05
C ALA D 627 38.38 -11.53 30.68
N GLU D 628 38.85 -12.50 29.89
CA GLU D 628 39.91 -13.40 30.33
C GLU D 628 41.25 -12.66 30.43
N ASP D 629 41.32 -11.49 29.82
CA ASP D 629 42.52 -10.67 29.88
C ASP D 629 42.46 -9.68 31.04
N LEU D 630 41.26 -9.36 31.48
CA LEU D 630 41.08 -8.47 32.63
C LEU D 630 41.46 -9.17 33.93
N SER D 631 41.30 -10.49 33.97
CA SER D 631 41.69 -11.26 35.15
C SER D 631 43.11 -11.76 35.01
N LYS D 632 43.69 -11.59 33.83
CA LYS D 632 45.06 -12.03 33.57
C LYS D 632 46.07 -10.91 33.74
N GLN D 633 45.64 -9.80 34.34
CA GLN D 633 46.52 -8.67 34.63
C GLN D 633 45.95 -7.83 35.78
N THR D 634 46.66 -6.77 36.16
CA THR D 634 46.24 -5.95 37.28
C THR D 634 46.59 -4.47 37.11
N GLU D 635 47.39 -4.17 36.10
CA GLU D 635 47.83 -2.79 35.85
C GLU D 635 46.66 -1.87 35.53
N ILE D 636 45.69 -2.38 34.78
CA ILE D 636 44.51 -1.62 34.42
C ILE D 636 43.34 -1.98 35.32
N ALA D 637 42.93 -1.02 36.16
CA ALA D 637 41.81 -1.23 37.06
C ALA D 637 40.52 -1.44 36.29
N TYR D 638 39.58 -2.16 36.90
CA TYR D 638 38.27 -2.37 36.30
C TYR D 638 37.21 -2.62 37.35
N GLY D 639 36.04 -2.03 37.15
CA GLY D 639 34.94 -2.17 38.08
C GLY D 639 33.59 -2.19 37.38
N THR D 640 32.54 -2.16 38.18
CA THR D 640 31.18 -2.14 37.67
C THR D 640 30.41 -1.04 38.38
N LEU D 641 29.11 -0.98 38.14
CA LEU D 641 28.25 -0.10 38.90
C LEU D 641 28.12 -0.72 40.29
N ASP D 642 28.12 0.11 41.32
CA ASP D 642 28.12 -0.37 42.70
C ASP D 642 26.91 -1.25 43.04
N SER D 643 25.75 -0.85 42.54
CA SER D 643 24.51 -1.59 42.82
C SER D 643 23.72 -1.81 41.53
N GLY D 644 23.50 -3.08 41.19
CA GLY D 644 22.77 -3.43 40.00
C GLY D 644 22.96 -4.88 39.60
N SER D 645 22.23 -5.31 38.57
CA SER D 645 22.31 -6.70 38.10
C SER D 645 23.69 -7.02 37.57
N THR D 646 24.29 -6.06 36.87
CA THR D 646 25.63 -6.22 36.30
C THR D 646 26.64 -6.57 37.40
N LYS D 647 26.54 -5.87 38.53
CA LYS D 647 27.42 -6.11 39.66
C LYS D 647 27.17 -7.48 40.27
N GLU D 648 25.90 -7.78 40.54
CA GLU D 648 25.53 -9.03 41.20
C GLU D 648 25.88 -10.25 40.36
N PHE D 649 26.12 -10.05 39.07
CA PHE D 649 26.51 -11.14 38.18
C PHE D 649 27.80 -11.79 38.63
N PHE D 650 28.86 -11.00 38.69
CA PHE D 650 30.17 -11.48 39.12
C PHE D 650 30.12 -12.06 40.53
N ARG D 651 29.33 -11.42 41.39
CA ARG D 651 29.18 -11.86 42.77
C ARG D 651 28.60 -13.27 42.83
N ARG D 652 27.66 -13.57 41.94
CA ARG D 652 26.99 -14.87 41.94
C ARG D 652 27.62 -15.84 40.95
N SER D 653 28.45 -15.33 40.05
CA SER D 653 29.05 -16.14 39.00
C SER D 653 29.91 -17.27 39.55
N LYS D 654 29.58 -18.49 39.18
CA LYS D 654 30.37 -19.66 39.54
C LYS D 654 31.24 -20.07 38.36
N ILE D 655 31.27 -19.22 37.34
CA ILE D 655 32.11 -19.46 36.16
C ILE D 655 33.56 -19.15 36.53
N ALA D 656 34.49 -19.80 35.84
CA ALA D 656 35.92 -19.73 36.17
C ALA D 656 36.47 -18.31 36.20
N VAL D 657 36.67 -17.72 35.01
CA VAL D 657 37.30 -16.42 34.88
C VAL D 657 36.58 -15.31 35.66
N PHE D 658 35.26 -15.35 35.65
CA PHE D 658 34.46 -14.31 36.31
C PHE D 658 34.65 -14.30 37.83
N ASP D 659 34.77 -15.48 38.42
CA ASP D 659 34.98 -15.60 39.86
C ASP D 659 36.28 -14.90 40.26
N LYS D 660 37.32 -15.10 39.46
CA LYS D 660 38.59 -14.42 39.67
C LYS D 660 38.41 -12.91 39.55
N MET D 661 37.61 -12.50 38.57
CA MET D 661 37.30 -11.09 38.38
C MET D 661 36.55 -10.53 39.58
N TRP D 662 35.68 -11.35 40.17
CA TRP D 662 34.92 -10.91 41.33
C TRP D 662 35.81 -10.76 42.54
N THR D 663 36.63 -11.79 42.79
CA THR D 663 37.53 -11.82 43.94
C THR D 663 38.42 -10.58 43.99
N TYR D 664 38.81 -10.12 42.81
CA TYR D 664 39.60 -8.89 42.69
C TYR D 664 38.77 -7.65 43.03
N MET D 665 37.61 -7.52 42.38
CA MET D 665 36.76 -6.35 42.57
C MET D 665 36.12 -6.33 43.96
N ARG D 666 36.05 -7.51 44.58
CA ARG D 666 35.48 -7.66 45.92
C ARG D 666 36.32 -6.94 46.96
N SER D 667 37.62 -6.85 46.71
CA SER D 667 38.57 -6.33 47.72
C SER D 667 39.44 -5.19 47.20
N ALA D 668 39.08 -4.62 46.06
CA ALA D 668 39.88 -3.56 45.45
C ALA D 668 39.84 -2.25 46.25
N GLU D 669 41.02 -1.69 46.52
CA GLU D 669 41.13 -0.40 47.18
C GLU D 669 42.03 0.55 46.38
N PRO D 670 41.54 1.76 46.08
CA PRO D 670 40.23 2.30 46.47
C PRO D 670 39.08 1.69 45.68
N SER D 671 37.85 2.10 45.99
CA SER D 671 36.65 1.50 45.42
C SER D 671 36.58 1.62 43.89
N VAL D 672 36.58 0.47 43.22
CA VAL D 672 36.46 0.43 41.76
C VAL D 672 35.03 0.74 41.33
N PHE D 673 34.07 0.42 42.18
CA PHE D 673 32.66 0.65 41.87
C PHE D 673 32.36 2.15 41.82
N VAL D 674 31.36 2.51 41.03
CA VAL D 674 31.01 3.92 40.86
C VAL D 674 29.57 4.21 41.23
N ARG D 675 29.27 5.49 41.50
CA ARG D 675 27.93 5.91 41.89
C ARG D 675 26.94 5.74 40.73
N THR D 676 27.12 6.52 39.68
CA THR D 676 26.27 6.42 38.50
C THR D 676 27.07 5.92 37.30
N THR D 677 26.37 5.53 36.24
CA THR D 677 27.03 5.09 35.02
C THR D 677 27.76 6.26 34.37
N ALA D 678 27.21 7.45 34.55
CA ALA D 678 27.84 8.69 34.07
C ALA D 678 29.19 8.86 34.74
N GLU D 679 29.27 8.51 36.01
CA GLU D 679 30.52 8.53 36.75
C GLU D 679 31.45 7.45 36.21
N GLY D 680 30.88 6.30 35.86
CA GLY D 680 31.63 5.18 35.32
C GLY D 680 32.28 5.52 33.99
N VAL D 681 31.52 6.15 33.11
CA VAL D 681 32.04 6.61 31.82
C VAL D 681 33.12 7.66 32.04
N ALA D 682 32.87 8.58 32.97
CA ALA D 682 33.83 9.61 33.30
C ALA D 682 35.05 9.04 34.02
N ARG D 683 34.84 7.95 34.77
CA ARG D 683 35.93 7.28 35.47
C ARG D 683 36.90 6.64 34.49
N VAL D 684 36.45 6.49 33.25
CA VAL D 684 37.31 5.99 32.18
C VAL D 684 37.82 7.17 31.36
N ARG D 685 36.97 8.19 31.20
CA ARG D 685 37.29 9.37 30.41
C ARG D 685 38.32 10.30 31.06
N LYS D 686 38.98 9.83 32.12
CA LYS D 686 39.96 10.63 32.83
C LYS D 686 41.05 9.76 33.46
N SER D 687 41.41 8.67 32.79
CA SER D 687 42.44 7.76 33.28
C SER D 687 43.54 7.56 32.26
N LYS D 688 43.27 7.96 31.01
CA LYS D 688 44.18 7.77 29.90
C LYS D 688 44.55 6.30 29.68
N GLY D 689 43.63 5.41 30.04
CA GLY D 689 43.83 3.99 29.87
C GLY D 689 44.32 3.30 31.13
N LYS D 690 43.62 3.52 32.24
CA LYS D 690 43.99 2.92 33.51
C LYS D 690 42.78 2.44 34.30
N TYR D 691 41.61 2.50 33.68
CA TYR D 691 40.37 2.06 34.32
C TYR D 691 39.29 1.71 33.30
N ALA D 692 38.90 0.43 33.27
CA ALA D 692 37.84 -0.03 32.38
C ALA D 692 36.51 -0.12 33.11
N TYR D 693 35.41 0.00 32.38
CA TYR D 693 34.08 -0.06 32.99
C TYR D 693 33.15 -1.07 32.32
N LEU D 694 32.69 -2.04 33.11
CA LEU D 694 31.75 -3.04 32.65
C LEU D 694 30.33 -2.53 32.78
N LEU D 695 29.53 -2.67 31.72
CA LEU D 695 28.14 -2.25 31.75
C LEU D 695 27.32 -2.95 30.66
N GLU D 696 26.01 -2.77 30.70
CA GLU D 696 25.11 -3.33 29.70
C GLU D 696 25.52 -2.89 28.30
N SER D 697 25.65 -3.86 27.40
CA SER D 697 26.16 -3.62 26.04
C SER D 697 25.44 -2.49 25.31
N THR D 698 24.13 -2.41 25.48
CA THR D 698 23.31 -1.41 24.82
C THR D 698 23.78 0.01 25.13
N MET D 699 24.00 0.29 26.41
CA MET D 699 24.42 1.61 26.84
C MET D 699 25.85 1.91 26.40
N ASN D 700 26.67 0.86 26.34
CA ASN D 700 28.08 1.01 25.96
C ASN D 700 28.26 1.47 24.52
N GLU D 701 27.57 0.82 23.59
CA GLU D 701 27.63 1.18 22.18
C GLU D 701 27.26 2.63 21.98
N TYR D 702 26.26 3.08 22.73
CA TYR D 702 25.75 4.44 22.61
C TYR D 702 26.77 5.48 23.06
N ILE D 703 27.38 5.23 24.21
CA ILE D 703 28.40 6.13 24.76
C ILE D 703 29.59 6.25 23.80
N GLU D 704 29.89 5.17 23.09
CA GLU D 704 30.94 5.16 22.09
C GLU D 704 30.65 6.16 20.97
N GLN D 705 29.37 6.48 20.77
CA GLN D 705 28.96 7.38 19.71
C GLN D 705 28.50 8.75 20.23
N ARG D 706 29.01 9.14 21.40
CA ARG D 706 28.73 10.46 21.95
C ARG D 706 30.03 11.23 22.19
N LYS D 707 29.94 12.55 22.11
CA LYS D 707 31.08 13.45 22.29
C LYS D 707 31.84 13.14 23.58
N PRO D 708 33.18 13.10 23.51
CA PRO D 708 34.03 13.37 22.34
C PRO D 708 34.59 12.12 21.69
N CYS D 709 33.80 11.06 21.60
CA CYS D 709 34.21 9.80 20.98
C CYS D 709 35.51 9.27 21.60
N ASP D 710 35.47 8.97 22.89
CA ASP D 710 36.67 8.54 23.60
C ASP D 710 36.47 7.21 24.34
N THR D 711 35.35 6.55 24.09
CA THR D 711 35.08 5.25 24.68
C THR D 711 34.78 4.23 23.57
N MET D 712 34.90 2.95 23.89
CA MET D 712 34.59 1.91 22.92
C MET D 712 34.24 0.58 23.59
N LYS D 713 33.61 -0.31 22.82
CA LYS D 713 33.30 -1.66 23.30
C LYS D 713 34.34 -2.64 22.80
N VAL D 714 34.96 -3.37 23.72
CA VAL D 714 35.99 -4.34 23.36
C VAL D 714 35.60 -5.77 23.73
N GLY D 715 35.83 -6.68 22.79
CA GLY D 715 35.54 -8.09 23.01
C GLY D 715 34.06 -8.39 22.98
N GLY D 716 33.72 -9.68 23.00
CA GLY D 716 32.34 -10.10 23.02
C GLY D 716 31.73 -9.93 24.40
N ASN D 717 30.40 -10.00 24.47
CA ASN D 717 29.70 -9.84 25.73
C ASN D 717 29.95 -11.01 26.68
N LEU D 718 29.42 -10.91 27.90
CA LEU D 718 29.72 -11.89 28.94
C LEU D 718 28.57 -12.87 29.17
N ASP D 719 27.35 -12.47 28.79
CA ASP D 719 26.18 -13.32 28.94
C ASP D 719 25.12 -13.02 27.89
N SER D 720 24.05 -13.81 27.89
CA SER D 720 23.00 -13.68 26.88
C SER D 720 21.66 -13.32 27.49
N LYS D 721 21.24 -12.07 27.31
CA LYS D 721 19.96 -11.61 27.83
C LYS D 721 19.09 -11.05 26.72
N GLY D 722 17.99 -10.40 27.10
CA GLY D 722 17.10 -9.81 26.13
C GLY D 722 16.07 -8.85 26.72
N TYR D 723 15.76 -7.80 25.98
CA TYR D 723 14.67 -6.91 26.33
C TYR D 723 13.40 -7.41 25.65
N GLY D 724 12.27 -7.30 26.33
CA GLY D 724 11.00 -7.73 25.76
C GLY D 724 9.88 -6.75 26.03
N ILE D 725 8.85 -6.81 25.20
CA ILE D 725 7.64 -6.00 25.44
C ILE D 725 6.80 -6.72 26.50
N ALA D 726 6.47 -5.99 27.56
CA ALA D 726 5.83 -6.59 28.72
C ALA D 726 4.32 -6.35 28.76
N THR D 727 3.59 -7.36 29.18
CA THR D 727 2.13 -7.30 29.27
C THR D 727 1.62 -7.99 30.53
N PRO D 728 0.55 -7.45 31.13
CA PRO D 728 -0.09 -8.07 32.30
C PRO D 728 -0.53 -9.49 31.99
N LYS D 729 -0.46 -10.37 33.00
CA LYS D 729 -0.73 -11.79 32.82
C LYS D 729 -2.08 -12.08 32.19
N GLY D 730 -2.07 -12.89 31.14
CA GLY D 730 -3.28 -13.30 30.46
C GLY D 730 -4.04 -12.14 29.84
N SER D 731 -3.31 -11.25 29.18
CA SER D 731 -3.93 -10.10 28.53
C SER D 731 -4.45 -10.46 27.15
N SER D 732 -5.33 -9.60 26.62
CA SER D 732 -5.83 -9.77 25.26
C SER D 732 -4.70 -9.56 24.27
N LEU D 733 -3.82 -8.62 24.58
CA LEU D 733 -2.70 -8.28 23.70
C LEU D 733 -1.62 -9.35 23.70
N GLY D 734 -1.74 -10.31 24.61
CA GLY D 734 -0.74 -11.34 24.84
C GLY D 734 -0.14 -11.98 23.59
N THR D 735 -0.90 -12.84 22.93
CA THR D 735 -0.42 -13.53 21.73
C THR D 735 -0.09 -12.63 20.52
N PRO D 736 -0.99 -11.69 20.14
CA PRO D 736 -0.72 -10.91 18.93
C PRO D 736 0.56 -10.10 18.98
N VAL D 737 0.84 -9.46 20.11
CA VAL D 737 2.06 -8.67 20.27
C VAL D 737 3.30 -9.55 20.10
N ASN D 738 3.31 -10.69 20.79
CA ASN D 738 4.41 -11.65 20.69
C ASN D 738 4.73 -12.00 19.25
N LEU D 739 3.68 -12.28 18.48
CA LEU D 739 3.83 -12.57 17.07
C LEU D 739 4.34 -11.34 16.34
N ALA D 740 3.65 -10.22 16.51
CA ALA D 740 3.95 -8.98 15.80
C ALA D 740 5.40 -8.54 15.99
N VAL D 741 5.95 -8.79 17.17
CA VAL D 741 7.35 -8.46 17.45
C VAL D 741 8.27 -9.26 16.53
N LEU D 742 8.02 -10.57 16.45
CA LEU D 742 8.82 -11.46 15.63
C LEU D 742 8.72 -11.09 14.14
N LYS D 743 7.58 -10.52 13.76
CA LYS D 743 7.37 -10.07 12.39
C LYS D 743 8.30 -8.90 12.08
N LEU D 744 8.68 -8.18 13.13
CA LEU D 744 9.55 -7.02 12.99
C LEU D 744 11.03 -7.40 13.01
N SER D 745 11.33 -8.62 13.43
CA SER D 745 12.71 -9.07 13.50
C SER D 745 13.25 -9.43 12.12
N GLU D 746 12.64 -10.44 11.50
CA GLU D 746 13.11 -10.94 10.22
C GLU D 746 12.81 -9.99 9.06
N GLN D 747 12.01 -8.95 9.34
CA GLN D 747 11.81 -7.89 8.36
C GLN D 747 12.92 -6.85 8.46
N GLY D 748 13.80 -7.02 9.45
CA GLY D 748 14.98 -6.20 9.59
C GLY D 748 14.73 -4.78 10.05
N VAL D 749 13.51 -4.50 10.49
CA VAL D 749 13.21 -3.15 10.95
C VAL D 749 13.71 -2.92 12.37
N LEU D 750 13.78 -3.99 13.18
CA LEU D 750 14.41 -3.91 14.49
C LEU D 750 15.89 -3.61 14.32
N ASP D 751 16.49 -4.25 13.32
CA ASP D 751 17.88 -4.00 12.96
C ASP D 751 18.06 -2.56 12.48
N LYS D 752 17.12 -2.11 11.66
CA LYS D 752 17.21 -0.76 11.08
C LYS D 752 16.97 0.32 12.12
N LEU D 753 16.07 0.04 13.07
CA LEU D 753 15.77 0.99 14.13
C LEU D 753 16.99 1.26 15.01
N LYS D 754 17.71 0.20 15.34
CA LYS D 754 18.93 0.31 16.13
C LYS D 754 19.93 1.19 15.39
N ASN D 755 20.13 0.91 14.11
CA ASN D 755 21.03 1.70 13.28
C ASN D 755 20.64 3.18 13.22
N LYS D 756 19.34 3.46 13.33
CA LYS D 756 18.86 4.83 13.27
C LYS D 756 19.29 5.66 14.48
N TRP D 757 19.08 5.11 15.69
CA TRP D 757 19.31 5.86 16.91
C TRP D 757 20.68 5.64 17.52
N TRP D 758 21.38 4.59 17.06
CA TRP D 758 22.71 4.29 17.57
C TRP D 758 23.81 4.90 16.69
N TYR D 759 23.73 4.65 15.39
CA TYR D 759 24.79 5.08 14.48
C TYR D 759 24.38 6.24 13.56
N ASP D 760 23.18 6.15 12.98
CA ASP D 760 22.69 7.18 12.05
C ASP D 760 22.59 8.55 12.70
N LYS D 761 22.06 8.58 13.92
CA LYS D 761 21.81 9.84 14.62
C LYS D 761 22.98 10.19 15.55
N GLY D 762 23.91 9.26 15.68
CA GLY D 762 25.07 9.47 16.54
C GLY D 762 26.01 10.54 16.01
N GLU D 763 26.99 10.90 16.83
CA GLU D 763 27.95 11.93 16.45
C GLU D 763 29.22 11.32 15.86
N CYS D 764 29.54 10.09 16.28
CA CYS D 764 30.76 9.42 15.83
C CYS D 764 30.48 8.44 14.70
N SER D 776 47.82 14.72 11.15
CA SER D 776 48.85 15.46 10.40
C SER D 776 49.63 16.40 11.32
N ALA D 777 50.23 15.83 12.36
CA ALA D 777 51.07 16.59 13.29
C ALA D 777 51.99 15.64 14.03
N LEU D 778 52.92 16.17 14.82
CA LEU D 778 53.87 15.33 15.54
C LEU D 778 53.81 15.53 17.05
N SER D 779 54.97 15.42 17.70
CA SER D 779 55.05 15.43 19.16
C SER D 779 56.48 15.61 19.66
N LEU D 780 56.63 15.66 20.97
CA LEU D 780 57.93 15.74 21.61
C LEU D 780 58.15 14.52 22.50
N SER D 781 57.04 13.90 22.91
CA SER D 781 57.06 12.75 23.81
C SER D 781 57.97 11.63 23.32
N ASN D 782 57.91 11.36 22.02
CA ASN D 782 58.74 10.31 21.42
C ASN D 782 60.21 10.71 21.42
N VAL D 783 60.47 11.95 21.03
CA VAL D 783 61.83 12.45 20.86
C VAL D 783 62.58 12.56 22.19
N ALA D 784 61.83 12.75 23.27
CA ALA D 784 62.42 12.96 24.59
C ALA D 784 63.23 11.76 25.08
N GLY D 785 62.76 10.55 24.77
CA GLY D 785 63.42 9.32 25.18
C GLY D 785 64.82 9.16 24.62
N VAL D 786 65.12 9.91 23.56
CA VAL D 786 66.42 9.86 22.92
C VAL D 786 67.29 11.01 23.43
N PHE D 787 66.66 11.93 24.16
CA PHE D 787 67.37 13.09 24.69
C PHE D 787 68.07 12.79 26.02
N TYR D 788 67.45 11.95 26.84
CA TYR D 788 68.01 11.62 28.15
C TYR D 788 69.22 10.69 28.05
N ILE D 789 69.19 9.79 27.07
CA ILE D 789 70.33 8.91 26.81
C ILE D 789 71.51 9.72 26.28
N LEU D 790 71.20 10.85 25.63
CA LEU D 790 72.22 11.75 25.13
C LEU D 790 72.97 12.42 26.28
N VAL D 791 72.22 13.10 27.15
CA VAL D 791 72.80 13.75 28.32
C VAL D 791 73.40 12.71 29.24
N GLY D 792 72.84 11.50 29.22
CA GLY D 792 73.39 10.38 29.96
C GLY D 792 74.72 9.95 29.38
N GLY D 793 74.86 10.12 28.07
CA GLY D 793 76.11 9.85 27.39
C GLY D 793 77.09 11.00 27.62
N LEU D 794 76.55 12.14 28.03
CA LEU D 794 77.37 13.30 28.37
C LEU D 794 77.86 13.20 29.80
N GLY D 795 77.03 12.62 30.67
CA GLY D 795 77.36 12.47 32.08
C GLY D 795 78.26 11.28 32.35
N LEU D 796 78.26 10.32 31.43
CA LEU D 796 79.12 9.15 31.56
C LEU D 796 80.53 9.47 31.08
N ALA D 797 80.63 10.19 29.97
CA ALA D 797 81.92 10.57 29.42
C ALA D 797 82.56 11.71 30.21
N MET D 798 81.73 12.52 30.86
CA MET D 798 82.23 13.53 31.79
C MET D 798 82.85 12.81 32.99
N LEU D 799 82.35 11.62 33.26
CA LEU D 799 82.91 10.77 34.30
C LEU D 799 84.16 10.07 33.79
N VAL D 800 84.16 9.69 32.52
CA VAL D 800 85.34 9.10 31.89
C VAL D 800 86.39 10.18 31.65
N ALA D 801 85.95 11.43 31.50
CA ALA D 801 86.87 12.55 31.38
C ALA D 801 87.55 12.81 32.71
N LEU D 802 86.80 12.67 33.79
CA LEU D 802 87.31 12.94 35.13
C LEU D 802 88.20 11.83 35.68
N ILE D 803 88.11 10.63 35.09
CA ILE D 803 88.95 9.52 35.53
C ILE D 803 90.22 9.38 34.69
N GLU D 804 90.25 10.04 33.52
CA GLU D 804 91.40 9.94 32.63
C GLU D 804 92.48 10.97 32.95
N PHE D 805 92.10 12.05 33.63
CA PHE D 805 93.06 13.07 34.05
C PHE D 805 93.73 12.70 35.37
N CYS D 806 93.06 11.86 36.16
CA CYS D 806 93.59 11.42 37.43
C CYS D 806 94.67 10.35 37.26
N TYR D 807 94.48 9.48 36.27
CA TYR D 807 95.45 8.44 35.96
C TYR D 807 96.73 9.04 35.39
N LYS D 808 96.58 9.98 34.46
CA LYS D 808 97.72 10.65 33.85
C LYS D 808 98.31 11.70 34.78
#